data_3AB2
#
_entry.id   3AB2
#
_cell.length_a   101.833
_cell.length_b   119.093
_cell.length_c   124.384
_cell.angle_alpha   71.85
_cell.angle_beta   69.48
_cell.angle_gamma   72.72
#
_symmetry.space_group_name_H-M   'P 1'
#
loop_
_entity.id
_entity.type
_entity.pdbx_description
1 polymer Aspartokinase
2 polymer Aspartokinase
3 non-polymer THREONINE
4 water water
#
loop_
_entity_poly.entity_id
_entity_poly.type
_entity_poly.pdbx_seq_one_letter_code
_entity_poly.pdbx_strand_id
1 'polypeptide(L)'
;MALVVQKYGGSSLESAERIRNVAERIVATKKAGNDVVVVCSAMGDTTDELLELAAAVNPVPPAREMDMLLTAGERISNAL
VAMAIESLGAEAQSFTGSQAGVLTTERHGNARIVDVTPGRVREALDEGKICIVAGFQGVNKETRDVTTLGRGGSDTTAVA
LAAALNADVCEIYSDVDGVYTADPRIVPNAQKLEKLSFEEMLELAAVGSKILVLRSVEYARAFNVPLRVRSSYSNDPGTL
IAGSMEDIPVEEAVLTGVATDKSEAKVTVLGISDKPGEAAKVFRALADAEINIDMVLQNVSSVEDGTTDITFTCPRSDGR
RAMEILKKLQVQGNWTNVLYDDQVGKVSLVGAGMKSHPGVTAEFMEALRDVNVNIELISTSEIRISVLIREDDLDAAARA
LHEQFQLGGEDEAVVYAGTGR
;
A,C,E,G,I,K,M,O
2 'polypeptide(L)'
;MEEAVLTGVATDKSEAKVTVLGISDKPGEAAKVFRALADAEINIDMVLQNVSSVEDGTTDITFTCPRSDGRRAMEILKKL
QVQGNWTNVLYDDQVGKVSLVGAGMKSHPGVTAEFMEALRDVNVNIELISTSEIRISVLIREDDLDAAARALHEQFQLGG
EDEAVVYAGTGRHHHHHH
;
B,D,F,H,J,L,N,P
#
# COMPACT_ATOMS: atom_id res chain seq x y z
N ALA A 2 45.16 -30.34 22.02
CA ALA A 2 44.32 -30.22 23.25
C ALA A 2 42.96 -30.87 23.04
N LEU A 3 42.14 -30.87 24.09
CA LEU A 3 40.76 -31.36 24.02
C LEU A 3 39.82 -30.19 24.21
N VAL A 4 39.02 -29.90 23.18
CA VAL A 4 38.14 -28.74 23.19
C VAL A 4 36.69 -29.13 22.91
N VAL A 5 35.80 -28.77 23.85
CA VAL A 5 34.35 -28.89 23.66
C VAL A 5 33.84 -27.56 23.10
N GLN A 6 32.94 -27.64 22.11
CA GLN A 6 32.33 -26.46 21.49
C GLN A 6 30.81 -26.59 21.41
N LYS A 7 30.09 -25.65 22.03
CA LYS A 7 28.63 -25.65 21.99
C LYS A 7 28.11 -24.48 21.18
N TYR A 8 27.37 -24.78 20.11
CA TYR A 8 26.81 -23.76 19.24
C TYR A 8 25.30 -23.61 19.47
N GLY A 9 24.88 -22.39 19.78
CA GLY A 9 23.47 -22.07 20.01
C GLY A 9 22.68 -21.98 18.73
N GLY A 10 21.39 -21.70 18.85
CA GLY A 10 20.51 -21.61 17.69
C GLY A 10 20.84 -20.45 16.77
N SER A 11 21.25 -19.32 17.35
CA SER A 11 21.68 -18.17 16.55
C SER A 11 22.83 -18.53 15.61
N SER A 12 23.78 -19.31 16.10
CA SER A 12 24.92 -19.76 15.30
C SER A 12 24.55 -20.73 14.18
N LEU A 13 23.42 -21.41 14.32
CA LEU A 13 22.96 -22.39 13.34
C LEU A 13 21.62 -21.98 12.71
N GLU A 14 21.47 -20.68 12.44
CA GLU A 14 20.23 -20.13 11.88
C GLU A 14 19.89 -20.67 10.49
N SER A 15 20.90 -20.91 9.67
CA SER A 15 20.71 -21.30 8.28
C SER A 15 21.78 -22.26 7.78
N ALA A 16 21.61 -22.76 6.56
CA ALA A 16 22.55 -23.70 5.95
C ALA A 16 23.95 -23.12 5.78
N GLU A 17 24.04 -21.81 5.56
CA GLU A 17 25.32 -21.15 5.30
C GLU A 17 26.10 -21.00 6.60
N ARG A 18 25.41 -20.52 7.64
CA ARG A 18 26.00 -20.44 8.97
C ARG A 18 26.43 -21.81 9.49
N ILE A 19 25.68 -22.86 9.14
CA ILE A 19 26.04 -24.23 9.52
C ILE A 19 27.36 -24.63 8.89
N ARG A 20 27.46 -24.46 7.57
CA ARG A 20 28.70 -24.71 6.83
C ARG A 20 29.83 -23.83 7.33
N ASN A 21 29.49 -22.58 7.63
CA ASN A 21 30.45 -21.65 8.21
C ASN A 21 30.99 -22.15 9.55
N VAL A 22 30.08 -22.57 10.43
CA VAL A 22 30.45 -23.14 11.73
C VAL A 22 31.20 -24.46 11.55
N ALA A 23 30.85 -25.22 10.51
CA ALA A 23 31.56 -26.46 10.19
C ALA A 23 33.03 -26.23 9.89
N GLU A 24 33.34 -25.11 9.25
CA GLU A 24 34.72 -24.76 8.90
C GLU A 24 35.50 -24.35 10.15
N ARG A 25 34.85 -23.58 11.03
CA ARG A 25 35.43 -23.23 12.34
C ARG A 25 35.77 -24.49 13.14
N ILE A 26 34.85 -25.45 13.15
CA ILE A 26 35.08 -26.73 13.85
C ILE A 26 36.28 -27.49 13.27
N VAL A 27 36.41 -27.46 11.94
CA VAL A 27 37.52 -28.15 11.27
C VAL A 27 38.84 -27.41 11.48
N ALA A 28 38.79 -26.07 11.41
CA ALA A 28 39.95 -25.24 11.70
C ALA A 28 40.48 -25.53 13.11
N THR A 29 39.57 -25.75 14.05
CA THR A 29 39.92 -26.06 15.44
C THR A 29 40.63 -27.40 15.57
N LYS A 30 40.15 -28.43 14.86
CA LYS A 30 40.83 -29.72 14.86
C LYS A 30 42.19 -29.63 14.18
N LYS A 31 42.22 -28.95 13.03
CA LYS A 31 43.46 -28.76 12.28
C LYS A 31 44.57 -28.17 13.14
N ALA A 32 44.21 -27.30 14.08
CA ALA A 32 45.17 -26.74 15.05
C ALA A 32 45.63 -27.75 16.12
N GLY A 33 45.36 -29.03 15.90
CA GLY A 33 45.82 -30.09 16.79
C GLY A 33 44.98 -30.21 18.05
N ASN A 34 43.67 -30.26 17.87
CA ASN A 34 42.75 -30.44 18.99
C ASN A 34 41.75 -31.56 18.72
N ASP A 35 41.46 -32.36 19.75
CA ASP A 35 40.32 -33.27 19.68
C ASP A 35 39.10 -32.42 19.97
N VAL A 36 38.07 -32.53 19.14
CA VAL A 36 36.91 -31.65 19.22
C VAL A 36 35.62 -32.40 19.52
N VAL A 37 34.85 -31.87 20.47
CA VAL A 37 33.49 -32.31 20.70
C VAL A 37 32.59 -31.11 20.44
N VAL A 38 31.56 -31.31 19.63
CA VAL A 38 30.60 -30.27 19.33
C VAL A 38 29.25 -30.64 19.91
N VAL A 39 28.59 -29.66 20.54
CA VAL A 39 27.24 -29.83 21.05
C VAL A 39 26.32 -28.87 20.31
N CYS A 40 25.13 -29.34 19.95
CA CYS A 40 24.24 -28.61 19.04
C CYS A 40 22.90 -28.26 19.65
N SER A 41 22.60 -26.96 19.73
CA SER A 41 21.23 -26.48 19.95
C SER A 41 20.47 -26.58 18.63
N ALA A 42 19.16 -26.46 18.70
CA ALA A 42 18.31 -26.50 17.52
C ALA A 42 18.48 -25.20 16.73
N MET A 43 18.27 -25.28 15.42
CA MET A 43 18.46 -24.14 14.53
C MET A 43 17.59 -22.98 14.99
N GLY A 44 18.18 -21.79 15.06
CA GLY A 44 17.45 -20.57 15.42
C GLY A 44 16.56 -20.69 16.64
N ASP A 45 15.28 -20.37 16.47
CA ASP A 45 14.30 -20.40 17.56
C ASP A 45 13.47 -21.69 17.58
N THR A 46 13.98 -22.76 16.97
CA THR A 46 13.23 -24.00 16.84
C THR A 46 12.74 -24.54 18.19
N THR A 47 13.61 -24.54 19.20
CA THR A 47 13.26 -25.10 20.50
C THR A 47 12.12 -24.32 21.17
N ASP A 48 12.14 -22.99 21.07
CA ASP A 48 11.02 -22.19 21.57
C ASP A 48 9.74 -22.50 20.79
N GLU A 49 9.84 -22.52 19.46
CA GLU A 49 8.69 -22.81 18.62
C GLU A 49 8.13 -24.22 18.85
N LEU A 50 9.02 -25.15 19.16
CA LEU A 50 8.63 -26.54 19.41
C LEU A 50 7.96 -26.65 20.78
N LEU A 51 8.43 -25.87 21.75
CA LEU A 51 7.82 -25.82 23.08
C LEU A 51 6.39 -25.27 23.03
N GLU A 52 6.18 -24.20 22.26
CA GLU A 52 4.83 -23.68 22.01
C GLU A 52 3.92 -24.78 21.47
N LEU A 53 4.34 -25.39 20.36
CA LEU A 53 3.57 -26.44 19.72
C LEU A 53 3.16 -27.53 20.70
N ALA A 54 4.12 -28.00 21.50
CA ALA A 54 3.86 -29.01 22.51
C ALA A 54 2.73 -28.53 23.42
N ALA A 55 2.89 -27.34 23.99
CA ALA A 55 1.88 -26.73 24.87
C ALA A 55 0.53 -26.58 24.17
N ALA A 56 0.56 -26.26 22.88
CA ALA A 56 -0.65 -26.13 22.07
C ALA A 56 -1.38 -27.47 21.92
N VAL A 57 -0.63 -28.53 21.61
CA VAL A 57 -1.22 -29.86 21.43
C VAL A 57 -1.52 -30.54 22.76
N ASN A 58 -0.88 -30.07 23.82
CA ASN A 58 -1.06 -30.64 25.16
C ASN A 58 -0.49 -29.70 26.23
N PRO A 59 -1.36 -29.16 27.11
CA PRO A 59 -0.80 -28.52 28.30
C PRO A 59 -0.19 -29.61 29.16
N VAL A 60 0.81 -29.31 29.97
CA VAL A 60 1.57 -30.37 30.66
C VAL A 60 1.86 -31.57 29.75
N PRO A 61 2.74 -31.39 28.75
CA PRO A 61 3.16 -32.52 27.93
C PRO A 61 3.92 -33.56 28.74
N PRO A 62 3.70 -34.86 28.48
CA PRO A 62 4.42 -35.87 29.25
C PRO A 62 5.92 -35.88 28.94
N ALA A 63 6.72 -36.36 29.88
CA ALA A 63 8.18 -36.27 29.80
C ALA A 63 8.77 -36.97 28.58
N ARG A 64 8.44 -38.25 28.42
CA ARG A 64 8.99 -39.08 27.34
C ARG A 64 8.87 -38.46 25.95
N GLU A 65 7.70 -37.89 25.64
CA GLU A 65 7.48 -37.31 24.32
C GLU A 65 8.11 -35.93 24.20
N MET A 66 8.16 -35.18 25.30
CA MET A 66 8.87 -33.90 25.31
C MET A 66 10.35 -34.11 25.02
N ASP A 67 10.89 -35.20 25.57
CA ASP A 67 12.27 -35.60 25.32
C ASP A 67 12.48 -35.94 23.84
N MET A 68 11.54 -36.69 23.27
CA MET A 68 11.57 -37.07 21.85
C MET A 68 11.50 -35.85 20.93
N LEU A 69 10.63 -34.92 21.30
CA LEU A 69 10.40 -33.70 20.51
C LEU A 69 11.64 -32.80 20.46
N LEU A 70 12.13 -32.39 21.64
CA LEU A 70 13.26 -31.46 21.72
C LEU A 70 14.54 -32.08 21.17
N THR A 71 14.73 -33.36 21.44
CA THR A 71 15.82 -34.11 20.86
C THR A 71 15.75 -34.05 19.34
N ALA A 72 14.60 -34.43 18.78
CA ALA A 72 14.38 -34.39 17.33
C ALA A 72 14.85 -33.06 16.74
N GLY A 73 14.42 -31.96 17.35
CA GLY A 73 14.80 -30.62 16.90
C GLY A 73 16.31 -30.37 16.91
N GLU A 74 16.96 -30.79 17.98
CA GLU A 74 18.41 -30.66 18.09
C GLU A 74 19.15 -31.65 17.18
N ARG A 75 18.50 -32.78 16.91
CA ARG A 75 19.07 -33.82 16.06
C ARG A 75 19.06 -33.42 14.57
N ILE A 76 18.25 -32.41 14.22
CA ILE A 76 18.27 -31.80 12.90
C ILE A 76 19.58 -31.04 12.69
N SER A 77 19.86 -30.12 13.61
CA SER A 77 21.12 -29.39 13.62
C SER A 77 22.31 -30.33 13.58
N ASN A 78 22.24 -31.39 14.38
CA ASN A 78 23.27 -32.43 14.41
C ASN A 78 23.52 -32.99 13.02
N ALA A 79 22.45 -33.41 12.35
CA ALA A 79 22.55 -33.96 11.00
C ALA A 79 23.21 -32.98 10.04
N LEU A 80 22.78 -31.72 10.08
CA LEU A 80 23.30 -30.69 9.19
C LEU A 80 24.77 -30.36 9.45
N VAL A 81 25.14 -30.20 10.73
CA VAL A 81 26.52 -29.88 11.09
C VAL A 81 27.47 -31.03 10.77
N ALA A 82 27.09 -32.25 11.13
CA ALA A 82 27.85 -33.44 10.76
C ALA A 82 28.03 -33.50 9.24
N MET A 83 26.95 -33.25 8.52
CA MET A 83 26.94 -33.22 7.05
C MET A 83 28.00 -32.27 6.51
N ALA A 84 28.02 -31.06 7.08
CA ALA A 84 28.98 -30.03 6.72
C ALA A 84 30.40 -30.42 7.11
N ILE A 85 30.58 -30.91 8.33
CA ILE A 85 31.88 -31.39 8.81
C ILE A 85 32.52 -32.41 7.86
N GLU A 86 31.70 -33.31 7.33
CA GLU A 86 32.17 -34.38 6.47
C GLU A 86 32.46 -33.87 5.06
N SER A 87 31.78 -32.78 4.68
CA SER A 87 32.04 -32.08 3.43
C SER A 87 33.45 -31.49 3.36
N LEU A 88 33.99 -31.11 4.52
CA LEU A 88 35.27 -30.39 4.58
C LEU A 88 36.46 -31.30 4.91
N GLY A 89 36.22 -32.60 5.03
CA GLY A 89 37.31 -33.57 5.24
C GLY A 89 37.31 -34.24 6.60
N ALA A 90 36.56 -33.68 7.55
CA ALA A 90 36.45 -34.27 8.87
C ALA A 90 35.58 -35.52 8.81
N GLU A 91 35.85 -36.47 9.70
CA GLU A 91 35.00 -37.65 9.88
C GLU A 91 34.17 -37.44 11.14
N ALA A 92 32.85 -37.56 11.00
CA ALA A 92 31.93 -37.22 12.09
C ALA A 92 31.31 -38.46 12.71
N GLN A 93 31.19 -38.45 14.03
CA GLN A 93 30.38 -39.43 14.75
C GLN A 93 29.38 -38.69 15.62
N SER A 94 28.11 -39.04 15.50
CA SER A 94 27.03 -38.35 16.21
C SER A 94 26.56 -39.12 17.45
N PHE A 95 26.20 -38.38 18.48
CA PHE A 95 25.68 -38.97 19.72
C PHE A 95 24.47 -38.18 20.20
N THR A 96 23.53 -38.85 20.84
CA THR A 96 22.51 -38.17 21.63
C THR A 96 23.09 -37.93 23.02
N GLY A 97 22.81 -36.74 23.57
CA GLY A 97 23.28 -36.39 24.91
C GLY A 97 22.69 -37.33 25.95
N SER A 98 23.31 -38.50 26.06
CA SER A 98 22.75 -39.66 26.79
C SER A 98 23.51 -40.91 26.35
N GLN A 99 23.61 -41.08 25.04
CA GLN A 99 24.49 -42.09 24.45
C GLN A 99 25.92 -41.84 24.97
N ALA A 100 26.25 -40.57 25.16
CA ALA A 100 27.32 -40.18 26.06
C ALA A 100 26.66 -39.93 27.40
N GLY A 101 27.07 -40.68 28.42
CA GLY A 101 26.35 -40.74 29.70
C GLY A 101 25.94 -39.41 30.30
N VAL A 102 24.65 -39.30 30.65
CA VAL A 102 24.10 -38.13 31.33
C VAL A 102 24.27 -38.24 32.85
N LEU A 103 24.25 -39.47 33.36
CA LEU A 103 24.42 -39.74 34.79
C LEU A 103 23.27 -39.14 35.61
N VAL A 116 28.88 -37.83 33.13
CA VAL A 116 29.60 -38.98 33.62
C VAL A 116 29.45 -40.18 32.66
N THR A 117 30.53 -40.96 32.54
CA THR A 117 30.57 -42.14 31.66
C THR A 117 30.65 -41.83 30.15
N PRO A 118 31.71 -41.12 29.72
CA PRO A 118 31.88 -40.76 28.31
C PRO A 118 32.80 -41.75 27.56
N GLY A 119 32.61 -43.04 27.77
CA GLY A 119 33.47 -44.05 27.17
C GLY A 119 33.38 -44.10 25.66
N ARG A 120 32.15 -44.10 25.13
CA ARG A 120 31.91 -44.17 23.70
C ARG A 120 32.52 -42.98 22.93
N VAL A 121 32.46 -41.80 23.54
CA VAL A 121 32.99 -40.59 22.92
C VAL A 121 34.53 -40.59 22.86
N ARG A 122 35.18 -41.14 23.89
CA ARG A 122 36.64 -41.19 23.95
C ARG A 122 37.21 -42.15 22.90
N GLU A 123 36.43 -43.18 22.56
CA GLU A 123 36.81 -44.11 21.49
C GLU A 123 36.88 -43.33 20.17
N ALA A 124 35.78 -42.66 19.84
CA ALA A 124 35.66 -41.89 18.60
C ALA A 124 36.75 -40.82 18.47
N LEU A 125 37.07 -40.14 19.57
CA LEU A 125 38.09 -39.08 19.55
C LEU A 125 39.47 -39.65 19.24
N ASP A 126 39.81 -40.78 19.85
CA ASP A 126 41.10 -41.45 19.62
C ASP A 126 41.26 -41.93 18.17
N GLU A 127 40.14 -42.18 17.48
CA GLU A 127 40.16 -42.52 16.06
C GLU A 127 40.09 -41.29 15.15
N GLY A 128 40.33 -40.10 15.72
CA GLY A 128 40.40 -38.86 14.94
C GLY A 128 39.08 -38.25 14.53
N LYS A 129 37.97 -38.72 15.09
CA LYS A 129 36.65 -38.24 14.70
C LYS A 129 36.20 -37.03 15.51
N ILE A 130 35.57 -36.07 14.85
CA ILE A 130 34.87 -34.97 15.54
C ILE A 130 33.54 -35.52 16.03
N CYS A 131 33.35 -35.52 17.35
CA CYS A 131 32.11 -36.02 17.94
C CYS A 131 31.08 -34.91 18.06
N ILE A 132 29.87 -35.17 17.60
CA ILE A 132 28.76 -34.23 17.75
C ILE A 132 27.76 -34.83 18.74
N VAL A 133 27.31 -34.03 19.69
CA VAL A 133 26.32 -34.45 20.67
C VAL A 133 25.11 -33.55 20.62
N ALA A 134 23.92 -34.13 20.67
CA ALA A 134 22.68 -33.36 20.52
C ALA A 134 21.48 -34.17 20.98
N GLY A 135 20.62 -33.54 21.79
CA GLY A 135 19.38 -34.15 22.25
C GLY A 135 19.55 -34.98 23.51
N PHE A 136 18.53 -35.78 23.82
CA PHE A 136 18.53 -36.70 24.97
C PHE A 136 17.54 -37.83 24.66
N GLN A 137 17.62 -38.96 25.37
CA GLN A 137 16.64 -40.03 25.14
C GLN A 137 16.33 -40.97 26.33
N GLY A 138 17.32 -41.27 27.17
CA GLY A 138 17.14 -42.23 28.26
C GLY A 138 16.16 -41.80 29.34
N VAL A 139 16.64 -40.98 30.28
CA VAL A 139 15.85 -40.50 31.42
C VAL A 139 15.50 -39.02 31.24
N LEU A 149 16.98 -32.70 29.31
CA LEU A 149 15.74 -32.68 30.09
C LEU A 149 15.80 -31.55 31.13
N GLY A 150 15.60 -31.89 32.40
CA GLY A 150 15.65 -30.93 33.52
C GLY A 150 15.66 -29.47 33.11
N ARG A 151 16.79 -28.75 33.17
CA ARG A 151 18.16 -29.16 33.59
C ARG A 151 19.20 -28.18 33.01
N GLY A 152 18.94 -27.68 31.80
CA GLY A 152 19.83 -26.72 31.13
C GLY A 152 20.08 -27.01 29.65
N GLY A 153 19.83 -28.26 29.25
CA GLY A 153 19.91 -28.67 27.85
C GLY A 153 21.32 -28.87 27.35
N SER A 154 21.57 -28.33 26.16
CA SER A 154 22.84 -28.49 25.46
C SER A 154 24.01 -27.87 26.21
N ASP A 155 23.76 -26.73 26.84
CA ASP A 155 24.80 -26.01 27.57
C ASP A 155 25.41 -26.85 28.70
N THR A 156 24.55 -27.50 29.50
CA THR A 156 25.06 -28.29 30.63
C THR A 156 25.58 -29.65 30.15
N THR A 157 25.06 -30.13 29.02
CA THR A 157 25.61 -31.32 28.38
C THR A 157 27.05 -31.05 27.95
N ALA A 158 27.26 -29.88 27.35
CA ALA A 158 28.59 -29.46 26.92
C ALA A 158 29.56 -29.40 28.09
N VAL A 159 29.16 -28.76 29.19
CA VAL A 159 30.02 -28.63 30.37
C VAL A 159 30.22 -29.97 31.05
N ALA A 160 29.15 -30.77 31.16
CA ALA A 160 29.22 -32.09 31.77
C ALA A 160 30.12 -33.04 30.99
N LEU A 161 30.06 -32.97 29.66
CA LEU A 161 31.00 -33.70 28.79
C LEU A 161 32.43 -33.19 28.94
N ALA A 162 32.57 -31.87 29.11
CA ALA A 162 33.89 -31.26 29.32
C ALA A 162 34.53 -31.71 30.63
N ALA A 163 33.72 -31.88 31.66
CA ALA A 163 34.20 -32.35 32.95
C ALA A 163 34.63 -33.80 32.89
N ALA A 164 33.78 -34.65 32.30
CA ALA A 164 34.02 -36.09 32.24
C ALA A 164 35.20 -36.45 31.33
N LEU A 165 35.25 -35.85 30.15
CA LEU A 165 36.35 -36.07 29.20
C LEU A 165 37.63 -35.34 29.64
N ASN A 166 37.49 -34.39 30.56
CA ASN A 166 38.62 -33.64 31.11
C ASN A 166 39.11 -32.61 30.10
N ALA A 167 38.17 -31.95 29.44
CA ALA A 167 38.48 -30.95 28.41
C ALA A 167 39.25 -29.79 28.98
N ASP A 168 40.13 -29.21 28.17
CA ASP A 168 40.91 -28.04 28.57
C ASP A 168 40.03 -26.79 28.58
N VAL A 169 39.00 -26.78 27.74
CA VAL A 169 38.03 -25.68 27.71
C VAL A 169 36.72 -26.14 27.06
N CYS A 170 35.62 -25.55 27.51
CA CYS A 170 34.31 -25.73 26.89
C CYS A 170 33.83 -24.38 26.36
N GLU A 171 33.87 -24.21 25.05
CA GLU A 171 33.49 -22.93 24.44
C GLU A 171 31.98 -22.86 24.20
N ILE A 172 31.40 -21.69 24.43
CA ILE A 172 29.97 -21.45 24.20
C ILE A 172 29.81 -20.35 23.15
N TYR A 173 29.44 -20.74 21.93
CA TYR A 173 29.31 -19.81 20.81
C TYR A 173 27.87 -19.31 20.66
N SER A 174 27.73 -18.03 20.36
CA SER A 174 26.42 -17.43 20.09
C SER A 174 26.64 -16.14 19.30
N ASP A 175 25.68 -15.21 19.34
CA ASP A 175 25.92 -13.86 18.83
C ASP A 175 26.57 -12.95 19.90
N VAL A 176 26.74 -13.46 21.12
CA VAL A 176 27.41 -12.73 22.19
C VAL A 176 28.92 -12.96 22.11
N ASP A 177 29.69 -11.88 21.91
CA ASP A 177 31.15 -11.97 21.71
C ASP A 177 31.98 -11.87 22.99
N GLY A 178 31.32 -11.87 24.15
CA GLY A 178 32.02 -11.85 25.44
C GLY A 178 31.18 -11.29 26.57
N VAL A 179 31.74 -11.34 27.78
CA VAL A 179 31.12 -10.76 28.97
C VAL A 179 31.72 -9.37 29.17
N TYR A 180 30.86 -8.37 29.37
CA TYR A 180 31.30 -6.98 29.51
C TYR A 180 31.16 -6.45 30.93
N THR A 181 31.92 -5.38 31.21
CA THR A 181 31.89 -4.71 32.52
C THR A 181 30.56 -3.99 32.77
N ALA A 182 29.77 -3.82 31.71
CA ALA A 182 28.44 -3.24 31.81
C ALA A 182 27.76 -3.39 30.46
N ASP A 183 26.45 -3.12 30.41
CA ASP A 183 25.72 -3.12 29.16
C ASP A 183 26.21 -1.93 28.32
N PRO A 184 26.87 -2.21 27.17
CA PRO A 184 27.46 -1.11 26.40
C PRO A 184 26.44 -0.13 25.82
N ARG A 185 25.18 -0.55 25.71
CA ARG A 185 24.12 0.36 25.28
C ARG A 185 23.86 1.43 26.35
N ILE A 186 24.05 1.06 27.62
CA ILE A 186 23.83 1.97 28.74
C ILE A 186 25.11 2.75 29.08
N VAL A 187 26.18 2.02 29.34
CA VAL A 187 27.45 2.64 29.71
C VAL A 187 28.39 2.64 28.50
N PRO A 188 28.65 3.82 27.93
CA PRO A 188 29.41 3.89 26.67
C PRO A 188 30.86 3.46 26.84
N ASN A 189 31.45 3.75 28.00
CA ASN A 189 32.85 3.42 28.29
C ASN A 189 33.03 1.98 28.80
N ALA A 190 31.98 1.16 28.70
CA ALA A 190 32.02 -0.25 29.11
C ALA A 190 33.04 -1.04 28.29
N GLN A 191 33.62 -2.07 28.91
CA GLN A 191 34.71 -2.82 28.33
C GLN A 191 34.41 -4.32 28.38
N LYS A 192 35.12 -5.10 27.57
CA LYS A 192 34.97 -6.56 27.57
C LYS A 192 35.99 -7.18 28.52
N LEU A 193 35.52 -8.01 29.45
CA LEU A 193 36.42 -8.73 30.36
C LEU A 193 37.19 -9.80 29.59
N GLU A 194 38.46 -9.97 29.95
CA GLU A 194 39.27 -11.06 29.42
C GLU A 194 38.96 -12.33 30.21
N LYS A 195 39.07 -12.24 31.53
CA LYS A 195 38.80 -13.36 32.42
C LYS A 195 37.99 -12.91 33.64
N LEU A 196 37.30 -13.88 34.25
CA LEU A 196 36.70 -13.70 35.57
C LEU A 196 36.48 -15.08 36.18
N SER A 197 36.27 -15.13 37.49
CA SER A 197 36.05 -16.42 38.17
C SER A 197 34.64 -16.94 37.91
N PHE A 198 34.42 -18.20 38.27
CA PHE A 198 33.09 -18.81 38.16
C PHE A 198 32.09 -18.05 39.03
N GLU A 199 32.49 -17.75 40.26
CA GLU A 199 31.63 -17.07 41.23
C GLU A 199 31.27 -15.66 40.76
N GLU A 200 32.24 -14.96 40.18
CA GLU A 200 32.01 -13.62 39.66
C GLU A 200 31.04 -13.61 38.48
N MET A 201 31.11 -14.66 37.66
CA MET A 201 30.20 -14.82 36.53
C MET A 201 28.81 -15.21 37.04
N LEU A 202 28.76 -16.22 37.90
CA LEU A 202 27.53 -16.64 38.55
C LEU A 202 26.74 -15.46 39.12
N GLU A 203 27.43 -14.60 39.87
CA GLU A 203 26.79 -13.46 40.52
C GLU A 203 26.29 -12.43 39.51
N LEU A 204 27.14 -12.08 38.54
CA LEU A 204 26.75 -11.16 37.47
C LEU A 204 25.57 -11.69 36.69
N ALA A 205 25.64 -12.98 36.34
CA ALA A 205 24.55 -13.66 35.63
C ALA A 205 23.29 -13.76 36.48
N ALA A 206 23.45 -13.82 37.81
CA ALA A 206 22.33 -14.04 38.71
C ALA A 206 21.37 -12.86 38.77
N VAL A 207 21.90 -11.65 38.80
CA VAL A 207 21.09 -10.47 39.10
C VAL A 207 20.66 -9.67 37.88
N GLY A 208 21.48 -9.64 36.83
CA GLY A 208 21.16 -8.86 35.64
C GLY A 208 21.39 -9.59 34.33
N SER A 209 22.67 -9.69 33.95
CA SER A 209 23.09 -10.22 32.65
C SER A 209 22.04 -10.99 31.83
N LYS A 210 21.85 -12.29 32.14
CA LYS A 210 21.15 -13.25 31.27
C LYS A 210 22.06 -13.70 30.11
N ILE A 211 23.37 -13.81 30.38
CA ILE A 211 24.36 -14.03 29.31
C ILE A 211 24.50 -15.50 28.91
N LEU A 212 24.31 -16.40 29.87
CA LEU A 212 24.36 -17.85 29.61
C LEU A 212 23.63 -18.64 30.69
N VAL A 213 23.45 -19.94 30.48
CA VAL A 213 22.70 -20.78 31.42
C VAL A 213 23.49 -20.98 32.71
N LEU A 214 22.93 -20.51 33.83
CA LEU A 214 23.63 -20.53 35.13
C LEU A 214 23.84 -21.93 35.67
N ARG A 215 22.88 -22.81 35.40
CA ARG A 215 22.96 -24.20 35.84
C ARG A 215 24.23 -24.83 35.27
N SER A 216 24.50 -24.55 34.00
CA SER A 216 25.71 -25.05 33.34
C SER A 216 26.98 -24.41 33.92
N VAL A 217 26.88 -23.13 34.30
CA VAL A 217 28.02 -22.44 34.90
C VAL A 217 28.29 -22.93 36.33
N GLU A 218 27.28 -23.50 36.98
CA GLU A 218 27.45 -24.07 38.31
C GLU A 218 28.10 -25.45 38.24
N TYR A 219 27.87 -26.17 37.14
CA TYR A 219 28.59 -27.41 36.88
C TYR A 219 30.07 -27.14 36.62
N ALA A 220 30.34 -26.07 35.87
CA ALA A 220 31.71 -25.70 35.53
C ALA A 220 32.47 -25.28 36.76
N ARG A 221 31.79 -24.59 37.67
CA ARG A 221 32.36 -24.23 38.96
C ARG A 221 32.64 -25.50 39.76
N ALA A 222 31.62 -26.35 39.87
CA ALA A 222 31.69 -27.58 40.66
C ALA A 222 32.80 -28.52 40.21
N PHE A 223 32.95 -28.69 38.90
CA PHE A 223 33.90 -29.64 38.34
C PHE A 223 35.16 -29.01 37.73
N ASN A 224 35.35 -27.71 37.96
CA ASN A 224 36.53 -26.99 37.48
C ASN A 224 36.77 -27.14 35.96
N VAL A 225 35.79 -26.71 35.17
CA VAL A 225 35.90 -26.71 33.71
C VAL A 225 35.83 -25.29 33.17
N PRO A 226 36.93 -24.79 32.58
CA PRO A 226 36.95 -23.44 32.03
C PRO A 226 35.94 -23.24 30.91
N LEU A 227 35.16 -22.16 31.01
CA LEU A 227 34.20 -21.79 29.97
C LEU A 227 34.73 -20.57 29.23
N ARG A 228 34.42 -20.49 27.94
CA ARG A 228 34.79 -19.33 27.13
C ARG A 228 33.59 -18.89 26.31
N VAL A 229 33.16 -17.65 26.53
CA VAL A 229 32.04 -17.08 25.79
C VAL A 229 32.57 -16.22 24.65
N ARG A 230 32.29 -16.64 23.42
CA ARG A 230 32.78 -15.96 22.23
C ARG A 230 31.74 -16.01 21.10
N SER A 231 31.99 -15.24 20.05
CA SER A 231 31.06 -15.11 18.92
C SER A 231 31.47 -15.98 17.74
N SER A 232 30.50 -16.67 17.15
CA SER A 232 30.72 -17.46 15.95
C SER A 232 30.65 -16.62 14.66
N TYR A 233 30.67 -15.30 14.80
CA TYR A 233 30.72 -14.38 13.65
C TYR A 233 32.07 -13.65 13.49
N SER A 234 32.83 -13.54 14.57
CA SER A 234 34.18 -12.97 14.52
C SER A 234 35.20 -13.99 15.02
N ASN A 235 36.48 -13.63 14.91
CA ASN A 235 37.56 -14.42 15.49
C ASN A 235 38.04 -13.82 16.82
N ASP A 236 37.26 -12.90 17.38
CA ASP A 236 37.53 -12.34 18.70
C ASP A 236 37.56 -13.47 19.73
N PRO A 237 38.60 -13.50 20.59
CA PRO A 237 38.74 -14.63 21.52
C PRO A 237 37.72 -14.68 22.67
N GLY A 238 36.93 -13.62 22.84
CA GLY A 238 35.84 -13.62 23.81
C GLY A 238 36.31 -13.49 25.25
N THR A 239 35.46 -13.93 26.18
CA THR A 239 35.77 -13.84 27.61
C THR A 239 35.87 -15.24 28.21
N LEU A 240 36.88 -15.42 29.07
CA LEU A 240 37.15 -16.70 29.72
C LEU A 240 36.57 -16.72 31.14
N ILE A 241 35.85 -17.79 31.47
CA ILE A 241 35.42 -18.04 32.85
C ILE A 241 36.25 -19.21 33.37
N ALA A 242 37.14 -18.94 34.32
CA ALA A 242 38.04 -19.97 34.84
C ALA A 242 38.59 -19.61 36.22
N GLY A 243 38.80 -20.63 37.05
CA GLY A 243 39.36 -20.47 38.38
C GLY A 243 38.38 -19.93 39.39
N SER A 244 38.46 -20.41 40.62
CA SER A 244 37.62 -19.90 41.69
C SER A 244 38.20 -18.59 42.22
N MET A 245 37.32 -17.71 42.72
CA MET A 245 37.77 -16.49 43.40
C MET A 245 38.34 -16.78 44.79
N GLU A 246 38.10 -18.00 45.28
CA GLU A 246 38.71 -18.46 46.52
C GLU A 246 40.21 -18.72 46.34
N ASP A 247 40.64 -18.96 45.11
CA ASP A 247 42.06 -19.17 44.78
C ASP A 247 42.71 -17.93 44.16
N ILE A 248 42.00 -16.81 44.14
CA ILE A 248 42.57 -15.54 43.69
C ILE A 248 43.27 -14.85 44.86
N PRO A 249 44.55 -14.49 44.70
CA PRO A 249 45.22 -13.76 45.77
C PRO A 249 44.47 -12.48 46.15
N VAL A 250 44.38 -12.20 47.44
CA VAL A 250 43.62 -11.04 47.95
C VAL A 250 44.11 -9.73 47.32
N GLU A 251 45.43 -9.62 47.12
CA GLU A 251 46.03 -8.42 46.53
C GLU A 251 45.60 -8.17 45.07
N GLU A 252 45.28 -9.23 44.34
CA GLU A 252 45.00 -9.15 42.90
C GLU A 252 43.50 -9.09 42.56
N ALA A 253 42.64 -9.34 43.54
CA ALA A 253 41.18 -9.37 43.31
C ALA A 253 40.67 -8.00 42.83
N VAL A 254 39.70 -8.02 41.92
CA VAL A 254 39.18 -6.79 41.33
C VAL A 254 37.66 -6.78 41.32
N LEU A 255 37.09 -5.60 41.08
CA LEU A 255 35.66 -5.45 40.85
C LEU A 255 35.41 -5.69 39.36
N THR A 256 34.37 -6.44 39.04
CA THR A 256 34.20 -7.01 37.70
C THR A 256 33.29 -6.20 36.79
N GLY A 257 32.04 -5.99 37.23
CA GLY A 257 31.06 -5.31 36.38
C GLY A 257 29.85 -4.77 37.09
N VAL A 258 28.91 -4.26 36.30
CA VAL A 258 27.68 -3.68 36.80
C VAL A 258 26.51 -4.27 36.04
N ALA A 259 25.60 -4.93 36.76
CA ALA A 259 24.45 -5.60 36.17
C ALA A 259 23.18 -4.78 36.41
N THR A 260 22.30 -4.76 35.42
CA THR A 260 21.03 -4.06 35.51
C THR A 260 19.88 -5.01 35.21
N ASP A 261 18.70 -4.71 35.75
CA ASP A 261 17.52 -5.52 35.49
C ASP A 261 16.22 -4.75 35.74
N LYS A 262 15.50 -4.46 34.66
CA LYS A 262 14.20 -3.78 34.77
C LYS A 262 13.04 -4.69 34.35
N SER A 263 13.23 -6.00 34.53
CA SER A 263 12.21 -7.00 34.19
C SER A 263 11.38 -7.43 35.40
N GLU A 264 11.72 -6.89 36.57
CA GLU A 264 11.15 -7.34 37.85
C GLU A 264 10.09 -6.38 38.37
N ALA A 265 9.15 -6.95 39.13
CA ALA A 265 8.26 -6.19 39.99
C ALA A 265 8.54 -6.68 41.41
N LYS A 266 8.27 -5.85 42.40
CA LYS A 266 8.47 -6.25 43.80
C LYS A 266 7.16 -6.24 44.59
N VAL A 267 6.97 -7.31 45.37
CA VAL A 267 5.80 -7.44 46.24
C VAL A 267 6.31 -7.52 47.68
N THR A 268 5.68 -6.73 48.55
CA THR A 268 6.05 -6.70 49.96
C THR A 268 4.83 -7.03 50.82
N VAL A 269 4.95 -8.09 51.60
CA VAL A 269 3.95 -8.44 52.59
C VAL A 269 4.32 -7.72 53.89
N LEU A 270 3.49 -6.76 54.29
CA LEU A 270 3.73 -5.99 55.50
C LEU A 270 3.12 -6.66 56.74
N GLY A 271 3.90 -6.71 57.82
CA GLY A 271 3.36 -7.09 59.14
C GLY A 271 3.12 -8.56 59.36
N ILE A 272 4.04 -9.40 58.91
CA ILE A 272 3.99 -10.83 59.21
C ILE A 272 4.59 -11.07 60.59
N SER A 273 3.89 -11.79 61.45
CA SER A 273 4.44 -12.09 62.78
C SER A 273 5.65 -13.01 62.65
N ASP A 274 6.60 -12.88 63.56
CA ASP A 274 7.90 -13.55 63.46
C ASP A 274 7.88 -14.92 64.14
N LYS A 275 7.12 -15.85 63.57
CA LYS A 275 6.98 -17.20 64.13
C LYS A 275 7.38 -18.23 63.06
N PRO A 276 7.81 -19.42 63.49
CA PRO A 276 8.12 -20.46 62.51
C PRO A 276 6.93 -20.77 61.60
N GLY A 277 7.19 -20.91 60.30
CA GLY A 277 6.17 -21.31 59.32
C GLY A 277 5.54 -20.19 58.49
N GLU A 278 5.62 -18.96 58.99
CA GLU A 278 4.97 -17.83 58.33
C GLU A 278 5.56 -17.53 56.95
N ALA A 279 6.85 -17.76 56.77
CA ALA A 279 7.48 -17.69 55.45
C ALA A 279 6.93 -18.78 54.54
N ALA A 280 6.71 -19.95 55.10
CA ALA A 280 6.12 -21.07 54.36
C ALA A 280 4.75 -20.69 53.80
N LYS A 281 3.90 -20.08 54.64
CA LYS A 281 2.55 -19.68 54.21
C LYS A 281 2.57 -18.70 53.03
N VAL A 282 3.62 -17.88 52.94
CA VAL A 282 3.76 -16.94 51.83
C VAL A 282 4.23 -17.64 50.57
N PHE A 283 5.35 -18.36 50.65
CA PHE A 283 6.00 -18.92 49.47
C PHE A 283 5.46 -20.28 49.00
N ARG A 284 4.63 -20.92 49.82
CA ARG A 284 3.87 -22.09 49.35
C ARG A 284 2.79 -21.62 48.38
N ALA A 285 2.06 -20.59 48.76
CA ALA A 285 1.05 -19.96 47.90
C ALA A 285 1.64 -19.56 46.54
N LEU A 286 2.81 -18.92 46.55
CA LEU A 286 3.44 -18.46 45.33
C LEU A 286 3.95 -19.60 44.44
N ALA A 287 4.49 -20.65 45.07
CA ALA A 287 4.98 -21.83 44.34
C ALA A 287 3.86 -22.67 43.76
N ASP A 288 2.74 -22.78 44.47
CA ASP A 288 1.55 -23.47 43.94
C ASP A 288 0.93 -22.69 42.79
N ALA A 289 1.11 -21.37 42.79
CA ALA A 289 0.66 -20.50 41.70
C ALA A 289 1.74 -20.31 40.62
N GLU A 290 2.84 -21.06 40.74
CA GLU A 290 3.89 -21.08 39.72
C GLU A 290 4.63 -19.74 39.58
N ILE A 291 4.61 -18.91 40.63
CA ILE A 291 5.24 -17.60 40.60
C ILE A 291 6.76 -17.74 40.75
N ASN A 292 7.52 -17.14 39.83
CA ASN A 292 8.98 -17.23 39.84
C ASN A 292 9.61 -16.18 40.75
N ILE A 293 10.40 -16.62 41.73
CA ILE A 293 10.99 -15.71 42.72
C ILE A 293 12.46 -15.41 42.45
N ASP A 294 12.75 -14.16 42.07
CA ASP A 294 14.12 -13.74 41.75
C ASP A 294 14.96 -13.51 42.99
N MET A 295 14.37 -12.87 44.00
CA MET A 295 15.08 -12.41 45.18
C MET A 295 14.09 -12.22 46.31
N VAL A 296 14.48 -12.62 47.51
CA VAL A 296 13.64 -12.46 48.70
C VAL A 296 14.43 -11.74 49.76
N LEU A 297 13.75 -10.88 50.52
CA LEU A 297 14.41 -10.01 51.48
C LEU A 297 13.56 -9.79 52.72
N GLN A 298 14.11 -10.13 53.88
CA GLN A 298 13.44 -9.94 55.16
C GLN A 298 14.45 -9.44 56.19
N ASN A 299 14.14 -8.31 56.82
CA ASN A 299 14.99 -7.76 57.88
C ASN A 299 14.45 -8.22 59.24
N VAL A 300 15.17 -7.86 60.32
CA VAL A 300 14.75 -8.23 61.67
C VAL A 300 13.41 -7.63 62.05
N SER A 301 12.69 -8.32 62.94
CA SER A 301 11.35 -7.88 63.35
C SER A 301 11.44 -6.80 64.43
N SER A 302 10.36 -6.02 64.54
CA SER A 302 10.22 -5.03 65.61
C SER A 302 9.96 -5.75 66.94
N VAL A 303 10.62 -5.31 67.99
CA VAL A 303 10.49 -5.95 69.31
C VAL A 303 9.09 -5.74 69.89
N GLU A 304 8.55 -4.53 69.73
CA GLU A 304 7.16 -4.24 70.10
C GLU A 304 6.28 -4.56 68.90
N ASP A 305 5.19 -5.29 69.16
CA ASP A 305 4.29 -5.84 68.12
C ASP A 305 4.81 -7.11 67.42
N GLY A 306 6.12 -7.34 67.44
CA GLY A 306 6.71 -8.62 67.04
C GLY A 306 6.60 -9.01 65.58
N THR A 307 6.60 -8.02 64.68
CA THR A 307 6.38 -8.27 63.26
C THR A 307 7.53 -7.79 62.38
N THR A 308 7.66 -8.39 61.20
CA THR A 308 8.58 -7.93 60.16
C THR A 308 7.86 -7.94 58.81
N ASP A 309 8.57 -7.50 57.77
CA ASP A 309 8.05 -7.49 56.40
C ASP A 309 8.91 -8.38 55.51
N ILE A 310 8.26 -9.06 54.56
CA ILE A 310 8.98 -9.85 53.56
C ILE A 310 8.75 -9.23 52.19
N THR A 311 9.84 -8.84 51.53
CA THR A 311 9.80 -8.34 50.17
C THR A 311 10.45 -9.36 49.24
N PHE A 312 9.80 -9.61 48.10
CA PHE A 312 10.39 -10.45 47.05
C PHE A 312 10.14 -9.84 45.69
N THR A 313 11.01 -10.17 44.73
CA THR A 313 10.84 -9.72 43.37
C THR A 313 10.49 -10.91 42.48
N CYS A 314 9.82 -10.62 41.38
CA CYS A 314 9.43 -11.64 40.40
C CYS A 314 9.29 -10.96 39.04
N PRO A 315 9.24 -11.75 37.96
CA PRO A 315 8.97 -11.13 36.68
C PRO A 315 7.71 -10.28 36.71
N ARG A 316 7.70 -9.18 35.96
CA ARG A 316 6.53 -8.31 35.91
C ARG A 316 5.29 -9.03 35.37
N SER A 317 5.48 -10.07 34.57
CA SER A 317 4.38 -10.90 34.07
C SER A 317 3.70 -11.75 35.16
N ASP A 318 4.38 -11.96 36.28
CA ASP A 318 3.82 -12.70 37.43
C ASP A 318 3.31 -11.78 38.53
N GLY A 319 3.56 -10.48 38.40
CA GLY A 319 3.25 -9.52 39.48
C GLY A 319 1.79 -9.47 39.84
N ARG A 320 0.97 -9.09 38.86
CA ARG A 320 -0.49 -9.06 38.99
C ARG A 320 -0.99 -10.25 39.83
N ARG A 321 -0.57 -11.45 39.44
CA ARG A 321 -1.09 -12.68 40.06
C ARG A 321 -0.52 -12.93 41.46
N ALA A 322 0.75 -12.60 41.67
CA ALA A 322 1.37 -12.76 42.99
C ALA A 322 0.58 -11.95 44.01
N MET A 323 0.31 -10.69 43.65
CA MET A 323 -0.49 -9.78 44.46
C MET A 323 -1.88 -10.35 44.76
N GLU A 324 -2.55 -10.87 43.73
CA GLU A 324 -3.89 -11.46 43.91
C GLU A 324 -3.90 -12.55 44.98
N ILE A 325 -2.89 -13.42 44.95
CA ILE A 325 -2.82 -14.56 45.86
C ILE A 325 -2.65 -14.11 47.30
N LEU A 326 -1.62 -13.31 47.54
CA LEU A 326 -1.25 -12.91 48.89
C LEU A 326 -2.30 -12.00 49.55
N LYS A 327 -3.08 -11.29 48.74
CA LYS A 327 -4.18 -10.44 49.24
C LYS A 327 -5.36 -11.26 49.76
N LYS A 328 -5.67 -12.37 49.08
CA LYS A 328 -6.63 -13.33 49.61
C LYS A 328 -6.16 -13.82 50.97
N LEU A 329 -4.88 -14.15 51.06
CA LEU A 329 -4.26 -14.59 52.31
C LEU A 329 -4.11 -13.47 53.34
N GLN A 330 -4.28 -12.21 52.92
CA GLN A 330 -4.26 -11.07 53.86
C GLN A 330 -5.51 -11.01 54.74
N VAL A 331 -6.58 -11.70 54.33
CA VAL A 331 -7.81 -11.78 55.12
C VAL A 331 -8.38 -13.20 55.09
N GLY A 333 -6.39 -13.11 57.97
CA GLY A 333 -5.35 -12.56 58.84
C GLY A 333 -3.99 -12.65 58.20
N ASN A 334 -2.99 -13.10 58.97
CA ASN A 334 -1.62 -13.34 58.50
C ASN A 334 -0.73 -12.11 58.30
N TRP A 335 -1.30 -11.02 57.78
CA TRP A 335 -0.53 -9.78 57.57
C TRP A 335 -1.42 -8.55 57.34
N THR A 336 -0.86 -7.36 57.58
CA THR A 336 -1.61 -6.10 57.54
C THR A 336 -1.75 -5.50 56.14
N ASN A 337 -0.86 -5.86 55.21
CA ASN A 337 -0.95 -5.37 53.84
C ASN A 337 -0.07 -6.16 52.89
N VAL A 338 -0.36 -6.03 51.61
CA VAL A 338 0.48 -6.53 50.54
C VAL A 338 0.65 -5.38 49.54
N LEU A 339 1.90 -5.03 49.23
CA LEU A 339 2.20 -3.91 48.33
C LEU A 339 2.68 -4.39 46.97
N TYR A 340 2.49 -3.55 45.95
CA TYR A 340 2.80 -3.89 44.57
C TYR A 340 3.58 -2.77 43.88
N ASP A 341 4.61 -3.13 43.13
CA ASP A 341 5.50 -2.16 42.51
C ASP A 341 6.15 -2.76 41.27
N ASP A 342 5.71 -2.31 40.10
CA ASP A 342 6.20 -2.83 38.82
C ASP A 342 6.98 -1.78 38.00
N GLN A 343 7.56 -0.81 38.70
CA GLN A 343 8.45 0.16 38.06
C GLN A 343 9.80 0.19 38.78
N VAL A 344 10.18 -0.95 39.37
CA VAL A 344 11.46 -1.05 40.07
C VAL A 344 12.54 -1.61 39.15
N GLY A 345 13.78 -1.15 39.38
CA GLY A 345 14.95 -1.66 38.69
C GLY A 345 15.98 -2.09 39.71
N LYS A 346 16.92 -2.94 39.28
CA LYS A 346 17.98 -3.44 40.15
C LYS A 346 19.35 -3.17 39.55
N VAL A 347 20.21 -2.46 40.27
CA VAL A 347 21.63 -2.31 39.89
C VAL A 347 22.53 -2.97 40.92
N SER A 348 23.57 -3.64 40.43
CA SER A 348 24.45 -4.43 41.29
C SER A 348 25.90 -4.28 40.86
N LEU A 349 26.80 -4.35 41.85
CA LEU A 349 28.24 -4.43 41.60
C LEU A 349 28.70 -5.85 41.96
N VAL A 350 29.57 -6.42 41.15
CA VAL A 350 30.11 -7.75 41.42
C VAL A 350 31.63 -7.71 41.31
N GLY A 351 32.30 -8.38 42.24
CA GLY A 351 33.74 -8.50 42.20
C GLY A 351 34.30 -9.22 43.42
N ALA A 352 35.24 -10.12 43.19
CA ALA A 352 35.98 -10.78 44.27
C ALA A 352 36.72 -9.76 45.13
N GLY A 353 37.07 -8.63 44.51
CA GLY A 353 37.78 -7.54 45.18
C GLY A 353 37.07 -6.91 46.36
N MET A 354 35.76 -7.12 46.48
CA MET A 354 35.00 -6.56 47.61
C MET A 354 34.89 -7.51 48.82
N LYS A 355 35.29 -8.76 48.64
CA LYS A 355 35.27 -9.73 49.73
C LYS A 355 36.06 -9.21 50.95
N SER A 356 37.32 -8.82 50.71
CA SER A 356 38.23 -8.45 51.78
C SER A 356 38.70 -6.99 51.68
N HIS A 357 37.80 -6.10 51.26
CA HIS A 357 38.11 -4.67 51.15
C HIS A 357 36.96 -3.82 51.69
N PRO A 358 37.16 -3.20 52.87
CA PRO A 358 36.16 -2.25 53.39
C PRO A 358 36.04 -1.01 52.50
N GLY A 359 34.91 -0.31 52.60
CA GLY A 359 34.68 0.92 51.84
C GLY A 359 34.16 0.76 50.43
N VAL A 360 34.03 -0.48 49.94
CA VAL A 360 33.45 -0.74 48.63
C VAL A 360 31.96 -0.43 48.69
N THR A 361 31.29 -0.97 49.71
CA THR A 361 29.90 -0.63 49.98
C THR A 361 29.78 0.89 50.11
N ALA A 362 30.72 1.50 50.85
CA ALA A 362 30.73 2.94 51.06
C ALA A 362 30.78 3.71 49.75
N GLU A 363 31.69 3.32 48.86
CA GLU A 363 31.81 3.96 47.55
C GLU A 363 30.56 3.78 46.70
N PHE A 364 29.94 2.61 46.80
CA PHE A 364 28.69 2.31 46.10
C PHE A 364 27.60 3.29 46.53
N MET A 365 27.40 3.42 47.85
CA MET A 365 26.32 4.25 48.38
C MET A 365 26.56 5.74 48.10
N GLU A 366 27.82 6.15 48.19
CA GLU A 366 28.22 7.52 47.88
C GLU A 366 28.07 7.79 46.38
N ALA A 367 28.38 6.78 45.57
CA ALA A 367 28.26 6.90 44.12
C ALA A 367 26.84 7.31 43.72
N LEU A 368 25.87 6.56 44.20
CA LEU A 368 24.46 6.83 43.89
C LEU A 368 24.02 8.16 44.53
N ARG A 369 24.40 8.40 45.77
CA ARG A 369 24.10 9.66 46.45
C ARG A 369 24.50 10.87 45.61
N ASP A 370 25.69 10.83 45.03
CA ASP A 370 26.22 11.96 44.26
C ASP A 370 25.46 12.19 42.95
N VAL A 371 24.77 11.16 42.46
CA VAL A 371 23.86 11.31 41.32
C VAL A 371 22.39 11.35 41.78
N ASN A 372 22.18 11.52 43.08
CA ASN A 372 20.87 11.76 43.66
C ASN A 372 19.86 10.60 43.54
N VAL A 373 20.35 9.39 43.28
CA VAL A 373 19.51 8.21 43.23
C VAL A 373 19.24 7.72 44.64
N ASN A 374 17.97 7.54 44.98
CA ASN A 374 17.59 7.02 46.29
C ASN A 374 17.59 5.49 46.32
N ILE A 375 18.13 4.94 47.40
CA ILE A 375 18.24 3.49 47.58
C ILE A 375 17.06 3.00 48.41
N GLU A 376 16.17 2.25 47.78
CA GLU A 376 14.92 1.83 48.40
C GLU A 376 15.09 0.53 49.18
N LEU A 377 15.99 -0.32 48.72
CA LEU A 377 16.15 -1.67 49.28
C LEU A 377 17.50 -2.23 48.88
N ILE A 378 18.13 -2.99 49.77
CA ILE A 378 19.49 -3.48 49.57
C ILE A 378 19.61 -4.97 49.86
N SER A 379 20.34 -5.69 49.03
CA SER A 379 20.71 -7.09 49.31
C SER A 379 22.12 -7.35 48.80
N THR A 380 22.72 -8.44 49.25
CA THR A 380 24.15 -8.67 48.97
C THR A 380 24.54 -10.14 48.98
N SER A 381 25.78 -10.38 48.57
CA SER A 381 26.47 -11.63 48.84
C SER A 381 27.90 -11.29 49.17
N GLU A 382 28.69 -12.31 49.52
CA GLU A 382 30.13 -12.15 49.74
C GLU A 382 30.73 -11.13 48.76
N ILE A 383 30.40 -11.30 47.48
CA ILE A 383 31.05 -10.53 46.41
C ILE A 383 30.07 -9.72 45.54
N ARG A 384 28.86 -9.51 46.02
CA ARG A 384 27.86 -8.70 45.30
C ARG A 384 27.13 -7.76 46.21
N ILE A 385 26.85 -6.56 45.72
CA ILE A 385 25.88 -5.66 46.33
C ILE A 385 24.79 -5.40 45.29
N SER A 386 23.53 -5.46 45.71
CA SER A 386 22.41 -5.10 44.85
C SER A 386 21.54 -4.10 45.59
N VAL A 387 21.02 -3.11 44.87
CA VAL A 387 19.98 -2.24 45.40
C VAL A 387 18.79 -2.22 44.46
N LEU A 388 17.62 -1.93 45.01
CA LEU A 388 16.42 -1.70 44.21
C LEU A 388 16.16 -0.20 44.12
N ILE A 389 16.00 0.29 42.89
CA ILE A 389 15.77 1.71 42.63
C ILE A 389 14.63 1.89 41.62
N ARG A 390 14.16 3.12 41.47
CA ARG A 390 13.25 3.46 40.38
C ARG A 390 13.90 3.09 39.04
N GLU A 391 13.13 2.42 38.18
CA GLU A 391 13.63 2.01 36.87
C GLU A 391 14.18 3.20 36.08
N ASP A 392 13.58 4.38 36.27
CA ASP A 392 14.05 5.59 35.60
C ASP A 392 15.48 5.98 35.98
N ASP A 393 15.92 5.58 37.17
CA ASP A 393 17.27 5.89 37.64
C ASP A 393 18.34 4.86 37.21
N LEU A 394 17.91 3.73 36.63
CA LEU A 394 18.83 2.64 36.28
C LEU A 394 20.07 3.08 35.52
N ASP A 395 19.86 3.66 34.33
CA ASP A 395 20.95 4.07 33.45
C ASP A 395 21.93 5.01 34.16
N ALA A 396 21.38 5.99 34.87
CA ALA A 396 22.18 6.94 35.62
C ALA A 396 22.98 6.24 36.73
N ALA A 397 22.33 5.34 37.46
CA ALA A 397 22.98 4.61 38.54
C ALA A 397 24.12 3.73 38.04
N ALA A 398 23.88 3.05 36.91
CA ALA A 398 24.85 2.15 36.32
C ALA A 398 26.11 2.92 35.88
N ARG A 399 25.91 4.06 35.21
CA ARG A 399 27.03 4.89 34.79
C ARG A 399 27.79 5.45 35.97
N ALA A 400 27.07 5.81 37.02
CA ALA A 400 27.68 6.32 38.25
C ALA A 400 28.58 5.25 38.86
N LEU A 401 28.03 4.06 39.04
CA LEU A 401 28.78 2.95 39.61
C LEU A 401 29.97 2.54 38.74
N HIS A 402 29.79 2.56 37.42
CA HIS A 402 30.86 2.14 36.51
C HIS A 402 32.07 3.05 36.59
N GLU A 403 31.83 4.36 36.60
CA GLU A 403 32.93 5.34 36.69
C GLU A 403 33.43 5.57 38.12
N GLN A 404 32.59 5.32 39.11
CA GLN A 404 33.05 5.38 40.51
C GLN A 404 34.23 4.42 40.71
N PHE A 405 34.04 3.17 40.30
CA PHE A 405 35.05 2.12 40.46
C PHE A 405 35.93 1.97 39.21
N GLN A 406 35.80 2.92 38.29
CA GLN A 406 36.72 3.08 37.15
C GLN A 406 36.91 1.79 36.35
N LEU A 407 35.79 1.19 35.93
CA LEU A 407 35.81 -0.09 35.21
C LEU A 407 36.06 0.09 33.71
N GLY A 408 35.89 1.31 33.22
CA GLY A 408 35.98 1.58 31.78
C GLY A 408 37.34 2.04 31.31
N GLY A 409 37.48 2.18 29.99
CA GLY A 409 38.73 2.64 29.38
C GLY A 409 38.49 3.41 28.10
N MET B 1 15.24 -26.48 31.77
CA MET B 1 14.24 -25.38 31.87
C MET B 1 13.76 -25.19 33.30
N GLU B 2 13.19 -26.24 33.89
CA GLU B 2 12.44 -26.14 35.16
C GLU B 2 13.23 -26.57 36.41
N GLU B 3 14.04 -27.62 36.27
CA GLU B 3 14.81 -28.15 37.40
C GLU B 3 16.01 -27.25 37.74
N ALA B 4 16.30 -27.16 39.04
CA ALA B 4 17.39 -26.32 39.55
C ALA B 4 18.48 -27.22 40.12
N VAL B 5 19.72 -26.98 39.72
CA VAL B 5 20.85 -27.73 40.27
C VAL B 5 21.23 -27.14 41.64
N LEU B 6 21.15 -27.98 42.67
CA LEU B 6 21.53 -27.60 44.03
C LEU B 6 22.83 -28.32 44.36
N THR B 7 23.81 -27.59 44.90
CA THR B 7 25.15 -28.14 45.10
C THR B 7 25.54 -28.42 46.55
N GLY B 8 24.84 -27.83 47.51
CA GLY B 8 25.13 -28.09 48.93
C GLY B 8 24.59 -27.07 49.92
N VAL B 9 24.71 -27.40 51.20
CA VAL B 9 24.25 -26.54 52.30
C VAL B 9 25.44 -26.07 53.13
N ALA B 10 25.47 -24.77 53.44
CA ALA B 10 26.57 -24.17 54.21
C ALA B 10 26.03 -23.58 55.51
N THR B 11 26.81 -23.74 56.59
CA THR B 11 26.54 -23.07 57.86
C THR B 11 27.73 -22.17 58.18
N ASP B 12 27.51 -21.20 59.06
CA ASP B 12 28.57 -20.31 59.49
C ASP B 12 28.16 -19.58 60.77
N LYS B 13 29.06 -19.58 61.75
CA LYS B 13 28.82 -18.91 63.03
C LYS B 13 29.97 -17.94 63.34
N SER B 14 30.55 -17.36 62.29
CA SER B 14 31.78 -16.58 62.43
C SER B 14 31.51 -15.09 62.63
N GLU B 15 30.27 -14.67 62.45
CA GLU B 15 29.95 -13.25 62.47
C GLU B 15 28.81 -12.87 63.42
N ALA B 16 28.71 -11.57 63.68
CA ALA B 16 27.61 -10.98 64.43
C ALA B 16 26.84 -10.05 63.50
N LYS B 17 25.60 -9.74 63.84
CA LYS B 17 24.82 -8.79 63.06
C LYS B 17 24.53 -7.51 63.85
N VAL B 18 24.61 -6.38 63.15
CA VAL B 18 24.33 -5.07 63.70
C VAL B 18 23.16 -4.49 62.92
N THR B 19 22.25 -3.82 63.62
CA THR B 19 21.05 -3.30 62.99
C THR B 19 20.83 -1.83 63.36
N VAL B 20 21.01 -0.95 62.37
CA VAL B 20 20.68 0.46 62.53
C VAL B 20 19.17 0.61 62.33
N LEU B 21 18.48 1.16 63.32
CA LEU B 21 17.03 1.27 63.31
C LEU B 21 16.56 2.69 62.98
N GLY B 22 15.64 2.81 62.04
CA GLY B 22 14.98 4.09 61.76
C GLY B 22 15.82 5.06 60.93
N ILE B 23 16.61 4.51 60.02
CA ILE B 23 17.35 5.32 59.05
C ILE B 23 16.36 5.96 58.09
N SER B 24 16.45 7.29 57.93
CA SER B 24 15.53 8.05 57.08
C SER B 24 15.76 7.73 55.59
N ASP B 25 14.69 7.39 54.87
CA ASP B 25 14.81 6.87 53.49
C ASP B 25 15.01 7.99 52.46
N LYS B 26 16.19 8.59 52.46
CA LYS B 26 16.53 9.62 51.47
C LYS B 26 17.99 9.51 51.02
N PRO B 27 18.30 10.02 49.81
CA PRO B 27 19.65 9.86 49.25
C PRO B 27 20.77 10.32 50.19
N GLY B 28 21.75 9.45 50.41
CA GLY B 28 22.95 9.78 51.18
C GLY B 28 23.00 9.24 52.60
N GLU B 29 21.90 8.66 53.07
CA GLU B 29 21.83 8.21 54.47
C GLU B 29 22.51 6.86 54.65
N ALA B 30 22.38 5.96 53.68
CA ALA B 30 23.15 4.72 53.69
C ALA B 30 24.66 5.04 53.71
N ALA B 31 25.08 6.01 52.89
CA ALA B 31 26.49 6.40 52.82
C ALA B 31 27.07 6.76 54.19
N LYS B 32 26.31 7.50 54.99
CA LYS B 32 26.74 7.90 56.33
C LYS B 32 27.17 6.69 57.15
N VAL B 33 26.34 5.65 57.13
CA VAL B 33 26.55 4.48 57.99
C VAL B 33 27.76 3.65 57.51
N PHE B 34 27.86 3.43 56.21
CA PHE B 34 28.88 2.51 55.71
C PHE B 34 30.24 3.17 55.51
N ARG B 35 30.27 4.49 55.39
CA ARG B 35 31.52 5.24 55.36
C ARG B 35 32.16 5.22 56.74
N ALA B 36 31.35 5.31 57.80
CA ALA B 36 31.84 5.22 59.17
C ALA B 36 32.57 3.90 59.43
N LEU B 37 31.96 2.80 58.98
CA LEU B 37 32.53 1.47 59.15
C LEU B 37 33.78 1.30 58.31
N ALA B 38 33.76 1.88 57.11
CA ALA B 38 34.87 1.81 56.19
C ALA B 38 36.10 2.54 56.74
N ASP B 39 35.86 3.70 57.33
CA ASP B 39 36.92 4.48 57.97
C ASP B 39 37.53 3.73 59.15
N ALA B 40 36.73 2.92 59.84
CA ALA B 40 37.21 2.10 60.94
C ALA B 40 37.71 0.71 60.48
N GLU B 41 37.81 0.51 59.17
CA GLU B 41 38.31 -0.73 58.57
C GLU B 41 37.49 -1.97 58.94
N ILE B 42 36.19 -1.79 59.18
CA ILE B 42 35.31 -2.90 59.52
C ILE B 42 34.81 -3.56 58.23
N ASN B 43 35.38 -4.72 57.90
CA ASN B 43 34.99 -5.46 56.72
C ASN B 43 33.64 -6.14 56.95
N ILE B 44 32.59 -5.57 56.36
CA ILE B 44 31.24 -6.13 56.50
C ILE B 44 30.97 -7.08 55.33
N ASP B 45 30.11 -8.07 55.56
CA ASP B 45 29.74 -9.04 54.53
C ASP B 45 28.34 -8.73 53.99
N MET B 46 27.30 -9.33 54.57
CA MET B 46 25.98 -9.20 53.99
C MET B 46 25.27 -7.98 54.57
N VAL B 47 24.65 -7.20 53.69
CA VAL B 47 23.84 -6.06 54.07
C VAL B 47 22.44 -6.31 53.56
N LEU B 48 21.44 -5.88 54.34
CA LEU B 48 20.05 -6.00 53.91
C LEU B 48 19.21 -4.83 54.41
N GLN B 49 18.58 -4.14 53.48
CA GLN B 49 17.64 -3.05 53.79
C GLN B 49 16.33 -3.35 53.06
N ASN B 50 15.23 -3.37 53.80
CA ASN B 50 13.92 -3.56 53.20
C ASN B 50 13.27 -2.20 52.98
N VAL B 51 12.04 -2.19 52.46
CA VAL B 51 11.34 -0.94 52.12
C VAL B 51 10.97 -0.09 53.34
N SER B 52 10.92 1.22 53.15
CA SER B 52 10.59 2.16 54.23
C SER B 52 9.07 2.30 54.44
N SER B 53 8.66 2.49 55.68
CA SER B 53 7.25 2.68 56.00
C SER B 53 6.74 3.99 55.40
N VAL B 54 5.48 3.99 55.00
CA VAL B 54 4.83 5.18 54.46
C VAL B 54 4.59 6.21 55.57
N GLU B 55 4.36 5.70 56.79
CA GLU B 55 4.01 6.53 57.95
C GLU B 55 5.16 7.41 58.44
N ASP B 56 6.37 6.85 58.46
CA ASP B 56 7.56 7.56 58.94
C ASP B 56 8.44 8.05 57.79
N GLY B 57 8.58 7.23 56.75
CA GLY B 57 9.58 7.46 55.72
C GLY B 57 10.95 7.07 56.23
N THR B 58 11.00 5.99 57.01
CA THR B 58 12.24 5.46 57.57
C THR B 58 12.32 3.95 57.39
N THR B 59 13.54 3.41 57.49
CA THR B 59 13.78 1.97 57.37
C THR B 59 14.81 1.52 58.39
N ASP B 60 15.13 0.22 58.37
CA ASP B 60 16.26 -0.31 59.12
C ASP B 60 17.31 -0.82 58.13
N ILE B 61 18.56 -0.84 58.57
CA ILE B 61 19.64 -1.44 57.81
C ILE B 61 20.38 -2.43 58.72
N THR B 62 20.40 -3.70 58.33
CA THR B 62 21.14 -4.72 59.06
C THR B 62 22.35 -5.19 58.24
N PHE B 63 23.50 -5.35 58.90
CA PHE B 63 24.68 -5.91 58.25
C PHE B 63 25.40 -6.90 59.15
N THR B 64 26.18 -7.80 58.56
CA THR B 64 27.02 -8.71 59.33
C THR B 64 28.48 -8.31 59.20
N CYS B 65 29.29 -8.79 60.14
CA CYS B 65 30.72 -8.55 60.14
C CYS B 65 31.37 -9.55 61.07
N PRO B 66 32.70 -9.74 60.96
CA PRO B 66 33.38 -10.68 61.85
C PRO B 66 32.98 -10.47 63.31
N ARG B 67 32.70 -11.57 64.02
CA ARG B 67 32.16 -11.52 65.39
C ARG B 67 33.02 -10.68 66.32
N SER B 68 34.34 -10.68 66.10
CA SER B 68 35.28 -9.86 66.89
C SER B 68 35.02 -8.36 66.70
N ASP B 69 34.90 -7.93 65.45
CA ASP B 69 34.60 -6.52 65.13
C ASP B 69 33.15 -6.12 65.43
N GLY B 70 32.36 -7.03 66.00
CA GLY B 70 30.94 -6.81 66.24
C GLY B 70 30.61 -5.63 67.14
N ARG B 71 30.94 -5.74 68.42
CA ARG B 71 30.62 -4.69 69.40
C ARG B 71 31.20 -3.34 69.01
N ARG B 72 32.41 -3.36 68.45
CA ARG B 72 33.04 -2.16 67.91
C ARG B 72 32.15 -1.50 66.88
N ALA B 73 31.66 -2.30 65.94
CA ALA B 73 30.80 -1.80 64.85
C ALA B 73 29.61 -1.01 65.36
N MET B 74 28.83 -1.61 66.26
CA MET B 74 27.64 -0.96 66.78
C MET B 74 28.00 0.33 67.51
N GLU B 75 29.17 0.33 68.15
CA GLU B 75 29.63 1.49 68.93
C GLU B 75 30.03 2.68 68.06
N ILE B 76 30.65 2.43 66.91
CA ILE B 76 30.99 3.53 65.98
C ILE B 76 29.69 4.24 65.62
N LEU B 77 28.71 3.45 65.19
CA LEU B 77 27.40 3.95 64.80
C LEU B 77 26.71 4.62 65.99
N LYS B 78 26.55 3.89 67.08
CA LYS B 78 25.88 4.41 68.28
C LYS B 78 26.46 5.77 68.73
N LYS B 79 27.76 5.98 68.53
CA LYS B 79 28.40 7.25 68.89
C LYS B 79 28.11 8.40 67.90
N LEU B 80 27.67 8.05 66.69
CA LEU B 80 27.30 9.05 65.68
C LEU B 80 25.78 9.13 65.50
N GLN B 81 25.03 8.87 66.57
CA GLN B 81 23.57 8.90 66.54
C GLN B 81 23.03 10.31 66.81
N VAL B 82 23.73 11.07 67.63
CA VAL B 82 23.34 12.44 68.05
C VAL B 82 22.14 13.11 67.37
N GLN B 83 22.11 13.10 66.04
CA GLN B 83 21.10 13.85 65.29
C GLN B 83 19.75 13.10 65.33
N GLY B 84 18.86 13.41 64.38
CA GLY B 84 17.65 12.61 64.19
C GLY B 84 17.89 11.37 63.34
N ASN B 85 19.11 11.23 62.79
CA ASN B 85 19.43 10.19 61.80
C ASN B 85 18.85 8.79 62.05
N TRP B 86 19.04 8.23 63.24
CA TRP B 86 18.49 6.92 63.59
C TRP B 86 18.11 6.86 65.07
N THR B 87 17.15 6.01 65.41
CA THR B 87 16.63 5.92 66.78
C THR B 87 17.48 5.03 67.68
N ASN B 88 18.11 4.01 67.11
CA ASN B 88 18.84 3.01 67.90
C ASN B 88 19.83 2.23 67.04
N VAL B 89 20.78 1.57 67.67
CA VAL B 89 21.67 0.62 67.00
C VAL B 89 21.81 -0.63 67.87
N LEU B 90 21.32 -1.77 67.36
CA LEU B 90 21.34 -3.03 68.09
C LEU B 90 22.55 -3.88 67.73
N TYR B 91 22.78 -4.92 68.55
CA TYR B 91 23.97 -5.76 68.43
C TYR B 91 23.63 -7.19 68.83
N ASP B 92 23.99 -8.14 67.98
CA ASP B 92 23.70 -9.56 68.21
C ASP B 92 24.92 -10.41 67.86
N ASP B 93 25.54 -11.00 68.89
CA ASP B 93 26.75 -11.80 68.71
C ASP B 93 26.50 -13.31 68.83
N GLN B 94 25.23 -13.73 68.70
CA GLN B 94 24.87 -15.15 68.78
C GLN B 94 24.10 -15.59 67.54
N VAL B 95 24.32 -14.92 66.41
CA VAL B 95 23.57 -15.18 65.19
C VAL B 95 24.31 -16.17 64.28
N GLY B 96 23.56 -17.11 63.70
CA GLY B 96 24.09 -18.08 62.75
C GLY B 96 23.52 -17.82 61.37
N LYS B 97 24.02 -18.54 60.36
CA LYS B 97 23.63 -18.33 58.98
C LYS B 97 23.68 -19.63 58.18
N VAL B 98 22.51 -20.15 57.82
CA VAL B 98 22.41 -21.35 56.98
C VAL B 98 22.00 -20.95 55.57
N SER B 99 22.55 -21.64 54.57
CA SER B 99 22.32 -21.29 53.17
C SER B 99 22.27 -22.48 52.22
N LEU B 100 21.38 -22.39 51.22
CA LEU B 100 21.32 -23.39 50.15
C LEU B 100 21.97 -22.80 48.90
N VAL B 101 23.08 -23.41 48.48
CA VAL B 101 23.82 -22.96 47.30
C VAL B 101 23.45 -23.82 46.09
N GLY B 102 23.31 -23.17 44.94
CA GLY B 102 22.98 -23.87 43.69
C GLY B 102 22.85 -22.90 42.52
N ALA B 103 21.94 -23.21 41.61
CA ALA B 103 21.69 -22.37 40.44
C ALA B 103 20.32 -22.64 39.84
N GLY B 104 19.72 -21.61 39.26
CA GLY B 104 18.44 -21.73 38.57
C GLY B 104 17.26 -21.87 39.51
N MET B 105 17.28 -21.11 40.59
CA MET B 105 16.23 -21.17 41.62
C MET B 105 15.03 -20.28 41.32
N LYS B 106 15.19 -19.32 40.40
CA LYS B 106 14.12 -18.37 40.10
C LYS B 106 12.91 -19.06 39.49
N SER B 107 13.15 -19.99 38.58
CA SER B 107 12.07 -20.70 37.88
C SER B 107 11.69 -22.02 38.57
N HIS B 108 12.24 -22.25 39.76
CA HIS B 108 11.87 -23.40 40.57
C HIS B 108 11.45 -22.87 41.94
N PRO B 109 10.34 -22.11 41.99
CA PRO B 109 9.95 -21.41 43.22
C PRO B 109 9.66 -22.34 44.39
N GLY B 110 9.25 -23.58 44.09
CA GLY B 110 9.05 -24.61 45.12
C GLY B 110 10.25 -24.83 46.02
N VAL B 111 11.46 -24.58 45.51
CA VAL B 111 12.68 -24.68 46.32
C VAL B 111 12.65 -23.71 47.51
N THR B 112 12.34 -22.44 47.23
CA THR B 112 12.23 -21.44 48.28
C THR B 112 11.20 -21.87 49.32
N ALA B 113 10.00 -22.22 48.84
CA ALA B 113 8.94 -22.76 49.70
C ALA B 113 9.44 -23.93 50.56
N GLU B 114 10.09 -24.91 49.93
CA GLU B 114 10.61 -26.08 50.64
C GLU B 114 11.69 -25.72 51.66
N PHE B 115 12.43 -24.64 51.40
CA PHE B 115 13.46 -24.17 52.31
C PHE B 115 12.83 -23.67 53.62
N MET B 116 11.80 -22.83 53.51
CA MET B 116 11.06 -22.33 54.68
C MET B 116 10.36 -23.47 55.43
N GLU B 117 9.80 -24.41 54.67
CA GLU B 117 9.08 -25.56 55.24
C GLU B 117 10.01 -26.50 55.99
N ALA B 118 11.22 -26.68 55.48
CA ALA B 118 12.24 -27.47 56.16
C ALA B 118 12.51 -26.90 57.56
N LEU B 119 12.86 -25.61 57.61
CA LEU B 119 13.17 -24.95 58.87
C LEU B 119 11.96 -24.85 59.80
N ARG B 120 10.78 -24.65 59.21
CA ARG B 120 9.54 -24.65 59.98
C ARG B 120 9.36 -25.97 60.73
N ASP B 121 9.47 -27.08 60.02
CA ASP B 121 9.16 -28.39 60.58
C ASP B 121 10.19 -28.90 61.59
N VAL B 122 11.34 -28.23 61.70
CA VAL B 122 12.25 -28.42 62.84
C VAL B 122 12.17 -27.21 63.79
N ASN B 123 11.00 -26.59 63.84
CA ASN B 123 10.71 -25.45 64.71
C ASN B 123 11.88 -24.45 64.85
N VAL B 124 12.40 -24.02 63.70
CA VAL B 124 13.47 -23.02 63.65
C VAL B 124 12.93 -21.71 63.04
N ASN B 125 13.14 -20.60 63.73
CA ASN B 125 12.61 -19.32 63.30
C ASN B 125 13.57 -18.58 62.36
N ILE B 126 13.08 -18.25 61.17
CA ILE B 126 13.87 -17.53 60.17
C ILE B 126 13.80 -16.04 60.50
N GLU B 127 14.94 -15.46 60.88
CA GLU B 127 14.99 -14.09 61.38
C GLU B 127 15.31 -13.08 60.29
N LEU B 128 16.13 -13.48 59.33
CA LEU B 128 16.41 -12.64 58.16
C LEU B 128 16.53 -13.51 56.93
N ILE B 129 16.17 -12.94 55.77
CA ILE B 129 16.21 -13.68 54.52
C ILE B 129 16.88 -12.81 53.47
N SER B 130 17.86 -13.37 52.77
CA SER B 130 18.52 -12.70 51.66
C SER B 130 18.87 -13.76 50.60
N THR B 131 18.04 -13.87 49.58
CA THR B 131 18.20 -14.90 48.57
C THR B 131 18.44 -14.31 47.18
N SER B 132 18.77 -15.19 46.24
CA SER B 132 18.92 -14.82 44.84
C SER B 132 18.79 -16.10 44.01
N GLU B 133 19.06 -15.99 42.71
CA GLU B 133 18.92 -17.11 41.78
C GLU B 133 19.91 -18.26 42.04
N ILE B 134 20.99 -17.96 42.74
CA ILE B 134 22.04 -18.95 43.00
C ILE B 134 22.36 -19.11 44.49
N ARG B 135 21.46 -18.62 45.35
CA ARG B 135 21.74 -18.52 46.78
C ARG B 135 20.46 -18.27 47.58
N ILE B 136 20.26 -19.09 48.61
CA ILE B 136 19.26 -18.81 49.64
C ILE B 136 19.98 -18.79 50.98
N SER B 137 20.01 -17.62 51.61
CA SER B 137 20.62 -17.45 52.92
C SER B 137 19.58 -16.94 53.90
N VAL B 138 19.60 -17.50 55.11
CA VAL B 138 18.80 -17.00 56.21
C VAL B 138 19.68 -16.88 57.44
N LEU B 139 19.37 -15.90 58.28
CA LEU B 139 20.01 -15.78 59.58
C LEU B 139 19.04 -16.30 60.62
N ILE B 140 19.56 -17.13 61.53
CA ILE B 140 18.78 -17.69 62.63
C ILE B 140 19.64 -17.68 63.88
N ARG B 141 19.16 -18.28 64.97
CA ARG B 141 19.95 -18.36 66.20
C ARG B 141 21.06 -19.38 66.01
N GLU B 142 22.28 -19.06 66.45
CA GLU B 142 23.43 -19.92 66.22
C GLU B 142 23.22 -21.34 66.74
N ASP B 143 22.42 -21.48 67.80
CA ASP B 143 22.08 -22.80 68.36
C ASP B 143 21.17 -23.65 67.47
N ASP B 144 20.54 -23.04 66.46
CA ASP B 144 19.65 -23.77 65.54
C ASP B 144 20.34 -24.23 64.25
N LEU B 145 21.64 -23.99 64.13
CA LEU B 145 22.40 -24.43 62.94
C LEU B 145 22.36 -25.95 62.72
N ASP B 146 22.63 -26.71 63.78
CA ASP B 146 22.54 -28.17 63.75
C ASP B 146 21.23 -28.62 63.11
N ALA B 147 20.12 -28.17 63.69
CA ALA B 147 18.78 -28.61 63.28
C ALA B 147 18.35 -28.05 61.91
N ALA B 148 18.88 -26.90 61.53
CA ALA B 148 18.58 -26.30 60.23
C ALA B 148 19.24 -27.10 59.11
N ALA B 149 20.52 -27.41 59.29
CA ALA B 149 21.29 -28.16 58.29
C ALA B 149 20.71 -29.55 58.04
N ARG B 150 20.37 -30.27 59.11
CA ARG B 150 19.78 -31.61 58.99
C ARG B 150 18.42 -31.58 58.27
N ALA B 151 17.65 -30.53 58.52
CA ALA B 151 16.37 -30.33 57.84
C ALA B 151 16.59 -30.07 56.35
N LEU B 152 17.50 -29.15 56.05
CA LEU B 152 17.81 -28.80 54.66
C LEU B 152 18.55 -29.93 53.93
N HIS B 153 19.37 -30.68 54.65
CA HIS B 153 20.02 -31.87 54.08
C HIS B 153 18.97 -32.91 53.70
N GLU B 154 18.10 -33.24 54.65
CA GLU B 154 17.04 -34.23 54.44
C GLU B 154 16.11 -33.81 53.31
N GLN B 155 15.62 -32.57 53.38
CA GLN B 155 14.62 -32.06 52.44
C GLN B 155 15.10 -32.13 50.98
N PHE B 156 16.26 -31.54 50.70
CA PHE B 156 16.80 -31.49 49.34
C PHE B 156 17.73 -32.65 49.01
N GLN B 157 17.97 -33.53 49.99
CA GLN B 157 18.81 -34.72 49.80
C GLN B 157 20.23 -34.36 49.35
N LEU B 158 20.90 -33.51 50.12
CA LEU B 158 22.19 -32.94 49.71
C LEU B 158 23.38 -33.40 50.56
N GLY B 159 24.53 -33.50 49.89
CA GLY B 159 25.78 -33.94 50.51
C GLY B 159 26.81 -34.30 49.45
N GLY B 160 27.95 -34.83 49.88
CA GLY B 160 29.00 -35.32 48.98
C GLY B 160 29.43 -34.34 47.88
N ALA C 2 -10.68 -55.70 16.09
CA ALA C 2 -10.16 -55.48 14.70
C ALA C 2 -8.89 -54.62 14.71
N LEU C 3 -8.18 -54.62 13.60
CA LEU C 3 -6.90 -53.90 13.49
C LEU C 3 -6.97 -52.88 12.38
N VAL C 4 -6.73 -51.62 12.71
CA VAL C 4 -6.74 -50.54 11.73
C VAL C 4 -5.39 -49.81 11.73
N VAL C 5 -4.83 -49.64 10.54
CA VAL C 5 -3.63 -48.83 10.35
C VAL C 5 -4.07 -47.49 9.74
N GLN C 6 -3.48 -46.39 10.20
CA GLN C 6 -3.87 -45.06 9.73
C GLN C 6 -2.66 -44.20 9.40
N LYS C 7 -2.57 -43.74 8.16
CA LYS C 7 -1.49 -42.85 7.78
C LYS C 7 -2.01 -41.43 7.69
N TYR C 8 -1.24 -40.47 8.20
CA TYR C 8 -1.57 -39.05 8.12
C TYR C 8 -0.39 -38.30 7.52
N GLY C 9 -0.63 -37.57 6.43
CA GLY C 9 0.43 -36.84 5.73
C GLY C 9 0.66 -35.48 6.35
N GLY C 10 1.63 -34.73 5.81
CA GLY C 10 1.99 -33.41 6.32
C GLY C 10 0.85 -32.41 6.42
N SER C 11 0.00 -32.41 5.40
CA SER C 11 -1.20 -31.55 5.39
C SER C 11 -2.09 -31.82 6.61
N SER C 12 -2.36 -33.10 6.88
CA SER C 12 -3.21 -33.50 8.00
C SER C 12 -2.63 -33.11 9.36
N LEU C 13 -1.31 -32.91 9.41
CA LEU C 13 -0.61 -32.59 10.65
C LEU C 13 0.10 -31.23 10.54
N GLU C 14 -0.49 -30.33 9.76
CA GLU C 14 0.08 -29.00 9.48
C GLU C 14 0.21 -28.12 10.73
N SER C 15 -0.65 -28.32 11.72
CA SER C 15 -0.70 -27.46 12.90
C SER C 15 -1.14 -28.20 14.17
N ALA C 16 -0.99 -27.53 15.31
CA ALA C 16 -1.37 -28.10 16.60
C ALA C 16 -2.87 -28.45 16.68
N GLU C 17 -3.72 -27.46 16.38
CA GLU C 17 -5.16 -27.66 16.37
C GLU C 17 -5.54 -28.81 15.45
N ARG C 18 -4.92 -28.85 14.27
CA ARG C 18 -5.11 -29.92 13.32
C ARG C 18 -4.59 -31.26 13.87
N ILE C 19 -3.48 -31.23 14.60
CA ILE C 19 -2.92 -32.43 15.21
C ILE C 19 -3.84 -32.98 16.31
N ARG C 20 -4.42 -32.07 17.09
CA ARG C 20 -5.38 -32.46 18.13
C ARG C 20 -6.66 -33.03 17.53
N ASN C 21 -7.10 -32.46 16.41
CA ASN C 21 -8.26 -32.98 15.71
C ASN C 21 -7.99 -34.39 15.20
N VAL C 22 -6.86 -34.58 14.52
CA VAL C 22 -6.41 -35.91 14.10
C VAL C 22 -6.34 -36.87 15.29
N ALA C 23 -5.84 -36.38 16.42
CA ALA C 23 -5.72 -37.20 17.63
C ALA C 23 -7.07 -37.74 18.13
N GLU C 24 -8.13 -36.93 18.02
CA GLU C 24 -9.44 -37.35 18.50
C GLU C 24 -9.99 -38.47 17.62
N ARG C 25 -9.78 -38.33 16.31
CA ARG C 25 -10.13 -39.37 15.35
C ARG C 25 -9.42 -40.70 15.64
N ILE C 26 -8.15 -40.62 16.02
CA ILE C 26 -7.38 -41.83 16.38
C ILE C 26 -7.96 -42.51 17.63
N VAL C 27 -8.29 -41.72 18.65
CA VAL C 27 -8.88 -42.24 19.87
C VAL C 27 -10.30 -42.76 19.62
N ALA C 28 -11.01 -42.08 18.73
CA ALA C 28 -12.35 -42.51 18.30
C ALA C 28 -12.29 -43.89 17.65
N THR C 29 -11.25 -44.14 16.86
CA THR C 29 -11.07 -45.43 16.22
C THR C 29 -10.69 -46.51 17.23
N LYS C 30 -9.90 -46.14 18.23
CA LYS C 30 -9.60 -47.04 19.35
C LYS C 30 -10.89 -47.35 20.10
N LYS C 31 -11.62 -46.31 20.49
CA LYS C 31 -12.88 -46.45 21.23
C LYS C 31 -13.95 -47.26 20.48
N ALA C 32 -13.93 -47.22 19.15
CA ALA C 32 -14.86 -48.02 18.34
C ALA C 32 -14.61 -49.52 18.43
N GLY C 33 -13.48 -49.92 19.04
CA GLY C 33 -13.19 -51.32 19.30
C GLY C 33 -12.12 -51.90 18.39
N ASN C 34 -11.06 -51.14 18.16
CA ASN C 34 -9.99 -51.54 17.24
C ASN C 34 -8.60 -51.36 17.84
N ASP C 35 -7.68 -52.23 17.45
CA ASP C 35 -6.26 -51.98 17.66
C ASP C 35 -5.84 -50.98 16.60
N VAL C 36 -5.27 -49.86 17.02
CA VAL C 36 -4.94 -48.78 16.09
C VAL C 36 -3.44 -48.55 16.03
N VAL C 37 -2.90 -48.59 14.82
CA VAL C 37 -1.52 -48.21 14.54
C VAL C 37 -1.52 -46.97 13.67
N VAL C 38 -0.65 -46.01 13.97
CA VAL C 38 -0.59 -44.73 13.26
C VAL C 38 0.79 -44.45 12.67
N VAL C 39 0.84 -44.06 11.39
CA VAL C 39 2.07 -43.63 10.74
C VAL C 39 1.98 -42.15 10.38
N CYS C 40 2.96 -41.37 10.83
CA CYS C 40 2.97 -39.93 10.61
C CYS C 40 4.10 -39.52 9.70
N SER C 41 3.78 -38.69 8.71
CA SER C 41 4.79 -37.94 7.97
C SER C 41 5.12 -36.71 8.81
N ALA C 42 6.22 -36.03 8.48
CA ALA C 42 6.58 -34.80 9.18
C ALA C 42 5.50 -33.75 8.94
N MET C 43 5.48 -32.72 9.77
CA MET C 43 4.45 -31.67 9.67
C MET C 43 4.62 -30.89 8.38
N GLY C 44 3.51 -30.64 7.69
CA GLY C 44 3.50 -29.76 6.52
C GLY C 44 4.51 -30.10 5.44
N ASP C 45 5.47 -29.20 5.22
CA ASP C 45 6.49 -29.35 4.19
C ASP C 45 7.87 -29.55 4.80
N THR C 46 7.90 -29.99 6.06
CA THR C 46 9.15 -30.15 6.81
C THR C 46 10.18 -30.98 6.04
N THR C 47 9.74 -32.09 5.47
CA THR C 47 10.63 -33.01 4.75
C THR C 47 11.29 -32.33 3.56
N ASP C 48 10.53 -31.55 2.80
CA ASP C 48 11.07 -30.80 1.66
C ASP C 48 12.04 -29.73 2.13
N GLU C 49 11.65 -28.99 3.17
CA GLU C 49 12.48 -27.93 3.73
C GLU C 49 13.77 -28.51 4.30
N LEU C 50 13.68 -29.69 4.89
CA LEU C 50 14.86 -30.41 5.39
C LEU C 50 15.74 -30.91 4.25
N LEU C 51 15.12 -31.39 3.18
CA LEU C 51 15.85 -31.83 1.98
C LEU C 51 16.59 -30.66 1.33
N GLU C 52 15.94 -29.50 1.28
CA GLU C 52 16.56 -28.27 0.78
C GLU C 52 17.79 -27.96 1.62
N LEU C 53 17.59 -28.00 2.93
CA LEU C 53 18.63 -27.64 3.88
C LEU C 53 19.81 -28.60 3.78
N ALA C 54 19.54 -29.89 3.63
CA ALA C 54 20.59 -30.91 3.50
C ALA C 54 21.48 -30.63 2.27
N ALA C 55 20.84 -30.39 1.13
CA ALA C 55 21.58 -30.11 -0.11
C ALA C 55 22.45 -28.86 0.01
N ALA C 56 21.95 -27.85 0.74
CA ALA C 56 22.66 -26.58 0.92
C ALA C 56 23.93 -26.72 1.78
N VAL C 57 23.90 -27.64 2.76
CA VAL C 57 25.06 -27.85 3.63
C VAL C 57 26.07 -28.83 3.03
N ASN C 58 25.60 -29.70 2.14
CA ASN C 58 26.46 -30.69 1.49
C ASN C 58 25.77 -31.20 0.23
N PRO C 59 26.41 -31.05 -0.94
CA PRO C 59 25.72 -31.43 -2.19
C PRO C 59 25.44 -32.94 -2.32
N VAL C 60 26.27 -33.77 -1.71
CA VAL C 60 26.07 -35.22 -1.73
C VAL C 60 26.07 -35.72 -0.28
N PRO C 61 24.90 -35.63 0.39
CA PRO C 61 24.83 -35.95 1.81
C PRO C 61 25.08 -37.43 2.10
N PRO C 62 25.85 -37.73 3.16
CA PRO C 62 25.95 -39.13 3.59
C PRO C 62 24.59 -39.69 4.01
N ALA C 63 24.33 -40.94 3.64
CA ALA C 63 23.06 -41.61 3.95
C ALA C 63 22.78 -41.64 5.45
N ARG C 64 23.82 -41.78 6.25
CA ARG C 64 23.66 -41.93 7.70
C ARG C 64 23.05 -40.64 8.27
N GLU C 65 23.74 -39.51 8.05
CA GLU C 65 23.25 -38.21 8.50
C GLU C 65 21.89 -37.86 7.89
N MET C 66 21.64 -38.33 6.67
CA MET C 66 20.35 -38.09 6.01
C MET C 66 19.23 -38.86 6.73
N ASP C 67 19.47 -40.12 7.05
CA ASP C 67 18.56 -40.91 7.88
C ASP C 67 18.21 -40.14 9.16
N MET C 68 19.24 -39.62 9.84
CA MET C 68 19.08 -38.87 11.07
C MET C 68 18.22 -37.63 10.85
N LEU C 69 18.50 -36.92 9.75
CA LEU C 69 17.84 -35.65 9.44
C LEU C 69 16.34 -35.86 9.22
N LEU C 70 16.00 -36.77 8.32
CA LEU C 70 14.60 -37.02 7.99
C LEU C 70 13.84 -37.71 9.11
N THR C 71 14.52 -38.59 9.84
CA THR C 71 13.92 -39.24 11.01
C THR C 71 13.53 -38.21 12.07
N ALA C 72 14.40 -37.23 12.29
CA ALA C 72 14.12 -36.14 13.24
C ALA C 72 12.85 -35.41 12.86
N GLY C 73 12.76 -35.02 11.59
CA GLY C 73 11.60 -34.29 11.09
C GLY C 73 10.27 -35.00 11.29
N GLU C 74 10.26 -36.31 11.06
CA GLU C 74 9.04 -37.10 11.21
C GLU C 74 8.73 -37.36 12.68
N ARG C 75 9.77 -37.32 13.51
CA ARG C 75 9.63 -37.60 14.94
C ARG C 75 9.11 -36.39 15.73
N ILE C 76 9.08 -35.22 15.10
CA ILE C 76 8.41 -34.05 15.67
C ILE C 76 6.89 -34.27 15.71
N SER C 77 6.32 -34.72 14.59
CA SER C 77 4.88 -35.00 14.52
C SER C 77 4.48 -36.24 15.32
N ASN C 78 5.37 -37.23 15.36
CA ASN C 78 5.17 -38.42 16.21
C ASN C 78 4.98 -38.00 17.66
N ALA C 79 5.89 -37.16 18.15
CA ALA C 79 5.84 -36.66 19.51
C ALA C 79 4.55 -35.91 19.79
N LEU C 80 4.24 -34.95 18.92
CA LEU C 80 3.06 -34.11 19.07
C LEU C 80 1.76 -34.91 18.99
N VAL C 81 1.69 -35.84 18.03
CA VAL C 81 0.53 -36.72 17.92
C VAL C 81 0.40 -37.53 19.20
N ALA C 82 1.52 -38.06 19.67
CA ALA C 82 1.57 -38.83 20.92
C ALA C 82 1.03 -38.02 22.09
N MET C 83 1.60 -36.83 22.29
CA MET C 83 1.14 -35.89 23.32
C MET C 83 -0.37 -35.67 23.22
N ALA C 84 -0.84 -35.40 22.00
CA ALA C 84 -2.26 -35.16 21.74
C ALA C 84 -3.10 -36.37 22.11
N ILE C 85 -2.61 -37.56 21.76
CA ILE C 85 -3.34 -38.79 21.97
C ILE C 85 -3.49 -39.10 23.47
N GLU C 86 -2.44 -38.82 24.25
CA GLU C 86 -2.45 -39.11 25.68
C GLU C 86 -3.27 -38.11 26.48
N SER C 87 -3.49 -36.92 25.93
CA SER C 87 -4.34 -35.93 26.57
C SER C 87 -5.83 -36.30 26.43
N LEU C 88 -6.11 -37.21 25.50
CA LEU C 88 -7.48 -37.68 25.25
C LEU C 88 -7.79 -38.99 25.97
N GLY C 89 -6.80 -39.60 26.61
CA GLY C 89 -6.99 -40.79 27.43
C GLY C 89 -6.17 -42.00 27.03
N ALA C 90 -5.72 -42.04 25.79
CA ALA C 90 -4.98 -43.20 25.27
C ALA C 90 -3.57 -43.30 25.85
N GLU C 91 -2.99 -44.49 25.74
CA GLU C 91 -1.59 -44.69 26.07
C GLU C 91 -0.82 -44.87 24.77
N ALA C 92 0.05 -43.90 24.46
CA ALA C 92 0.82 -43.92 23.21
C ALA C 92 2.09 -44.75 23.35
N GLN C 93 2.56 -45.29 22.23
CA GLN C 93 3.82 -46.03 22.17
C GLN C 93 4.50 -45.74 20.83
N SER C 94 5.57 -44.94 20.87
CA SER C 94 6.25 -44.50 19.65
C SER C 94 7.26 -45.52 19.12
N PHE C 95 7.36 -45.60 17.79
CA PHE C 95 8.34 -46.45 17.10
C PHE C 95 9.01 -45.65 15.98
N THR C 96 10.29 -45.90 15.76
CA THR C 96 11.01 -45.27 14.66
C THR C 96 10.75 -45.94 13.31
N GLY C 97 10.21 -47.15 13.32
CA GLY C 97 10.00 -47.92 12.09
C GLY C 97 11.07 -48.98 11.93
N SER C 98 12.31 -48.64 12.28
CA SER C 98 13.39 -49.61 12.35
C SER C 98 13.08 -50.63 13.43
N GLN C 99 12.83 -50.16 14.65
CA GLN C 99 12.53 -51.07 15.78
C GLN C 99 11.03 -51.32 15.95
N ALA C 100 10.23 -50.84 15.00
CA ALA C 100 8.83 -51.26 14.88
C ALA C 100 8.80 -52.65 14.23
N GLY C 101 9.02 -52.67 12.92
CA GLY C 101 9.06 -53.91 12.15
C GLY C 101 10.32 -54.01 11.31
N VAL C 102 10.48 -53.05 10.39
CA VAL C 102 11.65 -52.99 9.52
C VAL C 102 11.81 -51.61 8.92
N VAL C 114 14.85 -52.75 5.73
CA VAL C 114 14.59 -54.13 6.16
C VAL C 114 13.20 -54.58 5.72
N ASP C 115 12.97 -55.90 5.80
CA ASP C 115 11.66 -56.48 5.51
C ASP C 115 10.91 -56.69 6.82
N VAL C 116 9.60 -56.46 6.78
CA VAL C 116 8.80 -56.29 8.01
C VAL C 116 8.80 -57.50 8.96
N THR C 117 8.84 -57.20 10.26
CA THR C 117 8.77 -58.21 11.32
C THR C 117 8.34 -57.53 12.63
N PRO C 118 7.03 -57.24 12.78
CA PRO C 118 6.52 -56.39 13.85
C PRO C 118 6.17 -57.15 15.13
N GLY C 119 7.19 -57.67 15.81
CA GLY C 119 6.99 -58.34 17.10
C GLY C 119 6.62 -57.36 18.19
N ARG C 120 7.38 -56.26 18.28
CA ARG C 120 7.19 -55.26 19.33
C ARG C 120 5.82 -54.58 19.22
N VAL C 121 5.46 -54.19 17.99
CA VAL C 121 4.19 -53.49 17.74
C VAL C 121 2.98 -54.32 18.16
N ARG C 122 2.99 -55.61 17.83
CA ARG C 122 1.90 -56.51 18.21
C ARG C 122 1.83 -56.60 19.74
N GLU C 123 3.00 -56.64 20.37
CA GLU C 123 3.11 -56.71 21.82
C GLU C 123 2.45 -55.47 22.45
N ALA C 124 2.74 -54.29 21.90
CA ALA C 124 2.19 -53.03 22.41
C ALA C 124 0.68 -52.94 22.21
N LEU C 125 0.19 -53.40 21.06
CA LEU C 125 -1.24 -53.38 20.76
C LEU C 125 -2.01 -54.30 21.71
N ASP C 126 -1.43 -55.45 22.05
CA ASP C 126 -2.00 -56.37 23.03
C ASP C 126 -2.12 -55.73 24.42
N GLU C 127 -1.24 -54.78 24.71
CA GLU C 127 -1.33 -54.00 25.95
C GLU C 127 -2.34 -52.85 25.86
N GLY C 128 -3.08 -52.77 24.75
CA GLY C 128 -4.10 -51.75 24.56
C GLY C 128 -3.56 -50.36 24.23
N LYS C 129 -2.31 -50.30 23.80
CA LYS C 129 -1.68 -49.02 23.45
C LYS C 129 -1.94 -48.67 22.00
N ILE C 130 -1.86 -47.37 21.69
CA ILE C 130 -1.93 -46.90 20.31
C ILE C 130 -0.52 -46.66 19.80
N CYS C 131 -0.08 -47.49 18.86
CA CYS C 131 1.28 -47.40 18.34
C CYS C 131 1.43 -46.29 17.31
N ILE C 132 2.43 -45.44 17.49
CA ILE C 132 2.73 -44.38 16.54
C ILE C 132 4.08 -44.69 15.89
N VAL C 133 4.07 -44.87 14.57
CA VAL C 133 5.30 -45.20 13.83
C VAL C 133 5.71 -44.05 12.93
N ALA C 134 6.95 -43.58 13.08
CA ALA C 134 7.40 -42.38 12.39
C ALA C 134 8.18 -42.70 11.12
N GLY C 135 9.51 -42.76 11.24
CA GLY C 135 10.37 -42.84 10.05
C GLY C 135 11.76 -43.40 10.26
N PHE C 136 11.93 -44.65 9.84
CA PHE C 136 13.26 -45.24 9.54
C PHE C 136 14.42 -44.71 10.39
N GLY C 153 7.09 -44.05 1.04
CA GLY C 153 7.91 -44.09 2.25
C GLY C 153 7.06 -44.22 3.49
N SER C 154 6.31 -43.17 3.80
CA SER C 154 5.35 -43.18 4.90
C SER C 154 4.21 -44.14 4.55
N ASP C 155 3.73 -44.02 3.31
CA ASP C 155 2.59 -44.82 2.84
C ASP C 155 2.98 -46.29 2.71
N THR C 156 4.16 -46.53 2.15
CA THR C 156 4.61 -47.88 1.87
C THR C 156 4.86 -48.68 3.15
N THR C 157 5.35 -48.01 4.19
CA THR C 157 5.56 -48.66 5.49
C THR C 157 4.24 -48.91 6.21
N ALA C 158 3.27 -48.02 6.01
CA ALA C 158 1.94 -48.17 6.60
C ALA C 158 1.28 -49.45 6.09
N VAL C 159 1.25 -49.61 4.76
CA VAL C 159 0.71 -50.82 4.17
C VAL C 159 1.56 -52.05 4.50
N ALA C 160 2.88 -51.85 4.60
CA ALA C 160 3.78 -52.96 4.95
C ALA C 160 3.55 -53.48 6.37
N LEU C 161 3.27 -52.57 7.30
CA LEU C 161 2.83 -52.95 8.64
C LEU C 161 1.43 -53.55 8.58
N ALA C 162 0.57 -52.98 7.75
CA ALA C 162 -0.79 -53.48 7.57
C ALA C 162 -0.78 -54.94 7.15
N ALA C 163 0.10 -55.25 6.20
CA ALA C 163 0.27 -56.62 5.73
C ALA C 163 0.93 -57.50 6.79
N ALA C 164 1.95 -56.97 7.44
CA ALA C 164 2.70 -57.69 8.47
C ALA C 164 1.83 -58.04 9.68
N LEU C 165 0.99 -57.09 10.10
CA LEU C 165 0.10 -57.29 11.26
C LEU C 165 -1.24 -57.89 10.86
N ASN C 166 -1.48 -58.02 9.56
CA ASN C 166 -2.74 -58.56 9.04
C ASN C 166 -3.91 -57.63 9.35
N ALA C 167 -3.66 -56.34 9.14
CA ALA C 167 -4.64 -55.30 9.41
C ALA C 167 -5.89 -55.47 8.54
N ASP C 168 -7.05 -55.18 9.13
CA ASP C 168 -8.32 -55.22 8.41
C ASP C 168 -8.37 -54.17 7.30
N VAL C 169 -7.69 -53.04 7.52
CA VAL C 169 -7.65 -51.97 6.54
C VAL C 169 -6.51 -50.99 6.85
N CYS C 170 -5.94 -50.41 5.80
CA CYS C 170 -4.93 -49.37 5.96
C CYS C 170 -5.50 -48.06 5.41
N GLU C 171 -5.73 -47.09 6.27
CA GLU C 171 -6.37 -45.85 5.87
C GLU C 171 -5.37 -44.74 5.58
N ILE C 172 -5.43 -44.19 4.37
CA ILE C 172 -4.61 -43.05 3.98
C ILE C 172 -5.45 -41.78 4.09
N TYR C 173 -5.07 -40.90 5.01
CA TYR C 173 -5.76 -39.64 5.26
C TYR C 173 -4.99 -38.50 4.66
N SER C 174 -5.71 -37.58 4.00
CA SER C 174 -5.11 -36.37 3.45
C SER C 174 -6.18 -35.28 3.27
N ASP C 175 -5.95 -34.32 2.39
CA ASP C 175 -7.00 -33.35 2.02
C ASP C 175 -7.96 -33.93 1.00
N VAL C 176 -7.55 -34.99 0.30
CA VAL C 176 -8.43 -35.65 -0.69
C VAL C 176 -9.35 -36.67 -0.01
N ASP C 177 -10.64 -36.56 -0.31
CA ASP C 177 -11.67 -37.35 0.35
C ASP C 177 -12.07 -38.63 -0.41
N GLY C 178 -11.24 -39.05 -1.37
CA GLY C 178 -11.49 -40.29 -2.11
C GLY C 178 -11.16 -40.19 -3.59
N VAL C 179 -11.22 -41.32 -4.26
CA VAL C 179 -11.00 -41.38 -5.70
C VAL C 179 -12.30 -41.04 -6.44
N TYR C 180 -12.19 -40.17 -7.44
CA TYR C 180 -13.35 -39.75 -8.25
C TYR C 180 -13.30 -40.33 -9.65
N THR C 181 -14.47 -40.36 -10.30
CA THR C 181 -14.59 -40.84 -11.69
C THR C 181 -13.83 -39.95 -12.66
N ALA C 182 -13.65 -38.69 -12.29
CA ALA C 182 -12.80 -37.77 -13.05
C ALA C 182 -12.39 -36.62 -12.17
N ASP C 183 -11.57 -35.73 -12.71
CA ASP C 183 -11.14 -34.52 -12.00
C ASP C 183 -12.35 -33.60 -11.83
N PRO C 184 -12.80 -33.38 -10.58
CA PRO C 184 -14.05 -32.63 -10.34
C PRO C 184 -14.08 -31.24 -10.94
N ARG C 185 -12.94 -30.55 -10.97
CA ARG C 185 -12.87 -29.20 -11.54
C ARG C 185 -12.91 -29.22 -13.08
N ILE C 186 -12.42 -30.30 -13.67
CA ILE C 186 -12.44 -30.47 -15.13
C ILE C 186 -13.80 -30.99 -15.59
N VAL C 187 -14.32 -31.99 -14.89
CA VAL C 187 -15.58 -32.65 -15.24
C VAL C 187 -16.63 -32.41 -14.14
N PRO C 188 -17.44 -31.35 -14.30
CA PRO C 188 -18.51 -31.03 -13.35
C PRO C 188 -19.36 -32.23 -12.89
N ASN C 189 -19.67 -33.14 -13.79
CA ASN C 189 -20.49 -34.31 -13.46
C ASN C 189 -19.73 -35.47 -12.80
N ALA C 190 -18.51 -35.22 -12.31
CA ALA C 190 -17.68 -36.26 -11.70
C ALA C 190 -18.26 -36.74 -10.37
N GLN C 191 -17.98 -38.00 -10.02
CA GLN C 191 -18.52 -38.65 -8.82
C GLN C 191 -17.43 -39.39 -8.03
N LYS C 192 -17.63 -39.50 -6.72
CA LYS C 192 -16.71 -40.23 -5.84
C LYS C 192 -16.99 -41.73 -5.87
N LEU C 193 -15.97 -42.54 -6.16
CA LEU C 193 -16.13 -44.00 -6.16
C LEU C 193 -16.26 -44.51 -4.74
N GLU C 194 -17.20 -45.44 -4.54
CA GLU C 194 -17.30 -46.16 -3.27
C GLU C 194 -16.20 -47.20 -3.15
N LYS C 195 -15.91 -47.88 -4.26
CA LYS C 195 -14.93 -48.96 -4.28
C LYS C 195 -14.31 -49.15 -5.66
N LEU C 196 -13.08 -49.67 -5.68
CA LEU C 196 -12.46 -50.19 -6.91
C LEU C 196 -11.41 -51.25 -6.55
N SER C 197 -10.99 -52.02 -7.56
CA SER C 197 -10.00 -53.07 -7.35
C SER C 197 -8.62 -52.45 -7.20
N PHE C 198 -7.68 -53.24 -6.68
CA PHE C 198 -6.29 -52.77 -6.56
C PHE C 198 -5.74 -52.37 -7.90
N GLU C 199 -5.84 -53.26 -8.88
CA GLU C 199 -5.23 -53.03 -10.19
C GLU C 199 -5.94 -51.94 -11.00
N GLU C 200 -7.22 -51.69 -10.71
CA GLU C 200 -7.91 -50.53 -11.26
C GLU C 200 -7.30 -49.25 -10.71
N MET C 201 -7.10 -49.21 -9.39
CA MET C 201 -6.46 -48.06 -8.76
C MET C 201 -5.07 -47.84 -9.35
N LEU C 202 -4.26 -48.90 -9.38
CA LEU C 202 -2.92 -48.83 -9.96
C LEU C 202 -2.93 -48.18 -11.34
N GLU C 203 -3.84 -48.62 -12.21
CA GLU C 203 -3.91 -48.11 -13.58
C GLU C 203 -4.30 -46.63 -13.63
N LEU C 204 -5.31 -46.24 -12.86
CA LEU C 204 -5.73 -44.83 -12.80
C LEU C 204 -4.59 -43.89 -12.38
N ALA C 205 -3.80 -44.33 -11.42
CA ALA C 205 -2.70 -43.52 -10.90
C ALA C 205 -1.42 -43.65 -11.73
N ALA C 206 -1.33 -44.72 -12.51
CA ALA C 206 -0.17 -44.95 -13.38
C ALA C 206 -0.11 -43.94 -14.53
N VAL C 207 -1.26 -43.41 -14.92
CA VAL C 207 -1.37 -42.45 -16.01
C VAL C 207 -1.89 -41.09 -15.56
N GLY C 208 -2.86 -41.08 -14.64
CA GLY C 208 -3.48 -39.84 -14.18
C GLY C 208 -2.69 -39.12 -13.10
N SER C 209 -3.39 -38.70 -12.06
CA SER C 209 -2.77 -38.03 -10.92
C SER C 209 -2.38 -39.04 -9.85
N LYS C 210 -1.20 -38.86 -9.26
CA LYS C 210 -0.76 -39.65 -8.12
C LYS C 210 -1.50 -39.19 -6.87
N ILE C 211 -2.53 -39.95 -6.48
CA ILE C 211 -3.28 -39.67 -5.25
C ILE C 211 -2.69 -40.50 -4.12
N LEU C 212 -2.40 -41.76 -4.40
CA LEU C 212 -1.63 -42.60 -3.49
C LEU C 212 -0.27 -42.81 -4.13
N VAL C 213 0.70 -43.19 -3.32
CA VAL C 213 1.96 -43.65 -3.85
C VAL C 213 1.68 -44.95 -4.58
N LEU C 214 1.97 -44.96 -5.88
CA LEU C 214 1.80 -46.14 -6.73
C LEU C 214 2.44 -47.36 -6.10
N ARG C 215 3.64 -47.15 -5.57
CA ARG C 215 4.45 -48.19 -4.94
C ARG C 215 3.73 -48.85 -3.76
N SER C 216 3.02 -48.04 -2.98
CA SER C 216 2.32 -48.52 -1.79
C SER C 216 1.06 -49.33 -2.13
N VAL C 217 0.45 -49.01 -3.27
CA VAL C 217 -0.76 -49.69 -3.72
C VAL C 217 -0.44 -51.08 -4.26
N GLU C 218 0.80 -51.28 -4.71
CA GLU C 218 1.24 -52.58 -5.21
C GLU C 218 1.47 -53.58 -4.06
N TYR C 219 1.90 -53.09 -2.90
CA TYR C 219 1.96 -53.93 -1.70
C TYR C 219 0.56 -54.34 -1.28
N ALA C 220 -0.36 -53.37 -1.28
CA ALA C 220 -1.76 -53.63 -0.99
C ALA C 220 -2.27 -54.77 -1.87
N ARG C 221 -2.01 -54.66 -3.16
CA ARG C 221 -2.39 -55.68 -4.13
C ARG C 221 -1.71 -57.01 -3.80
N ALA C 222 -0.39 -56.95 -3.65
CA ALA C 222 0.43 -58.14 -3.40
C ALA C 222 0.00 -58.91 -2.15
N PHE C 223 -0.32 -58.18 -1.08
CA PHE C 223 -0.61 -58.79 0.21
C PHE C 223 -2.09 -58.77 0.60
N ASN C 224 -2.94 -58.24 -0.28
CA ASN C 224 -4.39 -58.17 -0.07
C ASN C 224 -4.77 -57.41 1.20
N VAL C 225 -4.28 -56.19 1.31
CA VAL C 225 -4.67 -55.29 2.41
C VAL C 225 -5.53 -54.18 1.81
N PRO C 226 -6.82 -54.14 2.18
CA PRO C 226 -7.68 -53.06 1.74
C PRO C 226 -7.15 -51.68 2.13
N LEU C 227 -7.18 -50.74 1.18
CA LEU C 227 -6.82 -49.35 1.43
C LEU C 227 -8.05 -48.46 1.32
N ARG C 228 -8.09 -47.41 2.13
CA ARG C 228 -9.19 -46.47 2.13
C ARG C 228 -8.65 -45.05 2.02
N VAL C 229 -8.78 -44.45 0.85
CA VAL C 229 -8.45 -43.05 0.66
C VAL C 229 -9.59 -42.22 1.24
N ARG C 230 -9.27 -41.36 2.21
CA ARG C 230 -10.30 -40.49 2.79
C ARG C 230 -9.72 -39.21 3.37
N SER C 231 -10.61 -38.28 3.74
CA SER C 231 -10.21 -36.98 4.26
C SER C 231 -10.15 -36.97 5.78
N SER C 232 -9.15 -36.26 6.31
CA SER C 232 -9.04 -36.02 7.75
C SER C 232 -9.77 -34.74 8.19
N TYR C 233 -10.50 -34.12 7.27
CA TYR C 233 -11.31 -32.94 7.60
C TYR C 233 -12.82 -33.24 7.65
N SER C 234 -13.21 -34.49 7.38
CA SER C 234 -14.62 -34.89 7.43
C SER C 234 -14.80 -36.34 7.86
N ASN C 235 -16.04 -36.71 8.15
CA ASN C 235 -16.39 -38.09 8.53
C ASN C 235 -16.81 -38.93 7.33
N ASP C 236 -16.60 -38.41 6.12
CA ASP C 236 -16.92 -39.13 4.90
C ASP C 236 -16.04 -40.38 4.81
N PRO C 237 -16.63 -41.54 4.49
CA PRO C 237 -15.84 -42.79 4.44
C PRO C 237 -14.83 -42.84 3.29
N GLY C 238 -15.08 -42.10 2.22
CA GLY C 238 -14.13 -42.02 1.10
C GLY C 238 -14.29 -43.16 0.11
N THR C 239 -13.17 -43.66 -0.38
CA THR C 239 -13.15 -44.72 -1.40
C THR C 239 -12.35 -45.92 -0.91
N LEU C 240 -12.91 -47.11 -1.10
CA LEU C 240 -12.26 -48.35 -0.72
C LEU C 240 -11.49 -48.91 -1.91
N ILE C 241 -10.26 -49.37 -1.66
CA ILE C 241 -9.48 -50.08 -2.67
C ILE C 241 -9.27 -51.50 -2.15
N ALA C 242 -10.07 -52.43 -2.67
CA ALA C 242 -10.08 -53.80 -2.14
C ALA C 242 -10.39 -54.85 -3.20
N GLY C 243 -9.68 -55.98 -3.11
CA GLY C 243 -9.92 -57.12 -3.97
C GLY C 243 -9.26 -57.01 -5.32
N SER C 244 -9.06 -58.17 -5.95
CA SER C 244 -8.55 -58.22 -7.32
C SER C 244 -9.71 -58.16 -8.30
N MET C 245 -9.45 -57.60 -9.48
CA MET C 245 -10.40 -57.66 -10.59
C MET C 245 -10.62 -59.11 -11.02
N GLU C 246 -9.55 -59.91 -10.96
CA GLU C 246 -9.58 -61.30 -11.39
C GLU C 246 -10.57 -62.16 -10.59
N ASP C 247 -10.91 -61.73 -9.38
CA ASP C 247 -11.92 -62.40 -8.57
C ASP C 247 -13.24 -61.62 -8.51
N ILE C 248 -13.48 -60.79 -9.53
CA ILE C 248 -14.75 -60.08 -9.68
C ILE C 248 -15.49 -60.72 -10.88
N PRO C 249 -16.80 -61.01 -10.72
CA PRO C 249 -17.56 -61.59 -11.84
C PRO C 249 -17.47 -60.75 -13.12
N VAL C 250 -17.24 -61.42 -14.25
CA VAL C 250 -16.94 -60.74 -15.52
C VAL C 250 -18.07 -59.85 -16.02
N GLU C 251 -19.31 -60.21 -15.66
CA GLU C 251 -20.49 -59.41 -15.98
C GLU C 251 -20.58 -58.16 -15.10
N GLU C 252 -20.19 -58.30 -13.83
CA GLU C 252 -20.33 -57.22 -12.85
C GLU C 252 -19.37 -56.05 -13.06
N ALA C 253 -18.20 -56.31 -13.65
CA ALA C 253 -17.15 -55.30 -13.82
C ALA C 253 -17.63 -54.05 -14.58
N VAL C 254 -17.05 -52.90 -14.24
CA VAL C 254 -17.47 -51.62 -14.81
C VAL C 254 -16.28 -50.75 -15.23
N LEU C 255 -16.57 -49.64 -15.91
CA LEU C 255 -15.57 -48.60 -16.17
C LEU C 255 -15.40 -47.81 -14.87
N THR C 256 -14.17 -47.41 -14.59
CA THR C 256 -13.83 -46.85 -13.28
C THR C 256 -13.75 -45.33 -13.30
N GLY C 257 -13.05 -44.77 -14.26
CA GLY C 257 -12.90 -43.31 -14.36
C GLY C 257 -12.05 -42.85 -15.51
N VAL C 258 -11.90 -41.53 -15.62
CA VAL C 258 -11.04 -40.93 -16.64
C VAL C 258 -9.90 -40.14 -15.99
N ALA C 259 -8.68 -40.35 -16.48
CA ALA C 259 -7.49 -39.72 -15.94
C ALA C 259 -6.85 -38.78 -16.96
N THR C 260 -6.43 -37.60 -16.50
CA THR C 260 -5.77 -36.63 -17.38
C THR C 260 -4.37 -36.29 -16.87
N ASP C 261 -3.50 -35.89 -17.80
CA ASP C 261 -2.10 -35.59 -17.49
C ASP C 261 -1.55 -34.60 -18.52
N LYS C 262 -1.22 -33.39 -18.07
CA LYS C 262 -0.63 -32.37 -18.93
C LYS C 262 0.76 -31.98 -18.44
N SER C 263 1.47 -32.94 -17.85
CA SER C 263 2.78 -32.69 -17.27
C SER C 263 3.93 -33.29 -18.08
N GLU C 264 3.61 -34.08 -19.10
CA GLU C 264 4.61 -34.86 -19.83
C GLU C 264 5.05 -34.17 -21.11
N ALA C 265 6.32 -34.35 -21.47
CA ALA C 265 6.81 -34.08 -22.80
C ALA C 265 6.79 -35.39 -23.58
N LYS C 266 6.87 -35.31 -24.90
CA LYS C 266 6.86 -36.47 -25.77
C LYS C 266 8.09 -36.38 -26.69
N VAL C 267 8.93 -37.42 -26.65
CA VAL C 267 10.14 -37.49 -27.47
C VAL C 267 10.07 -38.70 -28.37
N THR C 268 10.37 -38.51 -29.65
CA THR C 268 10.35 -39.60 -30.63
C THR C 268 11.69 -39.71 -31.33
N VAL C 269 12.21 -40.93 -31.42
CA VAL C 269 13.45 -41.20 -32.11
C VAL C 269 13.11 -41.93 -33.40
N LEU C 270 13.46 -41.31 -34.54
CA LEU C 270 13.19 -41.86 -35.85
C LEU C 270 14.43 -42.55 -36.40
N GLY C 271 14.25 -43.63 -37.14
CA GLY C 271 15.36 -44.27 -37.85
C GLY C 271 16.29 -45.12 -36.99
N ILE C 272 15.71 -45.90 -36.09
CA ILE C 272 16.50 -46.79 -35.22
C ILE C 272 16.41 -48.22 -35.73
N SER C 273 17.57 -48.82 -35.99
CA SER C 273 17.66 -50.15 -36.60
C SER C 273 16.98 -51.20 -35.74
N ASP C 274 16.13 -52.01 -36.36
CA ASP C 274 15.40 -53.06 -35.66
C ASP C 274 16.31 -54.29 -35.43
N LYS C 275 17.33 -54.09 -34.61
CA LYS C 275 18.25 -55.16 -34.21
C LYS C 275 18.51 -55.02 -32.70
N PRO C 276 18.68 -56.14 -32.00
CA PRO C 276 18.93 -56.15 -30.56
C PRO C 276 20.01 -55.18 -30.07
N GLY C 277 19.75 -54.50 -28.96
CA GLY C 277 20.74 -53.63 -28.32
C GLY C 277 20.61 -52.14 -28.60
N GLU C 278 19.87 -51.77 -29.64
CA GLU C 278 19.71 -50.36 -30.03
C GLU C 278 18.75 -49.64 -29.07
N ALA C 279 17.61 -50.26 -28.78
CA ALA C 279 16.71 -49.79 -27.74
C ALA C 279 17.48 -49.61 -26.43
N ALA C 280 18.39 -50.54 -26.16
CA ALA C 280 19.21 -50.49 -24.95
C ALA C 280 20.12 -49.25 -24.91
N LYS C 281 20.70 -48.88 -26.06
CA LYS C 281 21.55 -47.69 -26.13
C LYS C 281 20.77 -46.43 -25.78
N VAL C 282 19.55 -46.32 -26.31
CA VAL C 282 18.70 -45.17 -26.07
C VAL C 282 18.45 -44.97 -24.58
N PHE C 283 17.83 -45.98 -23.95
CA PHE C 283 17.41 -45.88 -22.55
C PHE C 283 18.54 -45.95 -21.52
N ARG C 284 19.74 -46.37 -21.93
CA ARG C 284 20.91 -46.33 -21.06
C ARG C 284 21.37 -44.89 -20.89
N ALA C 285 21.52 -44.18 -22.01
CA ALA C 285 21.89 -42.77 -22.01
C ALA C 285 20.85 -41.92 -21.25
N LEU C 286 19.57 -42.28 -21.39
CA LEU C 286 18.50 -41.61 -20.65
C LEU C 286 18.53 -42.00 -19.17
N ALA C 287 18.90 -43.24 -18.88
CA ALA C 287 19.02 -43.72 -17.50
C ALA C 287 20.19 -43.06 -16.79
N ASP C 288 21.34 -43.02 -17.46
CA ASP C 288 22.56 -42.42 -16.89
C ASP C 288 22.36 -40.95 -16.52
N ALA C 289 21.60 -40.22 -17.35
CA ALA C 289 21.35 -38.80 -17.14
C ALA C 289 20.17 -38.52 -16.21
N GLU C 290 19.57 -39.57 -15.65
CA GLU C 290 18.49 -39.44 -14.68
C GLU C 290 17.17 -38.95 -15.30
N ILE C 291 16.96 -39.25 -16.59
CA ILE C 291 15.73 -38.87 -17.27
C ILE C 291 14.61 -39.86 -16.93
N ASN C 292 13.60 -39.37 -16.22
CA ASN C 292 12.44 -40.19 -15.86
C ASN C 292 11.59 -40.52 -17.07
N ILE C 293 11.75 -41.72 -17.62
CA ILE C 293 10.90 -42.16 -18.72
C ILE C 293 9.53 -42.60 -18.21
N ASP C 294 8.59 -42.70 -19.13
CA ASP C 294 7.21 -43.07 -18.81
C ASP C 294 6.52 -43.48 -20.11
N MET C 295 5.63 -44.47 -20.03
CA MET C 295 4.86 -44.89 -21.19
C MET C 295 5.71 -44.90 -22.47
N VAL C 296 6.78 -45.68 -22.47
CA VAL C 296 7.57 -45.93 -23.65
C VAL C 296 6.69 -46.65 -24.68
N LEU C 297 6.89 -46.32 -25.96
CA LEU C 297 6.08 -46.91 -27.02
C LEU C 297 6.86 -47.12 -28.33
N GLN C 298 6.70 -48.31 -28.90
CA GLN C 298 7.31 -48.66 -30.18
C GLN C 298 6.37 -49.58 -30.93
N ASN C 299 6.20 -49.33 -32.23
CA ASN C 299 5.41 -50.18 -33.11
C ASN C 299 6.33 -50.95 -34.05
N VAL C 300 5.75 -51.84 -34.85
CA VAL C 300 6.52 -52.65 -35.81
C VAL C 300 7.31 -51.78 -36.79
N SER C 301 8.44 -52.32 -37.25
CA SER C 301 9.31 -51.62 -38.19
C SER C 301 8.74 -51.69 -39.61
N SER C 302 9.41 -51.03 -40.54
CA SER C 302 9.02 -51.06 -41.95
C SER C 302 9.96 -51.98 -42.71
N VAL C 303 9.41 -52.99 -43.39
CA VAL C 303 10.22 -53.97 -44.12
C VAL C 303 11.15 -53.27 -45.10
N GLU C 304 10.62 -52.25 -45.78
CA GLU C 304 11.47 -51.31 -46.51
C GLU C 304 12.22 -50.47 -45.46
N ASP C 305 13.55 -50.50 -45.52
CA ASP C 305 14.43 -49.79 -44.57
C ASP C 305 14.78 -50.61 -43.32
N GLY C 306 13.85 -51.44 -42.85
CA GLY C 306 14.08 -52.26 -41.65
C GLY C 306 14.26 -51.44 -40.40
N THR C 307 13.47 -50.37 -40.29
CA THR C 307 13.64 -49.37 -39.23
C THR C 307 12.31 -49.05 -38.56
N THR C 308 12.37 -48.70 -37.28
CA THR C 308 11.18 -48.33 -36.51
C THR C 308 11.39 -47.02 -35.75
N ASP C 309 10.33 -46.54 -35.11
CA ASP C 309 10.38 -45.34 -34.28
C ASP C 309 10.04 -45.67 -32.84
N ILE C 310 10.75 -45.05 -31.90
CA ILE C 310 10.49 -45.21 -30.47
C ILE C 310 10.11 -43.86 -29.84
N THR C 311 8.85 -43.75 -29.41
CA THR C 311 8.39 -42.57 -28.71
C THR C 311 8.26 -42.89 -27.21
N PHE C 312 8.64 -41.94 -26.37
CA PHE C 312 8.45 -42.06 -24.93
C PHE C 312 8.03 -40.73 -24.33
N THR C 313 7.42 -40.79 -23.16
CA THR C 313 7.05 -39.58 -22.42
C THR C 313 7.96 -39.41 -21.21
N CYS C 314 8.30 -38.17 -20.91
CA CYS C 314 9.03 -37.83 -19.69
C CYS C 314 8.46 -36.53 -19.12
N PRO C 315 8.78 -36.21 -17.85
CA PRO C 315 8.40 -34.90 -17.33
C PRO C 315 8.98 -33.77 -18.19
N ARG C 316 8.25 -32.66 -18.30
CA ARG C 316 8.70 -31.55 -19.16
C ARG C 316 10.03 -30.96 -18.71
N SER C 317 10.29 -30.98 -17.40
CA SER C 317 11.58 -30.54 -16.86
C SER C 317 12.76 -31.36 -17.38
N ASP C 318 12.55 -32.65 -17.64
CA ASP C 318 13.60 -33.51 -18.17
C ASP C 318 13.73 -33.43 -19.69
N GLY C 319 12.67 -33.00 -20.37
CA GLY C 319 12.60 -33.00 -21.83
C GLY C 319 13.81 -32.40 -22.54
N ARG C 320 14.22 -31.21 -22.09
CA ARG C 320 15.35 -30.52 -22.72
C ARG C 320 16.63 -31.35 -22.59
N ARG C 321 16.95 -31.77 -21.38
CA ARG C 321 18.14 -32.57 -21.11
C ARG C 321 18.04 -33.95 -21.78
N ALA C 322 16.83 -34.51 -21.82
CA ALA C 322 16.57 -35.75 -22.53
C ALA C 322 16.88 -35.58 -24.02
N MET C 323 16.54 -34.42 -24.57
CA MET C 323 16.76 -34.13 -25.98
C MET C 323 18.25 -33.96 -26.27
N GLU C 324 18.91 -33.17 -25.43
CA GLU C 324 20.35 -32.91 -25.58
C GLU C 324 21.15 -34.20 -25.71
N ILE C 325 20.78 -35.22 -24.94
CA ILE C 325 21.47 -36.51 -24.95
C ILE C 325 21.18 -37.29 -26.24
N LEU C 326 19.91 -37.46 -26.57
CA LEU C 326 19.51 -38.23 -27.75
C LEU C 326 19.97 -37.60 -29.06
N LYS C 327 20.11 -36.28 -29.08
CA LYS C 327 20.61 -35.57 -30.27
C LYS C 327 22.10 -35.80 -30.48
N LYS C 328 22.87 -35.75 -29.39
CA LYS C 328 24.31 -36.02 -29.46
C LYS C 328 24.57 -37.42 -30.02
N LEU C 329 23.77 -38.41 -29.60
CA LEU C 329 23.85 -39.76 -30.17
C LEU C 329 23.22 -39.83 -31.55
N GLN C 330 22.19 -39.01 -31.79
CA GLN C 330 21.58 -38.90 -33.12
C GLN C 330 22.60 -38.52 -34.18
N VAL C 331 23.44 -37.54 -33.87
CA VAL C 331 24.47 -37.05 -34.80
C VAL C 331 25.73 -37.93 -34.77
N GLN C 332 25.53 -39.25 -34.68
CA GLN C 332 26.63 -40.23 -34.67
C GLN C 332 26.24 -41.52 -35.37
N GLY C 333 25.34 -41.44 -36.35
CA GLY C 333 24.91 -42.60 -37.13
C GLY C 333 23.92 -43.55 -36.47
N ASN C 334 23.64 -43.34 -35.18
CA ASN C 334 22.73 -44.22 -34.44
C ASN C 334 21.30 -44.18 -34.95
N TRP C 335 20.84 -42.98 -35.32
CA TRP C 335 19.48 -42.80 -35.81
C TRP C 335 19.25 -41.44 -36.46
N THR C 336 18.16 -41.34 -37.22
CA THR C 336 17.87 -40.19 -38.08
C THR C 336 17.69 -38.86 -37.33
N ASN C 337 16.64 -38.77 -36.53
CA ASN C 337 16.24 -37.53 -35.91
C ASN C 337 15.60 -37.78 -34.55
N VAL C 338 15.56 -36.76 -33.70
CA VAL C 338 14.91 -36.86 -32.41
C VAL C 338 13.94 -35.69 -32.27
N LEU C 339 12.64 -36.00 -32.32
CA LEU C 339 11.59 -35.00 -32.22
C LEU C 339 11.23 -34.71 -30.77
N TYR C 340 10.69 -33.53 -30.54
CA TYR C 340 10.36 -33.06 -29.18
C TYR C 340 9.01 -32.35 -29.18
N ASP C 341 8.20 -32.65 -28.17
CA ASP C 341 6.86 -32.07 -28.05
C ASP C 341 6.48 -31.86 -26.58
N ASP C 342 6.46 -30.60 -26.14
CA ASP C 342 6.09 -30.26 -24.77
C ASP C 342 4.72 -29.59 -24.67
N GLN C 343 3.83 -29.94 -25.60
CA GLN C 343 2.44 -29.49 -25.53
C GLN C 343 1.49 -30.70 -25.65
N VAL C 344 2.00 -31.88 -25.33
CA VAL C 344 1.22 -33.10 -25.42
C VAL C 344 0.43 -33.29 -24.13
N GLY C 345 -0.79 -33.80 -24.28
CA GLY C 345 -1.66 -34.13 -23.15
C GLY C 345 -2.05 -35.58 -23.21
N LYS C 346 -2.18 -36.22 -22.06
CA LYS C 346 -2.56 -37.62 -21.97
C LYS C 346 -3.91 -37.75 -21.29
N VAL C 347 -4.84 -38.44 -21.96
CA VAL C 347 -6.16 -38.75 -21.40
C VAL C 347 -6.38 -40.25 -21.50
N SER C 348 -7.06 -40.81 -20.50
CA SER C 348 -7.21 -42.27 -20.43
C SER C 348 -8.54 -42.71 -19.86
N LEU C 349 -8.96 -43.92 -20.21
CA LEU C 349 -10.11 -44.58 -19.61
C LEU C 349 -9.63 -45.85 -18.93
N VAL C 350 -10.12 -46.10 -17.72
CA VAL C 350 -9.73 -47.27 -16.94
C VAL C 350 -10.99 -48.00 -16.49
N GLY C 351 -10.86 -49.32 -16.29
CA GLY C 351 -11.95 -50.12 -15.77
C GLY C 351 -11.79 -51.58 -16.13
N ALA C 352 -12.02 -52.45 -15.15
CA ALA C 352 -11.95 -53.90 -15.37
C ALA C 352 -13.00 -54.39 -16.35
N GLY C 353 -14.07 -53.62 -16.53
CA GLY C 353 -15.16 -53.98 -17.43
C GLY C 353 -14.82 -54.03 -18.92
N MET C 354 -13.65 -53.53 -19.31
CA MET C 354 -13.24 -53.51 -20.72
C MET C 354 -12.38 -54.71 -21.12
N LYS C 355 -11.80 -55.42 -20.14
CA LYS C 355 -10.91 -56.55 -20.44
C LYS C 355 -11.59 -57.64 -21.26
N SER C 356 -12.84 -57.94 -20.92
CA SER C 356 -13.59 -59.03 -21.57
C SER C 356 -14.65 -58.53 -22.56
N HIS C 357 -15.00 -57.25 -22.48
CA HIS C 357 -16.04 -56.68 -23.34
C HIS C 357 -15.47 -56.04 -24.61
N PRO C 358 -16.15 -56.21 -25.76
CA PRO C 358 -15.74 -55.55 -26.99
C PRO C 358 -16.51 -54.25 -27.23
N GLY C 359 -15.92 -53.35 -28.00
CA GLY C 359 -16.58 -52.11 -28.40
C GLY C 359 -16.36 -50.89 -27.53
N VAL C 360 -15.82 -51.10 -26.33
CA VAL C 360 -15.48 -49.98 -25.43
C VAL C 360 -14.34 -49.16 -26.06
N THR C 361 -13.31 -49.87 -26.50
CA THR C 361 -12.21 -49.26 -27.25
C THR C 361 -12.73 -48.50 -28.47
N ALA C 362 -13.78 -49.01 -29.11
CA ALA C 362 -14.43 -48.36 -30.23
C ALA C 362 -15.19 -47.10 -29.80
N GLU C 363 -15.93 -47.19 -28.69
CA GLU C 363 -16.70 -46.05 -28.17
C GLU C 363 -15.78 -44.92 -27.70
N PHE C 364 -14.58 -45.29 -27.29
CA PHE C 364 -13.57 -44.33 -26.87
C PHE C 364 -13.19 -43.44 -28.04
N MET C 365 -12.77 -44.06 -29.13
CA MET C 365 -12.30 -43.35 -30.33
C MET C 365 -13.41 -42.50 -30.94
N GLU C 366 -14.62 -43.07 -30.98
CA GLU C 366 -15.79 -42.37 -31.51
C GLU C 366 -16.11 -41.11 -30.70
N ALA C 367 -15.94 -41.21 -29.38
CA ALA C 367 -16.20 -40.08 -28.48
C ALA C 367 -15.30 -38.89 -28.80
N LEU C 368 -14.03 -39.16 -29.10
CA LEU C 368 -13.07 -38.10 -29.42
C LEU C 368 -13.29 -37.54 -30.84
N ARG C 369 -13.58 -38.44 -31.78
CA ARG C 369 -13.96 -38.05 -33.14
C ARG C 369 -15.11 -37.04 -33.13
N ASP C 370 -16.12 -37.31 -32.31
CA ASP C 370 -17.33 -36.48 -32.26
C ASP C 370 -17.12 -35.12 -31.59
N VAL C 371 -15.98 -34.93 -30.91
CA VAL C 371 -15.59 -33.63 -30.36
C VAL C 371 -14.36 -33.09 -31.10
N ASN C 372 -14.07 -33.66 -32.27
CA ASN C 372 -13.03 -33.18 -33.17
C ASN C 372 -11.62 -33.21 -32.57
N VAL C 373 -11.38 -34.16 -31.67
CA VAL C 373 -10.05 -34.34 -31.08
C VAL C 373 -9.36 -35.49 -31.80
N ASN C 374 -8.13 -35.25 -32.24
CA ASN C 374 -7.36 -36.23 -32.99
C ASN C 374 -6.49 -37.08 -32.08
N ILE C 375 -6.47 -38.39 -32.31
CA ILE C 375 -5.62 -39.30 -31.54
C ILE C 375 -4.24 -39.38 -32.20
N GLU C 376 -3.24 -38.76 -31.58
CA GLU C 376 -1.87 -38.78 -32.10
C GLU C 376 -1.19 -40.10 -31.84
N LEU C 377 -1.39 -40.64 -30.64
CA LEU C 377 -0.70 -41.83 -30.18
C LEU C 377 -1.65 -42.65 -29.32
N ILE C 378 -1.54 -43.97 -29.36
CA ILE C 378 -2.38 -44.85 -28.55
C ILE C 378 -1.55 -45.92 -27.84
N SER C 379 -1.93 -46.20 -26.60
CA SER C 379 -1.24 -47.17 -25.75
C SER C 379 -2.20 -47.76 -24.73
N THR C 380 -2.00 -49.01 -24.35
CA THR C 380 -2.96 -49.73 -23.53
C THR C 380 -2.33 -50.73 -22.58
N SER C 381 -3.11 -51.10 -21.56
CA SER C 381 -2.93 -52.36 -20.84
C SER C 381 -4.23 -53.12 -21.09
N GLU C 382 -4.42 -54.24 -20.41
CA GLU C 382 -5.65 -55.02 -20.62
C GLU C 382 -6.90 -54.34 -20.07
N ILE C 383 -6.72 -53.38 -19.15
CA ILE C 383 -7.86 -52.63 -18.57
C ILE C 383 -7.69 -51.11 -18.62
N ARG C 384 -6.80 -50.63 -19.50
CA ARG C 384 -6.61 -49.20 -19.70
C ARG C 384 -6.43 -48.87 -21.18
N ILE C 385 -7.07 -47.78 -21.62
CA ILE C 385 -6.80 -47.17 -22.91
C ILE C 385 -6.25 -45.78 -22.65
N SER C 386 -5.11 -45.47 -23.26
CA SER C 386 -4.49 -44.15 -23.13
C SER C 386 -4.14 -43.59 -24.50
N VAL C 387 -4.42 -42.31 -24.71
CA VAL C 387 -4.11 -41.63 -25.96
C VAL C 387 -3.47 -40.27 -25.72
N LEU C 388 -2.38 -40.00 -26.42
CA LEU C 388 -1.77 -38.68 -26.41
C LEU C 388 -2.49 -37.79 -27.40
N ILE C 389 -2.81 -36.57 -26.96
CA ILE C 389 -3.43 -35.55 -27.81
C ILE C 389 -2.89 -34.16 -27.45
N ARG C 390 -3.32 -33.14 -28.20
CA ARG C 390 -3.02 -31.76 -27.83
C ARG C 390 -3.57 -31.47 -26.43
N GLU C 391 -2.75 -30.88 -25.57
CA GLU C 391 -3.19 -30.55 -24.22
C GLU C 391 -4.37 -29.57 -24.22
N ASP C 392 -4.46 -28.73 -25.25
CA ASP C 392 -5.60 -27.80 -25.40
C ASP C 392 -6.94 -28.53 -25.53
N ASP C 393 -6.91 -29.80 -25.95
CA ASP C 393 -8.11 -30.62 -26.07
C ASP C 393 -8.38 -31.50 -24.84
N LEU C 394 -7.41 -31.57 -23.91
CA LEU C 394 -7.53 -32.46 -22.75
C LEU C 394 -8.89 -32.39 -22.08
N ASP C 395 -9.30 -31.16 -21.73
CA ASP C 395 -10.56 -30.94 -21.04
C ASP C 395 -11.75 -31.44 -21.85
N ALA C 396 -11.83 -31.01 -23.11
CA ALA C 396 -12.90 -31.44 -24.00
C ALA C 396 -12.94 -32.96 -24.14
N ALA C 397 -11.76 -33.57 -24.24
CA ALA C 397 -11.64 -35.02 -24.40
C ALA C 397 -12.09 -35.80 -23.15
N ALA C 398 -11.64 -35.36 -21.98
CA ALA C 398 -12.03 -35.98 -20.72
C ALA C 398 -13.53 -35.82 -20.47
N ARG C 399 -14.05 -34.64 -20.82
CA ARG C 399 -15.46 -34.32 -20.67
C ARG C 399 -16.31 -35.17 -21.62
N ALA C 400 -15.80 -35.36 -22.84
CA ALA C 400 -16.47 -36.21 -23.83
C ALA C 400 -16.49 -37.67 -23.40
N LEU C 401 -15.35 -38.19 -22.98
CA LEU C 401 -15.25 -39.56 -22.51
C LEU C 401 -16.13 -39.83 -21.29
N HIS C 402 -16.24 -38.84 -20.39
CA HIS C 402 -16.95 -39.05 -19.12
C HIS C 402 -18.45 -39.32 -19.30
N GLU C 403 -19.09 -38.57 -20.19
CA GLU C 403 -20.53 -38.74 -20.41
C GLU C 403 -20.85 -39.77 -21.49
N GLN C 404 -19.87 -40.09 -22.34
CA GLN C 404 -20.01 -41.15 -23.34
C GLN C 404 -20.30 -42.48 -22.64
N PHE C 405 -19.51 -42.77 -21.62
CA PHE C 405 -19.75 -43.94 -20.78
C PHE C 405 -20.62 -43.51 -19.60
N GLN C 406 -21.08 -44.47 -18.81
CA GLN C 406 -22.05 -44.20 -17.73
C GLN C 406 -21.55 -43.17 -16.71
N LEU C 407 -20.24 -43.14 -16.48
CA LEU C 407 -19.60 -42.31 -15.46
C LEU C 407 -20.33 -40.98 -15.21
N GLY C 408 -20.68 -40.72 -13.96
CA GLY C 408 -21.41 -39.52 -13.59
C GLY C 408 -22.91 -39.66 -13.83
N ALA D 4 11.65 -48.17 -6.69
CA ALA D 4 10.77 -49.01 -7.56
C ALA D 4 10.63 -50.42 -6.98
N VAL D 5 9.45 -51.00 -7.13
CA VAL D 5 9.19 -52.39 -6.71
C VAL D 5 8.76 -53.21 -7.92
N LEU D 6 9.28 -54.44 -7.99
CA LEU D 6 9.04 -55.35 -9.11
C LEU D 6 8.46 -56.66 -8.58
N THR D 7 7.23 -56.97 -8.98
CA THR D 7 6.52 -58.13 -8.42
C THR D 7 6.78 -59.43 -9.19
N GLY D 8 6.93 -59.35 -10.51
CA GLY D 8 7.17 -60.55 -11.30
C GLY D 8 7.40 -60.36 -12.79
N VAL D 9 7.39 -61.47 -13.51
CA VAL D 9 7.64 -61.51 -14.95
C VAL D 9 6.73 -62.54 -15.62
N ALA D 10 5.75 -62.05 -16.38
CA ALA D 10 4.76 -62.91 -17.03
C ALA D 10 5.01 -63.03 -18.54
N THR D 11 4.87 -64.25 -19.06
CA THR D 11 5.00 -64.52 -20.50
C THR D 11 3.64 -64.88 -21.09
N ASP D 12 3.56 -64.91 -22.42
CA ASP D 12 2.31 -65.27 -23.12
C ASP D 12 2.55 -65.77 -24.55
N LYS D 13 1.68 -66.69 -24.97
CA LYS D 13 1.73 -67.30 -26.30
C LYS D 13 0.30 -67.49 -26.84
N SER D 14 -0.65 -66.72 -26.31
CA SER D 14 -2.07 -66.97 -26.56
C SER D 14 -2.67 -66.07 -27.63
N GLU D 15 -1.87 -65.17 -28.18
CA GLU D 15 -2.37 -64.05 -28.97
C GLU D 15 -1.79 -63.96 -30.38
N ALA D 16 -2.33 -63.03 -31.16
CA ALA D 16 -1.87 -62.71 -32.50
C ALA D 16 -1.98 -61.20 -32.71
N LYS D 17 -0.95 -60.59 -33.29
CA LYS D 17 -0.94 -59.14 -33.54
C LYS D 17 -1.36 -58.83 -34.97
N VAL D 18 -2.01 -57.68 -35.16
CA VAL D 18 -2.53 -57.26 -36.47
C VAL D 18 -2.23 -55.76 -36.70
N THR D 19 -1.47 -55.46 -37.75
CA THR D 19 -1.01 -54.10 -38.03
C THR D 19 -1.67 -53.51 -39.28
N VAL D 20 -2.54 -52.52 -39.09
CA VAL D 20 -3.13 -51.78 -40.21
C VAL D 20 -2.17 -50.67 -40.62
N LEU D 21 -1.57 -50.81 -41.80
CA LEU D 21 -0.54 -49.88 -42.26
C LEU D 21 -1.12 -48.68 -43.01
N GLY D 22 -0.48 -47.52 -42.84
CA GLY D 22 -0.78 -46.33 -43.65
C GLY D 22 -2.13 -45.66 -43.41
N ILE D 23 -2.57 -45.65 -42.15
CA ILE D 23 -3.84 -45.01 -41.78
C ILE D 23 -3.66 -43.50 -41.61
N SER D 24 -4.55 -42.72 -42.22
CA SER D 24 -4.49 -41.26 -42.17
C SER D 24 -4.61 -40.73 -40.74
N ASP D 25 -3.74 -39.80 -40.37
CA ASP D 25 -3.72 -39.25 -39.02
C ASP D 25 -4.69 -38.07 -38.89
N LYS D 26 -5.95 -38.31 -39.26
CA LYS D 26 -7.03 -37.34 -39.13
C LYS D 26 -8.07 -37.95 -38.20
N PRO D 27 -8.92 -37.11 -37.57
CA PRO D 27 -9.91 -37.64 -36.62
C PRO D 27 -10.88 -38.66 -37.23
N GLY D 28 -11.29 -39.64 -36.43
CA GLY D 28 -12.33 -40.60 -36.84
C GLY D 28 -11.86 -41.80 -37.64
N GLU D 29 -10.55 -41.87 -37.92
CA GLU D 29 -10.00 -42.98 -38.69
C GLU D 29 -9.73 -44.18 -37.81
N ALA D 30 -9.37 -43.94 -36.56
CA ALA D 30 -9.18 -45.01 -35.57
C ALA D 30 -10.51 -45.67 -35.24
N ALA D 31 -11.55 -44.85 -35.08
CA ALA D 31 -12.90 -45.33 -34.82
C ALA D 31 -13.31 -46.38 -35.84
N LYS D 32 -13.12 -46.05 -37.12
CA LYS D 32 -13.46 -46.97 -38.23
C LYS D 32 -12.84 -48.35 -38.03
N VAL D 33 -11.55 -48.39 -37.72
CA VAL D 33 -10.84 -49.65 -37.52
C VAL D 33 -11.42 -50.47 -36.37
N PHE D 34 -11.62 -49.84 -35.22
CA PHE D 34 -12.04 -50.56 -34.01
C PHE D 34 -13.54 -50.79 -33.89
N ARG D 35 -14.34 -49.99 -34.59
CA ARG D 35 -15.77 -50.25 -34.70
C ARG D 35 -16.01 -51.44 -35.63
N ALA D 36 -15.05 -51.69 -36.52
CA ALA D 36 -15.09 -52.88 -37.38
C ALA D 36 -14.92 -54.16 -36.55
N LEU D 37 -13.93 -54.16 -35.65
CA LEU D 37 -13.68 -55.30 -34.78
C LEU D 37 -14.76 -55.44 -33.69
N ALA D 38 -15.30 -54.32 -33.25
CA ALA D 38 -16.37 -54.31 -32.25
C ALA D 38 -17.66 -54.92 -32.82
N ASP D 39 -17.93 -54.66 -34.09
CA ASP D 39 -19.07 -55.27 -34.77
C ASP D 39 -18.88 -56.78 -34.90
N ALA D 40 -17.68 -57.19 -35.31
CA ALA D 40 -17.31 -58.61 -35.38
C ALA D 40 -17.15 -59.24 -33.99
N GLU D 41 -17.22 -58.41 -32.95
CA GLU D 41 -17.14 -58.85 -31.55
C GLU D 41 -15.86 -59.65 -31.27
N ILE D 42 -14.76 -59.21 -31.86
CA ILE D 42 -13.44 -59.72 -31.56
C ILE D 42 -12.93 -58.91 -30.38
N ASN D 43 -12.82 -59.54 -29.20
CA ASN D 43 -12.44 -58.81 -28.00
C ASN D 43 -11.02 -58.27 -28.07
N ILE D 44 -10.91 -56.96 -27.87
CA ILE D 44 -9.64 -56.24 -27.95
C ILE D 44 -8.76 -56.44 -26.72
N ASP D 45 -7.44 -56.42 -26.94
CA ASP D 45 -6.48 -56.30 -25.84
C ASP D 45 -5.53 -55.12 -26.14
N MET D 46 -4.29 -55.39 -26.55
CA MET D 46 -3.33 -54.33 -26.77
C MET D 46 -3.71 -53.49 -27.97
N VAL D 47 -3.41 -52.19 -27.89
CA VAL D 47 -3.41 -51.32 -29.06
C VAL D 47 -2.12 -50.49 -29.01
N LEU D 48 -1.55 -50.23 -30.18
CA LEU D 48 -0.33 -49.48 -30.30
C LEU D 48 -0.38 -48.63 -31.55
N GLN D 49 -0.30 -47.31 -31.38
CA GLN D 49 -0.22 -46.38 -32.49
C GLN D 49 0.80 -45.33 -32.13
N ASN D 50 1.86 -45.22 -32.92
CA ASN D 50 2.89 -44.19 -32.70
C ASN D 50 2.52 -42.93 -33.49
N VAL D 51 3.38 -41.92 -33.46
CA VAL D 51 3.11 -40.66 -34.15
C VAL D 51 3.22 -40.83 -35.65
N SER D 52 2.45 -40.04 -36.39
CA SER D 52 2.39 -40.14 -37.85
C SER D 52 3.65 -39.60 -38.53
N SER D 53 3.86 -40.02 -39.78
CA SER D 53 4.94 -39.50 -40.60
C SER D 53 4.69 -38.02 -40.94
N VAL D 54 5.75 -37.24 -41.01
CA VAL D 54 5.67 -35.85 -41.48
C VAL D 54 5.57 -35.85 -43.00
N GLU D 55 6.45 -36.62 -43.64
CA GLU D 55 6.44 -36.84 -45.08
C GLU D 55 5.05 -37.26 -45.56
N ASP D 56 4.56 -38.37 -45.03
CA ASP D 56 3.31 -38.99 -45.49
C ASP D 56 2.07 -38.32 -44.88
N GLY D 57 1.98 -38.37 -43.55
CA GLY D 57 0.80 -37.92 -42.82
C GLY D 57 -0.04 -39.08 -42.29
N THR D 58 0.61 -40.22 -42.07
CA THR D 58 -0.08 -41.46 -41.72
C THR D 58 0.70 -42.25 -40.66
N THR D 59 -0.02 -43.09 -39.92
CA THR D 59 0.60 -44.04 -38.98
C THR D 59 0.13 -45.46 -39.27
N ASP D 60 0.61 -46.39 -38.44
CA ASP D 60 0.12 -47.76 -38.43
C ASP D 60 -0.47 -48.08 -37.04
N ILE D 61 -1.55 -48.85 -37.01
CA ILE D 61 -2.19 -49.27 -35.76
C ILE D 61 -2.04 -50.78 -35.54
N THR D 62 -1.16 -51.15 -34.62
CA THR D 62 -0.97 -52.56 -34.24
C THR D 62 -1.81 -52.90 -33.02
N PHE D 63 -2.58 -53.97 -33.11
CA PHE D 63 -3.40 -54.43 -32.00
C PHE D 63 -3.31 -55.94 -31.85
N THR D 64 -3.48 -56.44 -30.63
CA THR D 64 -3.49 -57.88 -30.39
C THR D 64 -4.88 -58.39 -30.04
N CYS D 65 -5.09 -59.68 -30.28
CA CYS D 65 -6.37 -60.34 -30.04
C CYS D 65 -6.17 -61.84 -29.79
N PRO D 66 -7.18 -62.52 -29.22
CA PRO D 66 -7.07 -63.97 -29.04
C PRO D 66 -6.68 -64.66 -30.35
N ARG D 67 -5.56 -65.38 -30.34
CA ARG D 67 -4.94 -65.93 -31.55
C ARG D 67 -5.91 -66.60 -32.52
N SER D 68 -6.91 -67.31 -31.98
CA SER D 68 -7.94 -67.94 -32.81
C SER D 68 -8.72 -66.94 -33.68
N ASP D 69 -8.92 -65.73 -33.15
CA ASP D 69 -9.64 -64.67 -33.86
C ASP D 69 -8.72 -63.80 -34.74
N GLY D 70 -7.45 -64.21 -34.88
CA GLY D 70 -6.43 -63.38 -35.52
C GLY D 70 -6.52 -63.27 -37.04
N ARG D 71 -6.63 -64.41 -37.71
CA ARG D 71 -6.74 -64.44 -39.18
C ARG D 71 -8.07 -63.83 -39.63
N ARG D 72 -9.13 -64.15 -38.89
CA ARG D 72 -10.46 -63.55 -39.13
C ARG D 72 -10.38 -62.04 -39.04
N ALA D 73 -9.71 -61.54 -38.01
CA ALA D 73 -9.58 -60.10 -37.77
C ALA D 73 -8.77 -59.40 -38.86
N MET D 74 -7.72 -60.05 -39.34
CA MET D 74 -6.90 -59.47 -40.42
C MET D 74 -7.74 -59.31 -41.69
N GLU D 75 -8.53 -60.33 -42.00
CA GLU D 75 -9.37 -60.31 -43.20
C GLU D 75 -10.65 -59.50 -43.03
N ILE D 76 -10.98 -59.10 -41.79
CA ILE D 76 -12.07 -58.16 -41.55
C ILE D 76 -11.68 -56.76 -42.02
N LEU D 77 -10.49 -56.31 -41.62
CA LEU D 77 -10.00 -54.98 -41.97
C LEU D 77 -9.61 -54.84 -43.45
N LYS D 78 -9.36 -55.97 -44.11
CA LYS D 78 -9.06 -55.96 -45.56
C LYS D 78 -10.27 -55.47 -46.37
N LYS D 79 -11.47 -55.86 -45.95
CA LYS D 79 -12.70 -55.42 -46.61
C LYS D 79 -12.89 -53.90 -46.51
N LEU D 80 -12.46 -53.30 -45.41
CA LEU D 80 -12.56 -51.86 -45.21
C LEU D 80 -11.34 -51.16 -45.81
N GLN D 81 -11.31 -51.03 -47.13
CA GLN D 81 -10.15 -50.47 -47.84
C GLN D 81 -10.48 -50.22 -49.31
N ASN D 85 -8.48 -47.15 -48.41
CA ASN D 85 -7.63 -46.01 -48.05
C ASN D 85 -6.24 -46.45 -47.60
N TRP D 86 -6.17 -47.58 -46.90
CA TRP D 86 -4.95 -47.99 -46.19
C TRP D 86 -4.00 -48.80 -47.09
N THR D 87 -2.70 -48.71 -46.79
CA THR D 87 -1.66 -49.32 -47.62
C THR D 87 -1.59 -50.85 -47.53
N ASN D 88 -1.84 -51.41 -46.34
CA ASN D 88 -1.83 -52.87 -46.16
C ASN D 88 -2.27 -53.31 -44.76
N VAL D 89 -2.44 -54.63 -44.59
CA VAL D 89 -2.73 -55.23 -43.28
C VAL D 89 -1.96 -56.54 -43.12
N LEU D 90 -1.23 -56.70 -42.01
CA LEU D 90 -0.37 -57.86 -41.80
C LEU D 90 -0.86 -58.74 -40.64
N TYR D 91 -0.76 -60.06 -40.83
CA TYR D 91 -1.16 -61.04 -39.81
C TYR D 91 0.07 -61.68 -39.16
N ASP D 92 -0.05 -62.00 -37.87
CA ASP D 92 1.03 -62.61 -37.12
C ASP D 92 0.47 -63.50 -36.01
N ASP D 93 0.93 -64.74 -35.93
CA ASP D 93 0.51 -65.66 -34.87
C ASP D 93 1.65 -66.53 -34.33
N GLN D 94 2.87 -66.01 -34.38
CA GLN D 94 3.99 -66.58 -33.64
C GLN D 94 4.59 -65.47 -32.77
N VAL D 95 3.74 -64.57 -32.32
CA VAL D 95 4.14 -63.48 -31.44
C VAL D 95 3.97 -63.92 -30.00
N GLY D 96 4.91 -63.51 -29.16
CA GLY D 96 4.87 -63.79 -27.73
C GLY D 96 5.08 -62.52 -26.96
N LYS D 97 4.42 -62.41 -25.81
CA LYS D 97 4.50 -61.21 -24.96
C LYS D 97 5.22 -61.55 -23.67
N VAL D 98 6.21 -60.73 -23.32
CA VAL D 98 6.88 -60.83 -22.03
C VAL D 98 6.81 -59.46 -21.33
N SER D 99 6.34 -59.48 -20.08
CA SER D 99 6.13 -58.26 -19.31
C SER D 99 6.91 -58.31 -18.01
N LEU D 100 7.29 -57.14 -17.51
CA LEU D 100 7.80 -56.99 -16.15
C LEU D 100 6.78 -56.20 -15.35
N VAL D 101 6.15 -56.86 -14.36
CA VAL D 101 5.10 -56.23 -13.56
C VAL D 101 5.67 -55.63 -12.28
N GLY D 102 5.15 -54.46 -11.90
CA GLY D 102 5.60 -53.78 -10.69
C GLY D 102 4.89 -52.44 -10.47
N ALA D 103 5.60 -51.51 -9.82
CA ALA D 103 5.07 -50.17 -9.60
C ALA D 103 6.21 -49.17 -9.32
N GLY D 104 6.02 -47.93 -9.75
CA GLY D 104 7.00 -46.87 -9.52
C GLY D 104 8.24 -46.97 -10.39
N MET D 105 8.06 -47.25 -11.68
CA MET D 105 9.18 -47.40 -12.62
C MET D 105 9.49 -46.11 -13.40
N LYS D 106 8.67 -45.08 -13.20
CA LYS D 106 8.91 -43.77 -13.81
C LYS D 106 10.12 -43.09 -13.17
N SER D 107 10.21 -43.17 -11.84
CA SER D 107 11.29 -42.54 -11.10
C SER D 107 12.61 -43.33 -11.15
N HIS D 108 12.55 -44.57 -11.63
CA HIS D 108 13.76 -45.40 -11.75
C HIS D 108 13.89 -45.94 -13.17
N PRO D 109 14.49 -45.15 -14.08
CA PRO D 109 14.57 -45.49 -15.50
C PRO D 109 15.53 -46.63 -15.86
N GLY D 110 16.42 -46.98 -14.94
CA GLY D 110 17.34 -48.11 -15.13
C GLY D 110 16.60 -49.42 -15.38
N VAL D 111 15.42 -49.55 -14.77
CA VAL D 111 14.56 -50.71 -14.98
C VAL D 111 14.23 -50.85 -16.47
N THR D 112 13.79 -49.75 -17.06
CA THR D 112 13.48 -49.70 -18.50
C THR D 112 14.71 -50.06 -19.32
N ALA D 113 15.87 -49.53 -18.94
CA ALA D 113 17.12 -49.79 -19.64
C ALA D 113 17.56 -51.25 -19.46
N GLU D 114 17.71 -51.66 -18.20
CA GLU D 114 18.19 -53.01 -17.87
C GLU D 114 17.28 -54.11 -18.41
N PHE D 115 15.99 -53.80 -18.56
CA PHE D 115 15.04 -54.69 -19.25
C PHE D 115 15.54 -54.90 -20.68
N MET D 116 15.89 -53.81 -21.34
CA MET D 116 16.29 -53.84 -22.75
C MET D 116 17.74 -54.32 -22.89
N GLU D 117 18.52 -54.15 -21.84
CA GLU D 117 19.90 -54.65 -21.81
C GLU D 117 19.92 -56.16 -21.59
N ALA D 118 19.06 -56.64 -20.69
CA ALA D 118 18.98 -58.07 -20.40
C ALA D 118 18.56 -58.91 -21.60
N LEU D 119 17.73 -58.34 -22.48
CA LEU D 119 17.24 -59.06 -23.66
C LEU D 119 18.23 -59.03 -24.83
N ARG D 120 18.96 -57.93 -24.99
CA ARG D 120 19.99 -57.85 -26.03
C ARG D 120 21.13 -58.85 -25.78
N ASP D 121 21.39 -59.13 -24.50
CA ASP D 121 22.45 -60.06 -24.10
C ASP D 121 22.06 -61.52 -24.35
N VAL D 122 20.79 -61.76 -24.71
CA VAL D 122 20.32 -63.10 -25.11
C VAL D 122 19.94 -63.11 -26.60
N ASN D 123 20.19 -62.00 -27.30
CA ASN D 123 19.87 -61.86 -28.72
C ASN D 123 18.39 -62.21 -29.03
N VAL D 124 17.49 -61.40 -28.49
CA VAL D 124 16.05 -61.59 -28.68
C VAL D 124 15.44 -60.39 -29.40
N ASN D 125 14.62 -60.66 -30.41
CA ASN D 125 14.06 -59.61 -31.25
C ASN D 125 12.98 -58.82 -30.52
N ILE D 126 13.26 -57.55 -30.20
CA ILE D 126 12.28 -56.67 -29.57
C ILE D 126 11.51 -55.95 -30.66
N GLU D 127 10.31 -56.44 -30.95
CA GLU D 127 9.51 -55.93 -32.06
C GLU D 127 8.66 -54.73 -31.63
N LEU D 128 7.82 -54.93 -30.62
CA LEU D 128 6.98 -53.85 -30.09
C LEU D 128 7.30 -53.57 -28.63
N ILE D 129 6.90 -52.38 -28.18
CA ILE D 129 7.10 -51.95 -26.80
C ILE D 129 5.85 -51.17 -26.36
N SER D 130 5.38 -51.45 -25.16
CA SER D 130 4.21 -50.76 -24.61
C SER D 130 4.26 -50.79 -23.10
N THR D 131 4.91 -49.77 -22.54
CA THR D 131 5.18 -49.72 -21.10
C THR D 131 4.34 -48.66 -20.40
N SER D 132 4.49 -48.59 -19.08
CA SER D 132 3.92 -47.53 -18.25
C SER D 132 4.65 -47.55 -16.90
N GLU D 133 4.12 -46.85 -15.90
CA GLU D 133 4.69 -46.89 -14.55
C GLU D 133 4.62 -48.28 -13.91
N ILE D 134 3.58 -49.05 -14.23
CA ILE D 134 3.30 -50.33 -13.55
C ILE D 134 3.63 -51.58 -14.36
N ARG D 135 4.04 -51.43 -15.62
CA ARG D 135 4.61 -52.54 -16.37
C ARG D 135 5.44 -52.13 -17.60
N ILE D 136 6.32 -53.03 -18.01
CA ILE D 136 7.09 -52.90 -19.23
C ILE D 136 6.86 -54.14 -20.07
N SER D 137 5.94 -54.03 -21.03
CA SER D 137 5.61 -55.12 -21.93
C SER D 137 6.29 -54.93 -23.27
N VAL D 138 6.79 -56.01 -23.84
CA VAL D 138 7.39 -56.00 -25.18
C VAL D 138 7.00 -57.27 -25.95
N LEU D 139 6.70 -57.11 -27.23
CA LEU D 139 6.40 -58.25 -28.09
C LEU D 139 7.68 -58.76 -28.76
N ILE D 140 7.98 -60.03 -28.55
CA ILE D 140 9.14 -60.67 -29.17
C ILE D 140 8.69 -61.90 -29.94
N ARG D 141 9.65 -62.67 -30.47
CA ARG D 141 9.32 -63.89 -31.19
C ARG D 141 9.00 -65.02 -30.21
N GLU D 142 7.88 -65.69 -30.46
CA GLU D 142 7.36 -66.74 -29.57
C GLU D 142 8.42 -67.67 -28.99
N ASP D 143 9.36 -68.11 -29.83
CA ASP D 143 10.38 -69.07 -29.40
C ASP D 143 11.34 -68.50 -28.35
N ASP D 144 11.57 -67.20 -28.40
CA ASP D 144 12.50 -66.53 -27.47
C ASP D 144 11.92 -66.21 -26.10
N LEU D 145 10.65 -66.56 -25.87
CA LEU D 145 9.97 -66.29 -24.58
C LEU D 145 10.77 -66.74 -23.36
N ASP D 146 11.23 -68.00 -23.37
CA ASP D 146 11.95 -68.57 -22.23
C ASP D 146 13.35 -67.98 -22.07
N ALA D 147 14.06 -67.80 -23.19
CA ALA D 147 15.37 -67.14 -23.17
C ALA D 147 15.24 -65.66 -22.78
N ALA D 148 14.09 -65.06 -23.09
CA ALA D 148 13.80 -63.69 -22.66
C ALA D 148 13.50 -63.65 -21.17
N ALA D 149 12.68 -64.59 -20.70
CA ALA D 149 12.31 -64.66 -19.29
C ALA D 149 13.55 -64.82 -18.41
N ARG D 150 14.32 -65.89 -18.66
CA ARG D 150 15.53 -66.17 -17.88
C ARG D 150 16.41 -64.93 -17.65
N ALA D 151 16.57 -64.12 -18.70
CA ALA D 151 17.38 -62.91 -18.61
C ALA D 151 16.74 -61.86 -17.68
N LEU D 152 15.42 -61.74 -17.72
CA LEU D 152 14.70 -60.82 -16.85
C LEU D 152 14.71 -61.28 -15.40
N HIS D 153 14.53 -62.58 -15.19
CA HIS D 153 14.60 -63.18 -13.86
C HIS D 153 15.96 -62.96 -13.21
N GLU D 154 17.03 -63.11 -14.01
CA GLU D 154 18.39 -62.90 -13.52
C GLU D 154 18.75 -61.42 -13.34
N GLN D 155 18.22 -60.56 -14.21
CA GLN D 155 18.51 -59.13 -14.16
C GLN D 155 17.93 -58.46 -12.92
N PHE D 156 16.62 -58.61 -12.73
CA PHE D 156 15.91 -57.95 -11.64
C PHE D 156 15.69 -58.85 -10.40
N GLN D 157 16.23 -60.07 -10.45
CA GLN D 157 16.16 -61.03 -9.34
C GLN D 157 14.73 -61.32 -8.87
N LEU D 158 13.98 -62.07 -9.69
CA LEU D 158 12.62 -62.48 -9.34
C LEU D 158 12.55 -64.01 -9.21
N ALA E 2 44.37 7.93 -38.71
CA ALA E 2 44.64 6.56 -38.23
C ALA E 2 43.52 5.61 -38.65
N LEU E 3 43.61 4.35 -38.24
CA LEU E 3 42.53 3.39 -38.46
C LEU E 3 42.08 2.84 -37.10
N VAL E 4 40.85 3.16 -36.73
CA VAL E 4 40.34 2.86 -35.40
C VAL E 4 39.14 1.92 -35.46
N VAL E 5 39.32 0.71 -34.92
CA VAL E 5 38.20 -0.22 -34.75
C VAL E 5 37.55 0.08 -33.42
N GLN E 6 36.21 0.11 -33.41
CA GLN E 6 35.46 0.43 -32.21
C GLN E 6 34.37 -0.60 -31.95
N LYS E 7 34.39 -1.21 -30.78
CA LYS E 7 33.35 -2.15 -30.36
C LYS E 7 32.44 -1.50 -29.32
N TYR E 8 31.13 -1.54 -29.57
CA TYR E 8 30.14 -1.06 -28.60
C TYR E 8 29.25 -2.20 -28.18
N GLY E 9 29.18 -2.46 -26.88
CA GLY E 9 28.35 -3.54 -26.35
C GLY E 9 26.88 -3.16 -26.29
N GLY E 10 26.08 -4.03 -25.67
CA GLY E 10 24.63 -3.82 -25.60
C GLY E 10 24.22 -2.66 -24.71
N SER E 11 24.90 -2.51 -23.58
CA SER E 11 24.61 -1.42 -22.65
C SER E 11 24.83 -0.05 -23.28
N SER E 12 25.85 0.06 -24.13
CA SER E 12 26.12 1.33 -24.84
C SER E 12 25.03 1.65 -25.86
N LEU E 13 24.30 0.64 -26.31
CA LEU E 13 23.28 0.80 -27.35
C LEU E 13 21.87 0.40 -26.87
N GLU E 14 21.56 0.58 -25.59
CA GLU E 14 20.28 0.09 -25.05
C GLU E 14 19.08 1.02 -25.25
N SER E 15 19.29 2.21 -25.83
CA SER E 15 18.19 3.10 -26.18
C SER E 15 18.54 4.01 -27.36
N ALA E 16 17.55 4.73 -27.85
CA ALA E 16 17.73 5.62 -29.01
C ALA E 16 18.66 6.78 -28.68
N GLU E 17 18.52 7.32 -27.48
CA GLU E 17 19.37 8.43 -27.03
C GLU E 17 20.84 8.00 -26.96
N ARG E 18 21.08 6.76 -26.58
CA ARG E 18 22.44 6.24 -26.44
C ARG E 18 23.04 5.91 -27.80
N ILE E 19 22.22 5.38 -28.71
CA ILE E 19 22.66 5.12 -30.07
C ILE E 19 23.06 6.42 -30.75
N ARG E 20 22.26 7.47 -30.55
CA ARG E 20 22.58 8.80 -31.10
C ARG E 20 23.83 9.38 -30.46
N ASN E 21 23.95 9.22 -29.13
CA ASN E 21 25.13 9.67 -28.39
C ASN E 21 26.39 8.94 -28.86
N VAL E 22 26.30 7.63 -29.03
CA VAL E 22 27.38 6.83 -29.59
C VAL E 22 27.62 7.20 -31.06
N ALA E 23 26.56 7.49 -31.79
CA ALA E 23 26.67 7.92 -33.19
C ALA E 23 27.57 9.14 -33.33
N GLU E 24 27.37 10.12 -32.46
CA GLU E 24 28.18 11.34 -32.47
C GLU E 24 29.64 11.03 -32.18
N ARG E 25 29.89 10.13 -31.24
CA ARG E 25 31.25 9.72 -30.91
C ARG E 25 31.94 9.05 -32.08
N ILE E 26 31.22 8.17 -32.77
CA ILE E 26 31.73 7.53 -33.98
C ILE E 26 32.09 8.62 -35.01
N VAL E 27 31.18 9.55 -35.23
CA VAL E 27 31.39 10.62 -36.21
C VAL E 27 32.42 11.65 -35.72
N ALA E 28 32.44 11.91 -34.41
CA ALA E 28 33.46 12.77 -33.81
C ALA E 28 34.83 12.17 -34.00
N THR E 29 34.92 10.84 -33.86
CA THR E 29 36.17 10.12 -34.09
C THR E 29 36.66 10.35 -35.52
N LYS E 30 35.77 10.18 -36.49
CA LYS E 30 36.13 10.38 -37.90
C LYS E 30 36.63 11.80 -38.19
N LYS E 31 35.97 12.79 -37.59
CA LYS E 31 36.36 14.20 -37.72
C LYS E 31 37.77 14.47 -37.18
N ALA E 32 38.23 13.62 -36.27
CA ALA E 32 39.61 13.70 -35.76
C ALA E 32 40.64 13.26 -36.79
N GLY E 33 40.20 12.81 -37.96
CA GLY E 33 41.09 12.46 -39.05
C GLY E 33 41.51 11.00 -39.06
N ASN E 34 40.52 10.11 -39.10
CA ASN E 34 40.80 8.68 -39.19
C ASN E 34 39.65 7.86 -39.80
N ASP E 35 39.97 6.65 -40.21
CA ASP E 35 38.99 5.70 -40.74
C ASP E 35 38.41 4.92 -39.57
N VAL E 36 37.09 4.92 -39.44
CA VAL E 36 36.42 4.32 -38.30
C VAL E 36 35.67 3.06 -38.71
N VAL E 37 36.00 1.94 -38.07
CA VAL E 37 35.25 0.69 -38.23
C VAL E 37 34.53 0.43 -36.91
N VAL E 38 33.21 0.26 -37.00
CA VAL E 38 32.38 0.11 -35.82
C VAL E 38 31.77 -1.28 -35.77
N VAL E 39 31.99 -1.99 -34.67
CA VAL E 39 31.36 -3.28 -34.45
C VAL E 39 30.34 -3.10 -33.33
N CYS E 40 29.11 -3.53 -33.59
CA CYS E 40 28.01 -3.38 -32.63
C CYS E 40 27.46 -4.72 -32.20
N SER E 41 27.18 -4.84 -30.90
CA SER E 41 26.39 -5.94 -30.37
C SER E 41 24.92 -5.57 -30.47
N ALA E 42 24.04 -6.49 -30.10
CA ALA E 42 22.60 -6.21 -30.09
C ALA E 42 22.27 -5.29 -28.91
N MET E 43 21.11 -4.64 -28.98
CA MET E 43 20.70 -3.68 -27.97
C MET E 43 20.48 -4.37 -26.62
N GLY E 44 21.02 -3.78 -25.56
CA GLY E 44 20.87 -4.31 -24.21
C GLY E 44 21.05 -5.82 -24.10
N ASP E 45 20.05 -6.47 -23.53
CA ASP E 45 20.08 -7.92 -23.28
C ASP E 45 19.53 -8.76 -24.43
N THR E 46 19.27 -8.12 -25.57
CA THR E 46 18.59 -8.78 -26.69
C THR E 46 19.18 -10.14 -27.06
N THR E 47 20.50 -10.29 -26.96
CA THR E 47 21.14 -11.56 -27.25
C THR E 47 20.81 -12.62 -26.19
N ASP E 48 20.93 -12.25 -24.90
CA ASP E 48 20.54 -13.16 -23.82
C ASP E 48 19.04 -13.48 -23.89
N GLU E 49 18.25 -12.50 -24.32
CA GLU E 49 16.82 -12.70 -24.50
C GLU E 49 16.53 -13.65 -25.67
N LEU E 50 17.26 -13.49 -26.77
CA LEU E 50 17.06 -14.34 -27.95
C LEU E 50 17.55 -15.77 -27.72
N LEU E 51 18.56 -15.93 -26.87
CA LEU E 51 19.00 -17.25 -26.46
C LEU E 51 17.91 -17.95 -25.64
N GLU E 52 17.32 -17.22 -24.70
CA GLU E 52 16.17 -17.73 -23.91
C GLU E 52 15.04 -18.20 -24.82
N LEU E 53 14.73 -17.38 -25.83
CA LEU E 53 13.69 -17.71 -26.81
C LEU E 53 14.04 -18.96 -27.60
N ALA E 54 15.28 -19.03 -28.09
CA ALA E 54 15.75 -20.19 -28.85
C ALA E 54 15.62 -21.49 -28.06
N ALA E 55 16.13 -21.48 -26.82
CA ALA E 55 16.10 -22.66 -25.96
C ALA E 55 14.68 -23.16 -25.64
N ALA E 56 13.71 -22.26 -25.67
CA ALA E 56 12.31 -22.60 -25.39
C ALA E 56 11.61 -23.20 -26.59
N VAL E 57 11.83 -22.62 -27.77
CA VAL E 57 11.22 -23.14 -29.02
C VAL E 57 11.87 -24.43 -29.51
N ASN E 58 13.13 -24.66 -29.12
CA ASN E 58 13.84 -25.90 -29.45
C ASN E 58 15.05 -26.07 -28.54
N PRO E 59 15.06 -27.14 -27.74
CA PRO E 59 16.28 -27.48 -27.00
C PRO E 59 17.25 -28.15 -27.98
N VAL E 60 18.49 -27.67 -28.03
CA VAL E 60 19.41 -28.02 -29.11
C VAL E 60 18.87 -27.44 -30.43
N PRO E 61 18.88 -26.10 -30.54
CA PRO E 61 18.45 -25.44 -31.76
C PRO E 61 19.50 -25.55 -32.87
N PRO E 62 19.07 -25.78 -34.12
CA PRO E 62 20.05 -25.91 -35.20
C PRO E 62 20.89 -24.66 -35.38
N ALA E 63 22.15 -24.84 -35.78
CA ALA E 63 23.09 -23.73 -35.95
C ALA E 63 22.66 -22.78 -37.05
N ARG E 64 22.13 -23.33 -38.14
CA ARG E 64 21.65 -22.53 -39.26
C ARG E 64 20.70 -21.43 -38.77
N GLU E 65 19.63 -21.83 -38.08
CA GLU E 65 18.60 -20.90 -37.64
C GLU E 65 19.13 -20.04 -36.48
N MET E 66 20.04 -20.61 -35.70
CA MET E 66 20.66 -19.89 -34.58
C MET E 66 21.43 -18.68 -35.08
N ASP E 67 22.06 -18.83 -36.24
CA ASP E 67 22.72 -17.70 -36.91
C ASP E 67 21.71 -16.63 -37.32
N MET E 68 20.65 -17.06 -37.99
CA MET E 68 19.57 -16.17 -38.40
C MET E 68 19.00 -15.38 -37.22
N LEU E 69 18.85 -16.05 -36.09
CA LEU E 69 18.30 -15.42 -34.89
C LEU E 69 19.23 -14.34 -34.34
N LEU E 70 20.48 -14.69 -34.06
CA LEU E 70 21.41 -13.76 -33.43
C LEU E 70 21.97 -12.70 -34.37
N THR E 71 22.06 -13.02 -35.67
CA THR E 71 22.39 -12.01 -36.67
C THR E 71 21.28 -10.96 -36.75
N ALA E 72 20.03 -11.42 -36.76
CA ALA E 72 18.85 -10.54 -36.76
C ALA E 72 18.90 -9.58 -35.59
N GLY E 73 19.24 -10.09 -34.40
CA GLY E 73 19.32 -9.27 -33.20
C GLY E 73 20.39 -8.20 -33.27
N GLU E 74 21.53 -8.56 -33.86
CA GLU E 74 22.65 -7.63 -34.02
C GLU E 74 22.43 -6.65 -35.18
N ARG E 75 21.74 -7.12 -36.21
CA ARG E 75 21.49 -6.30 -37.40
C ARG E 75 20.50 -5.15 -37.12
N ILE E 76 19.74 -5.28 -36.03
CA ILE E 76 18.88 -4.18 -35.57
C ILE E 76 19.73 -3.01 -35.09
N SER E 77 20.72 -3.29 -34.26
CA SER E 77 21.68 -2.28 -33.81
C SER E 77 22.37 -1.61 -34.99
N ASN E 78 22.95 -2.42 -35.89
CA ASN E 78 23.51 -1.92 -37.14
C ASN E 78 22.64 -0.82 -37.73
N ALA E 79 21.40 -1.19 -38.04
CA ALA E 79 20.49 -0.31 -38.76
C ALA E 79 20.26 0.99 -38.00
N LEU E 80 20.00 0.87 -36.71
CA LEU E 80 19.74 2.04 -35.86
C LEU E 80 21.00 2.91 -35.76
N VAL E 81 22.15 2.28 -35.53
CA VAL E 81 23.43 3.00 -35.49
C VAL E 81 23.72 3.63 -36.85
N ALA E 82 23.58 2.85 -37.92
CA ALA E 82 23.74 3.36 -39.29
C ALA E 82 22.89 4.60 -39.53
N MET E 83 21.60 4.50 -39.23
CA MET E 83 20.68 5.65 -39.36
C MET E 83 21.16 6.89 -38.63
N ALA E 84 21.64 6.70 -37.40
CA ALA E 84 22.11 7.79 -36.56
C ALA E 84 23.34 8.47 -37.15
N ILE E 85 24.31 7.66 -37.60
CA ILE E 85 25.54 8.18 -38.25
C ILE E 85 25.20 9.01 -39.48
N GLU E 86 24.21 8.53 -40.24
CA GLU E 86 23.76 9.21 -41.46
C GLU E 86 23.10 10.55 -41.09
N SER E 87 22.33 10.54 -40.01
CA SER E 87 21.70 11.75 -39.49
C SER E 87 22.73 12.84 -39.14
N LEU E 88 23.92 12.41 -38.74
CA LEU E 88 25.00 13.33 -38.37
C LEU E 88 25.93 13.69 -39.54
N GLY E 89 25.60 13.20 -40.74
CA GLY E 89 26.31 13.60 -41.95
C GLY E 89 27.51 12.75 -42.34
N ALA E 90 27.56 11.52 -41.84
CA ALA E 90 28.54 10.54 -42.30
C ALA E 90 27.83 9.56 -43.23
N GLU E 91 28.60 8.70 -43.89
CA GLU E 91 28.04 7.67 -44.75
C GLU E 91 28.33 6.29 -44.18
N ALA E 92 27.27 5.58 -43.81
CA ALA E 92 27.39 4.24 -43.23
C ALA E 92 27.46 3.18 -44.33
N GLN E 93 28.18 2.10 -44.04
CA GLN E 93 28.27 0.95 -44.92
C GLN E 93 28.20 -0.30 -44.04
N SER E 94 27.09 -1.00 -44.08
CA SER E 94 26.86 -2.14 -43.19
C SER E 94 27.47 -3.43 -43.72
N PHE E 95 27.89 -4.30 -42.80
CA PHE E 95 28.52 -5.58 -43.15
C PHE E 95 28.06 -6.69 -42.21
N THR E 96 27.95 -7.90 -42.75
CA THR E 96 27.85 -9.12 -41.96
C THR E 96 29.26 -9.64 -41.68
N GLY E 97 29.54 -10.00 -40.42
CA GLY E 97 30.84 -10.57 -40.05
C GLY E 97 31.10 -11.89 -40.75
N SER E 98 31.46 -11.80 -42.03
CA SER E 98 31.48 -12.93 -42.96
C SER E 98 31.40 -12.36 -44.38
N GLN E 99 30.39 -11.50 -44.58
CA GLN E 99 30.31 -10.63 -45.75
C GLN E 99 31.57 -9.76 -45.78
N ALA E 100 31.99 -9.33 -44.60
CA ALA E 100 33.37 -8.94 -44.34
C ALA E 100 34.08 -10.21 -43.85
N GLY E 101 34.91 -10.80 -44.71
CA GLY E 101 35.46 -12.15 -44.49
C GLY E 101 36.02 -12.41 -43.10
N VAL E 102 35.82 -13.64 -42.62
CA VAL E 102 36.32 -14.08 -41.31
C VAL E 102 37.09 -15.39 -41.50
N LEU E 103 37.11 -16.27 -40.51
CA LEU E 103 37.74 -17.59 -40.65
C LEU E 103 36.80 -18.57 -41.35
N THR E 104 35.78 -19.04 -40.63
CA THR E 104 34.81 -20.01 -41.16
C THR E 104 35.47 -21.36 -41.44
N VAL E 116 40.28 -14.84 -42.00
CA VAL E 116 39.99 -13.42 -41.85
C VAL E 116 40.33 -12.64 -43.11
N THR E 117 39.33 -12.43 -43.97
CA THR E 117 39.50 -11.65 -45.21
C THR E 117 38.81 -10.27 -45.12
N PRO E 118 39.60 -9.20 -44.89
CA PRO E 118 39.04 -7.86 -44.72
C PRO E 118 38.67 -7.17 -46.04
N GLY E 119 39.41 -7.48 -47.10
CA GLY E 119 39.15 -6.99 -48.46
C GLY E 119 38.21 -5.82 -48.64
N ARG E 120 36.92 -6.11 -48.73
CA ARG E 120 35.93 -5.10 -49.17
C ARG E 120 35.48 -4.12 -48.08
N VAL E 121 35.97 -4.29 -46.85
CA VAL E 121 35.75 -3.32 -45.78
C VAL E 121 36.63 -2.09 -45.99
N ARG E 122 37.90 -2.32 -46.33
CA ARG E 122 38.85 -1.24 -46.59
C ARG E 122 38.48 -0.45 -47.83
N GLU E 123 37.86 -1.12 -48.81
CA GLU E 123 37.36 -0.46 -50.01
C GLU E 123 36.35 0.63 -49.64
N ALA E 124 35.48 0.31 -48.68
CA ALA E 124 34.49 1.27 -48.18
C ALA E 124 35.16 2.41 -47.41
N LEU E 125 36.20 2.08 -46.65
CA LEU E 125 36.98 3.07 -45.91
C LEU E 125 37.71 4.02 -46.84
N ASP E 126 38.31 3.48 -47.90
CA ASP E 126 39.00 4.29 -48.91
C ASP E 126 38.04 5.27 -49.59
N GLU E 127 36.79 4.85 -49.78
CA GLU E 127 35.73 5.73 -50.28
C GLU E 127 35.26 6.73 -49.21
N GLY E 128 35.72 6.55 -47.98
CA GLY E 128 35.47 7.51 -46.89
C GLY E 128 34.18 7.26 -46.14
N LYS E 129 33.77 6.00 -46.10
CA LYS E 129 32.51 5.63 -45.43
C LYS E 129 32.80 4.94 -44.10
N ILE E 130 32.04 5.29 -43.07
CA ILE E 130 32.15 4.66 -41.77
C ILE E 130 31.50 3.27 -41.80
N CYS E 131 32.32 2.23 -41.66
CA CYS E 131 31.85 0.86 -41.78
C CYS E 131 31.26 0.32 -40.48
N ILE E 132 30.07 -0.27 -40.56
CA ILE E 132 29.42 -0.93 -39.43
C ILE E 132 29.44 -2.43 -39.65
N VAL E 133 30.08 -3.17 -38.75
CA VAL E 133 30.14 -4.62 -38.84
C VAL E 133 29.42 -5.25 -37.64
N ALA E 134 28.83 -6.42 -37.85
CA ALA E 134 28.18 -7.17 -36.76
C ALA E 134 29.09 -8.33 -36.32
N GLY E 135 29.14 -8.57 -35.00
CA GLY E 135 30.08 -9.54 -34.44
C GLY E 135 29.54 -10.96 -34.38
N PHE E 136 30.00 -11.79 -35.32
CA PHE E 136 29.57 -13.20 -35.40
C PHE E 136 30.28 -13.94 -36.56
N GLN E 137 29.94 -15.21 -36.75
CA GLN E 137 30.38 -15.98 -37.93
C GLN E 137 29.93 -17.44 -37.83
N ARG E 151 28.19 -9.62 -26.76
CA ARG E 151 28.47 -11.04 -26.99
C ARG E 151 29.93 -11.38 -26.67
N GLY E 152 30.26 -12.67 -26.76
CA GLY E 152 31.64 -13.14 -26.66
C GLY E 152 32.38 -12.95 -27.97
N GLY E 153 31.75 -13.34 -29.07
CA GLY E 153 32.32 -13.20 -30.40
C GLY E 153 32.34 -11.79 -30.95
N SER E 154 31.56 -10.90 -30.36
CA SER E 154 31.51 -9.51 -30.80
C SER E 154 32.86 -8.80 -30.61
N ASP E 155 33.49 -9.08 -29.47
CA ASP E 155 34.80 -8.52 -29.15
C ASP E 155 35.89 -9.17 -29.99
N THR E 156 35.77 -10.49 -30.17
CA THR E 156 36.81 -11.27 -30.85
C THR E 156 36.82 -11.04 -32.37
N THR E 157 35.67 -10.67 -32.96
CA THR E 157 35.64 -10.28 -34.36
C THR E 157 36.13 -8.84 -34.53
N ALA E 158 35.99 -8.04 -33.47
CA ALA E 158 36.50 -6.67 -33.45
C ALA E 158 38.03 -6.66 -33.49
N VAL E 159 38.65 -7.50 -32.67
CA VAL E 159 40.11 -7.65 -32.68
C VAL E 159 40.57 -8.38 -33.93
N ALA E 160 39.83 -9.41 -34.34
CA ALA E 160 40.14 -10.15 -35.56
C ALA E 160 40.16 -9.23 -36.78
N LEU E 161 39.15 -8.38 -36.92
CA LEU E 161 39.14 -7.36 -37.98
C LEU E 161 40.32 -6.43 -37.85
N ALA E 162 40.48 -5.83 -36.67
CA ALA E 162 41.59 -4.92 -36.41
C ALA E 162 42.91 -5.49 -36.91
N ALA E 163 43.16 -6.75 -36.59
CA ALA E 163 44.35 -7.45 -37.05
C ALA E 163 44.38 -7.56 -38.56
N ALA E 164 43.31 -8.09 -39.14
CA ALA E 164 43.21 -8.23 -40.60
C ALA E 164 43.43 -6.90 -41.31
N LEU E 165 42.80 -5.84 -40.80
CA LEU E 165 42.89 -4.50 -41.40
C LEU E 165 44.14 -3.73 -40.97
N ASN E 166 44.96 -4.33 -40.10
CA ASN E 166 46.14 -3.66 -39.54
C ASN E 166 45.79 -2.29 -38.96
N ALA E 167 44.71 -2.27 -38.17
CA ALA E 167 44.27 -1.05 -37.52
C ALA E 167 45.26 -0.67 -36.42
N ASP E 168 45.32 0.61 -36.10
CA ASP E 168 46.24 1.11 -35.09
C ASP E 168 45.75 0.78 -33.68
N VAL E 169 44.44 0.92 -33.45
CA VAL E 169 43.86 0.63 -32.13
C VAL E 169 42.46 0.01 -32.26
N CYS E 170 42.11 -0.84 -31.30
CA CYS E 170 40.75 -1.40 -31.20
C CYS E 170 40.14 -1.00 -29.87
N GLU E 171 39.14 -0.13 -29.90
CA GLU E 171 38.52 0.39 -28.69
C GLU E 171 37.31 -0.46 -28.28
N ILE E 172 37.24 -0.85 -27.01
CA ILE E 172 36.11 -1.58 -26.46
C ILE E 172 35.33 -0.65 -25.54
N TYR E 173 34.16 -0.22 -26.00
CA TYR E 173 33.34 0.72 -25.26
C TYR E 173 32.27 0.00 -24.45
N SER E 174 32.11 0.42 -23.19
CA SER E 174 31.07 -0.10 -22.31
C SER E 174 30.81 0.90 -21.17
N ASP E 175 30.36 0.40 -20.03
CA ASP E 175 30.16 1.22 -18.82
C ASP E 175 31.46 1.32 -18.02
N VAL E 176 32.35 0.35 -18.19
CA VAL E 176 33.66 0.37 -17.55
C VAL E 176 34.52 1.42 -18.25
N ASP E 177 34.92 2.46 -17.53
CA ASP E 177 35.74 3.53 -18.10
C ASP E 177 37.25 3.25 -18.09
N GLY E 178 37.65 2.08 -17.60
CA GLY E 178 39.07 1.67 -17.62
C GLY E 178 39.33 0.44 -16.79
N VAL E 179 40.58 -0.05 -16.83
CA VAL E 179 41.02 -1.14 -15.95
C VAL E 179 41.68 -0.53 -14.72
N TYR E 180 41.27 -1.00 -13.55
CA TYR E 180 41.69 -0.43 -12.28
C TYR E 180 42.62 -1.35 -11.51
N THR E 181 43.45 -0.76 -10.66
CA THR E 181 44.40 -1.50 -9.82
C THR E 181 43.69 -2.43 -8.83
N ALA E 182 42.44 -2.10 -8.50
CA ALA E 182 41.56 -3.01 -7.78
C ALA E 182 40.12 -2.53 -7.98
N ASP E 183 39.16 -3.33 -7.54
CA ASP E 183 37.74 -2.94 -7.63
C ASP E 183 37.49 -1.75 -6.71
N PRO E 184 37.03 -0.61 -7.28
CA PRO E 184 36.79 0.62 -6.51
C PRO E 184 35.85 0.51 -5.31
N ARG E 185 34.87 -0.39 -5.35
CA ARG E 185 33.95 -0.58 -4.22
C ARG E 185 34.60 -1.34 -3.05
N ILE E 186 35.45 -2.31 -3.37
CA ILE E 186 36.15 -3.07 -2.33
C ILE E 186 37.30 -2.25 -1.77
N VAL E 187 38.22 -1.86 -2.67
CA VAL E 187 39.38 -1.06 -2.29
C VAL E 187 39.11 0.38 -2.71
N PRO E 188 38.85 1.27 -1.73
CA PRO E 188 38.53 2.66 -2.06
C PRO E 188 39.67 3.39 -2.77
N ASN E 189 40.90 3.21 -2.28
CA ASN E 189 42.07 3.89 -2.86
C ASN E 189 42.46 3.38 -4.26
N ALA E 190 41.69 2.43 -4.80
CA ALA E 190 41.89 1.92 -6.15
C ALA E 190 41.81 3.06 -7.17
N GLN E 191 42.76 3.07 -8.11
CA GLN E 191 42.79 4.08 -9.17
C GLN E 191 42.89 3.43 -10.56
N LYS E 192 42.36 4.13 -11.56
CA LYS E 192 42.38 3.67 -12.95
C LYS E 192 43.81 3.52 -13.46
N LEU E 193 44.00 2.57 -14.37
CA LEU E 193 45.31 2.30 -14.94
C LEU E 193 45.45 3.00 -16.29
N GLU E 194 46.61 3.58 -16.54
CA GLU E 194 46.87 4.26 -17.81
C GLU E 194 47.23 3.27 -18.91
N LYS E 195 48.13 2.34 -18.58
CA LYS E 195 48.60 1.36 -19.56
C LYS E 195 49.02 0.06 -18.89
N LEU E 196 48.92 -1.04 -19.65
CA LEU E 196 49.45 -2.33 -19.24
C LEU E 196 49.69 -3.18 -20.47
N SER E 197 50.54 -4.21 -20.33
CA SER E 197 50.87 -5.09 -21.46
C SER E 197 49.74 -6.10 -21.69
N PHE E 198 49.84 -6.85 -22.79
CA PHE E 198 48.84 -7.86 -23.11
C PHE E 198 48.79 -8.93 -22.02
N GLU E 199 49.94 -9.51 -21.70
CA GLU E 199 50.02 -10.61 -20.75
C GLU E 199 49.50 -10.20 -19.38
N GLU E 200 49.79 -8.96 -18.98
CA GLU E 200 49.30 -8.42 -17.72
C GLU E 200 47.77 -8.27 -17.68
N MET E 201 47.15 -8.02 -18.83
CA MET E 201 45.69 -7.94 -18.91
C MET E 201 45.09 -9.33 -18.85
N LEU E 202 45.64 -10.25 -19.65
CA LEU E 202 45.24 -11.67 -19.62
C LEU E 202 45.18 -12.24 -18.21
N GLU E 203 46.20 -11.96 -17.41
CA GLU E 203 46.32 -12.56 -16.08
C GLU E 203 45.24 -12.05 -15.13
N LEU E 204 45.06 -10.73 -15.08
CA LEU E 204 44.00 -10.12 -14.27
C LEU E 204 42.62 -10.62 -14.69
N ALA E 205 42.37 -10.61 -16.00
CA ALA E 205 41.10 -11.07 -16.54
C ALA E 205 40.90 -12.57 -16.26
N ALA E 206 41.99 -13.32 -16.23
CA ALA E 206 41.92 -14.76 -15.97
C ALA E 206 41.56 -15.09 -14.52
N VAL E 207 41.94 -14.23 -13.57
CA VAL E 207 41.82 -14.57 -12.14
C VAL E 207 40.87 -13.70 -11.34
N GLY E 208 39.97 -13.00 -12.02
CA GLY E 208 38.97 -12.21 -11.31
C GLY E 208 38.10 -11.36 -12.21
N SER E 209 38.65 -10.21 -12.61
CA SER E 209 37.92 -9.27 -13.48
C SER E 209 37.56 -9.92 -14.80
N LYS E 210 36.53 -9.40 -15.43
CA LYS E 210 36.11 -9.88 -16.73
C LYS E 210 35.58 -8.69 -17.52
N ILE E 211 36.40 -7.65 -17.59
CA ILE E 211 36.06 -6.41 -18.29
C ILE E 211 35.91 -6.71 -19.78
N LEU E 212 36.97 -7.27 -20.36
CA LEU E 212 36.95 -7.71 -21.75
C LEU E 212 37.12 -9.23 -21.85
N VAL E 213 36.72 -9.79 -22.99
CA VAL E 213 36.79 -11.23 -23.23
C VAL E 213 38.24 -11.67 -23.40
N LEU E 214 38.68 -12.59 -22.54
CA LEU E 214 40.02 -13.20 -22.64
C LEU E 214 40.39 -13.51 -24.08
N ARG E 215 39.49 -14.19 -24.76
CA ARG E 215 39.75 -14.71 -26.08
C ARG E 215 40.13 -13.58 -27.05
N SER E 216 39.46 -12.43 -26.92
CA SER E 216 39.74 -11.29 -27.78
C SER E 216 41.10 -10.66 -27.48
N VAL E 217 41.50 -10.64 -26.21
CA VAL E 217 42.78 -10.08 -25.81
C VAL E 217 43.94 -10.98 -26.25
N GLU E 218 43.73 -12.29 -26.19
CA GLU E 218 44.70 -13.26 -26.69
C GLU E 218 44.93 -13.10 -28.20
N TYR E 219 43.87 -12.86 -28.96
CA TYR E 219 44.01 -12.54 -30.38
C TYR E 219 44.79 -11.25 -30.55
N ALA E 220 44.46 -10.26 -29.74
CA ALA E 220 45.17 -8.98 -29.73
C ALA E 220 46.67 -9.18 -29.49
N ARG E 221 47.00 -10.04 -28.53
CA ARG E 221 48.40 -10.33 -28.17
C ARG E 221 49.14 -10.96 -29.34
N ALA E 222 48.49 -11.94 -29.98
CA ALA E 222 49.10 -12.67 -31.07
C ALA E 222 49.46 -11.77 -32.25
N PHE E 223 48.55 -10.89 -32.66
CA PHE E 223 48.76 -10.03 -33.82
C PHE E 223 49.21 -8.60 -33.47
N ASN E 224 49.47 -8.36 -32.18
CA ASN E 224 49.86 -7.03 -31.71
C ASN E 224 48.91 -5.93 -32.18
N VAL E 225 47.70 -5.95 -31.65
CA VAL E 225 46.71 -4.90 -31.91
C VAL E 225 46.30 -4.26 -30.58
N PRO E 226 46.76 -3.03 -30.33
CA PRO E 226 46.46 -2.32 -29.09
C PRO E 226 44.96 -2.22 -28.82
N LEU E 227 44.54 -2.70 -27.65
CA LEU E 227 43.17 -2.55 -27.19
C LEU E 227 43.08 -1.39 -26.22
N ARG E 228 41.93 -0.74 -26.18
CA ARG E 228 41.68 0.37 -25.30
C ARG E 228 40.33 0.20 -24.61
N VAL E 229 40.34 -0.01 -23.30
CA VAL E 229 39.11 -0.15 -22.52
C VAL E 229 38.69 1.24 -22.05
N ARG E 230 37.53 1.71 -22.53
CA ARG E 230 37.06 3.05 -22.19
C ARG E 230 35.53 3.16 -22.20
N SER E 231 35.02 4.22 -21.59
CA SER E 231 33.58 4.39 -21.39
C SER E 231 32.91 5.10 -22.55
N SER E 232 31.71 4.65 -22.91
CA SER E 232 30.89 5.29 -23.92
C SER E 232 30.16 6.54 -23.40
N TYR E 233 30.23 6.79 -22.10
CA TYR E 233 29.55 7.93 -21.46
C TYR E 233 30.47 9.10 -21.09
N SER E 234 31.76 8.99 -21.43
CA SER E 234 32.74 10.02 -21.09
C SER E 234 33.88 10.08 -22.12
N ASN E 235 34.67 11.15 -22.05
CA ASN E 235 35.78 11.35 -22.96
C ASN E 235 37.11 10.82 -22.41
N ASP E 236 37.05 10.21 -21.22
CA ASP E 236 38.23 9.66 -20.57
C ASP E 236 38.90 8.62 -21.48
N PRO E 237 40.21 8.79 -21.75
CA PRO E 237 40.89 7.88 -22.69
C PRO E 237 40.95 6.42 -22.22
N GLY E 238 40.77 6.21 -20.92
CA GLY E 238 40.66 4.86 -20.36
C GLY E 238 42.01 4.19 -20.20
N THR E 239 42.05 2.89 -20.47
CA THR E 239 43.27 2.11 -20.30
C THR E 239 43.71 1.51 -21.62
N LEU E 240 44.91 1.87 -22.06
CA LEU E 240 45.51 1.26 -23.24
C LEU E 240 46.15 -0.05 -22.81
N ILE E 241 45.80 -1.15 -23.48
CA ILE E 241 46.53 -2.39 -23.29
C ILE E 241 47.29 -2.62 -24.60
N ALA E 242 48.61 -2.67 -24.50
CA ALA E 242 49.48 -2.72 -25.68
C ALA E 242 50.90 -3.11 -25.31
N GLY E 243 51.58 -3.78 -26.24
CA GLY E 243 52.96 -4.21 -26.06
C GLY E 243 53.07 -5.51 -25.29
N SER E 244 54.12 -6.27 -25.58
CA SER E 244 54.41 -7.49 -24.85
C SER E 244 55.20 -7.15 -23.60
N MET E 245 54.95 -7.87 -22.50
CA MET E 245 55.72 -7.69 -21.28
C MET E 245 57.21 -8.02 -21.48
N GLU E 246 57.50 -8.97 -22.38
CA GLU E 246 58.87 -9.36 -22.71
C GLU E 246 59.65 -8.23 -23.39
N ASP E 247 58.94 -7.23 -23.93
CA ASP E 247 59.56 -6.03 -24.48
C ASP E 247 59.72 -4.89 -23.45
N ILE E 248 59.28 -5.09 -22.21
CA ILE E 248 59.43 -4.07 -21.17
C ILE E 248 60.73 -4.33 -20.38
N PRO E 249 61.68 -3.37 -20.41
CA PRO E 249 62.94 -3.52 -19.67
C PRO E 249 62.72 -3.83 -18.18
N VAL E 250 63.48 -4.81 -17.67
CA VAL E 250 63.35 -5.29 -16.29
C VAL E 250 63.26 -4.15 -15.27
N GLU E 251 64.10 -3.14 -15.46
CA GLU E 251 64.18 -2.01 -14.53
C GLU E 251 62.93 -1.12 -14.57
N GLU E 252 62.15 -1.20 -15.65
CA GLU E 252 60.92 -0.44 -15.80
C GLU E 252 59.64 -1.23 -15.50
N ALA E 253 59.76 -2.54 -15.33
CA ALA E 253 58.60 -3.39 -15.03
C ALA E 253 58.02 -3.04 -13.66
N VAL E 254 56.72 -3.26 -13.49
CA VAL E 254 56.01 -2.87 -12.26
C VAL E 254 54.88 -3.84 -11.94
N LEU E 255 54.27 -3.66 -10.76
CA LEU E 255 53.08 -4.41 -10.37
C LEU E 255 51.85 -3.65 -10.83
N THR E 256 50.83 -4.38 -11.29
CA THR E 256 49.75 -3.78 -12.07
C THR E 256 48.39 -3.75 -11.37
N GLY E 257 48.02 -4.81 -10.66
CA GLY E 257 46.74 -4.78 -9.97
C GLY E 257 46.38 -5.99 -9.11
N VAL E 258 45.31 -5.82 -8.35
CA VAL E 258 44.76 -6.87 -7.50
C VAL E 258 43.41 -7.27 -8.07
N ALA E 259 43.19 -8.57 -8.18
CA ALA E 259 41.95 -9.11 -8.72
C ALA E 259 41.36 -10.10 -7.74
N THR E 260 40.03 -10.04 -7.57
CA THR E 260 39.31 -10.87 -6.62
C THR E 260 38.30 -11.77 -7.35
N ASP E 261 37.82 -12.80 -6.66
CA ASP E 261 36.85 -13.73 -7.25
C ASP E 261 36.12 -14.49 -6.15
N LYS E 262 34.83 -14.19 -5.99
CA LYS E 262 34.00 -14.86 -5.00
C LYS E 262 32.95 -15.77 -5.64
N SER E 263 33.13 -16.09 -6.92
CA SER E 263 32.14 -16.86 -7.66
C SER E 263 32.40 -18.37 -7.67
N GLU E 264 33.60 -18.78 -7.28
CA GLU E 264 34.01 -20.20 -7.36
C GLU E 264 33.68 -21.02 -6.11
N ALA E 265 33.40 -22.31 -6.33
CA ALA E 265 33.51 -23.33 -5.30
C ALA E 265 34.85 -24.03 -5.55
N LYS E 266 35.37 -24.74 -4.55
CA LYS E 266 36.54 -25.58 -4.79
C LYS E 266 36.26 -27.01 -4.37
N VAL E 267 36.79 -27.95 -5.13
CA VAL E 267 36.57 -29.36 -4.94
C VAL E 267 37.93 -30.03 -4.87
N THR E 268 38.13 -30.87 -3.86
CA THR E 268 39.40 -31.57 -3.71
C THR E 268 39.17 -33.07 -3.73
N VAL E 269 39.93 -33.77 -4.57
CA VAL E 269 39.91 -35.22 -4.60
C VAL E 269 41.12 -35.72 -3.84
N LEU E 270 40.87 -36.45 -2.76
CA LEU E 270 41.94 -36.96 -1.91
C LEU E 270 42.24 -38.41 -2.23
N GLY E 271 43.53 -38.74 -2.25
CA GLY E 271 43.98 -40.13 -2.35
C GLY E 271 44.03 -40.73 -3.75
N ILE E 272 44.33 -39.90 -4.74
CA ILE E 272 44.59 -40.39 -6.09
C ILE E 272 46.01 -40.93 -6.14
N SER E 273 46.19 -42.14 -6.66
CA SER E 273 47.54 -42.68 -6.79
C SER E 273 48.28 -41.93 -7.90
N ASP E 274 49.58 -41.77 -7.72
CA ASP E 274 50.38 -40.96 -8.64
C ASP E 274 50.97 -41.83 -9.75
N LYS E 275 50.18 -42.02 -10.80
CA LYS E 275 50.60 -42.78 -11.98
C LYS E 275 49.81 -42.27 -13.18
N PRO E 276 50.34 -42.45 -14.40
CA PRO E 276 49.68 -41.85 -15.58
C PRO E 276 48.20 -42.17 -15.69
N GLY E 277 47.42 -41.18 -16.14
CA GLY E 277 46.02 -41.39 -16.47
C GLY E 277 45.01 -41.13 -15.37
N GLU E 278 45.49 -40.95 -14.14
CA GLU E 278 44.59 -40.74 -13.01
C GLU E 278 43.92 -39.37 -13.05
N ALA E 279 44.67 -38.35 -13.45
CA ALA E 279 44.08 -37.03 -13.67
C ALA E 279 43.12 -37.05 -14.86
N ALA E 280 43.36 -37.96 -15.81
CA ALA E 280 42.47 -38.14 -16.96
C ALA E 280 41.11 -38.68 -16.53
N LYS E 281 41.11 -39.67 -15.64
CA LYS E 281 39.87 -40.19 -15.06
C LYS E 281 39.04 -39.08 -14.42
N VAL E 282 39.72 -38.21 -13.67
CA VAL E 282 39.05 -37.11 -12.97
C VAL E 282 38.45 -36.11 -13.93
N PHE E 283 39.28 -35.55 -14.81
CA PHE E 283 38.85 -34.42 -15.65
C PHE E 283 38.06 -34.82 -16.91
N ARG E 284 38.12 -36.08 -17.32
CA ARG E 284 37.22 -36.58 -18.36
C ARG E 284 35.78 -36.61 -17.83
N ALA E 285 35.62 -37.19 -16.65
CA ALA E 285 34.32 -37.26 -15.98
C ALA E 285 33.70 -35.87 -15.88
N LEU E 286 34.51 -34.89 -15.46
CA LEU E 286 34.03 -33.53 -15.29
C LEU E 286 33.70 -32.90 -16.64
N ALA E 287 34.57 -33.10 -17.64
CA ALA E 287 34.35 -32.55 -18.98
C ALA E 287 33.11 -33.14 -19.68
N ASP E 288 32.87 -34.43 -19.49
CA ASP E 288 31.67 -35.08 -20.05
C ASP E 288 30.39 -34.49 -19.45
N ALA E 289 30.48 -34.04 -18.20
CA ALA E 289 29.34 -33.39 -17.53
C ALA E 289 29.32 -31.88 -17.74
N GLU E 290 30.26 -31.36 -18.55
CA GLU E 290 30.40 -29.93 -18.83
C GLU E 290 30.61 -29.06 -17.59
N ILE E 291 31.42 -29.56 -16.66
CA ILE E 291 31.81 -28.79 -15.48
C ILE E 291 32.95 -27.82 -15.86
N ASN E 292 32.67 -26.53 -15.80
CA ASN E 292 33.69 -25.50 -16.08
C ASN E 292 34.78 -25.49 -15.02
N ILE E 293 36.00 -25.90 -15.38
CA ILE E 293 37.12 -25.88 -14.45
C ILE E 293 37.90 -24.58 -14.61
N ASP E 294 38.11 -23.86 -13.51
CA ASP E 294 38.70 -22.53 -13.51
C ASP E 294 40.21 -22.59 -13.30
N MET E 295 40.62 -23.43 -12.35
CA MET E 295 42.01 -23.52 -11.93
C MET E 295 42.21 -24.88 -11.29
N VAL E 296 43.36 -25.51 -11.57
CA VAL E 296 43.66 -26.84 -11.06
C VAL E 296 44.99 -26.85 -10.34
N LEU E 297 45.01 -27.46 -9.14
CA LEU E 297 46.22 -27.58 -8.34
C LEU E 297 46.46 -29.03 -7.90
N GLN E 298 47.69 -29.50 -8.11
CA GLN E 298 48.14 -30.79 -7.58
C GLN E 298 49.62 -30.69 -7.24
N ASN E 299 49.97 -31.02 -6.00
CA ASN E 299 51.37 -31.01 -5.58
C ASN E 299 51.99 -32.39 -5.72
N VAL E 300 53.15 -32.61 -5.13
CA VAL E 300 53.90 -33.85 -5.27
C VAL E 300 53.39 -34.93 -4.33
N SER E 301 53.74 -36.18 -4.64
CA SER E 301 53.25 -37.34 -3.91
C SER E 301 53.90 -37.49 -2.55
N SER E 302 53.18 -38.15 -1.66
CA SER E 302 53.77 -38.66 -0.42
C SER E 302 54.82 -39.70 -0.78
N VAL E 303 56.00 -39.57 -0.21
CA VAL E 303 57.10 -40.51 -0.47
C VAL E 303 56.75 -41.90 0.10
N GLU E 304 56.08 -41.93 1.25
CA GLU E 304 55.66 -43.18 1.88
C GLU E 304 54.67 -43.97 1.03
N ASP E 305 53.54 -43.36 0.70
CA ASP E 305 52.53 -43.96 -0.18
C ASP E 305 52.33 -43.05 -1.39
N GLY E 306 52.60 -43.55 -2.59
CA GLY E 306 52.55 -42.74 -3.80
C GLY E 306 51.16 -42.29 -4.19
N THR E 307 50.61 -41.36 -3.43
CA THR E 307 49.33 -40.71 -3.74
C THR E 307 49.43 -39.21 -3.49
N THR E 308 48.63 -38.44 -4.21
CA THR E 308 48.60 -36.99 -4.07
C THR E 308 47.14 -36.52 -4.03
N ASP E 309 46.93 -35.20 -3.98
CA ASP E 309 45.58 -34.62 -4.03
C ASP E 309 45.47 -33.66 -5.21
N ILE E 310 44.32 -33.69 -5.87
CA ILE E 310 44.01 -32.74 -6.94
C ILE E 310 42.86 -31.86 -6.47
N THR E 311 43.07 -30.55 -6.50
CA THR E 311 42.02 -29.60 -6.22
C THR E 311 41.73 -28.81 -7.49
N PHE E 312 40.46 -28.60 -7.79
CA PHE E 312 40.07 -27.67 -8.83
C PHE E 312 39.03 -26.72 -8.30
N THR E 313 38.89 -25.58 -8.97
CA THR E 313 37.84 -24.63 -8.68
C THR E 313 36.88 -24.58 -9.86
N CYS E 314 35.61 -24.37 -9.57
CA CYS E 314 34.56 -24.34 -10.59
C CYS E 314 33.51 -23.32 -10.16
N PRO E 315 32.67 -22.85 -11.09
CA PRO E 315 31.56 -22.00 -10.66
C PRO E 315 30.68 -22.70 -9.63
N ARG E 316 30.08 -21.95 -8.71
CA ARG E 316 29.26 -22.55 -7.64
C ARG E 316 28.00 -23.24 -8.18
N SER E 317 27.55 -22.85 -9.38
CA SER E 317 26.47 -23.56 -10.06
C SER E 317 26.85 -25.02 -10.36
N ASP E 318 28.09 -25.21 -10.83
CA ASP E 318 28.56 -26.53 -11.24
C ASP E 318 29.02 -27.39 -10.07
N GLY E 319 29.14 -26.81 -8.88
CA GLY E 319 29.63 -27.53 -7.71
C GLY E 319 28.86 -28.81 -7.43
N ARG E 320 27.54 -28.70 -7.36
CA ARG E 320 26.66 -29.85 -7.09
C ARG E 320 26.93 -31.00 -8.05
N ARG E 321 26.82 -30.75 -9.34
CA ARG E 321 27.02 -31.78 -10.36
C ARG E 321 28.45 -32.33 -10.31
N ALA E 322 29.43 -31.43 -10.19
CA ALA E 322 30.84 -31.82 -10.12
C ALA E 322 31.07 -32.79 -8.96
N MET E 323 30.42 -32.55 -7.83
CA MET E 323 30.56 -33.41 -6.68
C MET E 323 29.83 -34.74 -6.85
N GLU E 324 28.68 -34.70 -7.53
CA GLU E 324 27.91 -35.92 -7.81
C GLU E 324 28.70 -36.89 -8.69
N ILE E 325 29.29 -36.38 -9.77
CA ILE E 325 30.12 -37.22 -10.65
C ILE E 325 31.30 -37.80 -9.88
N LEU E 326 32.04 -36.94 -9.19
CA LEU E 326 33.26 -37.35 -8.49
C LEU E 326 33.01 -38.28 -7.30
N LYS E 327 31.86 -38.15 -6.65
CA LYS E 327 31.50 -39.05 -5.55
C LYS E 327 31.14 -40.44 -6.06
N LYS E 328 30.58 -40.49 -7.26
CA LYS E 328 30.29 -41.76 -7.92
C LYS E 328 31.58 -42.54 -8.16
N LEU E 329 32.62 -41.83 -8.59
CA LEU E 329 33.92 -42.44 -8.84
C LEU E 329 34.68 -42.75 -7.55
N GLN E 330 34.33 -42.09 -6.46
CA GLN E 330 34.95 -42.37 -5.15
C GLN E 330 34.51 -43.73 -4.62
N VAL E 331 33.23 -44.05 -4.79
CA VAL E 331 32.66 -45.32 -4.31
C VAL E 331 33.29 -46.52 -5.03
N GLN E 332 34.11 -46.25 -6.04
CA GLN E 332 35.00 -47.25 -6.63
C GLN E 332 36.41 -46.91 -6.16
N GLY E 333 37.19 -47.95 -5.82
CA GLY E 333 38.53 -47.81 -5.21
C GLY E 333 39.36 -46.58 -5.57
N ASN E 334 39.30 -46.19 -6.84
CA ASN E 334 39.99 -44.99 -7.37
C ASN E 334 40.67 -44.09 -6.33
N TRP E 335 39.87 -43.45 -5.49
CA TRP E 335 40.38 -42.48 -4.52
C TRP E 335 39.52 -42.42 -3.25
N THR E 336 40.07 -41.82 -2.19
CA THR E 336 39.55 -41.99 -0.83
C THR E 336 38.45 -41.02 -0.40
N ASN E 337 38.42 -39.81 -0.96
CA ASN E 337 37.40 -38.83 -0.57
C ASN E 337 37.32 -37.66 -1.55
N VAL E 338 36.17 -37.00 -1.57
CA VAL E 338 35.98 -35.81 -2.40
C VAL E 338 35.32 -34.71 -1.57
N LEU E 339 36.04 -33.60 -1.37
CA LEU E 339 35.61 -32.52 -0.48
C LEU E 339 34.95 -31.36 -1.26
N TYR E 340 34.11 -30.59 -0.57
CA TYR E 340 33.42 -29.46 -1.18
C TYR E 340 33.45 -28.22 -0.30
N ASP E 341 33.76 -27.07 -0.92
CA ASP E 341 33.85 -25.79 -0.23
C ASP E 341 33.31 -24.68 -1.12
N ASP E 342 32.13 -24.16 -0.78
CA ASP E 342 31.47 -23.09 -1.54
C ASP E 342 31.55 -21.73 -0.83
N GLN E 343 32.51 -21.56 0.06
CA GLN E 343 32.72 -20.29 0.78
C GLN E 343 34.17 -19.86 0.65
N VAL E 344 34.73 -20.02 -0.54
CA VAL E 344 36.13 -19.72 -0.79
C VAL E 344 36.24 -18.50 -1.70
N GLY E 345 37.23 -17.66 -1.44
CA GLY E 345 37.52 -16.50 -2.27
C GLY E 345 38.91 -16.64 -2.85
N LYS E 346 39.12 -16.05 -4.02
CA LYS E 346 40.43 -15.99 -4.62
C LYS E 346 40.88 -14.54 -4.70
N VAL E 347 42.11 -14.28 -4.23
CA VAL E 347 42.72 -12.97 -4.35
C VAL E 347 44.01 -13.16 -5.11
N SER E 348 44.31 -12.26 -6.04
CA SER E 348 45.51 -12.38 -6.83
C SER E 348 46.22 -11.04 -7.00
N LEU E 349 47.53 -11.12 -7.23
CA LEU E 349 48.33 -9.97 -7.59
C LEU E 349 48.93 -10.27 -8.95
N VAL E 350 48.82 -9.32 -9.87
CA VAL E 350 49.40 -9.44 -11.19
C VAL E 350 50.35 -8.26 -11.44
N GLY E 351 51.49 -8.55 -12.06
CA GLY E 351 52.51 -7.54 -12.33
C GLY E 351 53.75 -8.09 -13.01
N ALA E 352 54.14 -7.46 -14.12
CA ALA E 352 55.34 -7.86 -14.86
C ALA E 352 56.59 -7.73 -14.00
N GLY E 353 56.57 -6.79 -13.05
CA GLY E 353 57.70 -6.52 -12.19
C GLY E 353 58.07 -7.60 -11.20
N MET E 354 57.18 -8.58 -11.00
CA MET E 354 57.48 -9.68 -10.08
C MET E 354 58.33 -10.76 -10.76
N LYS E 355 58.29 -10.81 -12.08
CA LYS E 355 59.04 -11.81 -12.83
C LYS E 355 60.52 -11.86 -12.40
N SER E 356 61.16 -10.71 -12.39
CA SER E 356 62.60 -10.63 -12.14
C SER E 356 62.98 -9.98 -10.81
N HIS E 357 62.00 -9.85 -9.90
CA HIS E 357 62.24 -9.24 -8.59
C HIS E 357 61.88 -10.21 -7.45
N PRO E 358 62.89 -10.78 -6.77
CA PRO E 358 62.57 -11.62 -5.63
C PRO E 358 62.03 -10.78 -4.48
N GLY E 359 61.26 -11.40 -3.61
CA GLY E 359 60.68 -10.70 -2.45
C GLY E 359 59.21 -10.35 -2.62
N VAL E 360 58.75 -10.16 -3.86
CA VAL E 360 57.35 -9.82 -4.14
C VAL E 360 56.40 -10.87 -3.55
N THR E 361 56.74 -12.14 -3.74
CA THR E 361 55.99 -13.25 -3.16
C THR E 361 55.97 -13.15 -1.63
N ALA E 362 57.13 -12.83 -1.05
CA ALA E 362 57.26 -12.67 0.40
C ALA E 362 56.40 -11.51 0.89
N GLU E 363 56.45 -10.39 0.19
CA GLU E 363 55.63 -9.23 0.52
C GLU E 363 54.15 -9.59 0.47
N PHE E 364 53.76 -10.36 -0.55
CA PHE E 364 52.39 -10.85 -0.69
C PHE E 364 51.95 -11.62 0.56
N MET E 365 52.73 -12.63 0.92
CA MET E 365 52.40 -13.51 2.05
C MET E 365 52.42 -12.74 3.37
N GLU E 366 53.39 -11.83 3.51
CA GLU E 366 53.48 -10.99 4.70
C GLU E 366 52.28 -10.05 4.84
N ALA E 367 51.78 -9.53 3.73
CA ALA E 367 50.66 -8.59 3.74
C ALA E 367 49.42 -9.22 4.36
N LEU E 368 49.17 -10.48 4.00
CA LEU E 368 48.00 -11.19 4.49
C LEU E 368 48.19 -11.66 5.92
N ARG E 369 49.44 -11.98 6.27
CA ARG E 369 49.78 -12.31 7.66
C ARG E 369 49.41 -11.16 8.57
N ASP E 370 49.84 -9.96 8.21
CA ASP E 370 49.69 -8.77 9.06
C ASP E 370 48.24 -8.30 9.22
N VAL E 371 47.32 -8.86 8.42
CA VAL E 371 45.89 -8.66 8.62
C VAL E 371 45.20 -9.98 9.01
N ASN E 372 46.00 -10.98 9.38
CA ASN E 372 45.52 -12.22 9.98
C ASN E 372 44.74 -13.17 9.05
N VAL E 373 44.93 -13.05 7.74
CA VAL E 373 44.27 -13.92 6.78
C VAL E 373 45.12 -15.16 6.51
N ASN E 374 44.50 -16.33 6.64
CA ASN E 374 45.18 -17.60 6.39
C ASN E 374 45.17 -17.95 4.90
N ILE E 375 46.32 -18.38 4.39
CA ILE E 375 46.45 -18.79 2.98
C ILE E 375 46.24 -20.29 2.87
N GLU E 376 45.08 -20.69 2.36
CA GLU E 376 44.71 -22.10 2.27
C GLU E 376 45.34 -22.79 1.05
N LEU E 377 45.54 -22.04 -0.02
CA LEU E 377 45.99 -22.60 -1.28
C LEU E 377 46.71 -21.53 -2.11
N ILE E 378 47.67 -21.94 -2.93
CA ILE E 378 48.48 -21.00 -3.73
C ILE E 378 48.78 -21.52 -5.14
N SER E 379 48.69 -20.62 -6.11
CA SER E 379 49.04 -20.93 -7.50
C SER E 379 49.68 -19.71 -8.15
N THR E 380 50.49 -19.94 -9.18
CA THR E 380 51.18 -18.84 -9.85
C THR E 380 51.28 -19.02 -11.36
N SER E 381 51.68 -17.94 -12.01
CA SER E 381 52.31 -17.97 -13.33
C SER E 381 53.56 -17.13 -13.16
N GLU E 382 54.28 -16.87 -14.25
CA GLU E 382 55.50 -16.07 -14.14
C GLU E 382 55.24 -14.71 -13.51
N ILE E 383 54.07 -14.13 -13.81
CA ILE E 383 53.79 -12.73 -13.45
C ILE E 383 52.53 -12.58 -12.60
N ARG E 384 52.13 -13.64 -11.90
CA ARG E 384 50.91 -13.61 -11.11
C ARG E 384 50.99 -14.53 -9.89
N ILE E 385 50.44 -14.06 -8.77
CA ILE E 385 50.28 -14.87 -7.56
C ILE E 385 48.79 -14.91 -7.20
N SER E 386 48.25 -16.11 -6.98
CA SER E 386 46.86 -16.30 -6.56
C SER E 386 46.82 -17.14 -5.30
N VAL E 387 45.97 -16.75 -4.36
CA VAL E 387 45.71 -17.58 -3.19
C VAL E 387 44.22 -17.74 -2.95
N LEU E 388 43.83 -18.94 -2.50
CA LEU E 388 42.45 -19.19 -2.09
C LEU E 388 42.34 -18.98 -0.59
N ILE E 389 41.30 -18.25 -0.16
CA ILE E 389 41.08 -17.95 1.25
C ILE E 389 39.58 -18.00 1.57
N ARG E 390 39.21 -17.69 2.82
CA ARG E 390 37.81 -17.48 3.17
C ARG E 390 37.28 -16.26 2.42
N GLU E 391 36.11 -16.39 1.79
CA GLU E 391 35.51 -15.27 1.09
C GLU E 391 35.21 -14.09 2.03
N ASP E 392 34.97 -14.39 3.31
CA ASP E 392 34.74 -13.32 4.29
C ASP E 392 35.95 -12.39 4.40
N ASP E 393 37.14 -12.94 4.22
CA ASP E 393 38.39 -12.17 4.26
C ASP E 393 38.79 -11.53 2.92
N LEU E 394 38.00 -11.74 1.87
CA LEU E 394 38.38 -11.25 0.53
C LEU E 394 38.67 -9.75 0.50
N ASP E 395 37.80 -8.97 1.10
CA ASP E 395 37.92 -7.50 1.05
C ASP E 395 39.16 -7.02 1.78
N ALA E 396 39.38 -7.54 2.99
CA ALA E 396 40.55 -7.19 3.80
C ALA E 396 41.85 -7.52 3.06
N ALA E 397 41.93 -8.75 2.55
CA ALA E 397 43.10 -9.19 1.78
C ALA E 397 43.30 -8.38 0.50
N ALA E 398 42.20 -7.97 -0.12
CA ALA E 398 42.26 -7.13 -1.30
C ALA E 398 42.87 -5.79 -0.96
N ARG E 399 42.37 -5.18 0.12
CA ARG E 399 42.88 -3.88 0.58
C ARG E 399 44.33 -3.95 1.09
N ALA E 400 44.64 -5.00 1.84
CA ALA E 400 45.97 -5.17 2.45
C ALA E 400 47.05 -5.27 1.38
N LEU E 401 46.80 -6.09 0.36
CA LEU E 401 47.74 -6.22 -0.75
C LEU E 401 47.85 -4.94 -1.58
N HIS E 402 46.72 -4.27 -1.80
CA HIS E 402 46.70 -3.03 -2.58
C HIS E 402 47.60 -1.98 -1.93
N GLU E 403 47.44 -1.81 -0.63
CA GLU E 403 48.25 -0.84 0.13
C GLU E 403 49.67 -1.33 0.36
N GLN E 404 49.87 -2.65 0.40
CA GLN E 404 51.20 -3.22 0.54
C GLN E 404 52.10 -2.83 -0.62
N PHE E 405 51.58 -2.96 -1.84
CA PHE E 405 52.35 -2.68 -3.05
C PHE E 405 52.10 -1.28 -3.60
N GLN E 406 51.45 -0.42 -2.82
CA GLN E 406 51.22 0.98 -3.16
C GLN E 406 50.69 1.15 -4.58
N LEU E 407 49.68 0.35 -4.92
CA LEU E 407 49.03 0.41 -6.22
C LEU E 407 48.09 1.63 -6.33
N GLY E 408 47.77 2.23 -5.19
CA GLY E 408 47.02 3.48 -5.15
C GLY E 408 47.93 4.67 -5.40
N GLU F 3 34.89 -22.61 -28.92
CA GLU F 3 34.72 -22.00 -27.56
C GLU F 3 36.05 -21.52 -26.97
N ALA F 4 37.17 -22.11 -27.41
CA ALA F 4 38.48 -21.80 -26.84
C ALA F 4 39.54 -21.58 -27.91
N VAL F 5 40.61 -20.86 -27.53
CA VAL F 5 41.75 -20.61 -28.41
C VAL F 5 43.01 -21.17 -27.77
N LEU F 6 43.85 -21.79 -28.58
CA LEU F 6 45.07 -22.45 -28.10
C LEU F 6 46.25 -22.01 -28.96
N THR F 7 47.16 -21.22 -28.40
CA THR F 7 48.19 -20.55 -29.19
C THR F 7 49.59 -21.18 -29.14
N GLY F 8 49.76 -22.30 -28.44
CA GLY F 8 51.03 -23.03 -28.49
C GLY F 8 51.40 -23.83 -27.26
N VAL F 9 52.49 -24.60 -27.37
CA VAL F 9 53.01 -25.42 -26.29
C VAL F 9 54.45 -25.05 -25.99
N ALA F 10 54.76 -24.87 -24.70
CA ALA F 10 56.10 -24.48 -24.26
C ALA F 10 56.70 -25.55 -23.35
N THR F 11 58.03 -25.66 -23.38
CA THR F 11 58.77 -26.53 -22.48
C THR F 11 59.93 -25.79 -21.83
N ASP F 12 60.43 -26.33 -20.73
CA ASP F 12 61.56 -25.74 -20.00
C ASP F 12 62.22 -26.78 -19.10
N LYS F 13 63.55 -26.82 -19.14
CA LYS F 13 64.33 -27.71 -18.26
C LYS F 13 65.38 -26.90 -17.51
N SER F 14 65.02 -25.67 -17.13
CA SER F 14 65.95 -24.71 -16.56
C SER F 14 65.74 -24.46 -15.07
N GLU F 15 64.93 -25.31 -14.42
CA GLU F 15 64.53 -25.07 -13.04
C GLU F 15 64.71 -26.29 -12.15
N ALA F 16 64.91 -26.04 -10.86
CA ALA F 16 64.82 -27.07 -9.83
C ALA F 16 63.51 -26.84 -9.08
N LYS F 17 63.00 -27.87 -8.41
CA LYS F 17 61.86 -27.69 -7.52
C LYS F 17 62.21 -28.11 -6.08
N VAL F 18 61.72 -27.33 -5.13
CA VAL F 18 61.89 -27.61 -3.71
C VAL F 18 60.51 -27.70 -3.07
N THR F 19 60.30 -28.77 -2.30
CA THR F 19 59.06 -28.97 -1.59
C THR F 19 59.35 -28.87 -0.10
N VAL F 20 58.55 -28.06 0.60
CA VAL F 20 58.63 -27.93 2.04
C VAL F 20 57.48 -28.73 2.61
N LEU F 21 57.80 -29.86 3.24
CA LEU F 21 56.79 -30.80 3.68
C LEU F 21 56.33 -30.50 5.09
N GLY F 22 55.01 -30.56 5.31
CA GLY F 22 54.44 -30.47 6.65
C GLY F 22 54.53 -29.11 7.30
N ILE F 23 54.36 -28.05 6.51
CA ILE F 23 54.30 -26.70 7.07
C ILE F 23 52.92 -26.45 7.70
N SER F 24 52.90 -25.79 8.85
CA SER F 24 51.66 -25.55 9.58
C SER F 24 50.75 -24.60 8.82
N ASP F 25 49.46 -24.95 8.74
CA ASP F 25 48.47 -24.15 8.03
C ASP F 25 47.88 -23.09 8.96
N LYS F 26 48.70 -22.09 9.28
CA LYS F 26 48.29 -20.95 10.08
C LYS F 26 49.00 -19.71 9.54
N PRO F 27 48.40 -18.52 9.74
CA PRO F 27 48.95 -17.30 9.13
C PRO F 27 50.42 -17.07 9.46
N GLY F 28 51.16 -16.53 8.49
CA GLY F 28 52.56 -16.15 8.67
C GLY F 28 53.61 -17.17 8.25
N GLU F 29 53.22 -18.44 8.11
CA GLU F 29 54.19 -19.52 7.91
C GLU F 29 54.81 -19.52 6.51
N ALA F 30 54.00 -19.25 5.49
CA ALA F 30 54.51 -19.07 4.13
C ALA F 30 55.45 -17.88 4.05
N ALA F 31 55.12 -16.82 4.80
CA ALA F 31 55.96 -15.62 4.85
C ALA F 31 57.38 -15.96 5.24
N LYS F 32 57.53 -16.83 6.23
CA LYS F 32 58.84 -17.24 6.72
C LYS F 32 59.68 -17.87 5.60
N VAL F 33 59.04 -18.71 4.81
CA VAL F 33 59.74 -19.44 3.75
C VAL F 33 60.26 -18.52 2.66
N PHE F 34 59.39 -17.71 2.09
CA PHE F 34 59.73 -16.89 0.93
C PHE F 34 60.50 -15.61 1.27
N ARG F 35 60.40 -15.15 2.52
CA ARG F 35 61.24 -14.06 3.01
C ARG F 35 62.69 -14.53 3.13
N ALA F 36 62.89 -15.77 3.55
CA ALA F 36 64.23 -16.34 3.66
C ALA F 36 64.89 -16.37 2.29
N LEU F 37 64.14 -16.84 1.28
CA LEU F 37 64.64 -16.89 -0.09
C LEU F 37 64.82 -15.50 -0.69
N ALA F 38 63.88 -14.60 -0.41
CA ALA F 38 63.94 -13.21 -0.86
C ALA F 38 65.21 -12.52 -0.36
N ASP F 39 65.49 -12.67 0.94
CA ASP F 39 66.68 -12.08 1.55
C ASP F 39 67.97 -12.66 1.00
N ALA F 40 67.95 -13.92 0.58
CA ALA F 40 69.07 -14.53 -0.14
C ALA F 40 68.96 -14.29 -1.66
N GLU F 41 68.20 -13.27 -2.05
CA GLU F 41 67.96 -12.89 -3.45
C GLU F 41 67.84 -14.05 -4.44
N ILE F 42 67.10 -15.09 -4.03
CA ILE F 42 66.75 -16.21 -4.90
C ILE F 42 65.39 -15.93 -5.54
N ASN F 43 65.37 -15.87 -6.87
CA ASN F 43 64.19 -15.49 -7.64
C ASN F 43 63.35 -16.71 -8.01
N ILE F 44 62.24 -16.92 -7.30
CA ILE F 44 61.38 -18.08 -7.55
C ILE F 44 60.38 -17.79 -8.68
N ASP F 45 59.84 -18.87 -9.25
CA ASP F 45 58.89 -18.79 -10.36
C ASP F 45 57.54 -19.40 -9.92
N MET F 46 57.43 -20.72 -9.99
CA MET F 46 56.20 -21.38 -9.60
C MET F 46 56.13 -21.51 -8.08
N VAL F 47 54.94 -21.30 -7.53
CA VAL F 47 54.64 -21.63 -6.14
C VAL F 47 53.32 -22.39 -6.12
N LEU F 48 53.27 -23.47 -5.36
CA LEU F 48 52.09 -24.34 -5.34
C LEU F 48 51.85 -24.95 -3.96
N GLN F 49 50.62 -24.82 -3.48
CA GLN F 49 50.22 -25.34 -2.18
C GLN F 49 48.78 -25.80 -2.25
N ASN F 50 48.54 -27.07 -1.93
CA ASN F 50 47.18 -27.60 -1.88
C ASN F 50 46.66 -27.51 -0.44
N VAL F 51 45.42 -27.91 -0.23
CA VAL F 51 44.79 -27.76 1.09
C VAL F 51 45.42 -28.67 2.15
N SER F 52 45.43 -28.18 3.38
CA SER F 52 45.99 -28.92 4.51
C SER F 52 45.08 -30.07 4.90
N SER F 53 45.68 -31.12 5.46
CA SER F 53 44.93 -32.27 5.93
C SER F 53 44.23 -31.91 7.23
N VAL F 54 43.13 -32.61 7.50
CA VAL F 54 42.38 -32.43 8.73
C VAL F 54 43.13 -33.10 9.89
N GLU F 55 43.79 -34.22 9.58
CA GLU F 55 44.56 -35.01 10.56
C GLU F 55 45.74 -34.26 11.18
N ASP F 56 46.49 -33.53 10.36
CA ASP F 56 47.70 -32.81 10.82
C ASP F 56 47.48 -31.31 10.96
N GLY F 57 46.64 -30.75 10.09
CA GLY F 57 46.58 -29.31 9.93
C GLY F 57 47.85 -28.78 9.28
N THR F 58 48.52 -29.63 8.49
CA THR F 58 49.74 -29.25 7.79
C THR F 58 49.55 -29.43 6.29
N THR F 59 50.47 -28.86 5.52
CA THR F 59 50.41 -28.90 4.07
C THR F 59 51.81 -28.73 3.50
N ASP F 60 51.95 -29.01 2.21
CA ASP F 60 53.23 -28.89 1.55
C ASP F 60 53.23 -27.68 0.61
N ILE F 61 54.34 -26.94 0.60
CA ILE F 61 54.55 -25.84 -0.35
C ILE F 61 55.71 -26.20 -1.27
N THR F 62 55.42 -26.31 -2.56
CA THR F 62 56.44 -26.55 -3.57
C THR F 62 56.68 -25.28 -4.37
N PHE F 63 57.94 -25.03 -4.72
CA PHE F 63 58.27 -23.91 -5.58
C PHE F 63 59.40 -24.25 -6.55
N THR F 64 59.52 -23.46 -7.61
CA THR F 64 60.61 -23.62 -8.57
C THR F 64 61.50 -22.39 -8.60
N CYS F 65 62.74 -22.59 -9.04
CA CYS F 65 63.74 -21.53 -9.16
C CYS F 65 64.83 -22.02 -10.11
N PRO F 66 65.75 -21.14 -10.53
CA PRO F 66 66.82 -21.61 -11.39
C PRO F 66 67.65 -22.71 -10.74
N ARG F 67 68.07 -23.70 -11.52
CA ARG F 67 68.79 -24.87 -10.99
C ARG F 67 70.04 -24.53 -10.20
N SER F 68 70.77 -23.50 -10.64
CA SER F 68 71.98 -23.07 -9.93
C SER F 68 71.65 -22.68 -8.49
N ASP F 69 70.52 -21.99 -8.30
CA ASP F 69 70.10 -21.53 -6.98
C ASP F 69 69.40 -22.59 -6.13
N GLY F 70 69.16 -23.77 -6.71
CA GLY F 70 68.46 -24.85 -6.03
C GLY F 70 69.11 -25.37 -4.75
N ARG F 71 70.44 -25.44 -4.74
CA ARG F 71 71.18 -25.91 -3.56
C ARG F 71 71.09 -24.93 -2.39
N ARG F 72 71.42 -23.66 -2.65
CA ARG F 72 71.39 -22.62 -1.61
C ARG F 72 69.97 -22.38 -1.11
N ALA F 73 68.98 -22.52 -1.99
CA ALA F 73 67.59 -22.47 -1.57
C ALA F 73 67.34 -23.56 -0.53
N MET F 74 67.70 -24.79 -0.88
CA MET F 74 67.60 -25.94 0.03
C MET F 74 68.35 -25.71 1.35
N GLU F 75 69.58 -25.22 1.24
CA GLU F 75 70.42 -25.01 2.42
C GLU F 75 69.84 -23.94 3.33
N ILE F 76 69.26 -22.90 2.74
CA ILE F 76 68.63 -21.82 3.49
C ILE F 76 67.46 -22.34 4.32
N LEU F 77 66.57 -23.11 3.68
CA LEU F 77 65.39 -23.65 4.35
C LEU F 77 65.75 -24.72 5.38
N LYS F 78 66.66 -25.62 5.02
CA LYS F 78 67.08 -26.69 5.93
C LYS F 78 67.51 -26.12 7.29
N LYS F 79 68.30 -25.06 7.27
CA LYS F 79 68.71 -24.36 8.49
C LYS F 79 67.55 -23.63 9.18
N LEU F 80 66.59 -23.18 8.37
CA LEU F 80 65.43 -22.42 8.87
C LEU F 80 64.38 -23.31 9.54
N GLN F 81 64.59 -24.63 9.56
CA GLN F 81 63.76 -25.53 10.36
C GLN F 81 64.14 -25.37 11.83
N VAL F 82 63.46 -24.45 12.50
CA VAL F 82 63.74 -24.10 13.89
C VAL F 82 62.57 -23.31 14.47
N GLN F 83 62.18 -22.25 13.77
CA GLN F 83 60.93 -21.55 14.05
C GLN F 83 60.43 -20.82 12.80
N GLY F 84 59.94 -21.55 11.79
CA GLY F 84 59.87 -23.02 11.80
C GLY F 84 58.53 -23.52 12.32
N TRP F 86 58.09 -27.38 10.15
CA TRP F 86 58.00 -28.33 9.05
C TRP F 86 58.61 -29.67 9.44
N THR F 87 58.29 -30.70 8.67
CA THR F 87 58.91 -32.00 8.88
C THR F 87 60.20 -32.10 8.07
N ASN F 88 60.22 -31.56 6.85
CA ASN F 88 61.38 -31.70 5.98
C ASN F 88 61.36 -30.72 4.79
N VAL F 89 62.47 -30.69 4.05
CA VAL F 89 62.56 -29.99 2.77
C VAL F 89 63.25 -30.89 1.75
N LEU F 90 62.67 -31.02 0.56
CA LEU F 90 63.21 -31.91 -0.47
C LEU F 90 63.78 -31.13 -1.65
N TYR F 91 64.61 -31.81 -2.45
CA TYR F 91 65.29 -31.21 -3.58
C TYR F 91 65.08 -32.02 -4.85
N ASP F 92 65.02 -31.34 -5.98
CA ASP F 92 64.88 -31.99 -7.29
C ASP F 92 65.42 -31.08 -8.38
N ASP F 93 66.50 -31.52 -9.04
CA ASP F 93 67.15 -30.71 -10.08
C ASP F 93 67.05 -31.36 -11.46
N GLN F 94 66.10 -32.26 -11.64
CA GLN F 94 65.83 -32.89 -12.93
C GLN F 94 64.36 -32.75 -13.33
N VAL F 95 63.67 -31.77 -12.75
CA VAL F 95 62.27 -31.51 -13.09
C VAL F 95 62.22 -30.75 -14.41
N GLY F 96 61.22 -31.07 -15.22
CA GLY F 96 60.96 -30.34 -16.46
C GLY F 96 59.54 -29.83 -16.46
N LYS F 97 59.33 -28.64 -17.01
CA LYS F 97 58.00 -28.04 -17.11
C LYS F 97 57.49 -28.08 -18.54
N VAL F 98 56.24 -28.49 -18.72
CA VAL F 98 55.56 -28.40 -20.02
C VAL F 98 54.20 -27.73 -19.80
N SER F 99 53.79 -26.90 -20.76
CA SER F 99 52.57 -26.10 -20.60
C SER F 99 51.90 -25.67 -21.90
N LEU F 100 50.58 -25.56 -21.84
CA LEU F 100 49.73 -25.20 -22.98
C LEU F 100 49.20 -23.79 -22.76
N VAL F 101 49.42 -22.91 -23.73
CA VAL F 101 49.06 -21.49 -23.62
C VAL F 101 47.84 -21.15 -24.49
N GLY F 102 47.00 -20.24 -24.01
CA GLY F 102 45.83 -19.80 -24.77
C GLY F 102 44.90 -18.90 -23.96
N ALA F 103 43.60 -19.01 -24.23
CA ALA F 103 42.58 -18.27 -23.50
C ALA F 103 41.22 -18.95 -23.58
N GLY F 104 40.39 -18.74 -22.56
CA GLY F 104 39.03 -19.28 -22.53
C GLY F 104 38.94 -20.78 -22.28
N MET F 105 39.89 -21.31 -21.51
CA MET F 105 39.96 -22.75 -21.26
C MET F 105 39.00 -23.21 -20.15
N LYS F 106 38.47 -22.25 -19.38
CA LYS F 106 37.47 -22.51 -18.37
C LYS F 106 36.14 -22.91 -19.02
N SER F 107 35.77 -22.16 -20.06
CA SER F 107 34.52 -22.39 -20.78
C SER F 107 34.50 -23.74 -21.50
N HIS F 108 35.68 -24.29 -21.83
CA HIS F 108 35.75 -25.62 -22.43
C HIS F 108 36.68 -26.56 -21.64
N PRO F 109 36.11 -27.29 -20.66
CA PRO F 109 36.89 -28.16 -19.78
C PRO F 109 37.50 -29.40 -20.44
N GLY F 110 37.10 -29.68 -21.68
CA GLY F 110 37.69 -30.77 -22.45
C GLY F 110 39.16 -30.59 -22.75
N VAL F 111 39.63 -29.34 -22.75
CA VAL F 111 41.05 -29.06 -22.96
C VAL F 111 41.88 -29.62 -21.81
N THR F 112 41.42 -29.38 -20.57
CA THR F 112 42.10 -29.92 -19.40
C THR F 112 42.12 -31.45 -19.45
N ALA F 113 40.98 -32.05 -19.78
CA ALA F 113 40.88 -33.50 -19.93
C ALA F 113 41.83 -34.02 -21.00
N GLU F 114 41.76 -33.42 -22.20
CA GLU F 114 42.61 -33.82 -23.32
C GLU F 114 44.11 -33.64 -23.03
N PHE F 115 44.44 -32.59 -22.28
CA PHE F 115 45.83 -32.37 -21.85
C PHE F 115 46.32 -33.57 -21.05
N MET F 116 45.53 -33.99 -20.06
CA MET F 116 45.89 -35.12 -19.20
C MET F 116 45.86 -36.43 -19.98
N GLU F 117 44.93 -36.54 -20.92
CA GLU F 117 44.83 -37.74 -21.76
C GLU F 117 46.02 -37.88 -22.70
N ALA F 118 46.57 -36.75 -23.15
CA ALA F 118 47.74 -36.75 -24.03
C ALA F 118 48.96 -37.37 -23.34
N LEU F 119 49.23 -36.90 -22.14
CA LEU F 119 50.39 -37.35 -21.37
C LEU F 119 50.25 -38.79 -20.83
N ARG F 120 49.00 -39.26 -20.74
CA ARG F 120 48.72 -40.65 -20.33
C ARG F 120 49.12 -41.64 -21.42
N ASP F 121 48.77 -41.30 -22.66
CA ASP F 121 48.95 -42.21 -23.79
C ASP F 121 50.42 -42.38 -24.16
N VAL F 122 51.19 -41.30 -24.09
CA VAL F 122 52.65 -41.37 -24.23
C VAL F 122 53.33 -41.80 -22.93
N ASN F 123 52.53 -42.02 -21.88
CA ASN F 123 52.98 -42.69 -20.66
C ASN F 123 53.93 -41.87 -19.78
N VAL F 124 53.63 -40.58 -19.63
CA VAL F 124 54.37 -39.73 -18.70
C VAL F 124 53.51 -39.40 -17.47
N ASN F 125 54.09 -39.58 -16.29
CA ASN F 125 53.41 -39.27 -15.04
C ASN F 125 53.41 -37.77 -14.78
N ILE F 126 52.24 -37.21 -14.51
CA ILE F 126 52.10 -35.78 -14.21
C ILE F 126 52.28 -35.57 -12.70
N GLU F 127 53.39 -34.99 -12.31
CA GLU F 127 53.78 -34.92 -10.89
C GLU F 127 53.19 -33.73 -10.18
N LEU F 128 52.89 -32.69 -10.94
CA LEU F 128 52.42 -31.43 -10.38
C LEU F 128 51.55 -30.74 -11.42
N ILE F 129 50.55 -29.98 -10.95
CA ILE F 129 49.64 -29.26 -11.85
C ILE F 129 49.34 -27.87 -11.31
N SER F 130 49.24 -26.89 -12.21
CA SER F 130 48.88 -25.54 -11.85
C SER F 130 48.31 -24.82 -13.07
N THR F 131 46.99 -24.69 -13.13
CA THR F 131 46.31 -24.17 -14.31
C THR F 131 45.49 -22.92 -14.04
N SER F 132 45.01 -22.33 -15.13
CA SER F 132 44.13 -21.18 -15.09
C SER F 132 43.44 -21.09 -16.45
N GLU F 133 42.64 -20.05 -16.65
CA GLU F 133 41.95 -19.82 -17.92
C GLU F 133 42.89 -19.69 -19.12
N ILE F 134 44.14 -19.31 -18.87
CA ILE F 134 45.07 -19.00 -19.96
C ILE F 134 46.32 -19.89 -20.02
N ARG F 135 46.50 -20.78 -19.05
CA ARG F 135 47.66 -21.67 -19.04
C ARG F 135 47.36 -22.99 -18.35
N ILE F 136 47.76 -24.10 -18.97
CA ILE F 136 47.77 -25.40 -18.32
C ILE F 136 49.24 -25.78 -18.15
N SER F 137 49.73 -25.80 -16.91
CA SER F 137 51.12 -26.14 -16.62
C SER F 137 51.21 -27.40 -15.78
N VAL F 138 52.23 -28.22 -16.07
CA VAL F 138 52.53 -29.42 -15.30
C VAL F 138 54.04 -29.64 -15.22
N LEU F 139 54.47 -30.36 -14.19
CA LEU F 139 55.88 -30.72 -14.02
C LEU F 139 56.06 -32.22 -14.11
N ILE F 140 57.15 -32.64 -14.73
CA ILE F 140 57.45 -34.05 -14.98
C ILE F 140 58.95 -34.26 -14.95
N ARG F 141 59.40 -35.50 -15.10
CA ARG F 141 60.82 -35.78 -15.24
C ARG F 141 61.29 -35.11 -16.52
N GLU F 142 62.45 -34.47 -16.48
CA GLU F 142 62.98 -33.77 -17.65
C GLU F 142 63.15 -34.65 -18.89
N ASP F 143 63.49 -35.93 -18.70
CA ASP F 143 63.68 -36.83 -19.83
C ASP F 143 62.40 -37.11 -20.62
N ASP F 144 61.23 -36.90 -20.00
CA ASP F 144 59.95 -37.08 -20.68
C ASP F 144 59.43 -35.81 -21.37
N LEU F 145 60.24 -34.76 -21.39
CA LEU F 145 59.77 -33.45 -21.86
C LEU F 145 59.37 -33.43 -23.35
N ASP F 146 60.17 -34.09 -24.19
CA ASP F 146 59.88 -34.16 -25.64
C ASP F 146 58.70 -35.07 -25.97
N ALA F 147 58.59 -36.19 -25.26
CA ALA F 147 57.47 -37.12 -25.43
C ALA F 147 56.13 -36.46 -25.11
N ALA F 148 56.11 -35.62 -24.08
CA ALA F 148 54.92 -34.89 -23.69
C ALA F 148 54.59 -33.80 -24.71
N ALA F 149 55.58 -32.98 -25.02
CA ALA F 149 55.41 -31.86 -25.96
C ALA F 149 54.92 -32.32 -27.33
N ARG F 150 55.50 -33.39 -27.84
CA ARG F 150 55.06 -33.99 -29.12
C ARG F 150 53.59 -34.43 -29.01
N ALA F 151 53.24 -35.06 -27.89
CA ALA F 151 51.88 -35.56 -27.67
C ALA F 151 50.85 -34.44 -27.66
N LEU F 152 51.20 -33.33 -27.02
CA LEU F 152 50.32 -32.15 -26.96
C LEU F 152 50.17 -31.50 -28.33
N HIS F 153 51.26 -31.46 -29.11
CA HIS F 153 51.20 -30.95 -30.49
C HIS F 153 50.26 -31.81 -31.33
N GLU F 154 50.39 -33.13 -31.20
CA GLU F 154 49.53 -34.07 -31.92
C GLU F 154 48.08 -33.94 -31.47
N GLN F 155 47.86 -34.04 -30.16
CA GLN F 155 46.50 -34.06 -29.59
C GLN F 155 45.71 -32.79 -29.91
N PHE F 156 46.41 -31.65 -29.94
CA PHE F 156 45.77 -30.36 -30.20
C PHE F 156 46.04 -29.79 -31.59
N GLN F 157 46.90 -30.45 -32.36
CA GLN F 157 47.22 -30.03 -33.73
C GLN F 157 47.86 -28.64 -33.72
N LEU F 158 49.18 -28.59 -33.67
CA LEU F 158 49.92 -27.34 -33.64
C LEU F 158 51.22 -27.42 -34.44
N MET G 1 -0.40 -32.66 -52.86
CA MET G 1 -0.71 -32.06 -54.19
C MET G 1 -1.41 -30.70 -54.10
N ALA G 2 -1.72 -30.25 -52.87
CA ALA G 2 -2.41 -28.97 -52.64
C ALA G 2 -1.53 -27.99 -51.86
N LEU G 3 -1.76 -26.70 -52.08
CA LEU G 3 -0.89 -25.66 -51.55
C LEU G 3 -1.64 -24.74 -50.58
N VAL G 4 -1.09 -24.57 -49.39
CA VAL G 4 -1.67 -23.68 -48.38
C VAL G 4 -0.63 -22.66 -47.91
N VAL G 5 -0.91 -21.39 -48.19
CA VAL G 5 -0.10 -20.28 -47.69
C VAL G 5 -0.65 -19.87 -46.33
N GLN G 6 0.21 -19.79 -45.32
CA GLN G 6 -0.21 -19.41 -43.98
C GLN G 6 0.55 -18.18 -43.52
N LYS G 7 -0.18 -17.17 -43.03
CA LYS G 7 0.42 -15.97 -42.48
C LYS G 7 0.06 -15.83 -41.01
N TYR G 8 1.08 -15.55 -40.19
CA TYR G 8 0.93 -15.41 -38.74
C TYR G 8 1.33 -14.01 -38.30
N GLY G 9 0.41 -13.30 -37.65
CA GLY G 9 0.67 -11.95 -37.14
C GLY G 9 1.50 -11.98 -35.88
N GLY G 10 1.83 -10.80 -35.36
CA GLY G 10 2.59 -10.67 -34.14
C GLY G 10 1.93 -11.36 -32.95
N SER G 11 0.61 -11.26 -32.87
CA SER G 11 -0.17 -11.89 -31.80
C SER G 11 0.02 -13.40 -31.75
N SER G 12 0.08 -14.03 -32.91
CA SER G 12 0.26 -15.47 -33.01
C SER G 12 1.68 -15.92 -32.65
N LEU G 13 2.66 -15.04 -32.83
CA LEU G 13 4.05 -15.33 -32.51
C LEU G 13 4.52 -14.49 -31.32
N GLU G 14 3.62 -14.28 -30.37
CA GLU G 14 3.87 -13.42 -29.21
C GLU G 14 4.94 -14.01 -28.28
N SER G 15 4.96 -15.33 -28.14
CA SER G 15 5.90 -15.99 -27.22
C SER G 15 6.40 -17.33 -27.78
N ALA G 16 7.32 -17.95 -27.04
CA ALA G 16 7.87 -19.24 -27.40
C ALA G 16 6.79 -20.31 -27.38
N GLU G 17 5.92 -20.26 -26.37
CA GLU G 17 4.83 -21.23 -26.23
C GLU G 17 3.88 -21.12 -27.42
N ARG G 18 3.54 -19.89 -27.79
CA ARG G 18 2.68 -19.67 -28.95
C ARG G 18 3.40 -20.02 -30.24
N ILE G 19 4.69 -19.72 -30.32
CA ILE G 19 5.48 -20.09 -31.50
C ILE G 19 5.52 -21.61 -31.71
N ARG G 20 5.65 -22.37 -30.64
CA ARG G 20 5.62 -23.84 -30.72
C ARG G 20 4.23 -24.35 -31.11
N ASN G 21 3.18 -23.79 -30.48
CA ASN G 21 1.81 -24.11 -30.84
C ASN G 21 1.58 -23.90 -32.33
N VAL G 22 1.99 -22.74 -32.83
CA VAL G 22 1.89 -22.42 -34.25
C VAL G 22 2.73 -23.38 -35.09
N ALA G 23 3.90 -23.75 -34.59
CA ALA G 23 4.74 -24.77 -35.24
C ALA G 23 3.97 -26.06 -35.50
N GLU G 24 3.12 -26.45 -34.55
CA GLU G 24 2.31 -27.66 -34.68
C GLU G 24 1.23 -27.50 -35.76
N ARG G 25 0.55 -26.35 -35.78
CA ARG G 25 -0.45 -26.07 -36.81
C ARG G 25 0.18 -26.20 -38.19
N ILE G 26 1.30 -25.52 -38.38
CA ILE G 26 2.06 -25.56 -39.63
C ILE G 26 2.38 -27.00 -40.03
N VAL G 27 2.94 -27.78 -39.11
CA VAL G 27 3.30 -29.19 -39.39
C VAL G 27 2.05 -30.04 -39.64
N ALA G 28 0.98 -29.79 -38.90
CA ALA G 28 -0.27 -30.54 -39.07
C ALA G 28 -0.88 -30.31 -40.46
N THR G 29 -0.66 -29.13 -41.03
CA THR G 29 -1.13 -28.81 -42.37
C THR G 29 -0.37 -29.63 -43.42
N LYS G 30 0.96 -29.73 -43.26
CA LYS G 30 1.77 -30.56 -44.15
C LYS G 30 1.38 -32.04 -44.02
N LYS G 31 1.10 -32.49 -42.80
CA LYS G 31 0.64 -33.87 -42.57
C LYS G 31 -0.61 -34.17 -43.39
N ALA G 32 -1.55 -33.22 -43.38
CA ALA G 32 -2.85 -33.41 -44.05
C ALA G 32 -2.76 -33.40 -45.59
N GLY G 33 -1.56 -33.46 -46.14
CA GLY G 33 -1.37 -33.59 -47.58
C GLY G 33 -1.38 -32.26 -48.30
N ASN G 34 -0.66 -31.29 -47.74
CA ASN G 34 -0.52 -29.97 -48.37
C ASN G 34 0.94 -29.57 -48.41
N ASP G 35 1.32 -28.82 -49.44
CA ASP G 35 2.59 -28.09 -49.44
C ASP G 35 2.35 -26.76 -48.74
N VAL G 36 3.30 -26.35 -47.91
CA VAL G 36 3.06 -25.26 -46.95
C VAL G 36 4.07 -24.13 -47.05
N VAL G 37 3.57 -22.95 -47.38
CA VAL G 37 4.33 -21.71 -47.31
C VAL G 37 3.86 -20.96 -46.08
N VAL G 38 4.81 -20.51 -45.26
CA VAL G 38 4.48 -19.76 -44.06
C VAL G 38 5.11 -18.39 -44.13
N VAL G 39 4.34 -17.36 -43.76
CA VAL G 39 4.84 -15.99 -43.76
C VAL G 39 4.73 -15.42 -42.36
N CYS G 40 5.83 -14.86 -41.88
CA CYS G 40 5.93 -14.43 -40.48
C CYS G 40 6.01 -12.93 -40.33
N SER G 41 5.23 -12.40 -39.41
CA SER G 41 5.42 -11.03 -38.91
C SER G 41 6.40 -11.11 -37.76
N ALA G 42 6.93 -9.96 -37.33
CA ALA G 42 7.83 -9.91 -36.19
C ALA G 42 7.02 -10.22 -34.92
N MET G 43 7.71 -10.73 -33.90
CA MET G 43 7.04 -11.14 -32.65
C MET G 43 6.35 -9.98 -31.95
N GLY G 44 5.10 -10.20 -31.55
CA GLY G 44 4.34 -9.20 -30.80
C GLY G 44 4.26 -7.89 -31.54
N ASP G 45 4.60 -6.79 -30.84
CA ASP G 45 4.52 -5.45 -31.41
C ASP G 45 5.90 -4.93 -31.83
N THR G 46 6.83 -5.86 -32.09
CA THR G 46 8.21 -5.52 -32.41
C THR G 46 8.36 -4.53 -33.57
N THR G 47 7.53 -4.67 -34.60
CA THR G 47 7.61 -3.79 -35.76
C THR G 47 7.36 -2.33 -35.36
N ASP G 48 6.30 -2.06 -34.61
CA ASP G 48 6.02 -0.71 -34.13
C ASP G 48 7.14 -0.21 -33.22
N GLU G 49 7.60 -1.06 -32.31
CA GLU G 49 8.73 -0.73 -31.45
C GLU G 49 9.95 -0.33 -32.26
N LEU G 50 10.22 -1.04 -33.36
CA LEU G 50 11.35 -0.74 -34.23
C LEU G 50 11.13 0.53 -35.04
N LEU G 51 9.90 0.71 -35.55
CA LEU G 51 9.53 1.95 -36.24
C LEU G 51 9.70 3.15 -35.32
N GLU G 52 9.35 2.97 -34.05
CA GLU G 52 9.49 4.01 -33.04
C GLU G 52 10.95 4.32 -32.74
N LEU G 53 11.77 3.27 -32.61
CA LEU G 53 13.21 3.45 -32.39
C LEU G 53 13.87 4.09 -33.60
N ALA G 54 13.41 3.71 -34.79
CA ALA G 54 13.89 4.26 -36.04
C ALA G 54 13.72 5.77 -36.04
N ALA G 55 12.48 6.21 -35.83
CA ALA G 55 12.12 7.63 -35.82
C ALA G 55 12.86 8.43 -34.74
N ALA G 56 13.31 7.75 -33.69
CA ALA G 56 14.08 8.38 -32.62
C ALA G 56 15.54 8.62 -33.00
N VAL G 57 16.16 7.67 -33.69
CA VAL G 57 17.57 7.81 -34.09
C VAL G 57 17.76 8.65 -35.37
N ASN G 58 16.70 8.79 -36.15
CA ASN G 58 16.71 9.65 -37.35
C ASN G 58 15.27 10.03 -37.72
N PRO G 59 14.92 11.33 -37.66
CA PRO G 59 13.56 11.77 -37.98
C PRO G 59 13.08 11.37 -39.39
N VAL G 60 14.00 11.38 -40.35
CA VAL G 60 13.71 10.87 -41.70
C VAL G 60 14.63 9.68 -41.98
N PRO G 61 14.21 8.47 -41.55
CA PRO G 61 15.10 7.32 -41.64
C PRO G 61 15.35 6.83 -43.06
N PRO G 62 16.62 6.74 -43.49
CA PRO G 62 16.97 6.18 -44.79
C PRO G 62 16.28 4.85 -45.09
N ALA G 63 15.89 4.66 -46.35
CA ALA G 63 15.16 3.46 -46.76
C ALA G 63 16.00 2.18 -46.69
N ARG G 64 17.30 2.29 -46.99
CA ARG G 64 18.20 1.13 -46.96
C ARG G 64 18.26 0.54 -45.55
N GLU G 65 18.53 1.41 -44.58
CA GLU G 65 18.61 1.01 -43.17
C GLU G 65 17.25 0.62 -42.60
N MET G 66 16.19 1.26 -43.10
CA MET G 66 14.82 0.94 -42.66
C MET G 66 14.43 -0.48 -43.08
N ASP G 67 14.87 -0.89 -44.27
CA ASP G 67 14.66 -2.25 -44.75
C ASP G 67 15.41 -3.26 -43.87
N MET G 68 16.66 -2.95 -43.56
CA MET G 68 17.49 -3.81 -42.71
C MET G 68 16.88 -4.01 -41.32
N LEU G 69 16.25 -2.96 -40.79
CA LEU G 69 15.66 -2.98 -39.45
C LEU G 69 14.41 -3.86 -39.38
N LEU G 70 13.44 -3.56 -40.24
CA LEU G 70 12.18 -4.30 -40.26
C LEU G 70 12.35 -5.75 -40.69
N THR G 71 13.30 -6.00 -41.59
CA THR G 71 13.65 -7.35 -42.02
C THR G 71 14.22 -8.14 -40.85
N ALA G 72 15.06 -7.47 -40.05
CA ALA G 72 15.68 -8.07 -38.86
C ALA G 72 14.67 -8.54 -37.83
N GLY G 73 13.65 -7.72 -37.57
CA GLY G 73 12.62 -8.08 -36.61
C GLY G 73 11.81 -9.30 -37.00
N GLU G 74 11.49 -9.40 -38.29
CA GLU G 74 10.68 -10.50 -38.80
C GLU G 74 11.47 -11.80 -38.95
N ARG G 75 12.80 -11.69 -39.05
CA ARG G 75 13.65 -12.87 -39.15
C ARG G 75 13.85 -13.55 -37.79
N ILE G 76 13.64 -12.79 -36.71
CA ILE G 76 13.64 -13.37 -35.38
C ILE G 76 12.53 -14.42 -35.35
N SER G 77 11.33 -14.00 -35.74
CA SER G 77 10.19 -14.91 -35.88
C SER G 77 10.51 -16.07 -36.80
N ASN G 78 11.09 -15.77 -37.97
CA ASN G 78 11.47 -16.80 -38.93
C ASN G 78 12.33 -17.87 -38.27
N ALA G 79 13.40 -17.45 -37.60
CA ALA G 79 14.34 -18.37 -36.99
C ALA G 79 13.68 -19.26 -35.94
N LEU G 80 12.95 -18.63 -35.02
CA LEU G 80 12.27 -19.34 -33.94
C LEU G 80 11.24 -20.34 -34.44
N VAL G 81 10.41 -19.89 -35.39
CA VAL G 81 9.42 -20.76 -36.02
C VAL G 81 10.11 -21.92 -36.75
N ALA G 82 11.17 -21.61 -37.49
CA ALA G 82 11.95 -22.64 -38.19
C ALA G 82 12.48 -23.67 -37.20
N MET G 83 13.11 -23.20 -36.13
CA MET G 83 13.58 -24.06 -35.05
C MET G 83 12.45 -24.95 -34.54
N ALA G 84 11.27 -24.37 -34.32
CA ALA G 84 10.12 -25.11 -33.80
C ALA G 84 9.63 -26.18 -34.79
N ILE G 85 9.47 -25.77 -36.04
CA ILE G 85 9.06 -26.68 -37.12
C ILE G 85 9.97 -27.90 -37.18
N GLU G 86 11.27 -27.66 -37.01
CA GLU G 86 12.26 -28.72 -37.13
C GLU G 86 12.32 -29.61 -35.89
N SER G 87 11.73 -29.16 -34.80
CA SER G 87 11.57 -29.97 -33.59
C SER G 87 10.47 -31.02 -33.76
N LEU G 88 9.47 -30.68 -34.58
CA LEU G 88 8.30 -31.52 -34.79
C LEU G 88 8.46 -32.45 -36.01
N GLY G 89 9.61 -32.40 -36.66
CA GLY G 89 9.95 -33.34 -37.73
C GLY G 89 10.10 -32.73 -39.10
N ALA G 90 9.38 -31.65 -39.37
CA ALA G 90 9.40 -31.02 -40.68
C ALA G 90 10.77 -30.47 -41.03
N GLU G 91 11.09 -30.50 -42.32
CA GLU G 91 12.30 -29.86 -42.83
C GLU G 91 11.92 -28.46 -43.29
N ALA G 92 12.69 -27.46 -42.82
CA ALA G 92 12.38 -26.06 -43.10
C ALA G 92 13.47 -25.42 -43.94
N GLN G 93 13.06 -24.54 -44.85
CA GLN G 93 14.00 -23.70 -45.59
C GLN G 93 13.46 -22.28 -45.63
N SER G 94 14.25 -21.33 -45.16
CA SER G 94 13.82 -19.95 -45.01
C SER G 94 14.16 -19.10 -46.22
N PHE G 95 13.29 -18.13 -46.53
CA PHE G 95 13.52 -17.16 -47.60
C PHE G 95 13.22 -15.75 -47.08
N THR G 96 13.88 -14.75 -47.65
CA THR G 96 13.47 -13.37 -47.47
C THR G 96 12.54 -13.01 -48.62
N GLY G 97 11.82 -11.90 -48.48
CA GLY G 97 10.95 -11.38 -49.53
C GLY G 97 11.63 -11.33 -50.89
N SER G 98 12.89 -10.91 -50.91
CA SER G 98 13.68 -10.83 -52.15
C SER G 98 14.01 -12.20 -52.73
N GLN G 99 14.45 -13.14 -51.87
CA GLN G 99 14.75 -14.49 -52.31
C GLN G 99 13.55 -15.15 -52.99
N ALA G 100 12.37 -14.95 -52.41
CA ALA G 100 11.12 -15.45 -53.00
C ALA G 100 10.78 -14.69 -54.28
N GLY G 101 11.12 -13.41 -54.33
CA GLY G 101 10.94 -12.59 -55.53
C GLY G 101 9.82 -11.56 -55.40
N VAL G 102 9.76 -10.87 -54.27
CA VAL G 102 8.73 -9.87 -54.01
C VAL G 102 8.60 -8.84 -55.14
N VAL G 114 0.26 -13.23 -59.72
CA VAL G 114 0.91 -13.92 -60.82
C VAL G 114 2.09 -13.11 -61.40
N ASP G 115 2.80 -12.38 -60.52
CA ASP G 115 4.00 -11.65 -60.92
C ASP G 115 4.95 -11.47 -59.73
N VAL G 116 5.56 -12.58 -59.31
CA VAL G 116 6.54 -12.59 -58.23
C VAL G 116 7.83 -13.28 -58.67
N THR G 117 7.73 -14.32 -59.50
CA THR G 117 8.87 -15.17 -59.89
C THR G 117 9.36 -15.99 -58.68
N PRO G 118 8.51 -16.90 -58.17
CA PRO G 118 8.84 -17.71 -57.01
C PRO G 118 9.51 -19.02 -57.41
N GLY G 119 10.68 -18.92 -58.02
CA GLY G 119 11.40 -20.09 -58.50
C GLY G 119 11.87 -20.97 -57.35
N ARG G 120 12.79 -20.44 -56.56
CA ARG G 120 13.43 -21.20 -55.47
C ARG G 120 12.42 -21.83 -54.50
N VAL G 121 11.29 -21.15 -54.27
CA VAL G 121 10.28 -21.62 -53.33
C VAL G 121 9.62 -22.93 -53.77
N ARG G 122 9.18 -22.97 -55.02
CA ARG G 122 8.57 -24.18 -55.60
C ARG G 122 9.58 -25.33 -55.66
N GLU G 123 10.84 -25.00 -55.96
CA GLU G 123 11.91 -26.01 -55.95
C GLU G 123 12.09 -26.60 -54.54
N ALA G 124 11.88 -25.78 -53.52
CA ALA G 124 11.94 -26.24 -52.12
C ALA G 124 10.68 -26.98 -51.68
N LEU G 125 9.53 -26.61 -52.25
CA LEU G 125 8.26 -27.26 -51.90
C LEU G 125 8.18 -28.67 -52.47
N ASP G 126 8.58 -28.84 -53.73
CA ASP G 126 8.65 -30.15 -54.36
C ASP G 126 9.72 -31.02 -53.69
N GLU G 127 10.72 -30.37 -53.09
CA GLU G 127 11.77 -31.04 -52.33
C GLU G 127 11.25 -31.51 -50.95
N GLY G 128 10.04 -31.09 -50.58
CA GLY G 128 9.37 -31.54 -49.35
C GLY G 128 9.41 -30.56 -48.19
N LYS G 129 10.09 -29.44 -48.38
CA LYS G 129 10.32 -28.48 -47.29
C LYS G 129 9.12 -27.57 -47.05
N ILE G 130 8.96 -27.14 -45.80
CA ILE G 130 7.98 -26.12 -45.43
C ILE G 130 8.70 -24.78 -45.50
N CYS G 131 8.35 -23.97 -46.50
CA CYS G 131 9.04 -22.72 -46.76
C CYS G 131 8.55 -21.61 -45.85
N ILE G 132 9.48 -20.97 -45.14
CA ILE G 132 9.16 -19.84 -44.27
C ILE G 132 9.70 -18.53 -44.87
N VAL G 133 8.79 -17.73 -45.42
CA VAL G 133 9.13 -16.43 -45.98
C VAL G 133 8.79 -15.34 -44.97
N ALA G 134 9.79 -14.57 -44.53
CA ALA G 134 9.59 -13.58 -43.47
C ALA G 134 10.20 -12.21 -43.72
N GLY G 135 11.21 -12.13 -44.58
CA GLY G 135 12.02 -10.91 -44.73
C GLY G 135 11.33 -9.66 -45.27
N PHE G 136 11.75 -9.21 -46.44
CA PHE G 136 11.31 -7.92 -47.01
C PHE G 136 9.79 -7.82 -47.11
N ARG G 151 3.81 0.00 -48.36
CA ARG G 151 4.17 -1.42 -48.43
C ARG G 151 2.93 -2.33 -48.51
N GLY G 152 2.32 -2.59 -47.35
CA GLY G 152 1.37 -3.69 -47.16
C GLY G 152 1.98 -4.72 -46.21
N GLY G 153 3.27 -4.97 -46.38
CA GLY G 153 4.06 -5.75 -45.43
C GLY G 153 3.94 -7.25 -45.58
N SER G 154 3.83 -7.93 -44.43
CA SER G 154 3.78 -9.39 -44.35
C SER G 154 2.55 -9.96 -45.05
N ASP G 155 1.42 -9.29 -44.91
CA ASP G 155 0.15 -9.76 -45.46
C ASP G 155 0.18 -9.79 -46.98
N THR G 156 0.61 -8.68 -47.59
CA THR G 156 0.54 -8.54 -49.04
C THR G 156 1.58 -9.41 -49.77
N THR G 157 2.70 -9.73 -49.13
CA THR G 157 3.64 -10.69 -49.73
C THR G 157 3.11 -12.10 -49.59
N ALA G 158 2.31 -12.34 -48.55
CA ALA G 158 1.65 -13.63 -48.35
C ALA G 158 0.69 -13.95 -49.50
N VAL G 159 -0.21 -13.02 -49.81
CA VAL G 159 -1.17 -13.24 -50.89
C VAL G 159 -0.45 -13.19 -52.26
N ALA G 160 0.53 -12.31 -52.38
CA ALA G 160 1.32 -12.19 -53.61
C ALA G 160 1.98 -13.52 -53.96
N LEU G 161 2.54 -14.18 -52.95
CA LEU G 161 3.12 -15.52 -53.13
C LEU G 161 2.06 -16.55 -53.50
N ALA G 162 0.89 -16.44 -52.85
CA ALA G 162 -0.22 -17.34 -53.11
C ALA G 162 -0.69 -17.22 -54.56
N ALA G 163 -0.75 -15.98 -55.05
CA ALA G 163 -1.10 -15.73 -56.46
C ALA G 163 -0.04 -16.33 -57.39
N ALA G 164 1.22 -15.95 -57.17
CA ALA G 164 2.34 -16.43 -57.99
C ALA G 164 2.44 -17.95 -58.01
N LEU G 165 2.33 -18.57 -56.84
CA LEU G 165 2.41 -20.03 -56.72
C LEU G 165 1.09 -20.73 -57.05
N ASN G 166 0.01 -19.96 -57.16
CA ASN G 166 -1.31 -20.50 -57.45
C ASN G 166 -1.76 -21.46 -56.36
N ALA G 167 -1.81 -20.94 -55.13
CA ALA G 167 -2.20 -21.75 -53.97
C ALA G 167 -3.72 -21.84 -53.84
N ASP G 168 -4.17 -22.86 -53.11
CA ASP G 168 -5.60 -23.10 -52.93
C ASP G 168 -6.22 -22.11 -51.94
N VAL G 169 -5.48 -21.79 -50.89
CA VAL G 169 -5.92 -20.82 -49.88
C VAL G 169 -4.73 -20.08 -49.27
N CYS G 170 -4.98 -18.83 -48.87
CA CYS G 170 -4.02 -18.07 -48.08
C CYS G 170 -4.65 -17.72 -46.74
N GLU G 171 -4.24 -18.43 -45.69
CA GLU G 171 -4.81 -18.23 -44.37
C GLU G 171 -4.14 -17.07 -43.66
N ILE G 172 -4.94 -16.23 -43.00
CA ILE G 172 -4.45 -15.12 -42.19
C ILE G 172 -4.77 -15.42 -40.72
N TYR G 173 -3.77 -15.84 -39.96
CA TYR G 173 -3.95 -16.25 -38.56
C TYR G 173 -3.70 -15.10 -37.60
N SER G 174 -4.51 -15.04 -36.54
CA SER G 174 -4.38 -14.02 -35.49
C SER G 174 -5.17 -14.44 -34.26
N ASP G 175 -5.39 -13.50 -33.34
CA ASP G 175 -6.33 -13.68 -32.23
C ASP G 175 -7.79 -13.46 -32.66
N VAL G 176 -8.00 -13.03 -33.91
CA VAL G 176 -9.33 -12.89 -34.51
C VAL G 176 -9.76 -14.19 -35.17
N ASP G 177 -10.80 -14.83 -34.64
CA ASP G 177 -11.21 -16.16 -35.11
C ASP G 177 -12.19 -16.14 -36.27
N GLY G 178 -12.60 -14.95 -36.72
CA GLY G 178 -13.43 -14.84 -37.91
C GLY G 178 -13.88 -13.43 -38.23
N VAL G 179 -14.80 -13.33 -39.19
CA VAL G 179 -15.44 -12.07 -39.53
C VAL G 179 -16.90 -12.19 -39.12
N TYR G 180 -17.38 -11.21 -38.36
CA TYR G 180 -18.71 -11.28 -37.75
C TYR G 180 -19.68 -10.29 -38.38
N THR G 181 -20.98 -10.55 -38.22
CA THR G 181 -22.04 -9.69 -38.74
C THR G 181 -22.08 -8.33 -38.04
N ALA G 182 -21.52 -8.29 -36.83
CA ALA G 182 -21.39 -7.05 -36.07
C ALA G 182 -20.35 -7.28 -34.98
N ASP G 183 -20.03 -6.22 -34.23
CA ASP G 183 -19.18 -6.35 -33.05
C ASP G 183 -19.96 -7.12 -31.98
N PRO G 184 -19.48 -8.32 -31.60
CA PRO G 184 -20.25 -9.15 -30.66
C PRO G 184 -20.42 -8.52 -29.29
N ARG G 185 -19.52 -7.60 -28.94
CA ARG G 185 -19.61 -6.86 -27.68
C ARG G 185 -20.78 -5.87 -27.72
N ILE G 186 -20.94 -5.16 -28.84
CA ILE G 186 -22.03 -4.21 -29.02
C ILE G 186 -23.35 -4.93 -29.32
N VAL G 187 -23.33 -5.75 -30.38
CA VAL G 187 -24.50 -6.50 -30.81
C VAL G 187 -24.36 -7.93 -30.31
N PRO G 188 -25.11 -8.30 -29.25
CA PRO G 188 -24.92 -9.63 -28.64
C PRO G 188 -25.22 -10.81 -29.56
N ASN G 189 -26.23 -10.67 -30.43
CA ASN G 189 -26.62 -11.76 -31.34
C ASN G 189 -25.86 -11.74 -32.69
N ALA G 190 -24.72 -11.06 -32.74
CA ALA G 190 -23.87 -11.08 -33.93
C ALA G 190 -23.16 -12.42 -34.04
N GLN G 191 -23.52 -13.21 -35.06
CA GLN G 191 -22.85 -14.49 -35.30
C GLN G 191 -21.74 -14.33 -36.35
N LYS G 192 -21.02 -15.42 -36.59
CA LYS G 192 -19.81 -15.41 -37.40
C LYS G 192 -20.08 -15.88 -38.84
N LEU G 193 -19.49 -15.18 -39.81
CA LEU G 193 -19.70 -15.51 -41.22
C LEU G 193 -18.96 -16.78 -41.61
N GLU G 194 -19.61 -17.62 -42.41
CA GLU G 194 -18.96 -18.79 -42.99
C GLU G 194 -18.09 -18.34 -44.19
N LYS G 195 -18.67 -17.54 -45.08
CA LYS G 195 -17.90 -16.94 -46.17
C LYS G 195 -18.52 -15.65 -46.72
N LEU G 196 -17.70 -14.91 -47.46
CA LEU G 196 -18.16 -13.71 -48.15
C LEU G 196 -17.24 -13.40 -49.33
N SER G 197 -17.67 -12.50 -50.20
CA SER G 197 -16.88 -12.14 -51.37
C SER G 197 -15.72 -11.22 -51.01
N PHE G 198 -14.80 -11.04 -51.95
CA PHE G 198 -13.68 -10.10 -51.77
C PHE G 198 -14.21 -8.69 -51.51
N GLU G 199 -15.18 -8.27 -52.31
CA GLU G 199 -15.72 -6.91 -52.24
C GLU G 199 -16.48 -6.66 -50.95
N GLU G 200 -17.27 -7.64 -50.52
CA GLU G 200 -17.98 -7.55 -49.24
C GLU G 200 -17.03 -7.40 -48.04
N MET G 201 -15.84 -8.00 -48.15
CA MET G 201 -14.82 -7.90 -47.11
C MET G 201 -14.13 -6.54 -47.18
N LEU G 202 -13.69 -6.16 -48.38
CA LEU G 202 -13.08 -4.85 -48.62
C LEU G 202 -13.94 -3.70 -48.08
N GLU G 203 -15.24 -3.78 -48.30
CA GLU G 203 -16.15 -2.72 -47.88
C GLU G 203 -16.31 -2.69 -46.35
N LEU G 204 -16.42 -3.87 -45.74
CA LEU G 204 -16.51 -3.96 -44.27
C LEU G 204 -15.25 -3.42 -43.59
N ALA G 205 -14.09 -3.87 -44.06
CA ALA G 205 -12.82 -3.43 -43.51
C ALA G 205 -12.60 -1.94 -43.78
N ALA G 206 -13.02 -1.48 -44.95
CA ALA G 206 -12.87 -0.07 -45.35
C ALA G 206 -13.51 0.91 -44.37
N VAL G 207 -14.70 0.59 -43.88
CA VAL G 207 -15.47 1.52 -43.04
C VAL G 207 -15.70 1.02 -41.62
N GLY G 208 -14.98 -0.03 -41.22
CA GLY G 208 -15.17 -0.64 -39.90
C GLY G 208 -13.86 -0.98 -39.24
N SER G 209 -13.83 -2.11 -38.53
CA SER G 209 -12.59 -2.62 -37.97
C SER G 209 -11.73 -3.17 -39.11
N LYS G 210 -10.48 -2.71 -39.16
CA LYS G 210 -9.51 -3.32 -40.06
C LYS G 210 -9.11 -4.65 -39.42
N ILE G 211 -9.70 -5.72 -39.95
CA ILE G 211 -9.46 -7.08 -39.48
C ILE G 211 -8.22 -7.67 -40.18
N LEU G 212 -7.97 -7.20 -41.40
CA LEU G 212 -6.75 -7.54 -42.14
C LEU G 212 -6.38 -6.36 -43.03
N VAL G 213 -5.22 -6.44 -43.69
CA VAL G 213 -4.73 -5.35 -44.54
C VAL G 213 -5.51 -5.28 -45.85
N LEU G 214 -6.17 -4.14 -46.09
CA LEU G 214 -6.95 -3.91 -47.33
C LEU G 214 -6.19 -4.32 -48.59
N ARG G 215 -4.97 -3.81 -48.75
CA ARG G 215 -4.18 -4.06 -49.95
C ARG G 215 -3.98 -5.54 -50.20
N SER G 216 -3.81 -6.33 -49.13
CA SER G 216 -3.58 -7.76 -49.27
C SER G 216 -4.86 -8.43 -49.80
N VAL G 217 -6.00 -7.93 -49.36
CA VAL G 217 -7.29 -8.45 -49.83
C VAL G 217 -7.56 -8.01 -51.27
N GLU G 218 -7.10 -6.81 -51.62
CA GLU G 218 -7.24 -6.29 -53.00
C GLU G 218 -6.41 -7.10 -54.00
N TYR G 219 -5.17 -7.42 -53.64
CA TYR G 219 -4.36 -8.35 -54.45
C TYR G 219 -5.06 -9.69 -54.59
N ALA G 220 -5.61 -10.19 -53.48
CA ALA G 220 -6.34 -11.45 -53.48
C ALA G 220 -7.55 -11.39 -54.39
N ARG G 221 -8.17 -10.22 -54.49
CA ARG G 221 -9.31 -10.00 -55.36
C ARG G 221 -8.87 -10.00 -56.82
N ALA G 222 -7.81 -9.26 -57.11
CA ALA G 222 -7.32 -9.10 -58.47
C ALA G 222 -6.73 -10.39 -59.04
N PHE G 223 -6.16 -11.23 -58.17
CA PHE G 223 -5.57 -12.50 -58.61
C PHE G 223 -6.40 -13.72 -58.20
N ASN G 224 -7.60 -13.46 -57.66
CA ASN G 224 -8.53 -14.53 -57.25
C ASN G 224 -7.86 -15.64 -56.42
N VAL G 225 -7.23 -15.24 -55.32
CA VAL G 225 -6.69 -16.19 -54.35
C VAL G 225 -7.59 -16.15 -53.11
N PRO G 226 -8.23 -17.29 -52.77
CA PRO G 226 -9.07 -17.39 -51.58
C PRO G 226 -8.31 -17.09 -50.29
N LEU G 227 -8.97 -16.36 -49.39
CA LEU G 227 -8.40 -16.05 -48.08
C LEU G 227 -9.24 -16.69 -46.99
N ARG G 228 -8.62 -16.82 -45.82
CA ARG G 228 -9.25 -17.49 -44.68
C ARG G 228 -8.82 -16.79 -43.39
N VAL G 229 -9.67 -15.88 -42.90
CA VAL G 229 -9.46 -15.24 -41.60
C VAL G 229 -9.77 -16.24 -40.51
N ARG G 230 -8.79 -16.58 -39.68
CA ARG G 230 -9.00 -17.56 -38.61
C ARG G 230 -8.03 -17.42 -37.45
N SER G 231 -8.33 -18.11 -36.35
CA SER G 231 -7.56 -17.96 -35.12
C SER G 231 -6.48 -19.03 -34.99
N SER G 232 -5.27 -18.59 -34.67
CA SER G 232 -4.18 -19.50 -34.31
C SER G 232 -4.37 -20.04 -32.89
N TYR G 233 -5.26 -19.42 -32.11
CA TYR G 233 -5.47 -19.81 -30.71
C TYR G 233 -6.46 -20.98 -30.59
N SER G 234 -7.46 -21.01 -31.47
CA SER G 234 -8.53 -22.03 -31.41
C SER G 234 -8.48 -22.99 -32.61
N ASN G 235 -9.50 -23.81 -32.76
CA ASN G 235 -9.64 -24.72 -33.91
C ASN G 235 -10.79 -24.36 -34.85
N ASP G 236 -11.50 -23.28 -34.54
CA ASP G 236 -12.59 -22.79 -35.40
C ASP G 236 -12.02 -22.53 -36.80
N PRO G 237 -12.68 -23.06 -37.85
CA PRO G 237 -12.18 -22.92 -39.22
C PRO G 237 -12.23 -21.49 -39.76
N GLY G 238 -12.97 -20.60 -39.11
CA GLY G 238 -12.95 -19.19 -39.45
C GLY G 238 -13.83 -18.83 -40.62
N THR G 239 -13.65 -17.61 -41.13
CA THR G 239 -14.42 -17.09 -42.24
C THR G 239 -13.61 -17.15 -43.53
N LEU G 240 -14.22 -17.72 -44.57
CA LEU G 240 -13.60 -17.80 -45.90
C LEU G 240 -13.94 -16.55 -46.72
N ILE G 241 -12.91 -15.86 -47.23
CA ILE G 241 -13.12 -14.83 -48.25
C ILE G 241 -12.66 -15.36 -49.60
N ALA G 242 -13.63 -15.71 -50.46
CA ALA G 242 -13.31 -16.38 -51.73
C ALA G 242 -14.08 -15.80 -52.92
N GLY G 243 -15.39 -15.65 -52.78
CA GLY G 243 -16.25 -15.28 -53.89
C GLY G 243 -15.91 -13.94 -54.52
N SER G 244 -16.18 -13.83 -55.81
CA SER G 244 -16.20 -12.53 -56.47
C SER G 244 -17.67 -12.11 -56.54
N MET G 245 -17.97 -10.94 -55.99
CA MET G 245 -19.32 -10.41 -55.96
C MET G 245 -20.02 -10.51 -57.32
N GLU G 246 -19.34 -10.04 -58.37
CA GLU G 246 -19.89 -10.05 -59.73
C GLU G 246 -20.23 -11.46 -60.25
N ASP G 247 -19.64 -12.49 -59.64
CA ASP G 247 -19.91 -13.89 -59.99
C ASP G 247 -20.94 -14.57 -59.06
N ILE G 248 -21.53 -13.82 -58.13
CA ILE G 248 -22.52 -14.36 -57.20
C ILE G 248 -23.92 -14.13 -57.75
N PRO G 249 -24.77 -15.17 -57.77
CA PRO G 249 -26.11 -15.00 -58.36
C PRO G 249 -27.00 -14.07 -57.54
N VAL G 250 -27.66 -13.13 -58.23
CA VAL G 250 -28.54 -12.14 -57.60
C VAL G 250 -29.60 -12.76 -56.70
N GLU G 251 -30.07 -13.94 -57.10
CA GLU G 251 -30.97 -14.75 -56.28
C GLU G 251 -30.41 -15.01 -54.88
N GLU G 252 -29.14 -15.43 -54.82
CA GLU G 252 -28.51 -15.88 -53.58
C GLU G 252 -27.54 -14.84 -52.99
N ALA G 253 -27.73 -13.57 -53.35
CA ALA G 253 -26.89 -12.49 -52.82
C ALA G 253 -27.50 -11.93 -51.54
N VAL G 254 -26.80 -12.12 -50.42
CA VAL G 254 -27.31 -11.73 -49.10
C VAL G 254 -26.63 -10.48 -48.55
N LEU G 255 -27.15 -10.00 -47.42
CA LEU G 255 -26.50 -8.96 -46.64
C LEU G 255 -25.46 -9.60 -45.72
N THR G 256 -24.33 -8.93 -45.55
CA THR G 256 -23.19 -9.50 -44.87
C THR G 256 -23.10 -9.10 -43.40
N GLY G 257 -23.03 -7.80 -43.13
CA GLY G 257 -22.89 -7.34 -41.75
C GLY G 257 -22.98 -5.83 -41.54
N VAL G 258 -22.90 -5.43 -40.27
CA VAL G 258 -22.93 -4.03 -39.85
C VAL G 258 -21.57 -3.66 -39.29
N ALA G 259 -21.09 -2.46 -39.59
CA ALA G 259 -19.77 -2.01 -39.14
C ALA G 259 -19.85 -0.61 -38.52
N THR G 260 -18.93 -0.35 -37.59
CA THR G 260 -18.94 0.88 -36.80
C THR G 260 -17.53 1.45 -36.71
N ASP G 261 -17.44 2.77 -36.55
CA ASP G 261 -16.16 3.46 -36.47
C ASP G 261 -16.32 4.71 -35.61
N LYS G 262 -15.71 4.67 -34.43
CA LYS G 262 -15.82 5.73 -33.44
C LYS G 262 -14.57 6.60 -33.40
N SER G 263 -13.65 6.39 -34.36
CA SER G 263 -12.31 6.97 -34.31
C SER G 263 -12.11 8.20 -35.20
N GLU G 264 -13.07 8.55 -36.04
CA GLU G 264 -12.91 9.68 -36.96
C GLU G 264 -13.44 10.98 -36.35
N ALA G 265 -12.86 12.08 -36.81
CA ALA G 265 -13.42 13.41 -36.66
C ALA G 265 -13.82 13.82 -38.07
N LYS G 266 -14.84 14.69 -38.19
CA LYS G 266 -15.22 15.17 -39.53
C LYS G 266 -15.02 16.67 -39.64
N VAL G 267 -14.38 17.08 -40.73
CA VAL G 267 -14.11 18.47 -41.02
C VAL G 267 -14.92 18.87 -42.23
N THR G 268 -15.53 20.05 -42.18
CA THR G 268 -16.31 20.56 -43.30
C THR G 268 -15.80 21.92 -43.71
N VAL G 269 -15.47 22.06 -44.99
CA VAL G 269 -15.09 23.34 -45.55
C VAL G 269 -16.31 23.90 -46.27
N LEU G 270 -16.91 24.94 -45.69
CA LEU G 270 -18.12 25.55 -46.24
C LEU G 270 -17.78 26.59 -47.30
N GLY G 271 -18.61 26.69 -48.33
CA GLY G 271 -18.53 27.77 -49.30
C GLY G 271 -17.34 27.72 -50.26
N ILE G 272 -17.05 26.52 -50.76
CA ILE G 272 -16.04 26.33 -51.79
C ILE G 272 -16.70 26.56 -53.14
N SER G 273 -16.10 27.42 -53.97
CA SER G 273 -16.67 27.75 -55.28
C SER G 273 -16.57 26.57 -56.24
N ASP G 274 -17.65 26.29 -56.96
CA ASP G 274 -17.75 25.09 -57.78
C ASP G 274 -17.06 25.27 -59.14
N LYS G 275 -15.74 25.44 -59.10
CA LYS G 275 -14.94 25.59 -60.31
C LYS G 275 -13.78 24.61 -60.24
N PRO G 276 -13.21 24.22 -61.39
CA PRO G 276 -12.11 23.26 -61.35
C PRO G 276 -10.90 23.77 -60.56
N GLY G 277 -10.22 22.85 -59.89
CA GLY G 277 -9.02 23.17 -59.12
C GLY G 277 -9.21 23.41 -57.63
N GLU G 278 -10.45 23.55 -57.18
CA GLU G 278 -10.71 23.89 -55.77
C GLU G 278 -10.53 22.68 -54.83
N ALA G 279 -11.15 21.54 -55.13
CA ALA G 279 -10.88 20.32 -54.38
C ALA G 279 -9.37 20.08 -54.23
N ALA G 280 -8.61 20.36 -55.29
CA ALA G 280 -7.15 20.26 -55.24
C ALA G 280 -6.56 21.07 -54.08
N LYS G 281 -6.99 22.32 -53.96
CA LYS G 281 -6.46 23.23 -52.93
C LYS G 281 -6.67 22.68 -51.53
N VAL G 282 -7.87 22.19 -51.27
CA VAL G 282 -8.19 21.59 -49.97
C VAL G 282 -7.26 20.41 -49.71
N PHE G 283 -7.21 19.47 -50.65
CA PHE G 283 -6.56 18.17 -50.43
C PHE G 283 -5.05 18.12 -50.66
N ARG G 284 -4.53 19.02 -51.50
CA ARG G 284 -3.08 19.16 -51.60
C ARG G 284 -2.54 19.70 -50.27
N ALA G 285 -3.19 20.72 -49.72
CA ALA G 285 -2.84 21.25 -48.40
C ALA G 285 -2.87 20.15 -47.32
N LEU G 286 -3.92 19.36 -47.32
CA LEU G 286 -4.07 18.25 -46.37
C LEU G 286 -3.03 17.15 -46.56
N ALA G 287 -2.69 16.84 -47.81
CA ALA G 287 -1.71 15.79 -48.13
C ALA G 287 -0.31 16.19 -47.72
N ASP G 288 0.03 17.46 -47.89
CA ASP G 288 1.32 17.98 -47.45
C ASP G 288 1.47 17.85 -45.94
N ALA G 289 0.36 18.03 -45.21
CA ALA G 289 0.38 17.97 -43.75
C ALA G 289 0.34 16.53 -43.23
N GLU G 290 0.33 15.55 -44.13
CA GLU G 290 0.24 14.14 -43.78
C GLU G 290 -1.08 13.78 -43.10
N ILE G 291 -2.12 14.56 -43.38
CA ILE G 291 -3.44 14.30 -42.80
C ILE G 291 -4.05 13.08 -43.47
N ASN G 292 -4.11 11.96 -42.75
CA ASN G 292 -4.85 10.79 -43.23
C ASN G 292 -6.28 11.21 -43.49
N ILE G 293 -6.92 10.65 -44.51
CA ILE G 293 -8.31 10.99 -44.76
C ILE G 293 -9.16 9.78 -45.16
N ASP G 294 -10.19 9.55 -44.35
CA ASP G 294 -11.02 8.37 -44.43
C ASP G 294 -11.90 8.45 -45.67
N MET G 295 -12.79 9.45 -45.71
CA MET G 295 -13.67 9.63 -46.86
C MET G 295 -14.00 11.08 -47.10
N VAL G 296 -14.38 11.38 -48.34
CA VAL G 296 -14.74 12.71 -48.74
C VAL G 296 -16.18 12.71 -49.21
N LEU G 297 -16.91 13.74 -48.82
CA LEU G 297 -18.30 13.92 -49.21
C LEU G 297 -18.42 15.29 -49.85
N GLN G 298 -18.97 15.35 -51.06
CA GLN G 298 -19.36 16.61 -51.68
C GLN G 298 -20.63 16.40 -52.47
N ASN G 299 -21.61 17.26 -52.25
CA ASN G 299 -22.87 17.24 -52.98
C ASN G 299 -22.88 18.38 -53.99
N VAL G 300 -23.97 18.51 -54.75
CA VAL G 300 -24.07 19.52 -55.81
C VAL G 300 -24.15 20.96 -55.26
N SER G 301 -23.59 21.90 -56.02
CA SER G 301 -23.54 23.31 -55.60
C SER G 301 -24.88 24.03 -55.76
N SER G 302 -25.01 25.17 -55.08
CA SER G 302 -26.23 25.99 -55.15
C SER G 302 -26.31 26.77 -56.45
N VAL G 303 -27.53 27.10 -56.87
CA VAL G 303 -27.76 27.93 -58.06
C VAL G 303 -27.08 29.28 -57.88
N GLU G 304 -27.59 30.09 -56.94
CA GLU G 304 -26.87 31.29 -56.50
C GLU G 304 -25.59 30.86 -55.79
N ASP G 305 -24.71 31.82 -55.50
CA ASP G 305 -23.38 31.53 -54.95
C ASP G 305 -22.48 30.79 -55.95
N GLY G 306 -22.96 29.66 -56.47
CA GLY G 306 -22.14 28.75 -57.25
C GLY G 306 -21.10 28.07 -56.38
N THR G 307 -21.48 27.80 -55.12
CA THR G 307 -20.58 27.20 -54.15
C THR G 307 -21.20 25.96 -53.53
N THR G 308 -20.34 25.02 -53.13
CA THR G 308 -20.78 23.82 -52.42
C THR G 308 -19.92 23.66 -51.17
N ASP G 309 -20.06 22.51 -50.51
CA ASP G 309 -19.29 22.21 -49.31
C ASP G 309 -18.58 20.88 -49.49
N ILE G 310 -17.40 20.76 -48.89
CA ILE G 310 -16.66 19.51 -48.92
C ILE G 310 -16.44 19.04 -47.49
N THR G 311 -16.85 17.81 -47.22
CA THR G 311 -16.64 17.21 -45.91
C THR G 311 -15.74 16.01 -46.06
N PHE G 312 -14.86 15.81 -45.09
CA PHE G 312 -14.10 14.59 -45.00
C PHE G 312 -13.95 14.19 -43.55
N THR G 313 -13.84 12.88 -43.32
CA THR G 313 -13.51 12.35 -42.02
C THR G 313 -12.05 11.99 -42.01
N CYS G 314 -11.45 12.02 -40.81
CA CYS G 314 -10.04 11.68 -40.63
C CYS G 314 -9.84 11.23 -39.19
N PRO G 315 -8.72 10.54 -38.90
CA PRO G 315 -8.48 10.15 -37.50
C PRO G 315 -8.59 11.34 -36.56
N ARG G 316 -9.11 11.12 -35.36
CA ARG G 316 -9.23 12.19 -34.37
C ARG G 316 -7.87 12.82 -34.02
N SER G 317 -6.80 12.03 -34.11
CA SER G 317 -5.45 12.53 -33.83
C SER G 317 -4.93 13.51 -34.90
N ASP G 318 -5.54 13.50 -36.08
CA ASP G 318 -5.19 14.44 -37.15
C ASP G 318 -6.12 15.66 -37.18
N GLY G 319 -7.17 15.62 -36.35
CA GLY G 319 -8.23 16.64 -36.36
C GLY G 319 -7.76 18.08 -36.25
N ARG G 320 -7.11 18.41 -35.13
CA ARG G 320 -6.66 19.77 -34.87
C ARG G 320 -5.74 20.24 -35.98
N ARG G 321 -4.73 19.43 -36.27
CA ARG G 321 -3.76 19.70 -37.32
C ARG G 321 -4.47 20.05 -38.64
N ALA G 322 -5.46 19.23 -39.02
CA ALA G 322 -6.27 19.49 -40.21
C ALA G 322 -6.95 20.85 -40.12
N MET G 323 -7.56 21.13 -38.97
CA MET G 323 -8.30 22.37 -38.75
C MET G 323 -7.38 23.59 -38.82
N GLU G 324 -6.21 23.47 -38.20
CA GLU G 324 -5.16 24.49 -38.29
C GLU G 324 -4.86 24.84 -39.74
N ILE G 325 -4.63 23.81 -40.56
CA ILE G 325 -4.26 24.01 -41.97
C ILE G 325 -5.32 24.75 -42.77
N LEU G 326 -6.56 24.25 -42.73
CA LEU G 326 -7.63 24.77 -43.57
C LEU G 326 -8.16 26.14 -43.12
N LYS G 327 -8.03 26.45 -41.83
CA LYS G 327 -8.43 27.76 -41.31
C LYS G 327 -7.53 28.88 -41.82
N LYS G 328 -6.25 28.57 -42.05
CA LYS G 328 -5.31 29.54 -42.64
C LYS G 328 -5.75 29.91 -44.06
N LEU G 329 -6.16 28.91 -44.82
CA LEU G 329 -6.60 29.10 -46.20
C LEU G 329 -7.97 29.79 -46.31
N GLN G 330 -8.75 29.76 -45.24
CA GLN G 330 -10.00 30.51 -45.18
C GLN G 330 -9.71 32.00 -45.16
N VAL G 331 -8.82 32.41 -44.25
CA VAL G 331 -8.41 33.81 -44.12
C VAL G 331 -7.63 34.27 -45.37
N GLN G 332 -6.97 33.33 -46.04
CA GLN G 332 -6.40 33.57 -47.37
C GLN G 332 -7.47 33.97 -48.39
N GLY G 333 -8.73 33.62 -48.11
CA GLY G 333 -9.89 34.22 -48.77
C GLY G 333 -10.49 33.41 -49.90
N ASN G 334 -10.53 32.09 -49.76
CA ASN G 334 -11.14 31.22 -50.78
C ASN G 334 -12.11 30.17 -50.23
N TRP G 335 -12.63 30.39 -49.02
CA TRP G 335 -13.89 29.77 -48.57
C TRP G 335 -14.49 30.47 -47.35
N THR G 336 -15.75 30.13 -47.04
CA THR G 336 -16.55 30.82 -46.02
C THR G 336 -16.23 30.40 -44.59
N ASN G 337 -16.07 29.10 -44.36
CA ASN G 337 -15.86 28.58 -43.01
C ASN G 337 -15.22 27.19 -43.00
N VAL G 338 -14.72 26.78 -41.84
CA VAL G 338 -14.20 25.43 -41.66
C VAL G 338 -14.69 24.89 -40.32
N LEU G 339 -15.50 23.83 -40.37
CA LEU G 339 -16.12 23.24 -39.19
C LEU G 339 -15.36 22.00 -38.72
N TYR G 340 -15.38 21.77 -37.41
CA TYR G 340 -14.71 20.63 -36.79
C TYR G 340 -15.67 19.90 -35.86
N ASP G 341 -15.61 18.57 -35.85
CA ASP G 341 -16.49 17.74 -35.04
C ASP G 341 -15.82 16.40 -34.71
N ASP G 342 -15.43 16.24 -33.45
CA ASP G 342 -14.69 15.05 -33.01
C ASP G 342 -15.54 14.14 -32.11
N GLN G 343 -16.85 14.23 -32.26
CA GLN G 343 -17.77 13.34 -31.57
C GLN G 343 -18.70 12.65 -32.56
N VAL G 344 -18.19 12.41 -33.77
CA VAL G 344 -18.96 11.73 -34.82
C VAL G 344 -18.61 10.25 -34.84
N GLY G 345 -19.58 9.43 -35.22
CA GLY G 345 -19.39 8.00 -35.40
C GLY G 345 -20.03 7.56 -36.69
N LYS G 346 -19.44 6.55 -37.35
CA LYS G 346 -19.96 6.03 -38.60
C LYS G 346 -20.62 4.67 -38.40
N VAL G 347 -21.83 4.48 -38.93
CA VAL G 347 -22.46 3.16 -38.98
C VAL G 347 -22.67 2.80 -40.44
N SER G 348 -22.47 1.54 -40.79
CA SER G 348 -22.60 1.11 -42.17
C SER G 348 -23.24 -0.28 -42.29
N LEU G 349 -23.94 -0.51 -43.39
CA LEU G 349 -24.48 -1.81 -43.75
C LEU G 349 -23.78 -2.27 -45.01
N VAL G 350 -23.28 -3.51 -45.01
CA VAL G 350 -22.59 -4.06 -46.17
C VAL G 350 -23.26 -5.35 -46.65
N GLY G 351 -23.32 -5.51 -47.96
CA GLY G 351 -23.89 -6.71 -48.55
C GLY G 351 -24.07 -6.57 -50.04
N ALA G 352 -23.66 -7.59 -50.79
CA ALA G 352 -23.90 -7.64 -52.23
C ALA G 352 -25.40 -7.68 -52.52
N GLY G 353 -26.17 -8.20 -51.57
CA GLY G 353 -27.63 -8.23 -51.68
C GLY G 353 -28.29 -6.92 -52.05
N MET G 354 -27.76 -5.81 -51.53
CA MET G 354 -28.37 -4.49 -51.79
C MET G 354 -28.11 -3.97 -53.21
N LYS G 355 -27.14 -4.57 -53.90
CA LYS G 355 -26.89 -4.27 -55.31
C LYS G 355 -28.20 -4.16 -56.09
N SER G 356 -28.93 -5.27 -56.18
CA SER G 356 -30.09 -5.36 -57.07
C SER G 356 -31.43 -5.42 -56.34
N HIS G 357 -31.50 -4.89 -55.11
CA HIS G 357 -32.72 -4.93 -54.32
C HIS G 357 -33.18 -3.52 -53.95
N PRO G 358 -34.28 -3.05 -54.54
CA PRO G 358 -34.88 -1.79 -54.11
C PRO G 358 -35.30 -1.82 -52.65
N GLY G 359 -35.25 -0.67 -51.98
CA GLY G 359 -35.77 -0.54 -50.63
C GLY G 359 -34.84 -0.93 -49.48
N VAL G 360 -33.62 -1.37 -49.79
CA VAL G 360 -32.64 -1.66 -48.75
C VAL G 360 -32.30 -0.38 -47.99
N THR G 361 -32.08 0.71 -48.73
CA THR G 361 -31.83 2.02 -48.13
C THR G 361 -33.04 2.47 -47.33
N ALA G 362 -34.23 2.24 -47.88
CA ALA G 362 -35.48 2.60 -47.19
C ALA G 362 -35.53 1.95 -45.81
N GLU G 363 -35.30 0.63 -45.76
CA GLU G 363 -35.25 -0.09 -44.51
C GLU G 363 -34.17 0.43 -43.57
N PHE G 364 -33.01 0.79 -44.14
CA PHE G 364 -31.91 1.39 -43.38
C PHE G 364 -32.37 2.69 -42.72
N MET G 365 -32.85 3.62 -43.54
CA MET G 365 -33.32 4.91 -43.03
C MET G 365 -34.50 4.75 -42.08
N GLU G 366 -35.38 3.79 -42.38
CA GLU G 366 -36.50 3.46 -41.51
C GLU G 366 -36.03 2.91 -40.17
N ALA G 367 -35.02 2.05 -40.20
CA ALA G 367 -34.46 1.44 -38.99
C ALA G 367 -33.94 2.48 -37.98
N LEU G 368 -33.23 3.49 -38.48
CA LEU G 368 -32.71 4.55 -37.61
C LEU G 368 -33.80 5.52 -37.16
N ARG G 369 -34.79 5.76 -38.02
CA ARG G 369 -35.94 6.60 -37.66
C ARG G 369 -36.63 6.04 -36.43
N ASP G 370 -37.00 4.76 -36.49
CA ASP G 370 -37.81 4.12 -35.44
C ASP G 370 -37.09 3.97 -34.09
N VAL G 371 -35.79 4.26 -34.06
CA VAL G 371 -35.05 4.39 -32.81
C VAL G 371 -34.57 5.83 -32.62
N ASN G 372 -35.30 6.78 -33.20
CA ASN G 372 -35.04 8.21 -33.05
C ASN G 372 -33.58 8.66 -33.28
N VAL G 373 -32.88 7.98 -34.19
CA VAL G 373 -31.51 8.36 -34.58
C VAL G 373 -31.53 9.20 -35.83
N ASN G 374 -30.77 10.30 -35.84
CA ASN G 374 -30.74 11.22 -36.96
C ASN G 374 -29.49 11.02 -37.81
N ILE G 375 -29.68 11.08 -39.13
CA ILE G 375 -28.61 10.81 -40.09
C ILE G 375 -28.07 12.14 -40.60
N GLU G 376 -26.83 12.45 -40.21
CA GLU G 376 -26.20 13.73 -40.54
C GLU G 376 -25.62 13.70 -41.95
N LEU G 377 -24.91 12.63 -42.28
CA LEU G 377 -24.41 12.43 -43.64
C LEU G 377 -24.66 11.01 -44.12
N ILE G 378 -24.87 10.87 -45.43
CA ILE G 378 -25.00 9.57 -46.08
C ILE G 378 -23.91 9.46 -47.14
N SER G 379 -23.31 8.28 -47.27
CA SER G 379 -22.40 7.98 -48.37
C SER G 379 -22.50 6.50 -48.70
N THR G 380 -22.28 6.14 -49.95
CA THR G 380 -22.49 4.75 -50.38
C THR G 380 -21.45 4.21 -51.34
N SER G 381 -21.53 2.90 -51.54
CA SER G 381 -20.98 2.24 -52.73
C SER G 381 -22.07 1.29 -53.21
N GLU G 382 -21.79 0.56 -54.28
CA GLU G 382 -22.77 -0.36 -54.88
C GLU G 382 -23.34 -1.35 -53.88
N ILE G 383 -22.52 -1.74 -52.89
CA ILE G 383 -22.91 -2.74 -51.92
C ILE G 383 -22.72 -2.26 -50.48
N ARG G 384 -22.88 -0.96 -50.26
CA ARG G 384 -22.60 -0.39 -48.95
C ARG G 384 -23.34 0.93 -48.71
N ILE G 385 -24.11 1.00 -47.61
CA ILE G 385 -24.66 2.27 -47.11
C ILE G 385 -23.85 2.67 -45.87
N SER G 386 -23.47 3.94 -45.79
CA SER G 386 -22.76 4.47 -44.64
C SER G 386 -23.34 5.81 -44.21
N VAL G 387 -23.64 5.94 -42.93
CA VAL G 387 -24.16 7.20 -42.38
C VAL G 387 -23.31 7.66 -41.23
N LEU G 388 -23.10 8.97 -41.13
CA LEU G 388 -22.43 9.57 -39.97
C LEU G 388 -23.49 10.07 -38.99
N ILE G 389 -23.28 9.77 -37.71
CA ILE G 389 -24.20 10.16 -36.65
C ILE G 389 -23.44 10.56 -35.38
N ARG G 390 -24.17 10.95 -34.35
CA ARG G 390 -23.59 11.17 -33.02
C ARG G 390 -23.02 9.86 -32.51
N GLU G 391 -21.79 9.87 -32.01
CA GLU G 391 -21.14 8.64 -31.55
C GLU G 391 -21.94 7.96 -30.43
N ASP G 392 -22.75 8.72 -29.70
CA ASP G 392 -23.58 8.13 -28.63
C ASP G 392 -24.75 7.29 -29.16
N ASP G 393 -25.09 7.45 -30.43
CA ASP G 393 -26.10 6.62 -31.09
C ASP G 393 -25.49 5.39 -31.79
N LEU G 394 -24.16 5.32 -31.86
CA LEU G 394 -23.46 4.22 -32.55
C LEU G 394 -24.00 2.85 -32.16
N ASP G 395 -24.03 2.59 -30.86
CA ASP G 395 -24.47 1.29 -30.35
C ASP G 395 -25.94 1.06 -30.66
N ALA G 396 -26.79 1.99 -30.23
CA ALA G 396 -28.23 1.90 -30.47
C ALA G 396 -28.57 1.69 -31.96
N ALA G 397 -27.86 2.41 -32.83
CA ALA G 397 -28.07 2.30 -34.27
C ALA G 397 -27.55 0.99 -34.85
N ALA G 398 -26.39 0.54 -34.36
CA ALA G 398 -25.78 -0.70 -34.86
C ALA G 398 -26.67 -1.90 -34.60
N ARG G 399 -27.21 -1.98 -33.38
CA ARG G 399 -28.14 -3.04 -33.00
C ARG G 399 -29.43 -2.94 -33.78
N ALA G 400 -29.98 -1.73 -33.86
CA ALA G 400 -31.20 -1.46 -34.61
C ALA G 400 -31.13 -2.03 -36.01
N LEU G 401 -30.02 -1.74 -36.70
CA LEU G 401 -29.80 -2.23 -38.05
C LEU G 401 -29.55 -3.74 -38.11
N HIS G 402 -28.98 -4.30 -37.05
CA HIS G 402 -28.63 -5.73 -37.04
C HIS G 402 -29.86 -6.62 -36.92
N GLU G 403 -30.88 -6.16 -36.21
CA GLU G 403 -32.13 -6.92 -36.05
C GLU G 403 -33.25 -6.44 -36.97
N GLN G 404 -32.98 -5.43 -37.79
CA GLN G 404 -33.91 -5.02 -38.85
C GLN G 404 -33.70 -5.85 -40.11
N PHE G 405 -32.44 -6.12 -40.43
CA PHE G 405 -32.09 -6.98 -41.56
C PHE G 405 -31.82 -8.42 -41.10
N GLN G 406 -32.25 -8.74 -39.87
CA GLN G 406 -32.26 -10.12 -39.36
C GLN G 406 -30.92 -10.83 -39.53
N LEU G 407 -29.84 -10.11 -39.29
CA LEU G 407 -28.49 -10.64 -39.48
C LEU G 407 -28.06 -11.62 -38.38
N GLY G 408 -28.75 -11.57 -37.24
CA GLY G 408 -28.48 -12.50 -36.16
C GLY G 408 -28.94 -13.91 -36.47
N GLU H 2 1.54 3.88 -45.98
CA GLU H 2 2.41 4.64 -46.93
C GLU H 2 1.99 4.39 -48.40
N GLU H 3 2.54 3.35 -49.03
CA GLU H 3 2.28 3.07 -50.46
C GLU H 3 0.95 2.31 -50.67
N ALA H 4 -0.04 3.01 -51.22
CA ALA H 4 -1.34 2.42 -51.52
C ALA H 4 -1.26 1.54 -52.76
N VAL H 5 -2.35 0.82 -53.05
CA VAL H 5 -2.40 -0.09 -54.20
C VAL H 5 -3.58 0.28 -55.10
N LEU H 6 -3.29 0.53 -56.39
CA LEU H 6 -4.29 1.01 -57.35
C LEU H 6 -4.47 0.00 -58.48
N THR H 7 -5.67 -0.55 -58.61
CA THR H 7 -5.93 -1.58 -59.60
C THR H 7 -6.68 -1.12 -60.86
N GLY H 8 -7.36 0.03 -60.81
CA GLY H 8 -8.05 0.52 -62.00
C GLY H 8 -8.87 1.79 -61.90
N VAL H 9 -9.17 2.35 -63.07
CA VAL H 9 -10.12 3.44 -63.22
C VAL H 9 -11.37 2.86 -63.89
N ALA H 10 -12.54 3.33 -63.50
CA ALA H 10 -13.79 2.77 -64.00
C ALA H 10 -14.82 3.86 -64.30
N THR H 11 -15.35 3.85 -65.52
CA THR H 11 -16.35 4.84 -65.96
C THR H 11 -17.74 4.23 -66.04
N ASP H 12 -18.76 5.08 -65.96
CA ASP H 12 -20.15 4.67 -66.11
C ASP H 12 -20.98 5.88 -66.53
N LYS H 13 -21.62 5.77 -67.69
CA LYS H 13 -22.53 6.81 -68.18
C LYS H 13 -23.94 6.24 -68.35
N SER H 14 -24.36 5.41 -67.39
CA SER H 14 -25.63 4.68 -67.46
C SER H 14 -26.71 5.18 -66.49
N GLU H 15 -26.38 6.15 -65.64
CA GLU H 15 -27.32 6.61 -64.63
C GLU H 15 -27.61 8.11 -64.67
N ALA H 16 -28.73 8.48 -64.07
CA ALA H 16 -29.13 9.87 -63.87
C ALA H 16 -28.92 10.17 -62.40
N LYS H 17 -28.60 11.42 -62.07
CA LYS H 17 -28.60 11.85 -60.67
C LYS H 17 -29.83 12.70 -60.41
N VAL H 18 -30.48 12.46 -59.27
CA VAL H 18 -31.59 13.28 -58.80
C VAL H 18 -31.20 13.91 -57.47
N THR H 19 -31.61 15.15 -57.24
CA THR H 19 -31.26 15.87 -56.02
C THR H 19 -32.49 16.50 -55.38
N VAL H 20 -32.73 16.16 -54.12
CA VAL H 20 -33.82 16.74 -53.34
C VAL H 20 -33.26 17.89 -52.52
N LEU H 21 -33.68 19.12 -52.84
CA LEU H 21 -33.15 20.30 -52.17
C LEU H 21 -34.02 20.75 -51.00
N GLY H 22 -33.38 21.00 -49.86
CA GLY H 22 -34.02 21.63 -48.72
C GLY H 22 -34.95 20.73 -47.91
N ILE H 23 -34.48 19.54 -47.54
CA ILE H 23 -35.26 18.67 -46.68
C ILE H 23 -34.77 18.85 -45.23
N SER H 24 -35.70 18.78 -44.28
CA SER H 24 -35.41 19.05 -42.87
C SER H 24 -34.46 18.02 -42.28
N ASP H 25 -33.40 18.49 -41.63
CA ASP H 25 -32.46 17.60 -40.95
C ASP H 25 -33.11 17.10 -39.65
N LYS H 26 -34.01 16.13 -39.79
CA LYS H 26 -34.75 15.56 -38.66
C LYS H 26 -35.05 14.09 -38.93
N PRO H 27 -35.06 13.25 -37.88
CA PRO H 27 -35.23 11.83 -38.13
C PRO H 27 -36.52 11.50 -38.87
N GLY H 28 -36.44 10.60 -39.85
CA GLY H 28 -37.60 10.12 -40.59
C GLY H 28 -37.72 10.66 -42.01
N GLU H 29 -37.01 11.74 -42.31
CA GLU H 29 -37.13 12.42 -43.61
C GLU H 29 -36.46 11.65 -44.73
N ALA H 30 -35.29 11.08 -44.45
CA ALA H 30 -34.62 10.21 -45.41
C ALA H 30 -35.55 9.06 -45.82
N ALA H 31 -36.22 8.46 -44.85
CA ALA H 31 -37.15 7.34 -45.09
C ALA H 31 -38.23 7.68 -46.12
N LYS H 32 -38.77 8.89 -46.05
CA LYS H 32 -39.82 9.32 -46.96
C LYS H 32 -39.33 9.34 -48.40
N VAL H 33 -38.10 9.79 -48.59
CA VAL H 33 -37.50 9.83 -49.93
C VAL H 33 -37.38 8.43 -50.51
N PHE H 34 -36.72 7.54 -49.77
CA PHE H 34 -36.35 6.21 -50.28
C PHE H 34 -37.46 5.16 -50.23
N ARG H 35 -38.39 5.29 -49.29
CA ARG H 35 -39.57 4.44 -49.29
C ARG H 35 -40.39 4.72 -50.56
N ALA H 36 -40.51 6.00 -50.92
CA ALA H 36 -41.20 6.40 -52.14
C ALA H 36 -40.59 5.74 -53.36
N LEU H 37 -39.25 5.76 -53.45
CA LEU H 37 -38.53 5.16 -54.58
C LEU H 37 -38.58 3.63 -54.51
N ALA H 38 -38.54 3.09 -53.30
CA ALA H 38 -38.67 1.65 -53.09
C ALA H 38 -40.04 1.13 -53.52
N ASP H 39 -41.10 1.86 -53.14
CA ASP H 39 -42.47 1.49 -53.48
C ASP H 39 -42.71 1.38 -54.99
N ALA H 40 -42.02 2.20 -55.79
CA ALA H 40 -42.06 2.09 -57.25
C ALA H 40 -40.97 1.14 -57.76
N GLU H 41 -40.45 0.29 -56.87
CA GLU H 41 -39.30 -0.57 -57.14
C GLU H 41 -38.24 0.04 -58.07
N ILE H 42 -37.75 1.22 -57.68
CA ILE H 42 -36.63 1.86 -58.38
C ILE H 42 -35.35 1.55 -57.61
N ASN H 43 -34.50 0.71 -58.21
CA ASN H 43 -33.25 0.31 -57.61
C ASN H 43 -32.23 1.43 -57.74
N ILE H 44 -31.83 2.02 -56.62
CA ILE H 44 -30.86 3.12 -56.63
C ILE H 44 -29.45 2.60 -56.36
N ASP H 45 -28.44 3.41 -56.68
CA ASP H 45 -27.03 3.07 -56.45
C ASP H 45 -26.40 4.07 -55.48
N MET H 46 -25.89 5.19 -55.98
CA MET H 46 -25.24 6.19 -55.12
C MET H 46 -26.26 6.92 -54.28
N VAL H 47 -25.87 7.24 -53.05
CA VAL H 47 -26.58 8.24 -52.24
C VAL H 47 -25.54 9.16 -51.61
N LEU H 48 -25.86 10.45 -51.51
CA LEU H 48 -24.95 11.45 -50.96
C LEU H 48 -25.73 12.56 -50.26
N GLN H 49 -25.42 12.77 -48.98
CA GLN H 49 -26.01 13.83 -48.17
C GLN H 49 -24.92 14.42 -47.29
N ASN H 50 -24.68 15.72 -47.41
CA ASN H 50 -23.68 16.40 -46.57
C ASN H 50 -24.38 17.07 -45.38
N VAL H 51 -23.59 17.65 -44.49
CA VAL H 51 -24.12 18.31 -43.30
C VAL H 51 -25.14 19.40 -43.63
N SER H 52 -26.17 19.51 -42.79
CA SER H 52 -27.20 20.52 -42.95
C SER H 52 -26.67 21.89 -42.57
N SER H 53 -27.19 22.94 -43.21
CA SER H 53 -26.81 24.31 -42.86
C SER H 53 -27.40 24.69 -41.51
N VAL H 54 -26.75 25.64 -40.85
CA VAL H 54 -27.18 26.12 -39.54
C VAL H 54 -28.37 27.06 -39.65
N GLU H 55 -28.40 27.90 -40.68
CA GLU H 55 -29.47 28.91 -40.84
C GLU H 55 -30.82 28.28 -41.20
N ASP H 56 -30.84 27.49 -42.28
CA ASP H 56 -32.07 26.87 -42.77
C ASP H 56 -32.43 25.60 -42.00
N GLY H 57 -31.43 24.94 -41.43
CA GLY H 57 -31.63 23.66 -40.75
C GLY H 57 -31.99 22.52 -41.69
N THR H 58 -31.62 22.65 -42.96
CA THR H 58 -32.02 21.70 -43.99
C THR H 58 -30.80 21.15 -44.72
N THR H 59 -30.99 20.07 -45.45
CA THR H 59 -29.91 19.48 -46.26
C THR H 59 -30.43 19.00 -47.60
N ASP H 60 -29.49 18.62 -48.46
CA ASP H 60 -29.82 18.09 -49.78
C ASP H 60 -29.43 16.62 -49.84
N ILE H 61 -30.30 15.80 -50.42
CA ILE H 61 -29.98 14.40 -50.72
C ILE H 61 -29.86 14.26 -52.24
N THR H 62 -28.75 13.68 -52.68
CA THR H 62 -28.55 13.35 -54.10
C THR H 62 -28.39 11.85 -54.23
N PHE H 63 -29.04 11.26 -55.24
CA PHE H 63 -28.85 9.84 -55.51
C PHE H 63 -28.79 9.55 -57.01
N THR H 64 -28.19 8.42 -57.38
CA THR H 64 -28.18 7.97 -58.76
C THR H 64 -29.07 6.75 -58.96
N CYS H 65 -29.43 6.51 -60.21
CA CYS H 65 -30.29 5.39 -60.60
C CYS H 65 -30.21 5.26 -62.12
N PRO H 66 -30.62 4.10 -62.67
CA PRO H 66 -30.58 3.96 -64.13
C PRO H 66 -31.31 5.09 -64.84
N ARG H 67 -30.76 5.59 -65.95
CA ARG H 67 -31.41 6.65 -66.73
C ARG H 67 -32.85 6.27 -67.00
N SER H 68 -33.06 5.02 -67.40
CA SER H 68 -34.37 4.43 -67.64
C SER H 68 -35.40 4.85 -66.59
N ASP H 69 -35.04 4.73 -65.32
CA ASP H 69 -35.95 5.01 -64.20
C ASP H 69 -35.96 6.47 -63.72
N GLY H 70 -35.13 7.32 -64.30
CA GLY H 70 -34.93 8.68 -63.81
C GLY H 70 -36.16 9.59 -63.88
N ARG H 71 -36.87 9.53 -65.00
CA ARG H 71 -38.06 10.33 -65.19
C ARG H 71 -39.13 9.96 -64.16
N ARG H 72 -39.34 8.66 -63.95
CA ARG H 72 -40.32 8.19 -62.98
C ARG H 72 -39.94 8.53 -61.54
N ALA H 73 -38.63 8.58 -61.26
CA ALA H 73 -38.14 9.01 -59.95
C ALA H 73 -38.46 10.49 -59.72
N MET H 74 -38.27 11.30 -60.76
CA MET H 74 -38.62 12.71 -60.70
C MET H 74 -40.10 12.91 -60.41
N GLU H 75 -40.94 12.14 -61.10
CA GLU H 75 -42.39 12.22 -60.94
C GLU H 75 -42.82 11.92 -59.51
N ILE H 76 -42.29 10.82 -58.96
CA ILE H 76 -42.65 10.38 -57.60
C ILE H 76 -42.26 11.41 -56.55
N LEU H 77 -41.01 11.87 -56.62
CA LEU H 77 -40.49 12.84 -55.65
C LEU H 77 -41.19 14.19 -55.75
N LYS H 78 -41.40 14.68 -56.97
CA LYS H 78 -42.09 15.95 -57.20
C LYS H 78 -43.45 16.01 -56.49
N LYS H 79 -44.23 14.94 -56.61
CA LYS H 79 -45.55 14.88 -55.97
C LYS H 79 -45.44 15.04 -54.46
N LEU H 80 -44.47 14.37 -53.86
CA LEU H 80 -44.22 14.48 -52.42
C LEU H 80 -43.65 15.84 -52.02
N GLN H 81 -43.02 16.53 -52.97
CA GLN H 81 -42.54 17.90 -52.77
C GLN H 81 -43.73 18.85 -52.59
N VAL H 82 -44.76 18.63 -53.39
CA VAL H 82 -46.00 19.40 -53.32
C VAL H 82 -46.90 18.82 -52.22
N ASN H 85 -43.32 19.69 -48.63
CA ASN H 85 -42.12 19.13 -48.04
C ASN H 85 -40.86 19.95 -48.32
N TRP H 86 -40.35 19.82 -49.55
CA TRP H 86 -39.00 20.28 -49.89
C TRP H 86 -39.05 21.50 -50.81
N THR H 87 -37.88 22.09 -51.03
CA THR H 87 -37.77 23.27 -51.89
C THR H 87 -38.01 22.88 -53.34
N ASN H 88 -37.20 21.95 -53.82
CA ASN H 88 -37.23 21.57 -55.24
C ASN H 88 -36.53 20.23 -55.45
N VAL H 89 -36.79 19.60 -56.60
CA VAL H 89 -36.11 18.37 -56.99
C VAL H 89 -35.46 18.55 -58.36
N LEU H 90 -34.16 18.25 -58.42
CA LEU H 90 -33.35 18.45 -59.62
C LEU H 90 -33.08 17.13 -60.32
N TYR H 91 -32.92 17.19 -61.65
CA TYR H 91 -32.72 16.01 -62.48
C TYR H 91 -31.59 16.25 -63.46
N ASP H 92 -30.64 15.32 -63.51
CA ASP H 92 -29.50 15.44 -64.41
C ASP H 92 -29.43 14.23 -65.33
N ASP H 93 -29.77 14.45 -66.59
CA ASP H 93 -29.92 13.39 -67.56
C ASP H 93 -28.56 12.88 -68.06
N GLN H 94 -27.52 13.71 -67.93
CA GLN H 94 -26.25 13.47 -68.61
C GLN H 94 -25.05 13.49 -67.67
N VAL H 95 -25.16 12.82 -66.53
CA VAL H 95 -24.07 12.75 -65.57
C VAL H 95 -23.23 11.52 -65.85
N GLY H 96 -21.92 11.67 -65.71
CA GLY H 96 -20.98 10.55 -65.80
C GLY H 96 -20.34 10.29 -64.45
N LYS H 97 -19.83 9.09 -64.27
CA LYS H 97 -19.19 8.70 -63.02
C LYS H 97 -17.84 8.07 -63.33
N VAL H 98 -16.78 8.57 -62.67
CA VAL H 98 -15.45 7.98 -62.77
C VAL H 98 -14.91 7.65 -61.37
N SER H 99 -14.26 6.49 -61.25
CA SER H 99 -13.79 5.97 -59.96
C SER H 99 -12.36 5.45 -60.03
N LEU H 100 -11.58 5.71 -58.98
CA LEU H 100 -10.27 5.12 -58.80
C LEU H 100 -10.45 3.98 -57.80
N VAL H 101 -10.19 2.76 -58.21
CA VAL H 101 -10.37 1.58 -57.36
C VAL H 101 -9.01 1.07 -56.89
N GLY H 102 -8.91 0.84 -55.58
CA GLY H 102 -7.69 0.29 -54.99
C GLY H 102 -7.85 -0.03 -53.51
N ALA H 103 -6.73 0.09 -52.78
CA ALA H 103 -6.73 -0.14 -51.34
C ALA H 103 -5.63 0.67 -50.66
N GLY H 104 -5.84 1.00 -49.38
CA GLY H 104 -4.87 1.74 -48.58
C GLY H 104 -4.81 3.24 -48.88
N MET H 105 -5.88 3.81 -49.42
CA MET H 105 -5.88 5.21 -49.83
C MET H 105 -5.92 6.18 -48.64
N LYS H 106 -6.42 5.73 -47.50
CA LYS H 106 -6.49 6.55 -46.29
C LYS H 106 -5.12 6.98 -45.79
N SER H 107 -4.15 6.07 -45.87
CA SER H 107 -2.80 6.32 -45.39
C SER H 107 -1.92 7.02 -46.43
N HIS H 108 -2.47 7.24 -47.63
CA HIS H 108 -1.80 8.02 -48.67
C HIS H 108 -2.76 9.11 -49.18
N PRO H 109 -2.84 10.25 -48.47
CA PRO H 109 -3.72 11.37 -48.86
C PRO H 109 -3.35 11.97 -50.22
N GLY H 110 -2.07 11.84 -50.60
CA GLY H 110 -1.59 12.24 -51.92
C GLY H 110 -2.45 11.71 -53.05
N VAL H 111 -2.98 10.50 -52.89
CA VAL H 111 -3.86 9.90 -53.88
C VAL H 111 -5.11 10.76 -54.13
N THR H 112 -5.80 11.15 -53.05
CA THR H 112 -6.96 12.01 -53.18
C THR H 112 -6.55 13.35 -53.78
N ALA H 113 -5.46 13.91 -53.27
CA ALA H 113 -4.89 15.15 -53.81
C ALA H 113 -4.61 15.02 -55.31
N GLU H 114 -3.93 13.94 -55.69
CA GLU H 114 -3.52 13.75 -57.07
C GLU H 114 -4.70 13.45 -58.00
N PHE H 115 -5.74 12.81 -57.45
CA PHE H 115 -6.99 12.59 -58.19
C PHE H 115 -7.58 13.94 -58.58
N MET H 116 -7.75 14.81 -57.60
CA MET H 116 -8.35 16.13 -57.83
C MET H 116 -7.49 16.97 -58.77
N GLU H 117 -6.17 16.81 -58.67
CA GLU H 117 -5.23 17.53 -59.53
C GLU H 117 -5.26 17.00 -60.97
N ALA H 118 -5.43 15.69 -61.12
CA ALA H 118 -5.55 15.09 -62.45
C ALA H 118 -6.71 15.73 -63.23
N LEU H 119 -7.88 15.78 -62.60
CA LEU H 119 -9.08 16.34 -63.24
C LEU H 119 -9.02 17.85 -63.39
N ARG H 120 -8.34 18.53 -62.45
CA ARG H 120 -8.10 19.98 -62.58
C ARG H 120 -7.28 20.28 -63.82
N ASP H 121 -6.17 19.56 -64.00
CA ASP H 121 -5.21 19.87 -65.07
C ASP H 121 -5.73 19.58 -66.48
N VAL H 122 -6.89 18.94 -66.59
CA VAL H 122 -7.58 18.81 -67.88
C VAL H 122 -8.94 19.51 -67.83
N ASN H 123 -9.01 20.54 -66.99
CA ASN H 123 -10.20 21.42 -66.88
C ASN H 123 -11.56 20.72 -66.73
N VAL H 124 -11.58 19.60 -66.01
CA VAL H 124 -12.83 18.88 -65.71
C VAL H 124 -13.30 19.25 -64.32
N ASN H 125 -14.52 19.78 -64.23
CA ASN H 125 -15.12 20.17 -62.97
C ASN H 125 -15.71 18.98 -62.23
N ILE H 126 -15.40 18.86 -60.94
CA ILE H 126 -15.90 17.77 -60.12
C ILE H 126 -17.17 18.24 -59.41
N GLU H 127 -18.30 17.61 -59.73
CA GLU H 127 -19.59 18.06 -59.25
C GLU H 127 -20.01 17.39 -57.96
N LEU H 128 -19.53 16.17 -57.76
CA LEU H 128 -19.91 15.38 -56.60
C LEU H 128 -18.78 14.41 -56.29
N ILE H 129 -18.50 14.22 -55.00
CA ILE H 129 -17.44 13.34 -54.55
C ILE H 129 -17.98 12.40 -53.47
N SER H 130 -17.55 11.14 -53.52
CA SER H 130 -17.91 10.14 -52.53
C SER H 130 -16.80 9.11 -52.50
N THR H 131 -16.01 9.11 -51.43
CA THR H 131 -14.81 8.29 -51.38
C THR H 131 -14.76 7.41 -50.15
N SER H 132 -13.79 6.50 -50.15
CA SER H 132 -13.50 5.65 -49.01
C SER H 132 -12.07 5.15 -49.17
N GLU H 133 -11.64 4.25 -48.30
CA GLU H 133 -10.28 3.71 -48.35
C GLU H 133 -9.99 2.96 -49.65
N ILE H 134 -11.03 2.38 -50.24
CA ILE H 134 -10.88 1.49 -51.39
C ILE H 134 -11.41 2.09 -52.71
N ARG H 135 -11.96 3.29 -52.66
CA ARG H 135 -12.56 3.90 -53.84
C ARG H 135 -12.60 5.42 -53.77
N ILE H 136 -12.29 6.08 -54.88
CA ILE H 136 -12.54 7.51 -55.06
C ILE H 136 -13.50 7.62 -56.21
N SER H 137 -14.72 8.07 -55.93
CA SER H 137 -15.75 8.23 -56.95
C SER H 137 -16.23 9.67 -57.02
N VAL H 138 -16.41 10.16 -58.23
CA VAL H 138 -16.92 11.50 -58.45
C VAL H 138 -17.90 11.48 -59.60
N LEU H 139 -18.90 12.36 -59.55
CA LEU H 139 -19.79 12.59 -60.67
C LEU H 139 -19.34 13.85 -61.43
N ILE H 140 -19.33 13.74 -62.76
CA ILE H 140 -18.94 14.84 -63.63
C ILE H 140 -19.86 14.85 -64.84
N ARG H 141 -19.66 15.82 -65.73
CA ARG H 141 -20.36 15.85 -67.03
C ARG H 141 -20.04 14.61 -67.83
N GLU H 142 -21.08 13.97 -68.39
CA GLU H 142 -20.89 12.82 -69.26
C GLU H 142 -19.83 13.10 -70.34
N ASP H 143 -19.79 14.32 -70.88
CA ASP H 143 -18.80 14.70 -71.89
C ASP H 143 -17.37 14.89 -71.35
N ASP H 144 -17.21 14.96 -70.03
CA ASP H 144 -15.89 15.05 -69.40
C ASP H 144 -15.36 13.67 -69.01
N LEU H 145 -16.12 12.62 -69.31
CA LEU H 145 -15.83 11.27 -68.84
C LEU H 145 -14.50 10.70 -69.37
N ASP H 146 -14.37 10.63 -70.68
CA ASP H 146 -13.14 10.17 -71.31
C ASP H 146 -11.92 10.96 -70.83
N ALA H 147 -12.04 12.29 -70.84
CA ALA H 147 -10.95 13.18 -70.41
C ALA H 147 -10.55 12.91 -68.98
N ALA H 148 -11.54 12.71 -68.12
CA ALA H 148 -11.29 12.30 -66.73
C ALA H 148 -10.55 10.98 -66.64
N ALA H 149 -11.01 9.98 -67.38
CA ALA H 149 -10.38 8.65 -67.35
C ALA H 149 -8.94 8.71 -67.83
N ARG H 150 -8.71 9.30 -69.00
CA ARG H 150 -7.36 9.46 -69.54
C ARG H 150 -6.42 10.16 -68.56
N ALA H 151 -6.91 11.21 -67.90
CA ALA H 151 -6.10 11.98 -66.95
C ALA H 151 -5.69 11.12 -65.77
N LEU H 152 -6.62 10.31 -65.27
CA LEU H 152 -6.36 9.41 -64.16
C LEU H 152 -5.45 8.26 -64.55
N HIS H 153 -5.66 7.71 -65.75
CA HIS H 153 -4.79 6.68 -66.29
C HIS H 153 -3.36 7.22 -66.36
N GLU H 154 -3.22 8.46 -66.82
CA GLU H 154 -1.92 9.12 -66.90
C GLU H 154 -1.36 9.40 -65.50
N GLN H 155 -2.20 9.90 -64.61
CA GLN H 155 -1.76 10.35 -63.29
C GLN H 155 -1.28 9.21 -62.40
N PHE H 156 -1.91 8.05 -62.53
CA PHE H 156 -1.62 6.91 -61.65
C PHE H 156 -1.06 5.69 -62.36
N GLN H 157 -0.88 5.77 -63.68
CA GLN H 157 -0.40 4.65 -64.50
C GLN H 157 -1.35 3.45 -64.42
N LEU H 158 -2.64 3.73 -64.25
CA LEU H 158 -3.63 2.68 -63.95
C LEU H 158 -5.05 3.24 -64.00
N ALA I 2 6.99 58.76 -5.67
CA ALA I 2 5.66 58.13 -5.94
C ALA I 2 5.70 57.18 -7.14
N LEU I 3 4.57 56.50 -7.35
CA LEU I 3 4.32 55.65 -8.53
C LEU I 3 5.22 54.42 -8.69
N VAL I 4 4.66 53.26 -8.37
CA VAL I 4 5.33 51.98 -8.54
C VAL I 4 4.32 50.95 -9.04
N VAL I 5 4.60 50.37 -10.21
CA VAL I 5 3.79 49.29 -10.77
C VAL I 5 4.26 47.96 -10.21
N GLN I 6 3.32 47.08 -9.86
CA GLN I 6 3.66 45.76 -9.33
C GLN I 6 2.92 44.67 -10.09
N LYS I 7 3.66 43.76 -10.72
CA LYS I 7 3.07 42.64 -11.45
C LYS I 7 3.24 41.34 -10.66
N TYR I 8 2.13 40.70 -10.33
CA TYR I 8 2.15 39.46 -9.54
C TYR I 8 1.79 38.25 -10.40
N GLY I 9 2.74 37.32 -10.50
CA GLY I 9 2.57 36.12 -11.31
C GLY I 9 1.64 35.11 -10.66
N GLY I 10 1.41 34.00 -11.36
CA GLY I 10 0.51 32.95 -10.90
C GLY I 10 0.99 32.28 -9.62
N SER I 11 2.31 32.08 -9.52
CA SER I 11 2.89 31.48 -8.32
C SER I 11 2.71 32.39 -7.11
N SER I 12 2.69 33.70 -7.33
CA SER I 12 2.47 34.67 -6.25
C SER I 12 1.03 34.70 -5.76
N LEU I 13 0.11 34.11 -6.53
CA LEU I 13 -1.32 34.18 -6.24
C LEU I 13 -2.01 32.81 -6.21
N GLU I 14 -1.30 31.79 -5.73
CA GLU I 14 -1.77 30.40 -5.82
C GLU I 14 -2.92 30.07 -4.87
N SER I 15 -2.96 30.72 -3.71
CA SER I 15 -4.00 30.46 -2.71
C SER I 15 -4.48 31.73 -2.01
N ALA I 16 -5.43 31.58 -1.10
CA ALA I 16 -5.98 32.70 -0.35
C ALA I 16 -4.93 33.35 0.57
N GLU I 17 -4.15 32.51 1.26
CA GLU I 17 -3.08 33.01 2.13
C GLU I 17 -2.11 33.89 1.37
N ARG I 18 -1.68 33.41 0.21
CA ARG I 18 -0.67 34.09 -0.59
C ARG I 18 -1.22 35.39 -1.19
N ILE I 19 -2.51 35.39 -1.52
CA ILE I 19 -3.17 36.60 -1.99
C ILE I 19 -3.23 37.66 -0.89
N ARG I 20 -3.51 37.23 0.34
CA ARG I 20 -3.52 38.16 1.50
C ARG I 20 -2.11 38.60 1.88
N ASN I 21 -1.13 37.72 1.70
CA ASN I 21 0.28 38.08 1.88
C ASN I 21 0.70 39.18 0.90
N VAL I 22 0.27 39.02 -0.35
CA VAL I 22 0.49 40.02 -1.39
C VAL I 22 -0.31 41.29 -1.09
N ALA I 23 -1.53 41.12 -0.62
CA ALA I 23 -2.42 42.24 -0.28
C ALA I 23 -1.74 43.23 0.67
N GLU I 24 -1.14 42.71 1.74
CA GLU I 24 -0.44 43.56 2.72
C GLU I 24 0.78 44.22 2.09
N ARG I 25 1.50 43.47 1.28
CA ARG I 25 2.66 44.00 0.56
C ARG I 25 2.28 45.17 -0.34
N ILE I 26 1.14 45.05 -1.04
CA ILE I 26 0.61 46.14 -1.87
C ILE I 26 0.31 47.37 -1.02
N VAL I 27 -0.35 47.15 0.11
CA VAL I 27 -0.72 48.24 1.01
C VAL I 27 0.52 48.85 1.66
N ALA I 28 1.46 48.00 2.04
CA ALA I 28 2.73 48.44 2.62
C ALA I 28 3.48 49.40 1.70
N THR I 29 3.41 49.13 0.39
CA THR I 29 4.01 50.00 -0.61
C THR I 29 3.29 51.35 -0.68
N LYS I 30 1.97 51.33 -0.53
CA LYS I 30 1.15 52.55 -0.49
C LYS I 30 1.44 53.32 0.81
N LYS I 31 1.49 52.59 1.93
CA LYS I 31 1.86 53.17 3.21
C LYS I 31 3.28 53.74 3.20
N ALA I 32 4.19 53.11 2.45
CA ALA I 32 5.55 53.63 2.28
C ALA I 32 5.58 55.00 1.62
N GLY I 33 4.50 55.36 0.92
CA GLY I 33 4.33 56.70 0.34
C GLY I 33 4.36 56.69 -1.18
N ASN I 34 3.59 55.78 -1.78
CA ASN I 34 3.57 55.63 -3.23
C ASN I 34 2.17 55.45 -3.78
N ASP I 35 1.97 55.86 -5.02
CA ASP I 35 0.83 55.43 -5.82
C ASP I 35 1.15 54.07 -6.41
N VAL I 36 0.20 53.14 -6.33
CA VAL I 36 0.48 51.74 -6.68
C VAL I 36 -0.47 51.22 -7.75
N VAL I 37 0.10 50.76 -8.85
CA VAL I 37 -0.65 50.05 -9.89
C VAL I 37 -0.29 48.58 -9.78
N VAL I 38 -1.31 47.73 -9.62
CA VAL I 38 -1.13 46.31 -9.44
C VAL I 38 -1.62 45.57 -10.69
N VAL I 39 -0.78 44.70 -11.25
CA VAL I 39 -1.16 43.88 -12.41
C VAL I 39 -1.13 42.41 -11.98
N CYS I 40 -2.16 41.67 -12.36
CA CYS I 40 -2.34 40.30 -11.87
C CYS I 40 -2.50 39.28 -13.00
N SER I 41 -1.65 38.24 -12.98
CA SER I 41 -1.87 37.04 -13.78
C SER I 41 -2.92 36.18 -13.11
N ALA I 42 -3.43 35.19 -13.82
CA ALA I 42 -4.39 34.25 -13.25
C ALA I 42 -3.74 33.42 -12.15
N MET I 43 -4.55 32.87 -11.25
CA MET I 43 -4.04 32.11 -10.10
C MET I 43 -3.26 30.87 -10.54
N GLY I 44 -2.05 30.71 -10.01
CA GLY I 44 -1.26 29.49 -10.22
C GLY I 44 -1.10 29.11 -11.69
N ASP I 45 -1.56 27.91 -12.04
CA ASP I 45 -1.50 27.44 -13.44
C ASP I 45 -2.86 27.53 -14.13
N THR I 46 -3.62 28.58 -13.83
CA THR I 46 -4.94 28.77 -14.42
C THR I 46 -4.88 29.17 -15.88
N THR I 47 -3.97 30.08 -16.22
CA THR I 47 -3.88 30.59 -17.60
C THR I 47 -3.73 29.46 -18.61
N ASP I 48 -2.68 28.66 -18.47
CA ASP I 48 -2.44 27.60 -19.48
C ASP I 48 -3.42 26.41 -19.33
N GLU I 49 -4.00 26.23 -18.15
CA GLU I 49 -5.15 25.32 -17.98
C GLU I 49 -6.27 25.72 -18.94
N LEU I 50 -6.55 27.02 -18.99
CA LEU I 50 -7.59 27.56 -19.86
C LEU I 50 -7.20 27.49 -21.34
N LEU I 51 -5.90 27.59 -21.65
CA LEU I 51 -5.42 27.35 -23.01
C LEU I 51 -5.68 25.90 -23.45
N GLU I 52 -5.42 24.96 -22.54
CA GLU I 52 -5.63 23.54 -22.81
C GLU I 52 -7.10 23.25 -23.06
N LEU I 53 -7.97 23.75 -22.16
CA LEU I 53 -9.42 23.66 -22.35
C LEU I 53 -9.84 24.30 -23.67
N ALA I 54 -9.25 25.45 -23.97
CA ALA I 54 -9.57 26.18 -25.20
C ALA I 54 -9.21 25.36 -26.44
N ALA I 55 -8.05 24.71 -26.41
CA ALA I 55 -7.59 23.88 -27.50
C ALA I 55 -8.45 22.63 -27.67
N ALA I 56 -8.98 22.13 -26.56
CA ALA I 56 -9.83 20.93 -26.57
C ALA I 56 -11.20 21.19 -27.18
N VAL I 57 -11.82 22.30 -26.81
CA VAL I 57 -13.16 22.62 -27.31
C VAL I 57 -13.16 23.14 -28.75
N ASN I 58 -12.03 23.70 -29.18
CA ASN I 58 -11.88 24.20 -30.54
C ASN I 58 -10.42 24.41 -30.89
N PRO I 59 -9.87 23.62 -31.85
CA PRO I 59 -8.53 23.97 -32.33
C PRO I 59 -8.63 25.27 -33.11
N VAL I 60 -7.54 26.02 -33.20
CA VAL I 60 -7.58 27.41 -33.67
C VAL I 60 -8.82 28.15 -33.10
N PRO I 61 -8.78 28.47 -31.79
CA PRO I 61 -9.91 29.15 -31.16
C PRO I 61 -10.03 30.60 -31.64
N PRO I 62 -11.27 31.11 -31.79
CA PRO I 62 -11.47 32.52 -32.14
C PRO I 62 -10.82 33.49 -31.15
N ALA I 63 -10.35 34.62 -31.68
CA ALA I 63 -9.64 35.63 -30.88
C ALA I 63 -10.54 36.26 -29.82
N ARG I 64 -11.78 36.56 -30.19
CA ARG I 64 -12.73 37.21 -29.26
C ARG I 64 -12.93 36.32 -28.04
N GLU I 65 -13.27 35.06 -28.27
CA GLU I 65 -13.56 34.13 -27.18
C GLU I 65 -12.31 33.85 -26.35
N MET I 66 -11.13 33.90 -26.99
CA MET I 66 -9.87 33.77 -26.26
C MET I 66 -9.65 34.93 -25.30
N ASP I 67 -9.94 36.15 -25.75
CA ASP I 67 -9.83 37.32 -24.91
C ASP I 67 -10.73 37.13 -23.69
N MET I 68 -11.99 36.80 -23.95
CA MET I 68 -12.99 36.59 -22.90
C MET I 68 -12.55 35.52 -21.90
N LEU I 69 -11.98 34.42 -22.41
CA LEU I 69 -11.55 33.31 -21.56
C LEU I 69 -10.41 33.70 -20.63
N LEU I 70 -9.30 34.18 -21.21
CA LEU I 70 -8.12 34.54 -20.41
C LEU I 70 -8.37 35.76 -19.51
N THR I 71 -9.13 36.73 -20.02
CA THR I 71 -9.54 37.88 -19.21
C THR I 71 -10.32 37.40 -17.98
N ALA I 72 -11.23 36.46 -18.19
CA ALA I 72 -12.00 35.86 -17.11
C ALA I 72 -11.07 35.28 -16.05
N GLY I 73 -10.09 34.50 -16.49
CA GLY I 73 -9.12 33.87 -15.59
C GLY I 73 -8.35 34.87 -14.76
N GLU I 74 -7.90 35.95 -15.40
CA GLU I 74 -7.14 36.99 -14.70
C GLU I 74 -8.03 37.83 -13.78
N ARG I 75 -9.32 37.94 -14.10
CA ARG I 75 -10.25 38.68 -13.25
C ARG I 75 -10.65 37.92 -11.98
N ILE I 76 -10.41 36.61 -11.96
CA ILE I 76 -10.52 35.84 -10.73
C ILE I 76 -9.48 36.37 -9.73
N SER I 77 -8.24 36.49 -10.17
CA SER I 77 -7.16 37.02 -9.34
C SER I 77 -7.44 38.47 -8.97
N ASN I 78 -7.82 39.27 -9.96
CA ASN I 78 -8.16 40.68 -9.75
C ASN I 78 -9.13 40.83 -8.58
N ALA I 79 -10.27 40.15 -8.69
CA ALA I 79 -11.34 40.25 -7.70
C ALA I 79 -10.88 39.84 -6.31
N LEU I 80 -10.18 38.71 -6.24
CA LEU I 80 -9.68 38.19 -4.95
C LEU I 80 -8.67 39.14 -4.32
N VAL I 81 -7.71 39.63 -5.12
CA VAL I 81 -6.74 40.62 -4.64
C VAL I 81 -7.45 41.86 -4.11
N ALA I 82 -8.35 42.40 -4.93
CA ALA I 82 -9.13 43.57 -4.55
C ALA I 82 -9.81 43.39 -3.19
N MET I 83 -10.44 42.23 -2.99
CA MET I 83 -11.05 41.89 -1.70
C MET I 83 -10.02 41.88 -0.57
N ALA I 84 -8.82 41.40 -0.87
CA ALA I 84 -7.73 41.33 0.12
C ALA I 84 -7.25 42.72 0.52
N ILE I 85 -7.12 43.61 -0.47
CA ILE I 85 -6.71 44.99 -0.22
C ILE I 85 -7.80 45.71 0.58
N GLU I 86 -9.05 45.57 0.13
CA GLU I 86 -10.20 46.19 0.80
C GLU I 86 -10.24 45.88 2.30
N SER I 87 -9.94 44.63 2.65
CA SER I 87 -9.94 44.19 4.04
C SER I 87 -8.81 44.82 4.87
N LEU I 88 -7.72 45.18 4.20
CA LEU I 88 -6.57 45.82 4.86
C LEU I 88 -6.68 47.35 4.88
N GLY I 89 -7.78 47.90 4.38
CA GLY I 89 -8.11 49.31 4.56
C GLY I 89 -7.85 50.23 3.38
N ALA I 90 -7.57 49.66 2.21
CA ALA I 90 -7.35 50.45 1.01
C ALA I 90 -8.59 50.43 0.11
N GLU I 91 -8.71 51.43 -0.75
CA GLU I 91 -9.80 51.50 -1.71
C GLU I 91 -9.34 50.92 -3.04
N ALA I 92 -10.01 49.86 -3.50
CA ALA I 92 -9.64 49.18 -4.73
C ALA I 92 -10.38 49.79 -5.92
N GLN I 93 -9.73 49.76 -7.09
CA GLN I 93 -10.32 50.25 -8.32
C GLN I 93 -9.87 49.37 -9.49
N SER I 94 -10.68 48.38 -9.84
CA SER I 94 -10.31 47.42 -10.88
C SER I 94 -10.48 47.98 -12.29
N PHE I 95 -9.45 47.81 -13.11
CA PHE I 95 -9.48 48.20 -14.53
C PHE I 95 -9.37 46.93 -15.39
N THR I 96 -10.44 46.64 -16.14
CA THR I 96 -10.49 45.42 -16.96
C THR I 96 -9.76 45.60 -18.29
N GLY I 97 -8.67 44.84 -18.46
CA GLY I 97 -7.87 44.88 -19.69
C GLY I 97 -7.24 46.23 -19.98
N SER I 98 -7.01 46.99 -18.91
CA SER I 98 -6.51 48.35 -19.03
C SER I 98 -7.52 49.25 -19.73
N GLN I 99 -8.13 50.15 -18.96
CA GLN I 99 -8.89 51.26 -19.54
C GLN I 99 -7.90 52.41 -19.78
N ALA I 100 -6.63 52.03 -19.96
CA ALA I 100 -5.58 52.92 -20.39
C ALA I 100 -4.54 52.12 -21.20
N GLY I 101 -5.04 51.32 -22.15
CA GLY I 101 -4.20 50.41 -22.95
C GLY I 101 -3.77 51.00 -24.28
N VAL I 102 -3.55 50.13 -25.27
CA VAL I 102 -3.12 50.56 -26.60
C VAL I 102 -3.37 49.50 -27.66
N LEU I 103 -3.25 49.89 -28.93
CA LEU I 103 -3.50 48.98 -30.05
C LEU I 103 -2.37 47.96 -30.22
N PRO I 118 -1.59 53.78 -22.91
CA PRO I 118 -2.03 55.18 -23.00
C PRO I 118 -3.48 55.38 -22.55
N GLY I 119 -3.68 56.03 -21.41
CA GLY I 119 -5.02 56.37 -20.92
C GLY I 119 -5.07 56.81 -19.47
N ARG I 120 -6.28 57.16 -19.02
CA ARG I 120 -6.49 57.86 -17.75
C ARG I 120 -6.79 56.95 -16.55
N VAL I 121 -5.78 56.18 -16.14
CA VAL I 121 -5.76 55.54 -14.82
C VAL I 121 -5.32 56.58 -13.78
N ARG I 122 -4.76 57.68 -14.26
CA ARG I 122 -4.31 58.82 -13.45
C ARG I 122 -5.39 59.36 -12.49
N GLU I 123 -6.64 59.39 -12.96
CA GLU I 123 -7.75 59.90 -12.14
C GLU I 123 -7.96 59.05 -10.88
N ALA I 124 -8.28 57.77 -11.08
CA ALA I 124 -8.52 56.85 -9.98
C ALA I 124 -7.18 56.39 -9.40
N LEU I 125 -6.47 57.34 -8.79
CA LEU I 125 -5.10 57.14 -8.30
C LEU I 125 -4.72 58.39 -7.52
N ASP I 126 -4.92 59.55 -8.16
CA ASP I 126 -4.90 60.85 -7.47
C ASP I 126 -6.05 60.91 -6.46
N GLU I 127 -7.17 60.25 -6.79
CA GLU I 127 -8.28 60.09 -5.84
C GLU I 127 -7.97 59.10 -4.70
N GLY I 128 -6.73 58.61 -4.63
CA GLY I 128 -6.27 57.79 -3.50
C GLY I 128 -6.28 56.29 -3.74
N LYS I 129 -7.05 55.84 -4.72
CA LYS I 129 -7.27 54.40 -4.94
C LYS I 129 -6.02 53.63 -5.36
N ILE I 130 -6.08 52.31 -5.15
CA ILE I 130 -5.07 51.38 -5.66
C ILE I 130 -5.68 50.65 -6.86
N CYS I 131 -5.03 50.79 -8.02
CA CYS I 131 -5.56 50.26 -9.27
C CYS I 131 -5.08 48.84 -9.49
N ILE I 132 -6.00 47.94 -9.82
CA ILE I 132 -5.68 46.57 -10.17
C ILE I 132 -6.02 46.37 -11.65
N VAL I 133 -5.00 46.06 -12.45
CA VAL I 133 -5.16 45.90 -13.90
C VAL I 133 -5.04 44.44 -14.32
N ALA I 134 -6.13 43.86 -14.81
CA ALA I 134 -6.15 42.48 -15.25
C ALA I 134 -7.23 42.26 -16.30
N GLY I 135 -6.88 41.54 -17.37
CA GLY I 135 -7.81 41.28 -18.48
C GLY I 135 -7.24 41.76 -19.80
N PHE I 136 -8.07 41.72 -20.85
CA PHE I 136 -7.68 42.18 -22.19
C PHE I 136 -8.87 42.75 -22.95
N SER I 154 -1.13 40.55 -19.38
CA SER I 154 -0.34 41.03 -18.25
C SER I 154 1.15 41.08 -18.62
N ASP I 155 1.97 41.49 -17.64
CA ASP I 155 3.43 41.47 -17.74
C ASP I 155 3.98 42.54 -18.68
N THR I 156 3.62 42.47 -19.95
CA THR I 156 3.91 43.56 -20.89
C THR I 156 3.00 44.76 -20.60
N THR I 157 1.77 44.47 -20.19
CA THR I 157 0.82 45.53 -19.81
C THR I 157 1.31 46.25 -18.55
N ALA I 158 2.04 45.52 -17.71
CA ALA I 158 2.65 46.09 -16.51
C ALA I 158 3.66 47.17 -16.89
N VAL I 159 4.62 46.81 -17.73
CA VAL I 159 5.65 47.75 -18.19
C VAL I 159 5.08 48.82 -19.13
N ALA I 160 4.07 48.46 -19.92
CA ALA I 160 3.41 49.42 -20.81
C ALA I 160 2.65 50.48 -20.02
N LEU I 161 2.07 50.09 -18.88
CA LEU I 161 1.46 51.04 -17.95
C LEU I 161 2.54 51.86 -17.23
N ALA I 162 3.65 51.21 -16.88
CA ALA I 162 4.77 51.89 -16.24
C ALA I 162 5.36 52.95 -17.16
N ALA I 163 5.56 52.58 -18.43
CA ALA I 163 6.07 53.49 -19.44
C ALA I 163 5.10 54.64 -19.71
N ALA I 164 3.82 54.32 -19.83
CA ALA I 164 2.78 55.32 -20.08
C ALA I 164 2.66 56.30 -18.91
N LEU I 165 2.57 55.76 -17.70
CA LEU I 165 2.38 56.59 -16.50
C LEU I 165 3.70 57.13 -15.93
N ASN I 166 4.83 56.81 -16.56
CA ASN I 166 6.14 57.31 -16.13
C ASN I 166 6.43 56.90 -14.68
N ALA I 167 6.30 55.60 -14.41
CA ALA I 167 6.53 55.04 -13.08
C ALA I 167 8.02 54.99 -12.76
N ASP I 168 8.33 55.00 -11.47
CA ASP I 168 9.72 54.95 -11.01
C ASP I 168 10.29 53.54 -11.08
N VAL I 169 9.44 52.53 -10.93
CA VAL I 169 9.86 51.14 -11.06
C VAL I 169 8.67 50.21 -11.32
N CYS I 170 8.91 49.17 -12.10
CA CYS I 170 7.91 48.14 -12.38
C CYS I 170 8.43 46.81 -11.83
N GLU I 171 7.92 46.44 -10.66
CA GLU I 171 8.40 45.24 -9.96
C GLU I 171 7.67 43.99 -10.42
N ILE I 172 8.42 42.91 -10.64
CA ILE I 172 7.86 41.64 -11.08
C ILE I 172 8.02 40.58 -9.98
N TYR I 173 6.89 40.15 -9.42
CA TYR I 173 6.88 39.25 -8.26
C TYR I 173 6.53 37.81 -8.65
N SER I 174 7.32 36.86 -8.16
CA SER I 174 7.13 35.43 -8.45
C SER I 174 7.87 34.55 -7.44
N ASP I 175 8.18 33.31 -7.83
CA ASP I 175 9.07 32.42 -7.07
C ASP I 175 10.49 32.97 -7.12
N VAL I 176 10.87 33.47 -8.29
CA VAL I 176 12.22 33.94 -8.56
C VAL I 176 12.51 35.21 -7.78
N ASP I 177 13.44 35.12 -6.83
CA ASP I 177 13.76 36.24 -5.93
C ASP I 177 14.81 37.19 -6.49
N GLY I 178 15.32 36.89 -7.69
CA GLY I 178 16.33 37.74 -8.33
C GLY I 178 16.86 37.19 -9.62
N VAL I 179 17.92 37.81 -10.13
CA VAL I 179 18.61 37.35 -11.33
C VAL I 179 20.03 36.99 -10.92
N TYR I 180 20.48 35.80 -11.33
CA TYR I 180 21.73 35.23 -10.84
C TYR I 180 22.81 35.18 -11.91
N THR I 181 24.06 35.11 -11.48
CA THR I 181 25.21 35.05 -12.41
C THR I 181 25.29 33.69 -13.12
N ALA I 182 24.57 32.70 -12.59
CA ALA I 182 24.43 31.40 -13.25
C ALA I 182 23.34 30.60 -12.53
N ASP I 183 22.97 29.46 -13.10
CA ASP I 183 21.97 28.57 -12.50
C ASP I 183 22.53 28.01 -11.20
N PRO I 184 21.95 28.39 -10.04
CA PRO I 184 22.49 27.93 -8.75
C PRO I 184 22.49 26.41 -8.56
N ARG I 185 21.57 25.71 -9.22
CA ARG I 185 21.51 24.26 -9.17
C ARG I 185 22.68 23.64 -9.93
N ILE I 186 23.02 24.24 -11.07
CA ILE I 186 24.18 23.80 -11.87
C ILE I 186 25.50 24.35 -11.30
N VAL I 187 25.53 25.65 -11.04
CA VAL I 187 26.74 26.33 -10.57
C VAL I 187 26.63 26.61 -9.07
N PRO I 188 27.21 25.74 -8.23
CA PRO I 188 27.02 25.88 -6.78
C PRO I 188 27.38 27.26 -6.25
N ASN I 189 28.45 27.86 -6.76
CA ASN I 189 28.90 29.18 -6.31
C ASN I 189 28.20 30.35 -7.04
N ALA I 190 27.05 30.08 -7.64
CA ALA I 190 26.27 31.13 -8.31
C ALA I 190 25.81 32.18 -7.30
N GLN I 191 25.70 33.43 -7.75
CA GLN I 191 25.43 34.57 -6.87
C GLN I 191 24.43 35.53 -7.52
N LYS I 192 23.61 36.16 -6.68
CA LYS I 192 22.57 37.08 -7.16
C LYS I 192 23.14 38.40 -7.65
N LEU I 193 22.61 38.90 -8.77
CA LEU I 193 22.98 40.21 -9.27
C LEU I 193 22.22 41.29 -8.50
N GLU I 194 22.98 42.27 -8.01
CA GLU I 194 22.40 43.46 -7.40
C GLU I 194 21.77 44.36 -8.47
N LYS I 195 22.41 44.44 -9.64
CA LYS I 195 21.93 45.30 -10.74
C LYS I 195 22.56 44.94 -12.08
N LEU I 196 21.79 45.10 -13.16
CA LEU I 196 22.30 44.97 -14.54
C LEU I 196 21.44 45.80 -15.51
N SER I 197 21.99 46.12 -16.68
CA SER I 197 21.31 47.01 -17.63
C SER I 197 20.22 46.28 -18.43
N PHE I 198 19.35 47.05 -19.08
CA PHE I 198 18.30 46.49 -19.93
C PHE I 198 18.88 45.46 -20.90
N GLU I 199 19.88 45.90 -21.67
CA GLU I 199 20.46 45.11 -22.75
C GLU I 199 21.12 43.82 -22.28
N GLU I 200 21.74 43.86 -21.10
CA GLU I 200 22.43 42.68 -20.54
C GLU I 200 21.43 41.60 -20.14
N MET I 201 20.35 42.01 -19.48
CA MET I 201 19.25 41.11 -19.12
C MET I 201 18.66 40.48 -20.38
N LEU I 202 18.46 41.32 -21.39
CA LEU I 202 17.86 40.91 -22.65
C LEU I 202 18.69 39.82 -23.34
N GLU I 203 20.01 40.01 -23.35
CA GLU I 203 20.92 39.03 -23.95
C GLU I 203 20.91 37.71 -23.16
N LEU I 204 20.99 37.80 -21.84
CA LEU I 204 20.92 36.62 -20.98
C LEU I 204 19.62 35.83 -21.22
N ALA I 205 18.50 36.54 -21.19
CA ALA I 205 17.18 35.91 -21.34
C ALA I 205 16.94 35.35 -22.74
N ALA I 206 17.76 35.75 -23.71
CA ALA I 206 17.60 35.33 -25.10
C ALA I 206 18.37 34.05 -25.42
N VAL I 207 19.33 33.68 -24.58
CA VAL I 207 20.21 32.54 -24.85
C VAL I 207 20.39 31.64 -23.64
N GLY I 208 19.32 31.44 -22.88
CA GLY I 208 19.38 30.57 -21.71
C GLY I 208 18.06 30.27 -21.05
N SER I 209 17.67 31.12 -20.10
CA SER I 209 16.41 30.93 -19.37
C SER I 209 15.65 32.25 -19.27
N LYS I 210 14.39 32.23 -19.72
CA LYS I 210 13.52 33.39 -19.59
C LYS I 210 13.03 33.49 -18.15
N ILE I 211 13.54 34.49 -17.43
CA ILE I 211 13.01 34.84 -16.10
C ILE I 211 11.77 35.69 -16.33
N LEU I 212 11.94 36.76 -17.09
CA LEU I 212 10.84 37.63 -17.51
C LEU I 212 10.49 37.32 -18.96
N VAL I 213 9.40 37.88 -19.46
CA VAL I 213 9.10 37.79 -20.90
C VAL I 213 9.91 38.87 -21.60
N LEU I 214 10.59 38.49 -22.68
CA LEU I 214 11.49 39.40 -23.38
C LEU I 214 10.75 40.63 -23.91
N ARG I 215 9.60 40.42 -24.54
CA ARG I 215 8.82 41.51 -25.11
C ARG I 215 8.61 42.64 -24.10
N SER I 216 8.23 42.28 -22.87
CA SER I 216 8.06 43.26 -21.80
C SER I 216 9.39 43.94 -21.46
N VAL I 217 10.48 43.18 -21.48
CA VAL I 217 11.81 43.72 -21.20
C VAL I 217 12.27 44.68 -22.30
N GLU I 218 11.89 44.38 -23.54
CA GLU I 218 12.26 45.23 -24.69
C GLU I 218 11.54 46.58 -24.66
N TYR I 219 10.29 46.60 -24.20
CA TYR I 219 9.57 47.86 -24.01
C TYR I 219 10.20 48.69 -22.90
N ALA I 220 10.59 48.02 -21.81
CA ALA I 220 11.28 48.67 -20.69
C ALA I 220 12.50 49.42 -21.20
N ARG I 221 13.31 48.74 -22.01
CA ARG I 221 14.43 49.36 -22.70
C ARG I 221 13.94 50.51 -23.55
N ALA I 222 12.95 50.24 -24.39
CA ALA I 222 12.42 51.20 -25.34
C ALA I 222 11.99 52.51 -24.69
N PHE I 223 11.12 52.41 -23.68
CA PHE I 223 10.56 53.60 -23.01
C PHE I 223 11.30 53.97 -21.73
N ASN I 224 12.47 53.38 -21.50
CA ASN I 224 13.24 53.60 -20.28
C ASN I 224 12.37 53.53 -19.01
N VAL I 225 11.99 52.31 -18.63
CA VAL I 225 11.25 52.06 -17.39
C VAL I 225 11.92 50.90 -16.66
N PRO I 226 12.61 51.20 -15.54
CA PRO I 226 13.43 50.20 -14.87
C PRO I 226 12.61 49.15 -14.14
N LEU I 227 13.02 47.89 -14.26
CA LEU I 227 12.30 46.79 -13.63
C LEU I 227 13.03 46.33 -12.38
N ARG I 228 12.36 45.48 -11.61
CA ARG I 228 12.97 44.86 -10.44
C ARG I 228 12.39 43.46 -10.25
N VAL I 229 13.23 42.46 -10.46
CA VAL I 229 12.85 41.06 -10.28
C VAL I 229 13.06 40.64 -8.84
N ARG I 230 11.97 40.37 -8.13
CA ARG I 230 12.04 40.02 -6.70
C ARG I 230 10.94 39.04 -6.32
N SER I 231 10.99 38.56 -5.07
CA SER I 231 10.08 37.53 -4.58
C SER I 231 8.95 38.11 -3.73
N SER I 232 7.75 37.55 -3.91
CA SER I 232 6.60 37.84 -3.05
C SER I 232 6.61 36.99 -1.80
N TYR I 233 7.54 36.03 -1.73
CA TYR I 233 7.71 35.16 -0.56
C TYR I 233 8.77 35.70 0.41
N SER I 234 9.80 36.34 -0.14
CA SER I 234 10.88 36.94 0.68
C SER I 234 10.61 38.41 0.90
N ASN I 235 11.52 39.05 1.65
CA ASN I 235 11.56 40.51 1.77
C ASN I 235 12.86 41.03 1.13
N ASP I 236 13.52 40.18 0.35
CA ASP I 236 14.76 40.51 -0.34
C ASP I 236 14.44 41.52 -1.44
N PRO I 237 15.30 42.54 -1.62
CA PRO I 237 15.05 43.55 -2.65
C PRO I 237 15.19 43.00 -4.08
N GLY I 238 15.95 41.91 -4.24
CA GLY I 238 16.07 41.23 -5.52
C GLY I 238 17.03 41.93 -6.47
N THR I 239 16.77 41.77 -7.77
CA THR I 239 17.63 42.32 -8.81
C THR I 239 16.96 43.49 -9.52
N LEU I 240 17.78 44.44 -9.97
CA LEU I 240 17.30 45.62 -10.66
C LEU I 240 17.72 45.58 -12.12
N ILE I 241 16.79 45.90 -13.01
CA ILE I 241 17.09 46.08 -14.42
C ILE I 241 16.94 47.58 -14.72
N ALA I 242 18.06 48.28 -14.70
CA ALA I 242 18.07 49.74 -14.73
C ALA I 242 18.31 50.29 -16.14
N GLY I 243 19.17 51.29 -16.26
CA GLY I 243 19.31 52.04 -17.51
C GLY I 243 20.04 51.32 -18.62
N SER I 244 20.29 52.06 -19.70
CA SER I 244 20.92 51.51 -20.90
C SER I 244 22.42 51.31 -20.71
N MET I 245 22.97 50.36 -21.46
CA MET I 245 24.39 49.99 -21.35
C MET I 245 25.34 51.04 -21.95
N GLU I 246 24.81 51.94 -22.79
CA GLU I 246 25.62 53.04 -23.31
C GLU I 246 25.93 54.05 -22.21
N ASP I 247 25.00 54.19 -21.26
CA ASP I 247 25.17 55.11 -20.13
C ASP I 247 26.18 54.62 -19.10
N ILE I 248 26.47 53.32 -19.10
CA ILE I 248 27.53 52.77 -18.25
C ILE I 248 28.88 53.22 -18.82
N PRO I 249 29.81 53.69 -17.95
CA PRO I 249 31.12 54.09 -18.46
C PRO I 249 31.91 52.91 -19.03
N VAL I 250 32.70 53.17 -20.06
CA VAL I 250 33.46 52.12 -20.75
C VAL I 250 34.35 51.32 -19.79
N GLU I 251 34.97 52.03 -18.84
CA GLU I 251 35.83 51.41 -17.84
C GLU I 251 35.03 50.68 -16.75
N GLU I 252 33.95 51.31 -16.28
CA GLU I 252 33.17 50.80 -15.14
C GLU I 252 32.35 49.53 -15.43
N ALA I 253 32.13 49.20 -16.69
CA ALA I 253 31.31 48.03 -17.07
C ALA I 253 31.96 46.70 -16.66
N VAL I 254 31.13 45.69 -16.41
CA VAL I 254 31.61 44.37 -15.97
C VAL I 254 30.81 43.26 -16.67
N LEU I 255 31.19 42.00 -16.39
CA LEU I 255 30.50 40.83 -16.93
C LEU I 255 29.37 40.42 -15.97
N THR I 256 28.21 40.09 -16.53
CA THR I 256 26.99 39.93 -15.72
C THR I 256 26.71 38.49 -15.31
N GLY I 257 26.71 37.56 -16.26
CA GLY I 257 26.44 36.16 -15.93
C GLY I 257 26.55 35.16 -17.06
N VAL I 258 26.46 33.89 -16.70
CA VAL I 258 26.52 32.77 -17.64
C VAL I 258 25.14 32.13 -17.79
N ALA I 259 24.79 31.74 -19.02
CA ALA I 259 23.48 31.16 -19.33
C ALA I 259 23.62 29.79 -19.98
N THR I 260 22.68 28.89 -19.68
CA THR I 260 22.68 27.55 -20.27
C THR I 260 21.32 27.21 -20.90
N ASP I 261 21.35 26.43 -21.98
CA ASP I 261 20.14 26.04 -22.69
C ASP I 261 20.31 24.63 -23.26
N LYS I 262 19.62 23.65 -22.65
CA LYS I 262 19.68 22.26 -23.11
C LYS I 262 18.40 21.84 -23.82
N SER I 263 17.57 22.81 -24.22
CA SER I 263 16.23 22.54 -24.71
C SER I 263 16.10 22.65 -26.23
N GLU I 264 17.19 22.49 -26.98
CA GLU I 264 17.15 22.77 -28.41
C GLU I 264 17.91 21.77 -29.26
N ALA I 265 17.44 21.63 -30.50
CA ALA I 265 18.08 20.79 -31.49
C ALA I 265 18.81 21.69 -32.48
N LYS I 266 19.80 21.13 -33.15
CA LYS I 266 20.62 21.87 -34.11
C LYS I 266 20.49 21.20 -35.47
N VAL I 267 20.01 21.96 -36.45
CA VAL I 267 19.82 21.47 -37.82
C VAL I 267 20.71 22.27 -38.77
N THR I 268 21.36 21.57 -39.69
CA THR I 268 22.31 22.19 -40.61
C THR I 268 22.05 21.77 -42.06
N VAL I 269 21.80 22.77 -42.91
CA VAL I 269 21.64 22.55 -44.34
C VAL I 269 23.00 22.72 -45.01
N LEU I 270 23.50 21.65 -45.63
CA LEU I 270 24.82 21.65 -46.24
C LEU I 270 24.77 22.00 -47.73
N GLY I 271 25.79 22.71 -48.20
CA GLY I 271 25.97 22.97 -49.63
C GLY I 271 24.90 23.81 -50.29
N ILE I 272 24.58 24.96 -49.67
CA ILE I 272 23.64 25.91 -50.25
C ILE I 272 24.42 26.91 -51.10
N SER I 273 24.08 27.02 -52.38
CA SER I 273 24.70 28.00 -53.27
C SER I 273 24.48 29.41 -52.73
N ASP I 274 25.53 30.23 -52.73
CA ASP I 274 25.45 31.57 -52.15
C ASP I 274 24.99 32.60 -53.18
N LYS I 275 23.69 32.59 -53.45
CA LYS I 275 23.05 33.62 -54.25
C LYS I 275 21.92 34.23 -53.43
N PRO I 276 21.41 35.41 -53.84
CA PRO I 276 20.25 35.98 -53.16
C PRO I 276 19.01 35.10 -53.26
N GLY I 277 18.25 34.99 -52.17
CA GLY I 277 17.01 34.22 -52.14
C GLY I 277 17.11 32.80 -51.63
N GLU I 278 18.34 32.25 -51.57
CA GLU I 278 18.54 30.88 -51.11
C GLU I 278 18.34 30.72 -49.61
N ALA I 279 18.60 31.78 -48.84
CA ALA I 279 18.24 31.80 -47.42
C ALA I 279 16.72 31.90 -47.26
N ALA I 280 16.05 32.54 -48.23
CA ALA I 280 14.59 32.66 -48.21
C ALA I 280 13.89 31.32 -48.40
N LYS I 281 14.45 30.47 -49.28
CA LYS I 281 13.94 29.13 -49.53
C LYS I 281 13.82 28.31 -48.23
N VAL I 282 14.90 28.30 -47.45
CA VAL I 282 14.97 27.51 -46.23
C VAL I 282 13.94 27.98 -45.20
N PHE I 283 14.00 29.26 -44.86
CA PHE I 283 13.25 29.78 -43.71
C PHE I 283 11.80 30.11 -43.99
N ARG I 284 11.41 30.21 -45.26
CA ARG I 284 9.99 30.26 -45.62
C ARG I 284 9.39 28.87 -45.43
N ALA I 285 10.09 27.87 -45.94
CA ALA I 285 9.73 26.47 -45.71
C ALA I 285 9.49 26.18 -44.22
N LEU I 286 10.42 26.62 -43.37
CA LEU I 286 10.28 26.45 -41.92
C LEU I 286 9.17 27.33 -41.33
N ALA I 287 9.05 28.55 -41.82
CA ALA I 287 8.04 29.49 -41.32
C ALA I 287 6.63 28.98 -41.54
N ASP I 288 6.37 28.45 -42.72
CA ASP I 288 5.05 27.88 -43.05
C ASP I 288 4.68 26.72 -42.13
N ALA I 289 5.70 25.97 -41.67
CA ALA I 289 5.49 24.82 -40.80
C ALA I 289 5.44 25.18 -39.31
N GLU I 290 5.59 26.46 -38.99
CA GLU I 290 5.51 26.96 -37.61
C GLU I 290 6.63 26.39 -36.70
N ILE I 291 7.81 26.17 -37.28
CA ILE I 291 9.00 25.76 -36.54
C ILE I 291 9.66 26.99 -35.90
N ASN I 292 9.70 27.04 -34.57
CA ASN I 292 10.34 28.14 -33.84
C ASN I 292 11.85 28.17 -34.06
N ILE I 293 12.40 29.37 -34.25
CA ILE I 293 13.83 29.53 -34.56
C ILE I 293 14.55 30.34 -33.49
N ASP I 294 15.47 29.68 -32.78
CA ASP I 294 16.25 30.33 -31.74
C ASP I 294 17.34 31.20 -32.36
N MET I 295 18.21 30.60 -33.15
CA MET I 295 19.28 31.32 -33.83
C MET I 295 19.66 30.69 -35.17
N VAL I 296 20.31 31.48 -36.01
CA VAL I 296 20.78 31.06 -37.32
C VAL I 296 22.22 31.51 -37.49
N LEU I 297 23.05 30.62 -38.03
CA LEU I 297 24.46 30.93 -38.33
C LEU I 297 24.81 30.56 -39.77
N GLN I 298 25.50 31.45 -40.45
CA GLN I 298 26.06 31.19 -41.78
C GLN I 298 27.42 31.88 -41.91
N ASN I 299 28.43 31.10 -42.31
CA ASN I 299 29.77 31.66 -42.54
C ASN I 299 30.01 31.87 -44.05
N VAL I 300 31.19 32.38 -44.40
CA VAL I 300 31.53 32.69 -45.79
C VAL I 300 31.39 31.50 -46.74
N SER I 301 31.17 31.81 -48.02
CA SER I 301 31.06 30.81 -49.08
C SER I 301 32.35 30.03 -49.25
N SER I 302 32.23 28.83 -49.82
CA SER I 302 33.40 28.05 -50.19
C SER I 302 34.14 28.77 -51.31
N VAL I 303 35.46 28.89 -51.16
CA VAL I 303 36.32 29.55 -52.15
C VAL I 303 36.02 29.09 -53.59
N GLU I 304 35.83 27.79 -53.78
CA GLU I 304 35.62 27.21 -55.12
C GLU I 304 34.16 26.94 -55.47
N ASP I 305 33.45 26.25 -54.58
CA ASP I 305 32.12 25.71 -54.92
C ASP I 305 31.06 26.81 -54.99
N GLY I 306 31.31 27.94 -54.32
CA GLY I 306 30.33 29.00 -54.22
C GLY I 306 29.13 28.60 -53.37
N THR I 307 29.32 27.61 -52.51
CA THR I 307 28.29 27.11 -51.62
C THR I 307 28.68 27.33 -50.17
N THR I 308 27.69 27.49 -49.30
CA THR I 308 27.92 27.65 -47.87
C THR I 308 26.92 26.81 -47.09
N ASP I 309 27.15 26.71 -45.78
CA ASP I 309 26.25 25.98 -44.89
C ASP I 309 25.48 26.96 -44.01
N ILE I 310 24.20 26.68 -43.80
CA ILE I 310 23.38 27.40 -42.84
C ILE I 310 23.00 26.45 -41.71
N THR I 311 23.31 26.83 -40.47
CA THR I 311 22.86 26.10 -39.30
C THR I 311 21.83 26.95 -38.56
N PHE I 312 20.82 26.30 -37.98
CA PHE I 312 19.91 26.97 -37.08
C PHE I 312 19.58 26.03 -35.93
N THR I 313 19.06 26.60 -34.85
CA THR I 313 18.56 25.81 -33.73
C THR I 313 17.08 26.09 -33.50
N CYS I 314 16.33 25.02 -33.26
CA CYS I 314 14.91 25.10 -32.93
C CYS I 314 14.69 24.31 -31.65
N PRO I 315 13.50 24.45 -31.03
CA PRO I 315 13.16 23.58 -29.91
C PRO I 315 13.27 22.11 -30.30
N ARG I 316 13.55 21.24 -29.33
CA ARG I 316 13.65 19.81 -29.62
C ARG I 316 12.33 19.22 -30.10
N SER I 317 11.21 19.80 -29.66
CA SER I 317 9.88 19.34 -30.06
C SER I 317 9.51 19.71 -31.51
N ASP I 318 10.30 20.59 -32.13
CA ASP I 318 10.09 20.96 -33.54
C ASP I 318 11.10 20.31 -34.48
N GLY I 319 12.12 19.66 -33.91
CA GLY I 319 13.22 19.11 -34.70
C GLY I 319 12.82 18.00 -35.66
N ARG I 320 11.96 17.10 -35.19
CA ARG I 320 11.48 16.00 -36.00
C ARG I 320 10.83 16.55 -37.27
N ARG I 321 9.83 17.42 -37.10
CA ARG I 321 9.12 18.01 -38.24
C ARG I 321 10.04 18.91 -39.08
N ALA I 322 10.91 19.66 -38.42
CA ALA I 322 11.83 20.56 -39.12
C ALA I 322 12.64 19.79 -40.17
N MET I 323 13.17 18.65 -39.76
CA MET I 323 13.95 17.79 -40.66
C MET I 323 13.14 17.28 -41.86
N GLU I 324 11.94 16.80 -41.60
CA GLU I 324 11.06 16.28 -42.66
C GLU I 324 10.90 17.32 -43.77
N ILE I 325 10.54 18.54 -43.38
CA ILE I 325 10.32 19.65 -44.30
C ILE I 325 11.54 19.93 -45.18
N LEU I 326 12.71 20.06 -44.55
CA LEU I 326 13.93 20.42 -45.27
C LEU I 326 14.47 19.29 -46.14
N LYS I 327 14.36 18.06 -45.66
CA LYS I 327 14.82 16.88 -46.41
C LYS I 327 14.07 16.70 -47.73
N LYS I 328 12.78 17.02 -47.75
CA LYS I 328 11.98 16.97 -48.98
C LYS I 328 12.54 17.91 -50.04
N LEU I 329 13.00 19.09 -49.63
CA LEU I 329 13.58 20.07 -50.53
C LEU I 329 15.03 19.73 -50.93
N GLN I 330 15.67 18.82 -50.18
CA GLN I 330 17.00 18.33 -50.55
C GLN I 330 16.93 17.42 -51.79
N VAL I 331 15.79 16.78 -52.00
CA VAL I 331 15.56 15.96 -53.19
C VAL I 331 15.44 16.84 -54.44
N GLN I 332 15.01 18.08 -54.24
CA GLN I 332 14.88 19.06 -55.32
C GLN I 332 16.24 19.45 -55.94
N GLY I 333 17.33 19.16 -55.23
CA GLY I 333 18.67 19.50 -55.70
C GLY I 333 19.09 20.91 -55.30
N ASN I 334 18.33 21.51 -54.40
CA ASN I 334 18.63 22.85 -53.89
C ASN I 334 19.90 22.88 -53.05
N TRP I 335 20.12 21.83 -52.25
CA TRP I 335 21.29 21.74 -51.38
C TRP I 335 21.71 20.30 -51.10
N THR I 336 22.96 20.11 -50.68
CA THR I 336 23.62 18.80 -50.69
C THR I 336 23.18 17.83 -49.58
N ASN I 337 22.94 18.34 -48.37
CA ASN I 337 22.54 17.48 -47.24
C ASN I 337 21.84 18.30 -46.15
N VAL I 338 21.14 17.60 -45.26
CA VAL I 338 20.57 18.20 -44.05
C VAL I 338 20.88 17.32 -42.83
N LEU I 339 21.58 17.89 -41.84
CA LEU I 339 21.99 17.16 -40.65
C LEU I 339 21.04 17.44 -39.50
N TYR I 340 20.96 16.49 -38.55
CA TYR I 340 20.12 16.63 -37.37
C TYR I 340 20.89 16.29 -36.10
N ASP I 341 20.64 17.06 -35.04
CA ASP I 341 21.41 16.95 -33.79
C ASP I 341 20.53 17.38 -32.62
N ASP I 342 20.09 16.40 -31.83
CA ASP I 342 19.16 16.66 -30.72
C ASP I 342 19.82 16.49 -29.35
N GLN I 343 21.16 16.51 -29.33
CA GLN I 343 21.90 16.43 -28.08
C GLN I 343 22.89 17.59 -27.97
N VAL I 344 22.48 18.76 -28.44
CA VAL I 344 23.33 19.94 -28.41
C VAL I 344 22.95 20.79 -27.20
N GLY I 345 23.97 21.35 -26.55
CA GLY I 345 23.77 22.32 -25.48
C GLY I 345 24.40 23.65 -25.87
N LYS I 346 23.88 24.73 -25.30
CA LYS I 346 24.40 26.08 -25.54
C LYS I 346 24.84 26.73 -24.24
N VAL I 347 26.10 27.13 -24.16
CA VAL I 347 26.62 27.96 -23.05
C VAL I 347 26.85 29.37 -23.56
N SER I 348 26.63 30.36 -22.71
CA SER I 348 26.80 31.76 -23.09
C SER I 348 27.38 32.58 -21.95
N LEU I 349 28.18 33.58 -22.31
CA LEU I 349 28.62 34.63 -21.39
C LEU I 349 28.03 35.94 -21.89
N VAL I 350 27.57 36.77 -20.96
CA VAL I 350 26.93 38.04 -21.28
C VAL I 350 27.45 39.13 -20.37
N GLY I 351 27.57 40.34 -20.90
CA GLY I 351 28.02 41.48 -20.10
C GLY I 351 28.61 42.59 -20.95
N ALA I 352 28.32 43.84 -20.56
CA ALA I 352 28.82 45.01 -21.29
C ALA I 352 30.35 45.06 -21.32
N GLY I 353 30.96 44.59 -20.24
CA GLY I 353 32.42 44.60 -20.08
C GLY I 353 33.24 44.08 -21.25
N MET I 354 32.67 43.16 -22.03
CA MET I 354 33.39 42.58 -23.17
C MET I 354 33.39 43.51 -24.39
N LYS I 355 32.49 44.49 -24.42
CA LYS I 355 32.38 45.41 -25.55
C LYS I 355 33.71 46.10 -25.85
N SER I 356 34.30 46.70 -24.82
CA SER I 356 35.54 47.46 -24.97
C SER I 356 36.79 46.65 -24.65
N HIS I 357 36.65 45.64 -23.79
CA HIS I 357 37.80 44.83 -23.37
C HIS I 357 38.22 43.85 -24.47
N PRO I 358 39.54 43.70 -24.68
CA PRO I 358 40.04 42.70 -25.61
C PRO I 358 40.36 41.40 -24.87
N GLY I 359 40.46 40.30 -25.61
CA GLY I 359 40.82 39.01 -25.04
C GLY I 359 39.78 38.38 -24.11
N VAL I 360 38.57 38.96 -24.06
CA VAL I 360 37.47 38.37 -23.30
C VAL I 360 37.01 37.11 -24.02
N THR I 361 36.94 37.20 -25.34
CA THR I 361 36.72 36.05 -26.19
C THR I 361 37.82 35.00 -25.98
N ALA I 362 39.05 35.47 -25.83
CA ALA I 362 40.20 34.58 -25.60
C ALA I 362 40.05 33.75 -24.33
N GLU I 363 39.68 34.39 -23.23
CA GLU I 363 39.52 33.70 -21.95
C GLU I 363 38.38 32.70 -21.96
N PHE I 364 37.28 33.07 -22.61
CA PHE I 364 36.14 32.18 -22.83
C PHE I 364 36.62 30.85 -23.44
N MET I 365 37.38 30.95 -24.53
CA MET I 365 37.83 29.78 -25.29
C MET I 365 38.84 28.96 -24.51
N GLU I 366 39.72 29.63 -23.79
CA GLU I 366 40.74 28.97 -22.98
C GLU I 366 40.10 28.23 -21.82
N ALA I 367 39.04 28.81 -21.25
CA ALA I 367 38.28 28.19 -20.16
C ALA I 367 37.75 26.81 -20.56
N LEU I 368 37.12 26.73 -21.73
CA LEU I 368 36.54 25.47 -22.21
C LEU I 368 37.60 24.51 -22.73
N ARG I 369 38.72 25.06 -23.20
CA ARG I 369 39.85 24.24 -23.60
C ARG I 369 40.42 23.49 -22.39
N ASP I 370 40.65 24.23 -21.30
CA ASP I 370 41.24 23.68 -20.08
C ASP I 370 40.40 22.55 -19.45
N VAL I 371 39.08 22.62 -19.64
CA VAL I 371 38.19 21.55 -19.17
C VAL I 371 37.83 20.57 -20.29
N ASN I 372 38.64 20.54 -21.35
CA ASN I 372 38.55 19.56 -22.42
C ASN I 372 37.17 19.50 -23.08
N VAL I 373 36.61 20.67 -23.36
CA VAL I 373 35.32 20.77 -24.05
C VAL I 373 35.53 21.35 -25.45
N ASN I 374 34.96 20.70 -26.46
CA ASN I 374 35.12 21.12 -27.84
C ASN I 374 34.01 22.09 -28.26
N ILE I 375 34.40 23.28 -28.70
CA ILE I 375 33.46 24.31 -29.11
C ILE I 375 33.01 24.03 -30.54
N GLU I 376 31.80 23.54 -30.70
CA GLU I 376 31.31 23.05 -31.99
C GLU I 376 30.83 24.15 -32.93
N LEU I 377 30.35 25.25 -32.35
CA LEU I 377 29.80 26.34 -33.13
C LEU I 377 29.78 27.60 -32.26
N ILE I 378 30.27 28.71 -32.81
CA ILE I 378 30.39 29.96 -32.06
C ILE I 378 29.47 31.02 -32.63
N SER I 379 28.60 31.57 -31.77
CA SER I 379 27.68 32.65 -32.14
C SER I 379 27.96 33.84 -31.26
N THR I 380 27.64 35.03 -31.75
CA THR I 380 28.04 36.26 -31.09
C THR I 380 27.00 37.37 -31.09
N SER I 381 27.18 38.27 -30.14
CA SER I 381 26.54 39.58 -30.15
C SER I 381 27.56 40.57 -29.55
N GLU I 382 27.25 41.86 -29.61
CA GLU I 382 28.19 42.89 -29.13
C GLU I 382 28.63 42.64 -27.69
N ILE I 383 27.67 42.28 -26.83
CA ILE I 383 27.94 42.06 -25.41
C ILE I 383 27.57 40.64 -24.98
N ARG I 384 27.82 39.66 -25.85
CA ARG I 384 27.52 38.27 -25.56
C ARG I 384 28.36 37.34 -26.45
N ILE I 385 29.03 36.38 -25.81
CA ILE I 385 29.62 35.24 -26.52
C ILE I 385 28.77 34.03 -26.21
N SER I 386 28.60 33.15 -27.19
CA SER I 386 27.85 31.92 -26.98
C SER I 386 28.35 30.80 -27.86
N VAL I 387 28.44 29.60 -27.28
CA VAL I 387 28.96 28.45 -27.99
C VAL I 387 28.00 27.28 -27.87
N LEU I 388 27.92 26.48 -28.94
CA LEU I 388 27.21 25.21 -28.89
C LEU I 388 28.21 24.08 -28.64
N ILE I 389 27.83 23.17 -27.75
CA ILE I 389 28.68 22.06 -27.34
C ILE I 389 27.81 20.82 -27.07
N ARG I 390 28.45 19.70 -26.76
CA ARG I 390 27.72 18.52 -26.30
C ARG I 390 26.96 18.90 -25.03
N GLU I 391 25.69 18.49 -24.96
CA GLU I 391 24.87 18.79 -23.78
C GLU I 391 25.43 18.13 -22.52
N ASP I 392 26.13 17.01 -22.68
CA ASP I 392 26.79 16.34 -21.56
C ASP I 392 27.82 17.24 -20.88
N ASP I 393 28.45 18.13 -21.65
CA ASP I 393 29.46 19.05 -21.13
C ASP I 393 28.91 20.39 -20.61
N LEU I 394 27.60 20.60 -20.72
CA LEU I 394 26.98 21.89 -20.33
C LEU I 394 27.34 22.38 -18.93
N ASP I 395 27.19 21.50 -17.94
CA ASP I 395 27.40 21.88 -16.54
C ASP I 395 28.85 22.27 -16.30
N ALA I 396 29.77 21.43 -16.76
CA ALA I 396 31.20 21.68 -16.62
C ALA I 396 31.61 22.97 -17.32
N ALA I 397 31.04 23.21 -18.50
CA ALA I 397 31.35 24.41 -19.29
C ALA I 397 30.87 25.68 -18.61
N ALA I 398 29.66 25.64 -18.04
CA ALA I 398 29.12 26.78 -17.30
C ALA I 398 29.94 27.01 -16.03
N ARG I 399 30.29 25.92 -15.36
CA ARG I 399 31.08 25.97 -14.13
C ARG I 399 32.43 26.63 -14.40
N ALA I 400 33.11 26.12 -15.44
CA ALA I 400 34.44 26.60 -15.83
C ALA I 400 34.43 28.10 -16.14
N LEU I 401 33.46 28.54 -16.94
CA LEU I 401 33.35 29.96 -17.29
C LEU I 401 33.09 30.83 -16.07
N HIS I 402 32.17 30.39 -15.20
CA HIS I 402 31.83 31.14 -14.00
C HIS I 402 33.08 31.36 -13.15
N GLU I 403 33.82 30.29 -12.91
CA GLU I 403 35.06 30.34 -12.16
C GLU I 403 36.07 31.24 -12.86
N GLN I 404 36.30 30.98 -14.15
CA GLN I 404 37.29 31.71 -14.93
C GLN I 404 37.11 33.22 -14.84
N PHE I 405 35.87 33.69 -14.86
CA PHE I 405 35.57 35.12 -14.92
C PHE I 405 35.19 35.73 -13.57
N GLN I 406 35.57 35.07 -12.48
CA GLN I 406 35.51 35.67 -11.13
C GLN I 406 34.09 36.15 -10.77
N LEU I 407 33.08 35.43 -11.25
CA LEU I 407 31.67 35.83 -11.03
C LEU I 407 31.13 35.39 -9.67
N GLY I 408 31.62 34.26 -9.16
CA GLY I 408 31.23 33.77 -7.83
C GLY I 408 32.06 34.43 -6.75
N GLY I 409 33.39 34.34 -6.91
CA GLY I 409 34.35 34.96 -6.00
C GLY I 409 35.64 35.31 -6.71
N GLU J 3 1.69 39.24 -31.43
CA GLU J 3 2.83 39.09 -32.38
C GLU J 3 4.15 39.04 -31.60
N ALA J 4 5.26 39.33 -32.28
CA ALA J 4 6.54 39.62 -31.63
C ALA J 4 6.69 41.14 -31.56
N VAL J 5 7.85 41.61 -31.12
CA VAL J 5 8.12 43.04 -31.05
C VAL J 5 9.43 43.39 -31.76
N LEU J 6 9.30 43.85 -33.00
CA LEU J 6 10.43 44.39 -33.76
C LEU J 6 10.54 45.88 -33.45
N THR J 7 11.69 46.29 -32.89
CA THR J 7 11.88 47.66 -32.42
C THR J 7 13.20 48.28 -32.88
N GLY J 8 13.41 48.30 -34.20
CA GLY J 8 14.58 48.97 -34.79
C GLY J 8 15.25 48.21 -35.93
N VAL J 9 15.99 48.96 -36.74
CA VAL J 9 16.82 48.41 -37.82
C VAL J 9 18.08 49.28 -37.98
N ALA J 10 19.25 48.67 -37.79
CA ALA J 10 20.51 49.41 -37.73
C ALA J 10 21.41 49.10 -38.92
N THR J 11 22.31 50.03 -39.22
CA THR J 11 23.28 49.88 -40.31
C THR J 11 24.67 50.30 -39.83
N ASP J 12 25.67 49.47 -40.11
CA ASP J 12 27.06 49.75 -39.74
C ASP J 12 27.97 49.54 -40.95
N LYS J 13 28.88 50.49 -41.18
CA LYS J 13 29.85 50.38 -42.28
C LYS J 13 31.30 50.39 -41.79
N SER J 14 31.50 50.55 -40.48
CA SER J 14 32.83 50.76 -39.91
C SER J 14 33.40 49.49 -39.30
N GLU J 15 33.46 48.43 -40.09
CA GLU J 15 34.04 47.16 -39.65
C GLU J 15 34.71 46.41 -40.79
N ALA J 16 35.74 45.65 -40.44
CA ALA J 16 36.43 44.77 -41.38
C ALA J 16 36.20 43.32 -40.97
N LYS J 17 36.27 42.42 -41.94
CA LYS J 17 36.04 41.00 -41.72
C LYS J 17 37.33 40.23 -41.96
N VAL J 18 37.66 39.33 -41.04
CA VAL J 18 38.79 38.42 -41.21
C VAL J 18 38.29 36.98 -41.05
N THR J 19 38.86 36.07 -41.83
CA THR J 19 38.40 34.68 -41.87
C THR J 19 39.58 33.72 -41.84
N VAL J 20 39.64 32.90 -40.79
CA VAL J 20 40.67 31.87 -40.67
C VAL J 20 40.12 30.56 -41.23
N LEU J 21 40.49 30.24 -42.46
CA LEU J 21 40.07 28.99 -43.10
C LEU J 21 40.86 27.80 -42.57
N GLY J 22 40.20 26.65 -42.52
CA GLY J 22 40.88 25.37 -42.27
C GLY J 22 41.34 25.14 -40.85
N ILE J 23 40.57 25.62 -39.88
CA ILE J 23 40.93 25.43 -38.48
C ILE J 23 40.42 24.08 -37.98
N SER J 24 41.36 23.22 -37.61
CA SER J 24 41.07 21.89 -37.09
C SER J 24 40.14 21.95 -35.89
N ASP J 25 39.07 21.15 -35.91
CA ASP J 25 38.08 21.15 -34.83
C ASP J 25 38.48 20.21 -33.70
N LYS J 26 39.41 20.67 -32.88
CA LYS J 26 39.73 20.03 -31.60
C LYS J 26 39.78 21.13 -30.54
N PRO J 27 39.57 20.78 -29.26
CA PRO J 27 39.56 21.80 -28.22
C PRO J 27 40.89 22.56 -28.07
N GLY J 28 40.83 23.89 -28.09
CA GLY J 28 42.01 24.74 -27.89
C GLY J 28 42.44 25.55 -29.10
N GLU J 29 41.98 25.15 -30.28
CA GLU J 29 42.38 25.82 -31.52
C GLU J 29 41.76 27.22 -31.64
N ALA J 30 40.51 27.36 -31.18
CA ALA J 30 39.87 28.67 -31.15
C ALA J 30 40.60 29.63 -30.23
N ALA J 31 41.12 29.09 -29.12
CA ALA J 31 41.88 29.87 -28.14
C ALA J 31 43.15 30.47 -28.75
N LYS J 32 43.85 29.68 -29.57
CA LYS J 32 45.06 30.12 -30.25
C LYS J 32 44.84 31.33 -31.14
N VAL J 33 43.63 31.44 -31.70
CA VAL J 33 43.31 32.56 -32.60
C VAL J 33 43.11 33.85 -31.82
N PHE J 34 42.25 33.80 -30.80
CA PHE J 34 41.84 35.00 -30.06
C PHE J 34 42.85 35.50 -29.03
N ARG J 35 43.72 34.61 -28.54
CA ARG J 35 44.79 35.01 -27.62
C ARG J 35 45.86 35.81 -28.37
N ALA J 36 46.18 35.38 -29.58
CA ALA J 36 47.11 36.10 -30.44
C ALA J 36 46.57 37.49 -30.80
N LEU J 37 45.25 37.58 -30.94
CA LEU J 37 44.58 38.87 -31.15
C LEU J 37 44.56 39.68 -29.85
N ALA J 38 44.25 39.02 -28.74
CA ALA J 38 44.24 39.66 -27.42
C ALA J 38 45.61 40.23 -27.09
N ASP J 39 46.65 39.41 -27.26
CA ASP J 39 48.04 39.87 -27.17
C ASP J 39 48.34 40.72 -28.39
N ALA J 40 47.94 41.99 -28.31
CA ALA J 40 47.92 42.90 -29.47
C ALA J 40 46.86 44.01 -29.35
N GLU J 41 45.95 43.87 -28.38
CA GLU J 41 44.94 44.89 -28.10
C GLU J 41 43.90 44.99 -29.21
N ILE J 42 43.68 43.88 -29.92
CA ILE J 42 42.68 43.85 -30.99
C ILE J 42 41.31 43.56 -30.39
N ASN J 43 40.38 44.47 -30.59
CA ASN J 43 39.05 44.42 -29.97
C ASN J 43 37.97 44.00 -30.99
N ILE J 44 37.71 42.69 -31.05
CA ILE J 44 36.77 42.15 -32.03
C ILE J 44 35.34 42.12 -31.47
N ASP J 45 34.35 42.17 -32.37
CA ASP J 45 32.94 42.13 -31.99
C ASP J 45 32.34 40.77 -32.34
N MET J 46 32.14 40.53 -33.63
CA MET J 46 31.46 39.32 -34.09
C MET J 46 32.40 38.14 -34.13
N VAL J 47 31.80 36.94 -34.09
CA VAL J 47 32.51 35.68 -34.20
C VAL J 47 31.54 34.66 -34.81
N LEU J 48 31.89 34.15 -35.98
CA LEU J 48 31.10 33.13 -36.65
C LEU J 48 31.96 31.89 -36.83
N GLN J 49 31.53 30.79 -36.22
CA GLN J 49 32.09 29.47 -36.49
C GLN J 49 30.94 28.49 -36.62
N ASN J 50 30.74 27.95 -37.83
CA ASN J 50 29.72 26.94 -38.09
C ASN J 50 30.34 25.56 -37.89
N VAL J 51 29.55 24.51 -38.07
CA VAL J 51 30.00 23.15 -37.79
C VAL J 51 31.07 22.66 -38.76
N SER J 52 31.87 21.70 -38.29
CA SER J 52 33.00 21.20 -39.07
C SER J 52 32.55 20.18 -40.09
N SER J 53 33.35 20.00 -41.13
CA SER J 53 33.06 19.02 -42.17
C SER J 53 33.34 17.61 -41.67
N VAL J 54 32.48 16.67 -42.04
CA VAL J 54 32.67 15.26 -41.73
C VAL J 54 33.86 14.70 -42.52
N GLU J 55 34.06 15.22 -43.73
CA GLU J 55 35.18 14.82 -44.57
C GLU J 55 36.50 15.39 -44.04
N ASP J 56 36.60 16.72 -44.01
CA ASP J 56 37.84 17.39 -43.58
C ASP J 56 38.09 17.14 -42.10
N GLY J 57 37.14 17.55 -41.27
CA GLY J 57 37.32 17.61 -39.82
C GLY J 57 37.65 19.01 -39.34
N THR J 58 37.53 19.98 -40.25
CA THR J 58 37.92 21.36 -39.96
C THR J 58 36.75 22.31 -40.17
N THR J 59 36.93 23.57 -39.76
CA THR J 59 35.95 24.63 -39.99
C THR J 59 36.66 25.95 -40.20
N ASP J 60 35.87 27.03 -40.29
CA ASP J 60 36.40 28.38 -40.40
C ASP J 60 35.89 29.24 -39.24
N ILE J 61 36.74 30.17 -38.81
CA ILE J 61 36.35 31.18 -37.82
C ILE J 61 36.49 32.55 -38.48
N THR J 62 35.41 33.33 -38.47
CA THR J 62 35.47 34.72 -38.95
C THR J 62 34.97 35.67 -37.86
N PHE J 63 35.59 36.84 -37.79
CA PHE J 63 35.26 37.86 -36.79
C PHE J 63 35.26 39.25 -37.40
N THR J 64 34.68 40.22 -36.69
CA THR J 64 34.67 41.61 -37.14
C THR J 64 35.26 42.55 -36.10
N CYS J 65 36.23 43.36 -36.53
CA CYS J 65 36.83 44.40 -35.71
C CYS J 65 36.68 45.73 -36.43
N PRO J 66 36.95 46.85 -35.73
CA PRO J 66 36.96 48.14 -36.43
C PRO J 66 37.89 48.13 -37.65
N ARG J 67 37.54 48.91 -38.66
CA ARG J 67 38.27 48.93 -39.93
C ARG J 67 39.75 49.33 -39.75
N SER J 68 40.04 50.15 -38.75
CA SER J 68 41.41 50.57 -38.44
C SER J 68 42.37 49.40 -38.19
N ASP J 69 41.88 48.39 -37.48
CA ASP J 69 42.69 47.22 -37.12
C ASP J 69 42.53 46.04 -38.09
N GLY J 70 41.81 46.25 -39.19
CA GLY J 70 41.53 45.20 -40.17
C GLY J 70 42.74 44.63 -40.89
N ARG J 71 43.77 45.45 -41.08
CA ARG J 71 45.02 44.99 -41.68
C ARG J 71 45.93 44.36 -40.62
N ARG J 72 46.07 45.03 -39.48
CA ARG J 72 46.98 44.59 -38.42
C ARG J 72 46.56 43.24 -37.82
N ALA J 73 45.29 42.91 -37.91
CA ALA J 73 44.77 41.60 -37.48
C ALA J 73 45.38 40.44 -38.30
N MET J 74 45.80 40.75 -39.53
CA MET J 74 46.41 39.75 -40.41
C MET J 74 47.81 39.35 -39.97
N GLU J 75 48.65 40.35 -39.68
CA GLU J 75 50.05 40.10 -39.31
C GLU J 75 50.19 39.08 -38.18
N ILE J 76 49.35 39.21 -37.16
CA ILE J 76 49.36 38.28 -36.03
C ILE J 76 49.00 36.86 -36.48
N LEU J 77 47.93 36.75 -37.28
CA LEU J 77 47.44 35.46 -37.75
C LEU J 77 48.39 34.83 -38.78
N LYS J 78 48.74 35.60 -39.81
CA LYS J 78 49.60 35.12 -40.89
C LYS J 78 50.95 34.59 -40.39
N LYS J 79 51.49 35.22 -39.35
CA LYS J 79 52.75 34.79 -38.75
C LYS J 79 52.61 33.47 -37.99
N LEU J 80 51.45 33.28 -37.36
CA LEU J 80 51.19 32.07 -36.57
C LEU J 80 50.75 30.87 -37.42
N GLN J 81 50.43 31.10 -38.69
CA GLN J 81 49.93 30.05 -39.58
C GLN J 81 50.95 28.94 -39.86
N VAL J 82 52.20 29.33 -40.10
CA VAL J 82 53.26 28.38 -40.45
C VAL J 82 53.62 27.43 -39.30
N ASN J 85 49.29 25.54 -38.85
CA ASN J 85 48.04 24.94 -38.40
C ASN J 85 46.94 25.01 -39.46
N TRP J 86 46.43 26.21 -39.68
CA TRP J 86 45.26 26.40 -40.55
C TRP J 86 45.70 26.52 -42.00
N THR J 87 44.77 26.33 -42.92
CA THR J 87 45.06 26.30 -44.35
C THR J 87 45.29 27.69 -44.93
N ASN J 88 44.44 28.63 -44.55
CA ASN J 88 44.45 29.96 -45.16
C ASN J 88 43.82 31.04 -44.26
N VAL J 89 44.16 32.30 -44.55
CA VAL J 89 43.64 33.45 -43.79
C VAL J 89 43.28 34.59 -44.75
N LEU J 90 42.07 35.13 -44.61
CA LEU J 90 41.55 36.16 -45.52
C LEU J 90 41.20 37.45 -44.77
N TYR J 91 41.32 38.59 -45.47
CA TYR J 91 40.93 39.90 -44.93
C TYR J 91 39.87 40.52 -45.83
N ASP J 92 39.06 41.42 -45.27
CA ASP J 92 37.97 42.04 -46.03
C ASP J 92 37.61 43.41 -45.44
N ASP J 93 38.18 44.47 -46.01
CA ASP J 93 38.04 45.83 -45.49
C ASP J 93 36.87 46.61 -46.13
N GLN J 94 35.96 45.91 -46.78
CA GLN J 94 34.84 46.57 -47.49
C GLN J 94 33.51 45.86 -47.22
N VAL J 95 33.24 45.60 -45.93
CA VAL J 95 32.00 44.94 -45.50
C VAL J 95 31.11 45.89 -44.72
N GLY J 96 29.81 45.59 -44.72
CA GLY J 96 28.82 46.35 -43.94
C GLY J 96 27.82 45.44 -43.27
N LYS J 97 27.40 45.79 -42.05
CA LYS J 97 26.46 44.98 -41.27
C LYS J 97 25.08 45.65 -41.23
N VAL J 98 24.03 44.84 -41.32
CA VAL J 98 22.65 45.32 -41.22
C VAL J 98 21.85 44.42 -40.30
N SER J 99 21.22 45.01 -39.29
CA SER J 99 20.51 44.26 -38.27
C SER J 99 19.03 44.63 -38.19
N LEU J 100 18.25 43.79 -37.53
CA LEU J 100 16.86 44.07 -37.20
C LEU J 100 16.66 43.78 -35.71
N VAL J 101 16.58 44.83 -34.91
CA VAL J 101 16.51 44.70 -33.45
C VAL J 101 15.06 44.50 -33.00
N GLY J 102 14.87 43.61 -32.03
CA GLY J 102 13.53 43.32 -31.51
C GLY J 102 13.52 42.36 -30.33
N ALA J 103 12.42 41.64 -30.18
CA ALA J 103 12.27 40.67 -29.09
C ALA J 103 11.12 39.71 -29.38
N GLY J 104 11.39 38.42 -29.26
CA GLY J 104 10.40 37.38 -29.54
C GLY J 104 10.45 36.90 -30.97
N MET J 105 11.68 36.72 -31.49
CA MET J 105 11.89 36.25 -32.85
C MET J 105 11.66 34.74 -32.96
N LYS J 106 11.72 34.05 -31.82
CA LYS J 106 11.52 32.61 -31.74
C LYS J 106 10.06 32.21 -31.96
N SER J 107 9.16 32.87 -31.25
CA SER J 107 7.72 32.59 -31.33
C SER J 107 7.16 32.74 -32.74
N HIS J 108 7.69 33.70 -33.50
CA HIS J 108 7.28 33.89 -34.89
C HIS J 108 8.49 33.82 -35.84
N PRO J 109 8.68 32.65 -36.49
CA PRO J 109 9.75 32.52 -37.50
C PRO J 109 9.49 33.33 -38.76
N GLY J 110 8.24 33.74 -38.96
CA GLY J 110 7.87 34.61 -40.07
C GLY J 110 8.78 35.82 -40.23
N VAL J 111 9.23 36.37 -39.11
CA VAL J 111 10.13 37.52 -39.14
C VAL J 111 11.47 37.17 -39.80
N THR J 112 12.04 36.02 -39.45
CA THR J 112 13.29 35.57 -40.05
C THR J 112 13.13 35.22 -41.52
N ALA J 113 11.97 34.67 -41.88
CA ALA J 113 11.67 34.36 -43.28
C ALA J 113 11.46 35.64 -44.10
N GLU J 114 10.72 36.60 -43.53
CA GLU J 114 10.48 37.88 -44.17
C GLU J 114 11.75 38.72 -44.36
N PHE J 115 12.68 38.60 -43.42
CA PHE J 115 13.95 39.32 -43.48
C PHE J 115 14.77 38.87 -44.68
N MET J 116 14.86 37.56 -44.86
CA MET J 116 15.57 36.97 -46.00
C MET J 116 14.82 37.21 -47.31
N GLU J 117 13.49 37.23 -47.22
CA GLU J 117 12.65 37.51 -48.38
C GLU J 117 12.71 38.99 -48.79
N ALA J 118 12.84 39.87 -47.82
CA ALA J 118 12.94 41.31 -48.08
C ALA J 118 14.23 41.63 -48.85
N LEU J 119 15.35 41.15 -48.32
CA LEU J 119 16.66 41.36 -48.94
C LEU J 119 16.76 40.65 -50.30
N ARG J 120 16.07 39.52 -50.44
CA ARG J 120 16.00 38.80 -51.71
C ARG J 120 15.43 39.68 -52.81
N ASP J 121 14.27 40.29 -52.53
CA ASP J 121 13.52 41.04 -53.53
C ASP J 121 14.24 42.31 -53.99
N VAL J 122 15.17 42.81 -53.18
CA VAL J 122 16.04 43.92 -53.60
C VAL J 122 17.37 43.40 -54.16
N ASN J 123 17.48 42.07 -54.31
CA ASN J 123 18.65 41.44 -54.89
C ASN J 123 19.95 41.80 -54.16
N VAL J 124 20.10 41.29 -52.94
CA VAL J 124 21.32 41.46 -52.16
C VAL J 124 21.76 40.12 -51.57
N ASN J 125 23.05 39.81 -51.78
CA ASN J 125 23.60 38.55 -51.32
C ASN J 125 23.88 38.61 -49.82
N ILE J 126 23.45 37.58 -49.08
CA ILE J 126 23.66 37.49 -47.64
C ILE J 126 24.91 36.65 -47.37
N GLU J 127 26.04 37.30 -47.14
CA GLU J 127 27.33 36.61 -47.00
C GLU J 127 27.44 35.83 -45.69
N LEU J 128 27.07 36.47 -44.59
CA LEU J 128 27.04 35.81 -43.28
C LEU J 128 25.74 36.10 -42.55
N ILE J 129 25.41 35.24 -41.58
CA ILE J 129 24.24 35.42 -40.74
C ILE J 129 24.60 35.12 -39.29
N SER J 130 24.04 35.89 -38.36
CA SER J 130 24.21 35.64 -36.92
C SER J 130 23.01 36.21 -36.16
N THR J 131 22.06 35.34 -35.84
CA THR J 131 20.80 35.78 -35.24
C THR J 131 20.59 35.25 -33.82
N SER J 132 19.57 35.81 -33.17
CA SER J 132 19.13 35.37 -31.86
C SER J 132 17.71 35.90 -31.64
N GLU J 133 17.12 35.61 -30.50
CA GLU J 133 15.75 36.06 -30.21
C GLU J 133 15.61 37.58 -30.14
N ILE J 134 16.73 38.30 -30.06
CA ILE J 134 16.70 39.77 -29.95
C ILE J 134 17.19 40.50 -31.20
N ARG J 135 17.97 39.84 -32.06
CA ARG J 135 18.35 40.46 -33.33
C ARG J 135 18.68 39.49 -34.46
N ILE J 136 18.57 40.00 -35.68
CA ILE J 136 18.92 39.28 -36.90
C ILE J 136 19.94 40.10 -37.68
N SER J 137 21.22 39.83 -37.43
CA SER J 137 22.30 40.52 -38.12
C SER J 137 22.80 39.72 -39.30
N VAL J 138 23.16 40.43 -40.37
CA VAL J 138 23.77 39.82 -41.55
C VAL J 138 24.83 40.76 -42.12
N LEU J 139 25.78 40.17 -42.84
CA LEU J 139 26.82 40.93 -43.51
C LEU J 139 26.62 40.80 -45.02
N ILE J 140 26.61 41.94 -45.69
CA ILE J 140 26.46 42.01 -47.14
C ILE J 140 27.61 42.86 -47.68
N ARG J 141 27.55 43.24 -48.96
CA ARG J 141 28.52 44.20 -49.49
C ARG J 141 28.23 45.61 -48.98
N GLU J 142 29.30 46.37 -48.76
CA GLU J 142 29.21 47.72 -48.19
C GLU J 142 28.20 48.60 -48.93
N ASP J 143 28.18 48.50 -50.26
CA ASP J 143 27.30 49.34 -51.09
C ASP J 143 25.91 48.73 -51.32
N ASP J 144 25.47 47.86 -50.41
CA ASP J 144 24.10 47.31 -50.43
C ASP J 144 23.31 47.67 -49.16
N LEU J 145 23.85 48.58 -48.36
CA LEU J 145 23.22 48.95 -47.08
C LEU J 145 21.94 49.75 -47.28
N ASP J 146 21.96 50.70 -48.22
CA ASP J 146 20.79 51.52 -48.52
C ASP J 146 19.65 50.67 -49.05
N ALA J 147 19.95 49.78 -49.99
CA ALA J 147 18.95 48.88 -50.56
C ALA J 147 18.40 47.90 -49.53
N ALA J 148 19.25 47.46 -48.61
CA ALA J 148 18.86 46.49 -47.58
C ALA J 148 17.95 47.13 -46.54
N ALA J 149 18.42 48.23 -45.94
CA ALA J 149 17.67 48.93 -44.90
C ALA J 149 16.27 49.32 -45.38
N ARG J 150 16.20 49.94 -46.56
CA ARG J 150 14.94 50.41 -47.13
C ARG J 150 13.92 49.29 -47.23
N ALA J 151 14.35 48.12 -47.69
CA ALA J 151 13.48 46.95 -47.85
C ALA J 151 13.01 46.42 -46.50
N LEU J 152 13.91 46.43 -45.51
CA LEU J 152 13.57 46.01 -44.16
C LEU J 152 12.58 46.99 -43.52
N HIS J 153 12.85 48.29 -43.68
CA HIS J 153 11.91 49.34 -43.27
C HIS J 153 10.54 49.13 -43.92
N GLU J 154 10.54 48.90 -45.23
CA GLU J 154 9.30 48.75 -46.00
C GLU J 154 8.50 47.49 -45.63
N GLN J 155 9.17 46.48 -45.07
CA GLN J 155 8.48 45.29 -44.58
C GLN J 155 8.46 45.31 -43.05
N PHE J 156 7.89 46.38 -42.49
CA PHE J 156 7.77 46.55 -41.04
C PHE J 156 6.77 47.67 -40.71
N ALA K 2 -39.82 28.88 -33.49
CA ALA K 2 -40.01 29.12 -32.04
C ALA K 2 -38.77 29.74 -31.42
N LEU K 3 -38.88 30.15 -30.15
CA LEU K 3 -37.72 30.65 -29.41
C LEU K 3 -37.51 29.75 -28.20
N VAL K 4 -36.30 29.21 -28.07
CA VAL K 4 -35.96 28.30 -26.99
C VAL K 4 -34.80 28.84 -26.16
N VAL K 5 -35.02 28.99 -24.85
CA VAL K 5 -33.95 29.35 -23.92
C VAL K 5 -33.44 28.07 -23.24
N GLN K 6 -32.12 27.95 -23.15
CA GLN K 6 -31.50 26.78 -22.53
C GLN K 6 -30.53 27.21 -21.44
N LYS K 7 -30.66 26.60 -20.26
CA LYS K 7 -29.74 26.85 -19.15
C LYS K 7 -28.99 25.57 -18.81
N TYR K 8 -27.66 25.63 -18.89
CA TYR K 8 -26.82 24.47 -18.59
C TYR K 8 -26.04 24.67 -17.28
N GLY K 9 -26.10 23.67 -16.40
CA GLY K 9 -25.44 23.74 -15.09
C GLY K 9 -24.03 23.17 -15.10
N GLY K 10 -23.29 23.39 -14.02
CA GLY K 10 -21.90 22.96 -13.92
C GLY K 10 -21.68 21.52 -14.32
N SER K 11 -22.61 20.66 -13.92
CA SER K 11 -22.63 19.27 -14.37
C SER K 11 -22.51 19.17 -15.89
N SER K 12 -23.32 19.95 -16.61
CA SER K 12 -23.36 19.90 -18.07
C SER K 12 -22.11 20.46 -18.76
N LEU K 13 -21.36 21.30 -18.06
CA LEU K 13 -20.19 21.97 -18.64
C LEU K 13 -18.91 21.60 -17.90
N GLU K 14 -18.85 20.39 -17.36
CA GLU K 14 -17.76 19.99 -16.46
C GLU K 14 -16.44 19.72 -17.19
N SER K 15 -16.50 19.47 -18.50
CA SER K 15 -15.28 19.17 -19.27
C SER K 15 -15.41 19.56 -20.73
N ALA K 16 -14.28 19.65 -21.41
CA ALA K 16 -14.24 19.94 -22.84
C ALA K 16 -15.18 19.03 -23.65
N GLU K 17 -15.09 17.72 -23.42
CA GLU K 17 -15.95 16.75 -24.10
C GLU K 17 -17.43 17.10 -23.91
N ARG K 18 -17.84 17.31 -22.65
CA ARG K 18 -19.23 17.67 -22.33
C ARG K 18 -19.63 19.03 -22.92
N ILE K 19 -18.68 19.97 -22.90
CA ILE K 19 -18.91 21.31 -23.45
C ILE K 19 -19.21 21.23 -24.95
N ARG K 20 -18.39 20.48 -25.68
CA ARG K 20 -18.60 20.28 -27.11
C ARG K 20 -19.93 19.57 -27.38
N ASN K 21 -20.23 18.56 -26.57
CA ASN K 21 -21.47 17.81 -26.67
C ASN K 21 -22.68 18.73 -26.50
N VAL K 22 -22.62 19.58 -25.48
CA VAL K 22 -23.64 20.59 -25.26
C VAL K 22 -23.74 21.58 -26.41
N ALA K 23 -22.61 21.85 -27.06
CA ALA K 23 -22.53 22.83 -28.15
C ALA K 23 -23.32 22.41 -29.40
N GLU K 24 -23.16 21.15 -29.80
CA GLU K 24 -23.90 20.64 -30.97
C GLU K 24 -25.38 20.48 -30.62
N ARG K 25 -25.67 20.19 -29.36
CA ARG K 25 -27.05 20.15 -28.88
C ARG K 25 -27.70 21.53 -29.04
N ILE K 26 -26.95 22.57 -28.70
CA ILE K 26 -27.37 23.94 -28.92
C ILE K 26 -27.55 24.21 -30.42
N VAL K 27 -26.59 23.76 -31.21
CA VAL K 27 -26.62 23.97 -32.66
C VAL K 27 -27.76 23.17 -33.30
N ALA K 28 -27.94 21.93 -32.84
CA ALA K 28 -29.05 21.08 -33.29
C ALA K 28 -30.41 21.70 -32.96
N THR K 29 -30.50 22.39 -31.82
CA THR K 29 -31.72 23.09 -31.43
C THR K 29 -32.03 24.25 -32.39
N LYS K 30 -31.00 25.00 -32.79
CA LYS K 30 -31.18 26.04 -33.80
C LYS K 30 -31.64 25.44 -35.12
N LYS K 31 -30.96 24.37 -35.55
CA LYS K 31 -31.27 23.69 -36.80
C LYS K 31 -32.75 23.28 -36.92
N ALA K 32 -33.39 22.96 -35.79
CA ALA K 32 -34.79 22.56 -35.79
C ALA K 32 -35.77 23.73 -36.05
N GLY K 33 -35.23 24.92 -36.29
CA GLY K 33 -36.04 26.09 -36.65
C GLY K 33 -36.36 26.98 -35.46
N ASN K 34 -35.44 27.03 -34.50
CA ASN K 34 -35.61 27.82 -33.28
C ASN K 34 -34.58 28.93 -33.17
N ASP K 35 -34.99 30.05 -32.59
CA ASP K 35 -34.06 31.07 -32.11
C ASP K 35 -33.61 30.64 -30.72
N VAL K 36 -32.30 30.65 -30.49
CA VAL K 36 -31.72 30.00 -29.31
C VAL K 36 -30.94 30.96 -28.42
N VAL K 37 -31.30 31.02 -27.14
CA VAL K 37 -30.54 31.75 -26.14
C VAL K 37 -30.02 30.78 -25.08
N VAL K 38 -28.70 30.79 -24.88
CA VAL K 38 -28.05 29.90 -23.92
C VAL K 38 -27.58 30.71 -22.71
N VAL K 39 -27.80 30.13 -21.52
CA VAL K 39 -27.28 30.71 -20.27
C VAL K 39 -26.40 29.66 -19.61
N CYS K 40 -25.21 30.07 -19.15
CA CYS K 40 -24.23 29.11 -18.62
C CYS K 40 -23.88 29.35 -17.16
N SER K 41 -23.85 28.27 -16.38
CA SER K 41 -23.21 28.30 -15.08
C SER K 41 -21.71 28.14 -15.29
N ALA K 42 -20.94 28.42 -14.25
CA ALA K 42 -19.51 28.13 -14.25
C ALA K 42 -19.30 26.62 -14.37
N MET K 43 -18.15 26.21 -14.87
CA MET K 43 -17.87 24.80 -15.09
C MET K 43 -17.81 24.08 -13.75
N GLY K 44 -18.55 22.97 -13.65
CA GLY K 44 -18.53 22.15 -12.45
C GLY K 44 -18.76 22.93 -11.18
N ASP K 45 -17.91 22.69 -10.17
CA ASP K 45 -18.02 23.36 -8.87
C ASP K 45 -17.19 24.64 -8.79
N THR K 46 -16.84 25.22 -9.94
CA THR K 46 -16.06 26.46 -9.99
C THR K 46 -16.67 27.54 -9.11
N THR K 47 -17.99 27.62 -9.06
CA THR K 47 -18.68 28.64 -8.26
C THR K 47 -18.45 28.44 -6.76
N ASP K 48 -18.79 27.27 -6.24
CA ASP K 48 -18.58 26.99 -4.81
C ASP K 48 -17.12 27.22 -4.43
N GLU K 49 -16.20 26.79 -5.28
CA GLU K 49 -14.76 27.00 -5.05
C GLU K 49 -14.41 28.49 -4.98
N LEU K 50 -15.03 29.29 -5.85
CA LEU K 50 -14.81 30.73 -5.84
C LEU K 50 -15.40 31.39 -4.59
N LEU K 51 -16.58 30.96 -4.17
CA LEU K 51 -17.18 31.44 -2.93
C LEU K 51 -16.30 31.11 -1.72
N GLU K 52 -15.68 29.94 -1.75
CA GLU K 52 -14.77 29.51 -0.68
C GLU K 52 -13.52 30.41 -0.65
N LEU K 53 -12.92 30.66 -1.81
CA LEU K 53 -11.77 31.56 -1.92
C LEU K 53 -12.12 32.99 -1.53
N ALA K 54 -13.36 33.40 -1.84
CA ALA K 54 -13.82 34.75 -1.50
C ALA K 54 -13.87 34.94 0.01
N ALA K 55 -14.44 33.97 0.71
CA ALA K 55 -14.58 34.03 2.16
C ALA K 55 -13.22 33.96 2.87
N ALA K 56 -12.32 33.16 2.31
CA ALA K 56 -10.97 33.00 2.86
C ALA K 56 -10.20 34.31 2.75
N VAL K 57 -10.20 34.88 1.55
CA VAL K 57 -9.47 36.12 1.27
C VAL K 57 -10.08 37.34 1.96
N ASN K 58 -11.38 37.28 2.24
CA ASN K 58 -12.08 38.39 2.88
C ASN K 58 -13.39 37.93 3.52
N PRO K 59 -13.48 38.00 4.86
CA PRO K 59 -14.77 37.75 5.49
C PRO K 59 -15.70 38.93 5.23
N VAL K 60 -16.89 38.67 4.69
CA VAL K 60 -17.75 39.72 4.16
C VAL K 60 -17.12 40.34 2.90
N PRO K 61 -17.08 39.57 1.79
CA PRO K 61 -16.57 40.09 0.53
C PRO K 61 -17.44 41.23 -0.01
N PRO K 62 -16.82 42.35 -0.45
CA PRO K 62 -17.60 43.45 -1.01
C PRO K 62 -18.48 43.03 -2.17
N ALA K 63 -19.57 43.77 -2.40
CA ALA K 63 -20.52 43.47 -3.46
C ALA K 63 -19.90 43.56 -4.86
N ARG K 64 -19.22 44.68 -5.13
CA ARG K 64 -18.62 44.93 -6.44
C ARG K 64 -17.69 43.78 -6.85
N GLU K 65 -16.77 43.44 -5.95
CA GLU K 65 -15.75 42.42 -6.24
C GLU K 65 -16.33 41.00 -6.28
N MET K 66 -17.39 40.77 -5.50
CA MET K 66 -18.06 39.46 -5.51
C MET K 66 -18.76 39.24 -6.84
N ASP K 67 -19.37 40.29 -7.39
CA ASP K 67 -20.01 40.21 -8.69
C ASP K 67 -18.94 39.90 -9.73
N MET K 68 -17.85 40.65 -9.70
CA MET K 68 -16.70 40.46 -10.60
C MET K 68 -16.17 39.02 -10.55
N LEU K 69 -15.99 38.49 -9.34
CA LEU K 69 -15.46 37.14 -9.15
C LEU K 69 -16.36 36.11 -9.83
N LEU K 70 -17.63 36.10 -9.46
CA LEU K 70 -18.57 35.10 -9.93
C LEU K 70 -18.86 35.24 -11.43
N THR K 71 -19.04 36.48 -11.88
CA THR K 71 -19.28 36.73 -13.30
C THR K 71 -18.08 36.22 -14.11
N ALA K 72 -16.87 36.36 -13.56
CA ALA K 72 -15.65 35.88 -14.21
C ALA K 72 -15.72 34.38 -14.45
N GLY K 73 -16.05 33.63 -13.41
CA GLY K 73 -16.13 32.17 -13.48
C GLY K 73 -17.15 31.67 -14.50
N GLU K 74 -18.21 32.45 -14.69
CA GLU K 74 -19.25 32.11 -15.65
C GLU K 74 -18.87 32.50 -17.07
N ARG K 75 -17.99 33.48 -17.23
CA ARG K 75 -17.49 33.88 -18.55
C ARG K 75 -16.55 32.82 -19.14
N ILE K 76 -15.93 32.01 -18.28
CA ILE K 76 -15.07 30.92 -18.73
C ILE K 76 -15.90 29.88 -19.50
N SER K 77 -17.02 29.47 -18.91
CA SER K 77 -17.97 28.58 -19.59
C SER K 77 -18.52 29.24 -20.83
N ASN K 78 -18.93 30.50 -20.67
CA ASN K 78 -19.43 31.31 -21.77
C ASN K 78 -18.48 31.25 -22.98
N ALA K 79 -17.20 31.47 -22.73
CA ALA K 79 -16.20 31.50 -23.79
C ALA K 79 -15.97 30.12 -24.40
N LEU K 80 -15.94 29.09 -23.57
CA LEU K 80 -15.74 27.71 -24.04
C LEU K 80 -16.94 27.20 -24.85
N VAL K 81 -18.15 27.58 -24.44
CA VAL K 81 -19.36 27.15 -25.14
C VAL K 81 -19.46 27.83 -26.50
N ALA K 82 -19.14 29.12 -26.54
CA ALA K 82 -19.15 29.88 -27.79
C ALA K 82 -18.14 29.31 -28.80
N MET K 83 -16.92 29.05 -28.34
CA MET K 83 -15.87 28.45 -29.18
C MET K 83 -16.30 27.13 -29.80
N ALA K 84 -16.87 26.25 -28.97
CA ALA K 84 -17.40 24.96 -29.44
C ALA K 84 -18.52 25.16 -30.45
N ILE K 85 -19.45 26.06 -30.13
CA ILE K 85 -20.56 26.42 -31.02
C ILE K 85 -20.07 26.99 -32.36
N GLU K 86 -19.05 27.83 -32.31
CA GLU K 86 -18.47 28.44 -33.52
C GLU K 86 -17.85 27.39 -34.43
N SER K 87 -17.19 26.40 -33.82
CA SER K 87 -16.55 25.32 -34.57
C SER K 87 -17.57 24.43 -35.29
N LEU K 88 -18.80 24.40 -34.78
CA LEU K 88 -19.88 23.61 -35.38
C LEU K 88 -20.69 24.39 -36.40
N GLY K 89 -20.22 25.60 -36.74
CA GLY K 89 -20.84 26.40 -37.81
C GLY K 89 -21.80 27.47 -37.34
N ALA K 90 -22.02 27.57 -36.04
CA ALA K 90 -22.92 28.60 -35.48
C ALA K 90 -22.20 29.93 -35.34
N GLU K 91 -22.99 30.99 -35.17
CA GLU K 91 -22.47 32.36 -35.07
C GLU K 91 -22.86 32.90 -33.70
N ALA K 92 -21.88 32.98 -32.80
CA ALA K 92 -22.16 33.27 -31.38
C ALA K 92 -22.07 34.76 -31.05
N GLN K 93 -22.87 35.18 -30.06
CA GLN K 93 -22.85 36.54 -29.55
C GLN K 93 -23.06 36.51 -28.03
N SER K 94 -22.09 37.00 -27.26
CA SER K 94 -22.11 36.87 -25.81
C SER K 94 -22.63 38.12 -25.08
N PHE K 95 -23.35 37.89 -23.99
CA PHE K 95 -23.88 38.94 -23.11
C PHE K 95 -23.74 38.51 -21.65
N THR K 96 -23.40 39.46 -20.77
CA THR K 96 -23.53 39.23 -19.33
C THR K 96 -24.98 39.46 -18.91
N GLY K 97 -25.30 39.11 -17.66
CA GLY K 97 -26.66 39.27 -17.12
C GLY K 97 -27.22 40.67 -17.26
N SER K 98 -26.39 41.67 -16.96
CA SER K 98 -26.77 43.09 -17.07
C SER K 98 -26.81 43.56 -18.52
N GLN K 99 -25.86 43.09 -19.33
CA GLN K 99 -25.86 43.39 -20.77
C GLN K 99 -27.10 42.82 -21.44
N ALA K 100 -27.51 41.62 -21.02
CA ALA K 100 -28.74 41.00 -21.49
C ALA K 100 -29.93 41.94 -21.32
N GLY K 101 -29.94 42.68 -20.21
CA GLY K 101 -30.98 43.64 -19.90
C GLY K 101 -31.82 43.26 -18.70
N VAL K 102 -31.27 42.40 -17.84
CA VAL K 102 -31.97 41.94 -16.63
C VAL K 102 -31.88 43.02 -15.54
N LEU K 103 -32.81 43.96 -15.57
CA LEU K 103 -32.84 45.08 -14.61
C LEU K 103 -33.42 44.63 -13.27
N THR K 104 -34.70 44.94 -13.02
CA THR K 104 -35.35 44.63 -11.75
C THR K 104 -36.87 44.52 -11.91
N VAL K 116 -38.22 42.96 -17.57
CA VAL K 116 -37.96 42.41 -18.90
C VAL K 116 -36.80 43.16 -19.56
N THR K 117 -37.11 44.17 -20.36
CA THR K 117 -36.12 45.04 -21.04
C THR K 117 -34.89 44.30 -21.61
N PRO K 118 -35.10 43.37 -22.57
CA PRO K 118 -34.00 42.60 -23.17
C PRO K 118 -33.50 43.24 -24.46
N GLY K 119 -32.53 44.16 -24.33
CA GLY K 119 -32.11 45.03 -25.43
C GLY K 119 -31.62 44.37 -26.69
N ARG K 120 -30.31 44.15 -26.78
CA ARG K 120 -29.66 43.72 -28.02
C ARG K 120 -29.73 42.22 -28.29
N VAL K 121 -30.26 41.43 -27.36
CA VAL K 121 -30.43 39.98 -27.57
C VAL K 121 -31.51 39.71 -28.62
N ARG K 122 -32.55 40.53 -28.63
CA ARG K 122 -33.59 40.48 -29.65
C ARG K 122 -32.96 40.74 -31.03
N GLU K 123 -32.05 41.70 -31.05
CA GLU K 123 -31.37 42.13 -32.28
C GLU K 123 -30.43 41.04 -32.81
N ALA K 124 -29.65 40.42 -31.91
CA ALA K 124 -28.71 39.36 -32.28
C ALA K 124 -29.42 38.13 -32.82
N LEU K 125 -30.57 37.80 -32.21
CA LEU K 125 -31.38 36.67 -32.66
C LEU K 125 -31.98 36.93 -34.04
N ASP K 126 -32.29 38.20 -34.34
CA ASP K 126 -32.72 38.60 -35.69
C ASP K 126 -31.60 38.42 -36.71
N GLU K 127 -30.38 38.79 -36.31
CA GLU K 127 -29.21 38.60 -37.17
C GLU K 127 -28.79 37.13 -37.31
N GLY K 128 -29.55 36.22 -36.69
CA GLY K 128 -29.32 34.78 -36.82
C GLY K 128 -28.56 34.17 -35.65
N LYS K 129 -27.89 35.00 -34.87
CA LYS K 129 -26.88 34.53 -33.91
C LYS K 129 -27.47 33.76 -32.71
N ILE K 130 -26.70 32.80 -32.22
CA ILE K 130 -27.02 32.08 -30.99
C ILE K 130 -26.47 32.86 -29.82
N CYS K 131 -27.35 33.46 -29.02
CA CYS K 131 -26.94 34.32 -27.92
C CYS K 131 -26.58 33.52 -26.67
N ILE K 132 -25.41 33.82 -26.09
CA ILE K 132 -24.97 33.18 -24.86
C ILE K 132 -24.89 34.20 -23.73
N VAL K 133 -25.55 33.89 -22.61
CA VAL K 133 -25.53 34.74 -21.43
C VAL K 133 -24.81 34.01 -20.28
N ALA K 134 -24.22 34.75 -19.34
CA ALA K 134 -23.46 34.10 -18.26
C ALA K 134 -23.27 34.92 -16.98
N GLY K 135 -22.84 36.18 -17.14
CA GLY K 135 -22.40 37.00 -16.00
C GLY K 135 -23.45 37.44 -14.99
N PHE K 136 -23.95 36.50 -14.20
CA PHE K 136 -24.87 36.80 -13.09
C PHE K 136 -24.41 36.13 -11.80
N ARG K 151 -31.06 34.11 -4.95
CA ARG K 151 -30.71 35.13 -5.95
C ARG K 151 -31.73 35.21 -7.11
N GLY K 152 -31.92 34.15 -7.89
CA GLY K 152 -31.29 32.82 -7.73
C GLY K 152 -30.35 32.39 -8.86
N GLY K 153 -29.57 33.33 -9.39
CA GLY K 153 -28.45 33.02 -10.29
C GLY K 153 -28.81 32.89 -11.76
N SER K 154 -28.08 32.04 -12.47
CA SER K 154 -28.27 31.84 -13.90
C SER K 154 -29.55 31.08 -14.24
N ASP K 155 -30.15 30.42 -13.24
CA ASP K 155 -31.45 29.77 -13.43
C ASP K 155 -32.55 30.82 -13.56
N THR K 156 -32.53 31.82 -12.69
CA THR K 156 -33.49 32.92 -12.76
C THR K 156 -33.19 33.86 -13.92
N THR K 157 -31.91 34.05 -14.23
CA THR K 157 -31.51 34.81 -15.41
C THR K 157 -32.17 34.21 -16.65
N ALA K 158 -32.17 32.87 -16.72
CA ALA K 158 -32.75 32.15 -17.84
C ALA K 158 -34.24 32.42 -18.01
N VAL K 159 -35.02 32.24 -16.95
CA VAL K 159 -36.48 32.37 -17.03
C VAL K 159 -36.93 33.82 -17.21
N ALA K 160 -36.15 34.77 -16.68
CA ALA K 160 -36.44 36.19 -16.83
C ALA K 160 -36.31 36.61 -18.29
N LEU K 161 -35.20 36.21 -18.91
CA LEU K 161 -35.01 36.39 -20.35
C LEU K 161 -36.13 35.68 -21.12
N ALA K 162 -36.36 34.41 -20.77
CA ALA K 162 -37.43 33.62 -21.41
C ALA K 162 -38.81 34.27 -21.30
N ALA K 163 -39.05 34.96 -20.19
CA ALA K 163 -40.30 35.71 -20.00
C ALA K 163 -40.34 36.95 -20.89
N ALA K 164 -39.23 37.69 -20.89
CA ALA K 164 -39.13 38.95 -21.65
C ALA K 164 -39.19 38.72 -23.15
N LEU K 165 -38.52 37.68 -23.62
CA LEU K 165 -38.48 37.35 -25.04
C LEU K 165 -39.72 36.58 -25.49
N ASN K 166 -40.51 36.10 -24.52
CA ASN K 166 -41.71 35.33 -24.79
C ASN K 166 -41.38 33.98 -25.44
N ALA K 167 -40.42 33.29 -24.84
CA ALA K 167 -39.94 32.00 -25.35
C ALA K 167 -40.99 30.91 -25.15
N ASP K 168 -41.04 29.96 -26.08
CA ASP K 168 -41.95 28.82 -25.97
C ASP K 168 -41.57 27.92 -24.79
N VAL K 169 -40.29 27.89 -24.43
CA VAL K 169 -39.83 27.06 -23.33
C VAL K 169 -38.44 27.47 -22.83
N CYS K 170 -38.23 27.30 -21.53
CA CYS K 170 -36.91 27.46 -20.93
C CYS K 170 -36.46 26.11 -20.44
N GLU K 171 -35.38 25.59 -21.03
CA GLU K 171 -34.88 24.27 -20.69
C GLU K 171 -33.77 24.37 -19.66
N ILE K 172 -33.89 23.59 -18.59
CA ILE K 172 -32.87 23.53 -17.54
C ILE K 172 -32.14 22.19 -17.65
N TYR K 173 -30.87 22.25 -18.01
CA TYR K 173 -30.06 21.06 -18.27
C TYR K 173 -29.11 20.79 -17.11
N SER K 174 -29.00 19.52 -16.74
CA SER K 174 -28.06 19.06 -15.71
C SER K 174 -27.77 17.58 -15.97
N ASP K 175 -27.38 16.82 -14.95
CA ASP K 175 -27.33 15.36 -15.05
C ASP K 175 -28.62 14.71 -14.55
N VAL K 176 -29.53 15.52 -14.00
CA VAL K 176 -30.87 15.07 -13.65
C VAL K 176 -31.73 15.08 -14.92
N ASP K 177 -32.26 13.91 -15.29
CA ASP K 177 -33.01 13.75 -16.53
C ASP K 177 -34.51 14.01 -16.40
N GLY K 178 -34.96 14.46 -15.22
CA GLY K 178 -36.36 14.81 -15.02
C GLY K 178 -36.74 14.85 -13.55
N VAL K 179 -37.99 15.22 -13.28
CA VAL K 179 -38.55 15.15 -11.94
C VAL K 179 -39.25 13.80 -11.77
N TYR K 180 -39.10 13.20 -10.59
CA TYR K 180 -39.61 11.85 -10.33
C TYR K 180 -40.65 11.83 -9.22
N THR K 181 -41.50 10.81 -9.24
CA THR K 181 -42.56 10.64 -8.23
C THR K 181 -42.00 10.40 -6.81
N ALA K 182 -40.71 10.07 -6.74
CA ALA K 182 -40.00 9.91 -5.48
C ALA K 182 -38.51 9.88 -5.74
N ASP K 183 -37.70 9.96 -4.69
CA ASP K 183 -36.26 9.78 -4.78
C ASP K 183 -36.02 8.31 -5.11
N PRO K 184 -35.56 8.01 -6.35
CA PRO K 184 -35.41 6.60 -6.75
C PRO K 184 -34.46 5.80 -5.87
N ARG K 185 -33.55 6.50 -5.17
CA ARG K 185 -32.68 5.86 -4.19
C ARG K 185 -33.49 5.28 -3.03
N ILE K 186 -34.49 6.01 -2.58
CA ILE K 186 -35.36 5.57 -1.48
C ILE K 186 -36.46 4.63 -1.98
N VAL K 187 -37.10 4.98 -3.08
CA VAL K 187 -38.23 4.23 -3.63
C VAL K 187 -37.88 3.61 -5.00
N PRO K 188 -37.62 2.30 -5.04
CA PRO K 188 -37.27 1.60 -6.28
C PRO K 188 -38.31 1.75 -7.40
N ASN K 189 -39.60 1.75 -7.02
CA ASN K 189 -40.69 1.79 -7.99
C ASN K 189 -41.00 3.20 -8.51
N ALA K 190 -40.14 4.16 -8.17
CA ALA K 190 -40.34 5.56 -8.58
C ALA K 190 -40.27 5.70 -10.10
N GLN K 191 -41.04 6.64 -10.63
CA GLN K 191 -41.17 6.83 -12.07
C GLN K 191 -41.05 8.31 -12.45
N LYS K 192 -40.60 8.53 -13.68
CA LYS K 192 -40.45 9.88 -14.21
C LYS K 192 -41.80 10.38 -14.72
N LEU K 193 -42.19 11.59 -14.33
CA LEU K 193 -43.44 12.17 -14.82
C LEU K 193 -43.15 13.08 -16.01
N GLU K 194 -44.08 13.10 -16.96
CA GLU K 194 -43.89 13.84 -18.21
C GLU K 194 -44.25 15.30 -18.04
N LYS K 195 -45.25 15.57 -17.20
CA LYS K 195 -45.81 16.89 -17.06
C LYS K 195 -46.29 17.14 -15.62
N LEU K 196 -46.18 18.39 -15.18
CA LEU K 196 -46.84 18.85 -13.97
C LEU K 196 -47.00 20.36 -14.02
N SER K 197 -47.86 20.89 -13.15
CA SER K 197 -48.10 22.33 -13.10
C SER K 197 -46.96 23.04 -12.38
N PHE K 198 -46.89 24.36 -12.55
CA PHE K 198 -45.92 25.18 -11.83
C PHE K 198 -46.08 25.01 -10.32
N GLU K 199 -47.33 25.01 -9.86
CA GLU K 199 -47.64 24.92 -8.43
C GLU K 199 -47.16 23.59 -7.86
N GLU K 200 -47.50 22.51 -8.54
CA GLU K 200 -47.08 21.17 -8.12
C GLU K 200 -45.56 21.01 -8.07
N MET K 201 -44.85 21.72 -8.94
CA MET K 201 -43.39 21.72 -8.92
C MET K 201 -42.87 22.52 -7.73
N LEU K 202 -43.45 23.71 -7.52
CA LEU K 202 -43.06 24.57 -6.41
C LEU K 202 -43.18 23.84 -5.07
N GLU K 203 -44.28 23.11 -4.89
CA GLU K 203 -44.55 22.42 -3.64
C GLU K 203 -43.55 21.30 -3.35
N LEU K 204 -43.26 20.50 -4.38
CA LEU K 204 -42.29 19.41 -4.24
C LEU K 204 -40.89 19.93 -3.90
N ALA K 205 -40.48 20.98 -4.60
CA ALA K 205 -39.19 21.62 -4.33
C ALA K 205 -39.16 22.24 -2.94
N ALA K 206 -40.30 22.77 -2.50
CA ALA K 206 -40.38 23.52 -1.25
C ALA K 206 -40.29 22.65 0.01
N VAL K 207 -40.57 21.35 -0.13
CA VAL K 207 -40.51 20.42 1.00
C VAL K 207 -39.61 19.21 0.76
N GLY K 208 -38.92 19.19 -0.37
CA GLY K 208 -38.02 18.09 -0.71
C GLY K 208 -36.70 18.61 -1.22
N SER K 209 -35.89 17.73 -1.79
CA SER K 209 -34.61 18.13 -2.38
C SER K 209 -34.87 19.07 -3.56
N LYS K 210 -34.15 20.19 -3.58
CA LYS K 210 -34.32 21.18 -4.63
C LYS K 210 -33.71 20.67 -5.93
N ILE K 211 -34.58 20.35 -6.88
CA ILE K 211 -34.17 19.93 -8.20
C ILE K 211 -33.94 21.19 -9.02
N LEU K 212 -34.92 22.09 -8.96
CA LEU K 212 -34.84 23.38 -9.62
C LEU K 212 -34.61 24.44 -8.54
N VAL K 213 -34.16 25.63 -8.96
CA VAL K 213 -34.09 26.77 -8.05
C VAL K 213 -35.51 27.31 -7.88
N LEU K 214 -35.92 27.49 -6.63
CA LEU K 214 -37.31 27.75 -6.29
C LEU K 214 -37.79 29.08 -6.84
N ARG K 215 -36.93 30.10 -6.78
CA ARG K 215 -37.24 31.42 -7.32
C ARG K 215 -37.43 31.36 -8.84
N SER K 216 -36.68 30.50 -9.51
CA SER K 216 -36.82 30.34 -10.96
C SER K 216 -38.20 29.86 -11.35
N VAL K 217 -38.74 28.92 -10.59
CA VAL K 217 -40.05 28.32 -10.90
C VAL K 217 -41.18 29.32 -10.64
N GLU K 218 -41.10 30.02 -9.50
CA GLU K 218 -42.08 31.04 -9.14
C GLU K 218 -42.13 32.16 -10.18
N TYR K 219 -40.96 32.60 -10.62
CA TYR K 219 -40.85 33.61 -11.68
C TYR K 219 -41.48 33.07 -12.97
N ALA K 220 -41.23 31.79 -13.25
CA ALA K 220 -41.80 31.13 -14.42
C ALA K 220 -43.32 31.05 -14.33
N ARG K 221 -43.81 30.82 -13.12
CA ARG K 221 -45.26 30.74 -12.87
C ARG K 221 -45.93 32.10 -13.13
N ALA K 222 -45.31 33.17 -12.65
CA ALA K 222 -45.87 34.51 -12.76
C ALA K 222 -46.02 34.94 -14.22
N PHE K 223 -45.02 34.62 -15.05
CA PHE K 223 -45.01 35.00 -16.47
C PHE K 223 -45.51 33.89 -17.40
N ASN K 224 -45.91 32.75 -16.83
CA ASN K 224 -46.37 31.60 -17.60
C ASN K 224 -45.31 31.18 -18.62
N VAL K 225 -44.11 30.88 -18.12
CA VAL K 225 -42.99 30.46 -18.95
C VAL K 225 -42.78 28.95 -18.77
N PRO K 226 -43.08 28.14 -19.80
CA PRO K 226 -42.91 26.69 -19.68
C PRO K 226 -41.45 26.29 -19.43
N LEU K 227 -41.25 25.36 -18.49
CA LEU K 227 -39.93 24.84 -18.16
C LEU K 227 -39.84 23.37 -18.51
N ARG K 228 -38.63 22.91 -18.82
CA ARG K 228 -38.37 21.49 -19.05
C ARG K 228 -37.09 21.09 -18.34
N VAL K 229 -37.17 20.05 -17.52
CA VAL K 229 -36.02 19.55 -16.77
C VAL K 229 -35.54 18.27 -17.44
N ARG K 230 -34.38 18.34 -18.09
CA ARG K 230 -33.87 17.22 -18.88
C ARG K 230 -32.36 17.08 -18.75
N SER K 231 -31.85 15.88 -19.00
CA SER K 231 -30.42 15.61 -18.87
C SER K 231 -29.70 15.98 -20.14
N SER K 232 -28.55 16.64 -19.99
CA SER K 232 -27.70 16.96 -21.13
C SER K 232 -26.85 15.76 -21.54
N TYR K 233 -26.97 14.65 -20.79
CA TYR K 233 -26.28 13.40 -21.10
C TYR K 233 -27.17 12.35 -21.77
N SER K 234 -28.47 12.64 -21.91
CA SER K 234 -29.43 11.69 -22.47
C SER K 234 -29.76 12.02 -23.92
N ASP K 236 -33.64 11.95 -24.04
CA ASP K 236 -34.85 11.90 -23.21
C ASP K 236 -35.43 13.32 -23.06
N PRO K 237 -36.72 13.50 -23.35
CA PRO K 237 -37.31 14.84 -23.31
C PRO K 237 -37.52 15.41 -21.91
N GLY K 238 -37.37 14.59 -20.87
CA GLY K 238 -37.42 15.08 -19.50
C GLY K 238 -38.84 15.30 -19.01
N THR K 239 -39.03 16.32 -18.18
CA THR K 239 -40.31 16.61 -17.54
C THR K 239 -40.71 18.06 -17.78
N LEU K 240 -41.97 18.28 -18.11
CA LEU K 240 -42.47 19.62 -18.46
C LEU K 240 -43.15 20.28 -17.26
N ILE K 241 -42.90 21.57 -17.08
CA ILE K 241 -43.60 22.38 -16.09
C ILE K 241 -44.29 23.51 -16.85
N ALA K 242 -45.58 23.35 -17.15
CA ALA K 242 -46.27 24.26 -18.08
C ALA K 242 -47.66 24.74 -17.63
N GLY K 243 -48.43 23.87 -16.98
CA GLY K 243 -49.80 24.18 -16.63
C GLY K 243 -49.96 24.96 -15.32
N SER K 244 -51.16 25.50 -15.12
CA SER K 244 -51.59 26.01 -13.82
C SER K 244 -52.59 25.01 -13.24
N MET K 245 -52.45 24.69 -11.96
CA MET K 245 -53.37 23.75 -11.30
C MET K 245 -54.81 24.25 -11.28
N GLU K 246 -54.99 25.57 -11.31
CA GLU K 246 -56.33 26.16 -11.35
C GLU K 246 -57.05 25.87 -12.67
N ASP K 247 -56.28 25.59 -13.73
CA ASP K 247 -56.84 25.29 -15.06
C ASP K 247 -57.00 23.79 -15.34
N ILE K 248 -56.34 22.93 -14.58
CA ILE K 248 -56.50 21.47 -14.75
C ILE K 248 -57.84 21.02 -14.17
N PRO K 249 -58.71 20.38 -15.00
CA PRO K 249 -60.03 19.96 -14.52
C PRO K 249 -60.00 18.95 -13.38
N VAL K 250 -60.95 19.09 -12.45
CA VAL K 250 -61.02 18.26 -11.23
C VAL K 250 -60.99 16.75 -11.51
N GLU K 251 -61.67 16.33 -12.57
CA GLU K 251 -61.77 14.92 -12.94
C GLU K 251 -60.45 14.42 -13.55
N GLU K 252 -59.65 15.34 -14.08
CA GLU K 252 -58.39 15.02 -14.76
C GLU K 252 -57.20 15.07 -13.81
N ALA K 253 -57.32 15.82 -12.71
CA ALA K 253 -56.21 16.05 -11.76
C ALA K 253 -55.64 14.76 -11.17
N VAL K 254 -54.39 14.83 -10.72
CA VAL K 254 -53.64 13.66 -10.28
C VAL K 254 -52.64 13.99 -9.17
N LEU K 255 -52.35 13.03 -8.31
CA LEU K 255 -51.27 13.13 -7.34
C LEU K 255 -49.95 12.96 -8.10
N THR K 256 -49.02 13.92 -7.94
CA THR K 256 -47.86 13.99 -8.80
C THR K 256 -46.59 13.34 -8.22
N GLY K 257 -46.35 13.51 -6.93
CA GLY K 257 -45.15 12.93 -6.32
C GLY K 257 -45.01 13.04 -4.81
N VAL K 258 -44.01 12.35 -4.29
CA VAL K 258 -43.68 12.35 -2.86
C VAL K 258 -42.31 13.02 -2.65
N ALA K 259 -42.14 13.72 -1.53
CA ALA K 259 -40.91 14.43 -1.22
C ALA K 259 -40.44 14.14 0.21
N THR K 260 -39.12 14.17 0.41
CA THR K 260 -38.52 13.86 1.70
C THR K 260 -37.43 14.86 2.09
N ASP K 261 -37.23 15.03 3.40
CA ASP K 261 -36.18 15.90 3.93
C ASP K 261 -35.65 15.36 5.25
N LYS K 262 -34.34 15.06 5.28
CA LYS K 262 -33.66 14.60 6.50
C LYS K 262 -32.57 15.60 6.93
N SER K 263 -32.61 16.80 6.37
CA SER K 263 -31.56 17.81 6.59
C SER K 263 -31.92 18.85 7.66
N GLU K 264 -33.00 18.63 8.40
CA GLU K 264 -33.55 19.66 9.27
C GLU K 264 -33.66 19.31 10.75
N ALA K 265 -33.50 20.33 11.57
CA ALA K 265 -33.77 20.26 12.99
C ALA K 265 -35.14 20.88 13.22
N LYS K 266 -35.72 20.60 14.38
CA LYS K 266 -37.05 21.06 14.75
C LYS K 266 -36.96 21.70 16.11
N VAL K 267 -37.34 22.97 16.19
CA VAL K 267 -37.34 23.71 17.45
C VAL K 267 -38.79 24.00 17.85
N THR K 268 -39.07 23.93 19.14
CA THR K 268 -40.41 24.21 19.65
C THR K 268 -40.33 25.13 20.86
N VAL K 269 -40.90 26.32 20.72
CA VAL K 269 -41.00 27.28 21.82
C VAL K 269 -42.37 27.07 22.45
N LEU K 270 -42.37 26.66 23.72
CA LEU K 270 -43.61 26.31 24.45
C LEU K 270 -44.07 27.40 25.40
N GLY K 271 -45.39 27.50 25.58
CA GLY K 271 -45.97 28.42 26.55
C GLY K 271 -45.81 29.88 26.18
N ILE K 272 -46.09 30.19 24.92
CA ILE K 272 -46.09 31.57 24.44
C ILE K 272 -47.51 32.11 24.56
N SER K 273 -47.66 33.28 25.17
CA SER K 273 -48.98 33.89 25.35
C SER K 273 -49.54 34.36 24.02
N ASP K 274 -50.84 34.12 23.82
CA ASP K 274 -51.49 34.39 22.54
C ASP K 274 -51.94 35.85 22.45
N LYS K 275 -50.97 36.76 22.40
CA LYS K 275 -51.21 38.18 22.21
C LYS K 275 -50.31 38.66 21.08
N PRO K 276 -50.69 39.78 20.42
CA PRO K 276 -49.89 40.30 19.30
C PRO K 276 -48.42 40.57 19.65
N GLY K 277 -47.54 40.46 18.67
CA GLY K 277 -46.13 40.79 18.83
C GLY K 277 -45.22 39.66 19.29
N GLU K 278 -45.79 38.67 19.96
CA GLU K 278 -45.00 37.56 20.51
C GLU K 278 -44.32 36.71 19.43
N ALA K 279 -45.04 36.46 18.34
CA ALA K 279 -44.44 35.84 17.16
C ALA K 279 -43.26 36.67 16.64
N ALA K 280 -43.44 38.00 16.64
CA ALA K 280 -42.38 38.92 16.25
C ALA K 280 -41.12 38.74 17.10
N LYS K 281 -41.32 38.60 18.42
CA LYS K 281 -40.20 38.40 19.36
C LYS K 281 -39.37 37.16 19.01
N VAL K 282 -40.05 36.07 18.66
CA VAL K 282 -39.39 34.82 18.33
C VAL K 282 -38.57 34.92 17.05
N PHE K 283 -39.20 35.37 15.96
CA PHE K 283 -38.58 35.34 14.63
C PHE K 283 -37.66 36.52 14.34
N ARG K 284 -37.81 37.62 15.06
CA ARG K 284 -36.85 38.73 14.97
C ARG K 284 -35.50 38.22 15.47
N ALA K 285 -35.50 37.69 16.69
CA ALA K 285 -34.30 37.08 17.28
C ALA K 285 -33.63 36.10 16.33
N LEU K 286 -34.43 35.29 15.64
CA LEU K 286 -33.90 34.31 14.69
C LEU K 286 -33.40 34.96 13.41
N ALA K 287 -34.16 35.93 12.89
CA ALA K 287 -33.77 36.67 11.70
C ALA K 287 -32.45 37.42 11.90
N ASP K 288 -32.31 38.09 13.04
CA ASP K 288 -31.06 38.79 13.37
C ASP K 288 -29.88 37.82 13.51
N ALA K 289 -30.15 36.58 13.91
CA ALA K 289 -29.12 35.55 14.06
C ALA K 289 -28.86 34.77 12.78
N GLU K 290 -29.63 35.07 11.73
CA GLU K 290 -29.48 34.45 10.41
C GLU K 290 -29.86 32.96 10.36
N ILE K 291 -30.74 32.53 11.26
CA ILE K 291 -31.25 31.17 11.24
C ILE K 291 -32.25 31.02 10.10
N ASN K 292 -31.95 30.14 9.15
CA ASN K 292 -32.87 29.85 8.03
C ASN K 292 -34.09 29.07 8.51
N ILE K 293 -35.29 29.57 8.22
CA ILE K 293 -36.51 28.89 8.65
C ILE K 293 -37.22 28.22 7.47
N ASP K 294 -37.37 26.90 7.57
CA ASP K 294 -37.94 26.10 6.49
C ASP K 294 -39.46 26.05 6.58
N MET K 295 -39.96 25.80 7.79
CA MET K 295 -41.39 25.67 8.05
C MET K 295 -41.69 26.20 9.45
N VAL K 296 -42.87 26.80 9.62
CA VAL K 296 -43.32 27.32 10.90
C VAL K 296 -44.75 26.86 11.14
N LEU K 297 -45.02 26.38 12.36
CA LEU K 297 -46.33 25.82 12.70
C LEU K 297 -46.79 26.25 14.09
N GLN K 298 -48.05 26.67 14.16
CA GLN K 298 -48.65 27.17 15.41
C GLN K 298 -50.15 26.87 15.37
N ASN K 299 -50.62 26.12 16.37
CA ASN K 299 -52.04 25.80 16.50
C ASN K 299 -52.70 26.75 17.50
N VAL K 300 -54.02 26.63 17.64
CA VAL K 300 -54.81 27.51 18.51
C VAL K 300 -54.36 27.44 19.97
N SER K 301 -54.44 28.58 20.66
CA SER K 301 -54.00 28.66 22.05
C SER K 301 -54.99 27.98 22.99
N SER K 302 -54.56 27.77 24.24
CA SER K 302 -55.35 27.07 25.23
C SER K 302 -56.44 27.97 25.81
N VAL K 303 -57.56 27.36 26.17
CA VAL K 303 -58.64 28.09 26.82
C VAL K 303 -58.28 28.52 28.24
N GLU K 304 -57.50 27.68 28.94
CA GLU K 304 -57.17 27.93 30.35
C GLU K 304 -55.88 28.74 30.56
N ASP K 305 -54.79 28.32 29.93
CA ASP K 305 -53.50 29.01 30.05
C ASP K 305 -53.54 30.36 29.35
N GLY K 306 -54.10 30.39 28.15
CA GLY K 306 -54.01 31.54 27.27
C GLY K 306 -52.71 31.55 26.48
N THR K 307 -52.04 30.40 26.44
CA THR K 307 -50.75 30.27 25.74
C THR K 307 -50.79 29.19 24.67
N THR K 308 -49.86 29.29 23.73
CA THR K 308 -49.75 28.35 22.63
C THR K 308 -48.28 28.01 22.42
N ASP K 309 -48.01 27.12 21.47
CA ASP K 309 -46.64 26.73 21.12
C ASP K 309 -46.38 27.09 19.67
N ILE K 310 -45.14 27.50 19.38
CA ILE K 310 -44.68 27.73 18.02
C ILE K 310 -43.52 26.80 17.72
N THR K 311 -43.69 25.96 16.70
CA THR K 311 -42.63 25.07 16.26
C THR K 311 -42.14 25.52 14.88
N PHE K 312 -40.83 25.55 14.71
CA PHE K 312 -40.24 25.76 13.40
C PHE K 312 -39.16 24.73 13.11
N THR K 313 -38.93 24.48 11.83
CA THR K 313 -37.80 23.68 11.39
C THR K 313 -36.73 24.59 10.79
N CYS K 314 -35.47 24.23 11.00
CA CYS K 314 -34.35 24.94 10.40
C CYS K 314 -33.29 23.91 10.03
N PRO K 315 -32.33 24.29 9.15
CA PRO K 315 -31.22 23.40 8.88
C PRO K 315 -30.57 22.92 10.16
N ARG K 316 -30.14 21.66 10.19
CA ARG K 316 -29.50 21.10 11.38
C ARG K 316 -28.27 21.91 11.79
N SER K 317 -27.58 22.48 10.81
CA SER K 317 -26.40 23.29 11.07
C SER K 317 -26.72 24.66 11.72
N ASP K 318 -27.99 25.07 11.68
CA ASP K 318 -28.44 26.26 12.41
C ASP K 318 -29.08 25.93 13.76
N GLY K 319 -29.39 24.66 13.99
CA GLY K 319 -30.08 24.24 15.21
C GLY K 319 -29.37 24.66 16.49
N ARG K 320 -28.04 24.58 16.47
CA ARG K 320 -27.20 24.98 17.59
C ARG K 320 -27.47 26.42 18.02
N ARG K 321 -27.24 27.37 17.10
CA ARG K 321 -27.43 28.79 17.39
C ARG K 321 -28.89 29.15 17.68
N ALA K 322 -29.81 28.60 16.90
CA ALA K 322 -31.24 28.84 17.10
C ALA K 322 -31.66 28.53 18.52
N MET K 323 -31.11 27.46 19.09
CA MET K 323 -31.36 27.09 20.47
C MET K 323 -30.73 28.04 21.48
N GLU K 324 -29.51 28.50 21.20
CA GLU K 324 -28.82 29.45 22.08
C GLU K 324 -29.59 30.76 22.19
N ILE K 325 -30.03 31.28 21.05
CA ILE K 325 -30.76 32.55 21.02
C ILE K 325 -32.06 32.47 21.79
N LEU K 326 -32.81 31.38 21.61
CA LEU K 326 -34.11 31.20 22.24
C LEU K 326 -34.03 30.86 23.73
N LYS K 327 -32.99 30.14 24.13
CA LYS K 327 -32.81 29.78 25.54
C LYS K 327 -32.52 31.00 26.40
N LYS K 328 -31.70 31.91 25.89
CA LYS K 328 -31.42 33.17 26.58
C LYS K 328 -32.68 34.05 26.61
N LEU K 329 -33.47 33.99 25.55
CA LEU K 329 -34.74 34.73 25.50
C LEU K 329 -35.84 34.04 26.31
N GLN K 330 -35.69 32.74 26.53
CA GLN K 330 -36.57 32.02 27.46
C GLN K 330 -36.33 32.51 28.88
N VAL K 331 -35.05 32.64 29.24
CA VAL K 331 -34.66 33.04 30.60
C VAL K 331 -34.86 34.54 30.86
N GLN K 332 -35.91 35.10 30.26
CA GLN K 332 -36.48 36.39 30.70
C GLN K 332 -38.02 36.27 30.73
N GLY K 333 -38.52 35.05 30.92
CA GLY K 333 -39.95 34.82 31.10
C GLY K 333 -40.84 34.99 29.88
N ASN K 334 -40.23 35.12 28.69
CA ASN K 334 -40.99 35.30 27.45
C ASN K 334 -41.77 34.03 27.08
N TRP K 335 -41.28 32.88 27.52
CA TRP K 335 -41.95 31.59 27.30
C TRP K 335 -41.38 30.53 28.24
N THR K 336 -42.10 29.41 28.38
CA THR K 336 -41.79 28.40 29.40
C THR K 336 -40.67 27.41 29.05
N ASN K 337 -40.48 27.11 27.77
CA ASN K 337 -39.42 26.19 27.35
C ASN K 337 -39.10 26.33 25.85
N VAL K 338 -37.85 26.03 25.49
CA VAL K 338 -37.44 25.83 24.10
C VAL K 338 -36.93 24.39 23.97
N LEU K 339 -37.48 23.64 23.02
CA LEU K 339 -37.13 22.23 22.83
C LEU K 339 -36.34 22.04 21.53
N TYR K 340 -35.51 20.99 21.48
CA TYR K 340 -34.64 20.75 20.33
C TYR K 340 -34.65 19.31 19.83
N ASP K 341 -34.85 19.14 18.51
CA ASP K 341 -34.86 17.83 17.88
C ASP K 341 -34.12 17.87 16.54
N ASP K 342 -33.01 17.15 16.45
CA ASP K 342 -32.18 17.11 15.24
C ASP K 342 -32.16 15.72 14.61
N GLN K 343 -33.20 14.94 14.87
CA GLN K 343 -33.36 13.62 14.26
C GLN K 343 -34.70 13.50 13.55
N VAL K 344 -35.38 14.62 13.32
CA VAL K 344 -36.67 14.62 12.64
C VAL K 344 -36.50 14.51 11.12
N GLY K 345 -37.42 13.80 10.50
CA GLY K 345 -37.53 13.77 9.05
C GLY K 345 -38.85 14.41 8.66
N LYS K 346 -38.99 14.74 7.38
CA LYS K 346 -40.26 15.23 6.85
C LYS K 346 -40.63 14.46 5.58
N VAL K 347 -41.87 13.99 5.52
CA VAL K 347 -42.39 13.35 4.30
C VAL K 347 -43.68 14.02 3.86
N SER K 348 -43.80 14.23 2.55
CA SER K 348 -44.91 14.97 1.98
C SER K 348 -45.51 14.30 0.76
N LEU K 349 -46.77 14.61 0.50
CA LEU K 349 -47.44 14.24 -0.73
C LEU K 349 -47.85 15.54 -1.42
N VAL K 350 -47.59 15.63 -2.72
CA VAL K 350 -47.95 16.81 -3.50
C VAL K 350 -48.75 16.41 -4.73
N GLY K 351 -49.83 17.14 -4.98
CA GLY K 351 -50.62 16.92 -6.19
C GLY K 351 -51.89 17.73 -6.22
N ALA K 352 -52.21 18.29 -7.38
CA ALA K 352 -53.44 19.06 -7.56
C ALA K 352 -54.67 18.18 -7.32
N GLY K 353 -54.49 16.87 -7.49
CA GLY K 353 -55.55 15.89 -7.24
C GLY K 353 -56.19 15.93 -5.87
N MET K 354 -55.52 16.53 -4.89
CA MET K 354 -56.08 16.65 -3.53
C MET K 354 -56.84 17.95 -3.31
N LYS K 355 -56.62 18.94 -4.17
CA LYS K 355 -57.27 20.25 -4.03
C LYS K 355 -58.77 20.11 -3.82
N SER K 356 -59.41 19.30 -4.66
CA SER K 356 -60.85 19.06 -4.58
C SER K 356 -61.17 17.57 -4.60
N HIS K 357 -60.50 16.81 -3.73
CA HIS K 357 -60.82 15.41 -3.47
C HIS K 357 -60.72 15.11 -1.97
N PRO K 358 -61.84 14.79 -1.33
CA PRO K 358 -61.82 14.42 0.08
C PRO K 358 -61.34 12.99 0.25
N GLY K 359 -60.65 12.71 1.35
CA GLY K 359 -60.18 11.35 1.64
C GLY K 359 -58.72 11.10 1.33
N VAL K 360 -58.09 11.99 0.56
CA VAL K 360 -56.65 11.87 0.29
C VAL K 360 -55.88 11.97 1.60
N THR K 361 -56.22 12.99 2.39
CA THR K 361 -55.62 13.20 3.69
C THR K 361 -55.84 11.99 4.60
N ALA K 362 -57.03 11.39 4.53
CA ALA K 362 -57.35 10.21 5.33
C ALA K 362 -56.52 9.02 4.89
N GLU K 363 -56.43 8.83 3.57
CA GLU K 363 -55.63 7.75 2.98
C GLU K 363 -54.16 7.93 3.35
N PHE K 364 -53.72 9.18 3.44
CA PHE K 364 -52.35 9.54 3.81
C PHE K 364 -52.02 9.04 5.22
N MET K 365 -52.83 9.44 6.20
CA MET K 365 -52.58 9.09 7.60
C MET K 365 -52.77 7.59 7.84
N GLU K 366 -53.57 6.94 6.99
CA GLU K 366 -53.80 5.51 7.09
C GLU K 366 -52.62 4.72 6.56
N ALA K 367 -52.04 5.19 5.45
CA ALA K 367 -50.83 4.58 4.90
C ALA K 367 -49.75 4.45 5.95
N LEU K 368 -49.48 5.53 6.68
CA LEU K 368 -48.44 5.54 7.70
C LEU K 368 -48.85 4.77 8.96
N ARG K 369 -50.12 4.83 9.32
CA ARG K 369 -50.67 3.99 10.41
C ARG K 369 -50.40 2.52 10.12
N ASP K 370 -50.71 2.11 8.89
CA ASP K 370 -50.56 0.72 8.47
C ASP K 370 -49.11 0.21 8.52
N VAL K 371 -48.14 1.11 8.48
CA VAL K 371 -46.71 0.73 8.66
C VAL K 371 -46.19 1.17 10.03
N ASN K 372 -47.10 1.41 10.98
CA ASN K 372 -46.76 1.83 12.33
C ASN K 372 -45.74 2.99 12.36
N VAL K 373 -46.12 4.11 11.75
CA VAL K 373 -45.32 5.33 11.78
C VAL K 373 -46.15 6.47 12.37
N ASN K 374 -45.80 6.89 13.58
CA ASN K 374 -46.53 7.95 14.28
C ASN K 374 -46.28 9.29 13.61
N ILE K 375 -47.35 10.08 13.47
CA ILE K 375 -47.28 11.40 12.83
C ILE K 375 -47.17 12.47 13.90
N GLU K 376 -46.01 13.09 14.01
CA GLU K 376 -45.71 13.99 15.12
C GLU K 376 -46.24 15.41 14.88
N LEU K 377 -46.28 15.82 13.62
CA LEU K 377 -46.65 17.19 13.25
C LEU K 377 -47.22 17.23 11.84
N ILE K 378 -48.31 17.96 11.63
CA ILE K 378 -48.95 18.05 10.31
C ILE K 378 -49.00 19.48 9.79
N SER K 379 -48.51 19.67 8.58
CA SER K 379 -48.56 20.96 7.89
C SER K 379 -49.04 20.72 6.47
N THR K 380 -49.86 21.63 5.95
CA THR K 380 -50.44 21.44 4.63
C THR K 380 -50.49 22.73 3.83
N SER K 381 -50.67 22.57 2.52
CA SER K 381 -51.09 23.65 1.64
C SER K 381 -52.29 23.10 0.89
N GLU K 382 -52.78 23.87 -0.09
CA GLU K 382 -53.95 23.48 -0.86
C GLU K 382 -53.76 22.17 -1.62
N ILE K 383 -52.52 21.93 -2.07
CA ILE K 383 -52.19 20.71 -2.82
C ILE K 383 -51.06 19.89 -2.19
N ARG K 384 -50.73 20.17 -0.93
CA ARG K 384 -49.66 19.47 -0.23
C ARG K 384 -50.05 19.01 1.17
N ILE K 385 -49.62 17.80 1.53
CA ILE K 385 -49.64 17.31 2.90
C ILE K 385 -48.20 17.09 3.32
N SER K 386 -47.83 17.57 4.50
CA SER K 386 -46.47 17.40 5.02
C SER K 386 -46.50 17.02 6.47
N VAL K 387 -45.86 15.90 6.81
CA VAL K 387 -45.75 15.45 8.20
C VAL K 387 -44.30 15.34 8.62
N LEU K 388 -44.04 15.52 9.91
CA LEU K 388 -42.73 15.26 10.49
C LEU K 388 -42.80 13.95 11.26
N ILE K 389 -41.87 13.04 10.98
CA ILE K 389 -41.74 11.79 11.75
C ILE K 389 -40.28 11.53 12.12
N ARG K 390 -39.99 10.39 12.74
CA ARG K 390 -38.62 9.98 13.00
C ARG K 390 -37.90 9.78 11.68
N GLU K 391 -36.69 10.31 11.57
CA GLU K 391 -35.89 10.10 10.36
C GLU K 391 -35.62 8.61 10.11
N ASP K 392 -35.59 7.80 11.17
CA ASP K 392 -35.48 6.35 11.00
C ASP K 392 -36.66 5.76 10.21
N ASP K 393 -37.84 6.34 10.39
CA ASP K 393 -39.05 5.93 9.67
C ASP K 393 -39.22 6.59 8.29
N LEU K 394 -38.34 7.53 7.94
CA LEU K 394 -38.49 8.36 6.74
C LEU K 394 -38.65 7.53 5.46
N ASP K 395 -37.82 6.50 5.31
CA ASP K 395 -37.82 5.64 4.12
C ASP K 395 -39.05 4.76 4.01
N ALA K 396 -39.51 4.22 5.14
CA ALA K 396 -40.70 3.38 5.18
C ALA K 396 -41.96 4.19 4.85
N ALA K 397 -42.02 5.44 5.33
CA ALA K 397 -43.16 6.32 5.08
C ALA K 397 -43.27 6.66 3.59
N ALA K 398 -42.19 7.17 3.04
CA ALA K 398 -42.11 7.54 1.62
C ALA K 398 -42.61 6.40 0.73
N ARG K 399 -42.09 5.19 0.96
CA ARG K 399 -42.48 4.00 0.20
C ARG K 399 -43.97 3.67 0.36
N ALA K 400 -44.46 3.64 1.60
CA ALA K 400 -45.87 3.39 1.88
C ALA K 400 -46.78 4.42 1.19
N LEU K 401 -46.41 5.69 1.25
CA LEU K 401 -47.18 6.75 0.60
C LEU K 401 -47.16 6.60 -0.93
N HIS K 402 -46.03 6.15 -1.47
CA HIS K 402 -45.89 5.90 -2.90
C HIS K 402 -46.82 4.79 -3.37
N GLU K 403 -46.87 3.71 -2.60
CA GLU K 403 -47.73 2.57 -2.95
C GLU K 403 -49.21 2.87 -2.66
N GLN K 404 -49.51 3.52 -1.54
CA GLN K 404 -50.89 3.83 -1.16
C GLN K 404 -51.59 4.70 -2.22
N PHE K 405 -50.82 5.51 -2.93
CA PHE K 405 -51.36 6.36 -4.00
C PHE K 405 -50.94 5.88 -5.40
N GLN K 406 -50.54 4.60 -5.49
CA GLN K 406 -50.22 3.95 -6.76
C GLN K 406 -49.42 4.86 -7.70
N LEU K 407 -48.38 5.50 -7.16
CA LEU K 407 -47.57 6.45 -7.94
C LEU K 407 -46.59 5.77 -8.88
N GLY K 408 -46.30 4.49 -8.67
CA GLY K 408 -45.38 3.73 -9.52
C GLY K 408 -46.08 2.63 -10.30
N GLY K 409 -45.29 1.68 -10.79
CA GLY K 409 -45.81 0.53 -11.52
C GLY K 409 -46.36 0.88 -12.89
N ALA L 4 -36.94 35.62 -1.01
CA ALA L 4 -36.26 36.41 -2.08
C ALA L 4 -37.27 37.09 -2.99
N VAL L 5 -38.09 36.31 -3.70
CA VAL L 5 -39.13 36.84 -4.58
C VAL L 5 -40.49 36.79 -3.92
N LEU L 6 -41.18 37.92 -3.89
CA LEU L 6 -42.54 38.01 -3.33
C LEU L 6 -43.52 38.36 -4.45
N THR L 7 -44.62 37.62 -4.52
CA THR L 7 -45.54 37.69 -5.64
C THR L 7 -46.81 38.47 -5.30
N GLY L 8 -47.46 38.10 -4.20
CA GLY L 8 -48.72 38.75 -3.81
C GLY L 8 -49.12 38.56 -2.37
N VAL L 9 -50.31 39.08 -2.03
CA VAL L 9 -50.90 38.94 -0.71
C VAL L 9 -52.37 38.54 -0.86
N ALA L 10 -52.64 37.25 -0.66
CA ALA L 10 -54.00 36.72 -0.79
C ALA L 10 -54.77 36.82 0.52
N THR L 11 -56.11 36.88 0.41
CA THR L 11 -57.01 36.86 1.57
C THR L 11 -58.19 35.92 1.30
N ASP L 12 -58.60 35.16 2.31
CA ASP L 12 -59.73 34.23 2.17
C ASP L 12 -60.62 34.25 3.41
N LYS L 13 -61.93 34.34 3.18
CA LYS L 13 -62.93 34.34 4.25
C LYS L 13 -64.03 33.32 3.96
N SER L 14 -63.71 32.30 3.17
CA SER L 14 -64.67 31.31 2.71
C SER L 14 -64.68 30.04 3.57
N GLU L 15 -63.83 30.00 4.60
CA GLU L 15 -63.63 28.79 5.38
C GLU L 15 -64.07 28.91 6.83
N ALA L 16 -64.37 27.75 7.42
CA ALA L 16 -64.52 27.61 8.87
C ALA L 16 -63.38 26.71 9.34
N LYS L 17 -63.02 26.79 10.62
CA LYS L 17 -62.02 25.89 11.19
C LYS L 17 -62.62 25.05 12.33
N VAL L 18 -62.26 23.78 12.33
CA VAL L 18 -62.66 22.85 13.39
C VAL L 18 -61.40 22.37 14.07
N THR L 19 -61.43 22.28 15.40
CA THR L 19 -60.28 21.82 16.17
C THR L 19 -60.66 20.67 17.08
N VAL L 20 -59.97 19.54 16.92
CA VAL L 20 -60.09 18.40 17.81
C VAL L 20 -59.04 18.53 18.91
N LEU L 21 -59.50 18.73 20.14
CA LEU L 21 -58.59 18.95 21.28
C LEU L 21 -58.31 17.64 22.02
N GLY L 22 -57.05 17.41 22.35
CA GLY L 22 -56.66 16.30 23.22
C GLY L 22 -56.71 14.93 22.57
N ILE L 23 -56.22 14.84 21.34
CA ILE L 23 -56.11 13.56 20.64
C ILE L 23 -54.79 12.89 21.02
N SER L 24 -54.83 11.57 21.24
CA SER L 24 -53.62 10.83 21.59
C SER L 24 -52.60 10.86 20.46
N ASP L 25 -51.34 11.06 20.82
CA ASP L 25 -50.24 11.06 19.85
C ASP L 25 -49.70 9.64 19.67
N LYS L 26 -50.58 8.74 19.23
CA LYS L 26 -50.20 7.37 18.87
C LYS L 26 -50.60 7.13 17.41
N PRO L 27 -49.91 6.20 16.74
CA PRO L 27 -50.21 5.96 15.32
C PRO L 27 -51.66 5.55 15.07
N GLY L 28 -52.29 6.16 14.07
CA GLY L 28 -53.64 5.79 13.66
C GLY L 28 -54.75 6.71 14.16
N GLU L 29 -54.43 7.58 15.11
CA GLU L 29 -55.43 8.45 15.73
C GLU L 29 -55.84 9.65 14.86
N ALA L 30 -55.03 9.97 13.86
CA ALA L 30 -55.39 10.98 12.87
C ALA L 30 -56.28 10.36 11.79
N ALA L 31 -55.94 9.14 11.39
CA ALA L 31 -56.73 8.39 10.40
C ALA L 31 -58.22 8.44 10.71
N LYS L 32 -58.56 8.16 11.97
CA LYS L 32 -59.96 8.20 12.44
C LYS L 32 -60.63 9.53 12.12
N VAL L 33 -59.90 10.63 12.32
CA VAL L 33 -60.46 11.98 12.17
C VAL L 33 -60.75 12.32 10.71
N PHE L 34 -59.89 11.88 9.79
CA PHE L 34 -59.98 12.31 8.40
C PHE L 34 -60.72 11.32 7.48
N ARG L 35 -60.75 10.04 7.85
CA ARG L 35 -61.60 9.08 7.14
C ARG L 35 -63.07 9.38 7.40
N ALA L 36 -63.39 9.80 8.62
CA ALA L 36 -64.75 10.21 8.98
C ALA L 36 -65.24 11.36 8.10
N LEU L 37 -64.37 12.36 7.92
CA LEU L 37 -64.67 13.50 7.06
C LEU L 37 -64.66 13.10 5.58
N ALA L 38 -63.82 12.12 5.25
CA ALA L 38 -63.78 11.54 3.91
C ALA L 38 -65.10 10.84 3.58
N ASP L 39 -65.59 10.03 4.52
CA ASP L 39 -66.82 9.26 4.32
C ASP L 39 -68.08 10.14 4.39
N ALA L 40 -67.95 11.33 4.97
CA ALA L 40 -69.03 12.33 4.93
C ALA L 40 -68.90 13.27 3.73
N GLU L 41 -67.86 13.06 2.91
CA GLU L 41 -67.61 13.85 1.70
C GLU L 41 -67.33 15.33 2.00
N ILE L 42 -66.65 15.59 3.12
CA ILE L 42 -66.23 16.93 3.48
C ILE L 42 -64.84 17.15 2.91
N ASN L 43 -64.67 18.21 2.12
CA ASN L 43 -63.40 18.49 1.43
C ASN L 43 -62.58 19.55 2.16
N ILE L 44 -61.56 19.10 2.88
CA ILE L 44 -60.76 19.98 3.75
C ILE L 44 -59.56 20.58 3.02
N ASP L 45 -59.04 21.68 3.55
CA ASP L 45 -57.83 22.31 3.01
C ASP L 45 -56.68 22.30 4.03
N MET L 46 -56.65 23.29 4.92
CA MET L 46 -55.55 23.38 5.89
C MET L 46 -55.69 22.31 6.94
N VAL L 47 -54.55 21.79 7.39
CA VAL L 47 -54.50 20.85 8.51
C VAL L 47 -53.26 21.17 9.34
N LEU L 48 -53.46 21.55 10.59
CA LEU L 48 -52.35 21.82 11.51
C LEU L 48 -52.41 20.90 12.72
N GLN L 49 -51.26 20.33 13.05
CA GLN L 49 -51.04 19.64 14.31
C GLN L 49 -49.63 19.95 14.75
N ASN L 50 -49.48 20.57 15.92
CA ASN L 50 -48.16 20.78 16.50
C ASN L 50 -47.78 19.54 17.33
N VAL L 51 -46.64 19.59 18.01
CA VAL L 51 -46.13 18.43 18.75
C VAL L 51 -46.84 18.25 20.09
N SER L 52 -47.05 16.99 20.48
CA SER L 52 -47.79 16.65 21.70
C SER L 52 -46.97 16.96 22.94
N SER L 53 -47.66 17.23 24.04
CA SER L 53 -47.02 17.52 25.32
C SER L 53 -46.42 16.26 25.91
N VAL L 54 -45.39 16.45 26.73
CA VAL L 54 -44.75 15.35 27.44
C VAL L 54 -45.65 14.87 28.58
N GLU L 55 -46.32 15.81 29.25
CA GLU L 55 -47.10 15.51 30.46
C GLU L 55 -48.40 14.75 30.21
N ASP L 56 -48.95 14.83 28.99
CA ASP L 56 -50.18 14.10 28.64
C ASP L 56 -49.99 13.10 27.50
N GLY L 57 -49.25 13.50 26.47
CA GLY L 57 -49.10 12.70 25.26
C GLY L 57 -50.21 12.98 24.27
N THR L 58 -50.76 14.20 24.33
CA THR L 58 -51.85 14.62 23.46
C THR L 58 -51.53 15.93 22.73
N THR L 59 -52.08 16.08 21.53
CA THR L 59 -52.10 17.37 20.83
C THR L 59 -53.52 17.72 20.43
N ASP L 60 -53.64 18.82 19.70
CA ASP L 60 -54.87 19.20 19.05
C ASP L 60 -54.64 19.16 17.54
N ILE L 61 -55.67 18.80 16.78
CA ILE L 61 -55.62 18.85 15.32
C ILE L 61 -56.65 19.82 14.78
N THR L 62 -56.20 20.98 14.32
CA THR L 62 -57.08 21.94 13.68
C THR L 62 -57.07 21.70 12.17
N PHE L 63 -58.23 21.87 11.54
CA PHE L 63 -58.33 21.83 10.08
C PHE L 63 -59.34 22.84 9.58
N THR L 64 -59.29 23.14 8.29
CA THR L 64 -60.24 24.08 7.67
C THR L 64 -61.00 23.38 6.55
N CYS L 65 -62.17 23.92 6.23
CA CYS L 65 -63.03 23.39 5.18
C CYS L 65 -64.04 24.48 4.80
N PRO L 66 -64.79 24.29 3.69
CA PRO L 66 -65.78 25.29 3.30
C PRO L 66 -66.75 25.64 4.42
N ARG L 67 -67.23 26.88 4.42
CA ARG L 67 -68.03 27.42 5.51
C ARG L 67 -69.32 26.62 5.71
N SER L 68 -70.00 26.29 4.61
CA SER L 68 -71.26 25.55 4.67
C SER L 68 -71.11 24.15 5.25
N ASP L 69 -69.96 23.53 5.01
CA ASP L 69 -69.70 22.15 5.46
C ASP L 69 -69.15 22.05 6.89
N GLY L 70 -68.90 23.19 7.53
CA GLY L 70 -68.28 23.23 8.85
C GLY L 70 -69.07 22.60 9.99
N ARG L 71 -70.37 22.91 10.06
CA ARG L 71 -71.23 22.41 11.14
C ARG L 71 -71.34 20.88 11.11
N ARG L 72 -71.57 20.33 9.92
CA ARG L 72 -71.60 18.88 9.74
C ARG L 72 -70.25 18.28 10.09
N ALA L 73 -69.18 18.92 9.65
CA ALA L 73 -67.81 18.50 9.97
C ALA L 73 -67.65 18.24 11.46
N MET L 74 -68.02 19.24 12.28
CA MET L 74 -67.90 19.14 13.73
C MET L 74 -68.82 18.05 14.29
N GLU L 75 -70.11 18.16 13.97
CA GLU L 75 -71.14 17.26 14.47
C GLU L 75 -70.81 15.79 14.18
N ILE L 76 -70.33 15.52 12.97
CA ILE L 76 -69.89 14.17 12.59
C ILE L 76 -68.66 13.73 13.37
N LEU L 77 -67.85 14.71 13.78
CA LEU L 77 -66.63 14.45 14.55
C LEU L 77 -66.94 14.23 16.04
N LYS L 78 -67.86 15.00 16.60
CA LYS L 78 -68.30 14.81 17.99
C LYS L 78 -68.93 13.44 18.22
N LYS L 79 -69.55 12.88 17.18
CA LYS L 79 -70.11 11.52 17.25
C LYS L 79 -69.01 10.47 17.43
N LEU L 80 -67.82 10.74 16.93
CA LEU L 80 -66.67 9.84 17.07
C LEU L 80 -65.75 10.23 18.24
N GLN L 81 -66.25 11.07 19.14
CA GLN L 81 -65.50 11.45 20.34
C GLN L 81 -65.59 10.32 21.38
N VAL L 82 -64.59 10.26 22.26
CA VAL L 82 -64.54 9.27 23.35
C VAL L 82 -64.72 7.84 22.83
N TRP L 86 -60.93 12.77 23.73
CA TRP L 86 -60.70 14.14 23.29
C TRP L 86 -61.30 15.10 24.30
N THR L 87 -60.68 16.27 24.47
CA THR L 87 -61.18 17.30 25.39
C THR L 87 -62.49 17.90 24.88
N ASN L 88 -62.51 18.26 23.60
CA ASN L 88 -63.70 18.81 22.97
C ASN L 88 -63.50 18.91 21.46
N VAL L 89 -64.52 19.40 20.75
CA VAL L 89 -64.41 19.68 19.32
C VAL L 89 -64.92 21.10 19.04
N LEU L 90 -63.99 22.05 19.00
CA LEU L 90 -64.32 23.45 18.79
C LEU L 90 -64.70 23.70 17.33
N TYR L 91 -65.55 24.71 17.12
CA TYR L 91 -66.06 25.05 15.79
C TYR L 91 -66.10 26.56 15.66
N ASP L 92 -65.59 27.06 14.53
CA ASP L 92 -65.40 28.49 14.33
C ASP L 92 -65.71 28.88 12.89
N ASP L 93 -66.62 29.83 12.73
CA ASP L 93 -67.11 30.24 11.40
C ASP L 93 -66.70 31.66 11.01
N GLN L 94 -66.01 32.36 11.90
CA GLN L 94 -65.55 33.72 11.65
C GLN L 94 -64.02 33.79 11.51
N VAL L 95 -63.44 32.82 10.84
CA VAL L 95 -61.99 32.80 10.63
C VAL L 95 -61.63 33.39 9.27
N GLY L 96 -60.46 34.01 9.21
CA GLY L 96 -59.91 34.55 7.97
C GLY L 96 -58.51 34.03 7.74
N LYS L 97 -58.11 33.94 6.49
CA LYS L 97 -56.75 33.56 6.12
C LYS L 97 -56.11 34.67 5.31
N VAL L 98 -54.92 35.10 5.73
CA VAL L 98 -54.09 35.99 4.93
C VAL L 98 -52.77 35.29 4.65
N SER L 99 -52.30 35.41 3.41
CA SER L 99 -51.10 34.70 2.98
C SER L 99 -50.18 35.62 2.16
N LEU L 100 -48.88 35.40 2.31
CA LEU L 100 -47.86 36.01 1.47
C LEU L 100 -47.28 34.91 0.60
N VAL L 101 -47.45 35.05 -0.72
CA VAL L 101 -46.96 34.05 -1.67
C VAL L 101 -45.62 34.50 -2.27
N GLY L 102 -44.69 33.54 -2.38
CA GLY L 102 -43.38 33.82 -2.93
C GLY L 102 -42.52 32.56 -3.10
N ALA L 103 -41.22 32.74 -2.98
CA ALA L 103 -40.27 31.62 -3.05
C ALA L 103 -38.90 32.09 -2.57
N GLY L 104 -38.10 31.15 -2.10
CA GLY L 104 -36.77 31.47 -1.57
C GLY L 104 -36.82 32.10 -0.20
N MET L 105 -37.83 31.75 0.60
CA MET L 105 -38.05 32.40 1.89
C MET L 105 -37.29 31.73 3.04
N LYS L 106 -36.74 30.55 2.78
CA LYS L 106 -35.89 29.86 3.77
C LYS L 106 -34.61 30.66 4.01
N SER L 107 -33.95 31.05 2.93
CA SER L 107 -32.69 31.80 3.01
C SER L 107 -32.88 33.28 3.34
N HIS L 108 -34.12 33.70 3.54
CA HIS L 108 -34.42 35.06 3.98
C HIS L 108 -35.41 35.00 5.16
N PRO L 109 -34.90 34.83 6.39
CA PRO L 109 -35.75 34.71 7.57
C PRO L 109 -36.37 36.03 8.01
N GLY L 110 -35.77 37.14 7.59
CA GLY L 110 -36.34 38.46 7.80
C GLY L 110 -37.77 38.57 7.30
N VAL L 111 -38.11 37.79 6.27
CA VAL L 111 -39.46 37.80 5.71
C VAL L 111 -40.49 37.25 6.70
N THR L 112 -40.14 36.17 7.41
CA THR L 112 -41.03 35.61 8.42
C THR L 112 -41.15 36.59 9.58
N ALA L 113 -40.01 37.13 10.03
CA ALA L 113 -39.99 38.14 11.09
C ALA L 113 -40.85 39.34 10.72
N GLU L 114 -40.59 39.92 9.55
CA GLU L 114 -41.30 41.12 9.09
C GLU L 114 -42.81 40.88 8.91
N PHE L 115 -43.19 39.64 8.60
CA PHE L 115 -44.59 39.27 8.48
C PHE L 115 -45.30 39.41 9.82
N MET L 116 -44.68 38.86 10.87
CA MET L 116 -45.25 38.89 12.22
C MET L 116 -45.25 40.33 12.79
N GLU L 117 -44.19 41.08 12.48
CA GLU L 117 -44.10 42.48 12.90
C GLU L 117 -45.19 43.35 12.29
N ALA L 118 -45.46 43.17 11.00
CA ALA L 118 -46.47 43.97 10.29
C ALA L 118 -47.86 43.81 10.91
N LEU L 119 -48.22 42.56 11.22
CA LEU L 119 -49.50 42.25 11.84
C LEU L 119 -49.51 42.58 13.32
N ARG L 120 -48.33 42.76 13.92
CA ARG L 120 -48.22 43.30 15.27
C ARG L 120 -48.55 44.79 15.26
N ASP L 121 -47.97 45.50 14.30
CA ASP L 121 -48.08 46.96 14.24
C ASP L 121 -49.46 47.47 13.81
N VAL L 122 -50.37 46.57 13.46
CA VAL L 122 -51.79 46.92 13.26
C VAL L 122 -52.70 46.26 14.31
N ASN L 123 -52.10 45.62 15.31
CA ASN L 123 -52.81 45.04 16.44
C ASN L 123 -53.73 43.87 16.06
N VAL L 124 -53.18 42.92 15.32
CA VAL L 124 -53.89 41.70 14.93
C VAL L 124 -53.10 40.48 15.38
N ASN L 125 -53.60 39.76 16.39
CA ASN L 125 -52.91 38.59 16.90
C ASN L 125 -53.12 37.39 15.98
N ILE L 126 -52.04 36.67 15.72
CA ILE L 126 -52.09 35.50 14.85
C ILE L 126 -52.54 34.30 15.66
N GLU L 127 -53.59 33.63 15.19
CA GLU L 127 -54.17 32.49 15.89
C GLU L 127 -53.55 31.17 15.46
N LEU L 128 -53.31 31.02 14.16
CA LEU L 128 -52.55 29.88 13.63
C LEU L 128 -51.53 30.33 12.59
N ILE L 129 -50.45 29.56 12.47
CA ILE L 129 -49.41 29.81 11.48
C ILE L 129 -49.09 28.52 10.75
N SER L 130 -49.02 28.59 9.42
CA SER L 130 -48.50 27.50 8.60
C SER L 130 -47.71 28.11 7.44
N THR L 131 -46.40 27.87 7.42
CA THR L 131 -45.54 28.44 6.40
C THR L 131 -44.65 27.41 5.73
N SER L 132 -44.16 27.76 4.55
CA SER L 132 -43.23 26.95 3.77
C SER L 132 -42.23 27.88 3.08
N GLU L 133 -41.37 27.33 2.22
CA GLU L 133 -40.41 28.15 1.46
C GLU L 133 -41.11 29.07 0.45
N ILE L 134 -42.38 28.83 0.19
CA ILE L 134 -43.12 29.51 -0.87
C ILE L 134 -44.42 30.19 -0.41
N ARG L 135 -44.77 30.07 0.87
CA ARG L 135 -46.02 30.61 1.39
C ARG L 135 -45.97 30.83 2.90
N ILE L 136 -46.48 31.97 3.35
CA ILE L 136 -46.62 32.27 4.78
C ILE L 136 -48.10 32.52 5.06
N SER L 137 -48.79 31.50 5.58
CA SER L 137 -50.20 31.62 5.90
C SER L 137 -50.41 31.74 7.40
N VAL L 138 -51.24 32.70 7.79
CA VAL L 138 -51.72 32.80 9.16
C VAL L 138 -53.24 32.84 9.16
N LEU L 139 -53.84 32.47 10.29
CA LEU L 139 -55.28 32.58 10.46
C LEU L 139 -55.59 33.66 11.49
N ILE L 140 -56.70 34.38 11.26
CA ILE L 140 -57.13 35.48 12.12
C ILE L 140 -58.64 35.64 12.01
N ARG L 141 -59.20 36.63 12.70
CA ARG L 141 -60.62 36.93 12.61
C ARG L 141 -60.97 37.55 11.26
N GLU L 142 -62.18 37.27 10.78
CA GLU L 142 -62.71 37.85 9.53
C GLU L 142 -62.41 39.34 9.44
N ASP L 143 -62.74 40.07 10.50
CA ASP L 143 -62.75 41.53 10.48
C ASP L 143 -61.37 42.19 10.41
N ASP L 144 -60.31 41.41 10.66
CA ASP L 144 -58.96 41.95 10.64
C ASP L 144 -58.25 41.79 9.28
N LEU L 145 -58.86 41.04 8.36
CA LEU L 145 -58.25 40.74 7.05
C LEU L 145 -57.78 41.97 6.30
N ASP L 146 -58.67 42.93 6.08
CA ASP L 146 -58.33 44.16 5.35
C ASP L 146 -57.23 44.94 6.05
N ALA L 147 -57.34 45.08 7.38
CA ALA L 147 -56.30 45.73 8.18
C ALA L 147 -54.99 44.96 8.11
N ALA L 148 -55.07 43.64 8.06
CA ALA L 148 -53.89 42.77 7.97
C ALA L 148 -53.21 42.90 6.60
N ALA L 149 -54.02 42.79 5.54
CA ALA L 149 -53.53 42.89 4.16
C ALA L 149 -52.89 44.25 3.89
N ARG L 150 -53.53 45.31 4.35
CA ARG L 150 -52.99 46.66 4.18
C ARG L 150 -51.62 46.79 4.84
N ALA L 151 -51.49 46.21 6.03
CA ALA L 151 -50.22 46.20 6.76
C ALA L 151 -49.14 45.47 5.97
N LEU L 152 -49.49 44.30 5.42
CA LEU L 152 -48.56 43.49 4.63
C LEU L 152 -48.18 44.12 3.30
N HIS L 153 -49.16 44.71 2.61
CA HIS L 153 -48.91 45.35 1.31
C HIS L 153 -47.84 46.44 1.41
N GLU L 154 -47.91 47.23 2.47
CA GLU L 154 -46.95 48.30 2.70
C GLU L 154 -45.61 47.75 3.20
N GLN L 155 -45.66 46.74 4.06
CA GLN L 155 -44.46 46.18 4.66
C GLN L 155 -43.45 45.68 3.61
N PHE L 156 -43.97 45.00 2.59
CA PHE L 156 -43.12 44.46 1.53
C PHE L 156 -43.30 45.21 0.21
N GLN L 157 -43.78 46.44 0.29
CA GLN L 157 -44.10 47.27 -0.89
C GLN L 157 -44.66 46.43 -2.05
N LEU L 158 -45.81 45.81 -1.80
CA LEU L 158 -46.49 44.96 -2.78
C LEU L 158 -47.99 45.23 -2.76
N ALA M 2 4.87 19.79 57.15
CA ALA M 2 4.97 20.48 55.83
C ALA M 2 3.84 20.04 54.90
N LEU M 3 3.07 21.00 54.40
CA LEU M 3 1.90 20.69 53.58
C LEU M 3 2.13 21.10 52.13
N VAL M 4 2.13 20.11 51.23
CA VAL M 4 2.32 20.33 49.81
C VAL M 4 1.07 19.89 49.05
N VAL M 5 0.56 20.77 48.18
CA VAL M 5 -0.54 20.44 47.30
C VAL M 5 0.02 20.09 45.94
N GLN M 6 -0.41 18.97 45.37
CA GLN M 6 0.06 18.56 44.05
C GLN M 6 -1.11 18.36 43.11
N LYS M 7 -1.18 19.19 42.08
CA LYS M 7 -2.22 19.08 41.06
C LYS M 7 -1.63 18.43 39.82
N TYR M 8 -2.30 17.43 39.28
CA TYR M 8 -1.83 16.69 38.11
C TYR M 8 -2.85 16.75 36.97
N GLY M 9 -2.43 17.30 35.83
CA GLY M 9 -3.29 17.45 34.66
C GLY M 9 -3.54 16.16 33.90
N GLY M 10 -4.16 16.30 32.73
CA GLY M 10 -4.50 15.14 31.90
C GLY M 10 -3.31 14.45 31.28
N SER M 11 -2.33 15.25 30.86
CA SER M 11 -1.09 14.72 30.29
C SER M 11 -0.34 13.82 31.29
N SER M 12 -0.35 14.23 32.56
CA SER M 12 0.33 13.49 33.62
C SER M 12 -0.41 12.24 34.11
N LEU M 13 -1.72 12.19 33.92
CA LEU M 13 -2.53 11.02 34.30
C LEU M 13 -2.98 10.22 33.06
N GLU M 14 -2.24 10.37 31.96
CA GLU M 14 -2.70 9.91 30.64
C GLU M 14 -2.92 8.40 30.54
N SER M 15 -2.10 7.62 31.24
CA SER M 15 -2.19 6.16 31.16
C SER M 15 -2.03 5.50 32.52
N ALA M 16 -2.34 4.22 32.58
CA ALA M 16 -2.15 3.41 33.79
C ALA M 16 -0.71 3.52 34.29
N GLU M 17 0.23 3.58 33.37
CA GLU M 17 1.65 3.64 33.72
C GLU M 17 2.04 5.01 34.27
N ARG M 18 1.47 6.07 33.69
CA ARG M 18 1.73 7.42 34.16
C ARG M 18 1.12 7.58 35.55
N ILE M 19 -0.06 7.01 35.74
CA ILE M 19 -0.77 7.09 37.02
C ILE M 19 0.00 6.42 38.15
N ARG M 20 0.63 5.29 37.86
CA ARG M 20 1.42 4.57 38.87
C ARG M 20 2.74 5.29 39.16
N ASN M 21 3.32 5.90 38.14
CA ASN M 21 4.52 6.73 38.29
C ASN M 21 4.23 7.91 39.22
N VAL M 22 3.14 8.63 38.93
CA VAL M 22 2.67 9.72 39.78
C VAL M 22 2.38 9.22 41.19
N ALA M 23 1.74 8.06 41.30
CA ALA M 23 1.44 7.46 42.59
C ALA M 23 2.68 7.36 43.48
N GLU M 24 3.80 6.88 42.93
CA GLU M 24 5.03 6.74 43.71
C GLU M 24 5.66 8.11 44.00
N ARG M 25 5.44 9.09 43.11
CA ARG M 25 5.86 10.47 43.38
C ARG M 25 5.07 11.05 44.56
N ILE M 26 3.78 10.71 44.62
CA ILE M 26 2.92 11.18 45.71
C ILE M 26 3.36 10.55 47.03
N VAL M 27 3.47 9.22 47.04
CA VAL M 27 3.85 8.49 48.26
C VAL M 27 5.26 8.89 48.72
N ALA M 28 6.17 9.09 47.77
CA ALA M 28 7.51 9.62 48.08
C ALA M 28 7.42 10.97 48.78
N THR M 29 6.59 11.86 48.24
CA THR M 29 6.34 13.16 48.88
C THR M 29 5.94 12.98 50.35
N LYS M 30 5.00 12.06 50.59
CA LYS M 30 4.56 11.75 51.96
C LYS M 30 5.71 11.22 52.82
N LYS M 31 6.45 10.24 52.28
CA LYS M 31 7.57 9.63 53.00
C LYS M 31 8.63 10.66 53.37
N ALA M 32 8.83 11.68 52.53
CA ALA M 32 9.80 12.74 52.82
C ALA M 32 9.43 13.59 54.05
N GLY M 33 8.21 13.43 54.55
CA GLY M 33 7.76 14.08 55.79
C GLY M 33 6.74 15.18 55.54
N ASN M 34 5.84 14.95 54.60
CA ASN M 34 4.88 15.96 54.20
C ASN M 34 3.43 15.50 54.36
N ASP M 35 2.52 16.46 54.27
CA ASP M 35 1.10 16.19 54.15
C ASP M 35 0.71 16.49 52.72
N VAL M 36 0.28 15.45 51.99
CA VAL M 36 0.01 15.58 50.57
C VAL M 36 -1.50 15.69 50.29
N VAL M 37 -1.88 16.71 49.53
CA VAL M 37 -3.23 16.82 48.99
C VAL M 37 -3.13 16.82 47.47
N VAL M 38 -3.83 15.88 46.83
CA VAL M 38 -3.74 15.68 45.39
C VAL M 38 -4.99 16.17 44.66
N VAL M 39 -4.82 17.10 43.72
CA VAL M 39 -5.91 17.55 42.89
C VAL M 39 -5.78 16.91 41.51
N CYS M 40 -6.83 16.20 41.09
CA CYS M 40 -6.78 15.41 39.85
C CYS M 40 -7.60 16.02 38.72
N SER M 41 -7.08 15.89 37.51
CA SER M 41 -7.82 16.22 36.29
C SER M 41 -8.22 14.92 35.61
N ALA M 42 -9.16 15.03 34.67
CA ALA M 42 -9.56 13.88 33.86
C ALA M 42 -8.37 13.41 33.04
N MET M 43 -8.30 12.11 32.78
CA MET M 43 -7.19 11.53 32.03
C MET M 43 -7.12 12.08 30.61
N GLY M 44 -5.90 12.32 30.13
CA GLY M 44 -5.69 12.77 28.75
C GLY M 44 -6.59 13.94 28.40
N ASP M 45 -7.36 13.78 27.32
CA ASP M 45 -8.26 14.82 26.85
C ASP M 45 -9.71 14.46 27.15
N THR M 46 -9.96 13.83 28.31
CA THR M 46 -11.30 13.33 28.64
C THR M 46 -12.31 14.45 28.82
N THR M 47 -11.90 15.52 29.50
CA THR M 47 -12.78 16.67 29.74
C THR M 47 -13.24 17.32 28.44
N ASP M 48 -12.31 17.51 27.51
CA ASP M 48 -12.62 18.05 26.19
C ASP M 48 -13.59 17.13 25.45
N GLU M 49 -13.26 15.84 25.43
CA GLU M 49 -14.08 14.83 24.75
C GLU M 49 -15.49 14.79 25.32
N LEU M 50 -15.61 14.96 26.63
CA LEU M 50 -16.92 15.06 27.30
C LEU M 50 -17.70 16.31 26.88
N LEU M 51 -17.01 17.44 26.70
CA LEU M 51 -17.64 18.68 26.25
C LEU M 51 -18.15 18.60 24.81
N GLU M 52 -17.44 17.84 23.96
CA GLU M 52 -17.91 17.57 22.60
C GLU M 52 -19.24 16.85 22.66
N LEU M 53 -19.26 15.77 23.44
CA LEU M 53 -20.46 14.95 23.64
C LEU M 53 -21.60 15.76 24.23
N ALA M 54 -21.27 16.59 25.23
CA ALA M 54 -22.24 17.44 25.90
C ALA M 54 -22.98 18.32 24.88
N ALA M 55 -22.22 19.10 24.12
CA ALA M 55 -22.76 19.98 23.09
C ALA M 55 -23.50 19.21 21.99
N ALA M 56 -23.12 17.96 21.77
CA ALA M 56 -23.74 17.10 20.74
C ALA M 56 -25.08 16.51 21.18
N VAL M 57 -25.22 16.18 22.46
CA VAL M 57 -26.48 15.62 22.99
C VAL M 57 -27.48 16.72 23.32
N ASN M 58 -26.97 17.90 23.65
CA ASN M 58 -27.79 19.07 23.95
C ASN M 58 -27.01 20.35 23.64
N PRO M 59 -27.51 21.17 22.69
CA PRO M 59 -26.93 22.50 22.61
C PRO M 59 -27.33 23.24 23.87
N VAL M 60 -26.53 24.20 24.31
CA VAL M 60 -26.74 24.84 25.63
C VAL M 60 -27.08 23.76 26.68
N PRO M 61 -26.08 22.93 27.05
CA PRO M 61 -26.28 21.88 28.05
C PRO M 61 -26.50 22.44 29.45
N PRO M 62 -27.44 21.86 30.22
CA PRO M 62 -27.71 22.27 31.61
C PRO M 62 -26.51 22.18 32.55
N ALA M 63 -26.52 23.04 33.57
CA ALA M 63 -25.39 23.15 34.52
C ALA M 63 -25.28 21.92 35.44
N ARG M 64 -26.41 21.49 36.01
CA ARG M 64 -26.42 20.37 36.93
C ARG M 64 -25.83 19.11 36.32
N GLU M 65 -26.23 18.81 35.08
CA GLU M 65 -25.77 17.61 34.39
C GLU M 65 -24.33 17.78 33.92
N MET M 66 -23.97 19.02 33.56
CA MET M 66 -22.59 19.33 33.20
C MET M 66 -21.65 19.08 34.38
N ASP M 67 -22.06 19.53 35.57
CA ASP M 67 -21.32 19.22 36.80
C ASP M 67 -21.18 17.70 36.93
N MET M 68 -22.31 17.01 36.85
CA MET M 68 -22.37 15.55 36.91
C MET M 68 -21.34 14.93 35.94
N LEU M 69 -21.35 15.41 34.70
CA LEU M 69 -20.55 14.85 33.61
C LEU M 69 -19.05 15.02 33.82
N LEU M 70 -18.62 16.25 34.08
CA LEU M 70 -17.20 16.57 34.24
C LEU M 70 -16.63 16.04 35.56
N THR M 71 -17.48 15.98 36.59
CA THR M 71 -17.09 15.38 37.86
C THR M 71 -16.77 13.90 37.66
N ALA M 72 -17.60 13.21 36.90
CA ALA M 72 -17.39 11.79 36.62
C ALA M 72 -16.09 11.58 35.86
N GLY M 73 -15.82 12.45 34.90
CA GLY M 73 -14.57 12.41 34.15
C GLY M 73 -13.36 12.54 35.04
N GLU M 74 -13.41 13.51 35.97
CA GLU M 74 -12.31 13.72 36.89
C GLU M 74 -12.26 12.62 37.98
N ARG M 75 -13.41 12.08 38.34
CA ARG M 75 -13.44 11.01 39.35
C ARG M 75 -12.89 9.66 38.85
N ILE M 76 -12.82 9.47 37.54
CA ILE M 76 -12.12 8.32 36.97
C ILE M 76 -10.64 8.37 37.34
N SER M 77 -10.01 9.53 37.14
CA SER M 77 -8.61 9.74 37.53
C SER M 77 -8.42 9.59 39.04
N ASN M 78 -9.29 10.25 39.80
CA ASN M 78 -9.28 10.15 41.26
C ASN M 78 -9.19 8.69 41.71
N ALA M 79 -10.15 7.88 41.28
CA ALA M 79 -10.24 6.48 41.67
C ALA M 79 -8.96 5.70 41.33
N LEU M 80 -8.49 5.87 40.09
CA LEU M 80 -7.29 5.18 39.61
C LEU M 80 -6.04 5.59 40.38
N VAL M 81 -5.94 6.88 40.69
CA VAL M 81 -4.81 7.36 41.48
C VAL M 81 -4.87 6.81 42.90
N ALA M 82 -6.08 6.71 43.46
CA ALA M 82 -6.25 6.13 44.80
C ALA M 82 -5.85 4.67 44.81
N MET M 83 -6.32 3.93 43.80
CA MET M 83 -5.93 2.53 43.62
C MET M 83 -4.41 2.40 43.59
N ALA M 84 -3.76 3.26 42.81
CA ALA M 84 -2.30 3.25 42.67
C ALA M 84 -1.62 3.50 44.01
N ILE M 85 -2.02 4.59 44.67
CA ILE M 85 -1.42 4.98 45.94
C ILE M 85 -1.48 3.85 46.96
N GLU M 86 -2.64 3.21 47.07
CA GLU M 86 -2.84 2.18 48.08
C GLU M 86 -2.04 0.92 47.82
N SER M 87 -1.72 0.65 46.55
CA SER M 87 -0.83 -0.44 46.20
C SER M 87 0.60 -0.18 46.67
N LEU M 88 0.96 1.10 46.84
CA LEU M 88 2.28 1.46 47.39
C LEU M 88 2.26 1.66 48.90
N GLY M 89 1.15 1.31 49.56
CA GLY M 89 1.09 1.25 51.02
C GLY M 89 0.59 2.49 51.73
N ALA M 90 0.03 3.44 50.99
CA ALA M 90 -0.58 4.63 51.58
C ALA M 90 -2.07 4.38 51.78
N GLU M 91 -2.70 5.19 52.62
CA GLU M 91 -4.14 5.11 52.82
C GLU M 91 -4.79 6.37 52.27
N ALA M 92 -5.55 6.22 51.19
CA ALA M 92 -6.17 7.36 50.52
C ALA M 92 -7.57 7.65 51.02
N GLN M 93 -7.96 8.91 50.96
CA GLN M 93 -9.33 9.33 51.20
C GLN M 93 -9.70 10.36 50.15
N SER M 94 -10.82 10.12 49.46
CA SER M 94 -11.17 10.91 48.27
C SER M 94 -12.26 11.95 48.56
N PHE M 95 -12.23 13.03 47.79
CA PHE M 95 -13.12 14.17 47.98
C PHE M 95 -13.57 14.73 46.63
N THR M 96 -14.81 15.17 46.53
CA THR M 96 -15.22 16.06 45.44
C THR M 96 -14.74 17.48 45.78
N GLY M 97 -14.99 18.42 44.87
CA GLY M 97 -14.72 19.83 45.16
C GLY M 97 -15.63 20.31 46.28
N SER M 98 -16.92 19.95 46.19
CA SER M 98 -17.91 20.28 47.20
C SER M 98 -17.50 19.82 48.60
N GLN M 99 -17.49 18.51 48.82
CA GLN M 99 -16.98 17.95 50.07
C GLN M 99 -15.47 18.14 50.03
N ALA M 100 -14.94 18.96 50.94
CA ALA M 100 -13.57 19.45 50.86
C ALA M 100 -13.50 20.95 51.13
N GLY M 101 -14.65 21.64 51.01
CA GLY M 101 -14.76 23.05 51.38
C GLY M 101 -14.89 24.00 50.22
N VAL M 102 -14.30 23.65 49.07
CA VAL M 102 -14.29 24.53 47.90
C VAL M 102 -15.71 24.87 47.41
N LEU M 103 -16.27 25.95 47.95
CA LEU M 103 -17.63 26.38 47.65
C LEU M 103 -17.64 27.52 46.63
N VAL M 116 -14.68 29.07 53.00
CA VAL M 116 -14.61 27.77 52.31
C VAL M 116 -13.98 26.71 53.22
N THR M 117 -14.76 26.26 54.21
CA THR M 117 -14.26 25.42 55.31
C THR M 117 -13.77 24.04 54.86
N PRO M 118 -12.44 23.80 54.92
CA PRO M 118 -11.87 22.52 54.52
C PRO M 118 -11.52 21.63 55.72
N GLY M 119 -12.44 21.53 56.68
CA GLY M 119 -12.19 20.79 57.93
C GLY M 119 -11.94 19.31 57.73
N ARG M 120 -12.72 18.70 56.84
CA ARG M 120 -12.63 17.26 56.58
C ARG M 120 -11.26 16.86 56.01
N VAL M 121 -10.67 17.73 55.19
CA VAL M 121 -9.38 17.45 54.58
C VAL M 121 -8.28 17.48 55.64
N ARG M 122 -8.32 18.48 56.51
CA ARG M 122 -7.36 18.59 57.61
C ARG M 122 -7.51 17.42 58.58
N GLU M 123 -8.75 17.10 58.97
CA GLU M 123 -8.98 15.97 59.88
C GLU M 123 -8.38 14.68 59.32
N ALA M 124 -8.57 14.44 58.02
CA ALA M 124 -8.01 13.26 57.35
C ALA M 124 -6.49 13.30 57.28
N LEU M 125 -5.95 14.46 56.95
CA LEU M 125 -4.49 14.67 56.93
C LEU M 125 -3.86 14.37 58.29
N ASP M 126 -4.55 14.77 59.37
CA ASP M 126 -4.07 14.52 60.73
C ASP M 126 -4.03 13.03 61.08
N GLU M 127 -4.75 12.21 60.31
CA GLU M 127 -4.65 10.75 60.43
C GLU M 127 -3.60 10.17 59.48
N GLY M 128 -2.87 11.04 58.77
CA GLY M 128 -1.81 10.62 57.86
C GLY M 128 -2.30 10.10 56.53
N LYS M 129 -3.54 10.42 56.18
CA LYS M 129 -4.10 9.99 54.90
C LYS M 129 -3.66 10.94 53.79
N ILE M 130 -3.44 10.41 52.59
CA ILE M 130 -3.21 11.23 51.41
C ILE M 130 -4.55 11.56 50.78
N CYS M 131 -4.92 12.84 50.80
CA CYS M 131 -6.22 13.27 50.29
C CYS M 131 -6.18 13.49 48.79
N ILE M 132 -7.26 13.10 48.11
CA ILE M 132 -7.40 13.33 46.67
C ILE M 132 -8.72 14.06 46.40
N VAL M 133 -8.66 15.08 45.54
CA VAL M 133 -9.82 15.90 45.21
C VAL M 133 -9.97 16.03 43.69
N ALA M 134 -11.19 15.86 43.17
CA ALA M 134 -11.38 15.84 41.72
C ALA M 134 -12.74 16.31 41.17
N GLY M 135 -13.82 16.06 41.91
CA GLY M 135 -15.16 16.43 41.42
C GLY M 135 -15.46 17.93 41.45
N PHE M 136 -16.75 18.26 41.54
CA PHE M 136 -17.21 19.64 41.77
C PHE M 136 -18.43 19.64 42.70
N GLY M 150 -17.12 26.73 35.10
CA GLY M 150 -16.23 27.82 34.74
C GLY M 150 -15.46 28.35 35.93
N ARG M 151 -15.02 27.43 36.78
CA ARG M 151 -14.25 27.79 37.98
C ARG M 151 -12.80 28.14 37.63
N GLY M 152 -12.26 27.46 36.62
CA GLY M 152 -10.82 27.33 36.44
C GLY M 152 -10.47 25.84 36.60
N GLY M 153 -11.29 25.15 37.39
CA GLY M 153 -11.26 23.69 37.48
C GLY M 153 -10.28 23.17 38.50
N SER M 154 -9.67 22.03 38.17
CA SER M 154 -8.65 21.40 39.00
C SER M 154 -7.55 22.38 39.44
N ASP M 155 -7.13 23.26 38.52
CA ASP M 155 -6.07 24.21 38.80
C ASP M 155 -6.46 25.17 39.93
N THR M 156 -7.58 25.86 39.75
CA THR M 156 -8.04 26.86 40.71
C THR M 156 -8.48 26.24 42.03
N THR M 157 -9.05 25.03 41.98
CA THR M 157 -9.42 24.31 43.20
C THR M 157 -8.17 23.94 44.00
N ALA M 158 -7.07 23.65 43.31
CA ALA M 158 -5.80 23.30 43.95
C ALA M 158 -5.22 24.48 44.73
N VAL M 159 -5.14 25.63 44.09
CA VAL M 159 -4.59 26.83 44.74
C VAL M 159 -5.49 27.30 45.88
N ALA M 160 -6.80 27.08 45.73
CA ALA M 160 -7.77 27.41 46.77
C ALA M 160 -7.56 26.55 48.01
N LEU M 161 -7.44 25.24 47.82
CA LEU M 161 -7.12 24.32 48.92
C LEU M 161 -5.80 24.69 49.60
N ALA M 162 -4.80 25.04 48.79
CA ALA M 162 -3.48 25.44 49.28
C ALA M 162 -3.53 26.72 50.11
N ALA M 163 -4.37 27.67 49.69
CA ALA M 163 -4.55 28.92 50.43
C ALA M 163 -5.22 28.68 51.78
N ALA M 164 -6.32 27.91 51.75
CA ALA M 164 -7.13 27.64 52.94
C ALA M 164 -6.34 26.94 54.04
N LEU M 165 -5.60 25.89 53.67
CA LEU M 165 -4.81 25.12 54.64
C LEU M 165 -3.40 25.70 54.85
N ASN M 166 -3.14 26.91 54.34
CA ASN M 166 -1.81 27.52 54.35
C ASN M 166 -0.72 26.52 53.99
N ALA M 167 -0.81 25.98 52.77
CA ALA M 167 0.18 25.04 52.28
C ALA M 167 1.51 25.75 52.01
N ASP M 168 2.61 25.00 52.14
CA ASP M 168 3.93 25.54 51.84
C ASP M 168 4.03 25.90 50.36
N VAL M 169 3.46 25.05 49.50
CA VAL M 169 3.50 25.26 48.06
C VAL M 169 2.41 24.45 47.37
N CYS M 170 1.95 24.96 46.23
CA CYS M 170 1.02 24.24 45.35
C CYS M 170 1.74 23.87 44.06
N GLU M 171 2.03 22.59 43.89
CA GLU M 171 2.79 22.12 42.73
C GLU M 171 1.86 21.74 41.57
N ILE M 172 2.02 22.44 40.45
CA ILE M 172 1.29 22.10 39.23
C ILE M 172 2.16 21.21 38.34
N TYR M 173 1.72 19.96 38.16
CA TYR M 173 2.45 18.98 37.38
C TYR M 173 1.84 18.81 35.99
N SER M 174 2.69 18.66 34.99
CA SER M 174 2.25 18.39 33.61
C SER M 174 3.44 17.84 32.80
N ASP M 175 3.33 17.89 31.48
CA ASP M 175 4.45 17.55 30.60
C ASP M 175 5.42 18.72 30.46
N VAL M 176 5.01 19.90 30.92
CA VAL M 176 5.87 21.08 30.96
C VAL M 176 6.73 21.06 32.23
N ASP M 177 8.04 21.16 32.06
CA ASP M 177 8.96 21.05 33.20
C ASP M 177 9.30 22.39 33.88
N GLY M 178 8.93 23.51 33.26
CA GLY M 178 9.15 24.83 33.87
C GLY M 178 8.79 26.00 32.97
N VAL M 179 9.07 27.21 33.46
CA VAL M 179 8.83 28.45 32.71
C VAL M 179 10.13 28.92 32.09
N TYR M 180 10.07 29.31 30.81
CA TYR M 180 11.28 29.64 30.05
C TYR M 180 11.32 31.10 29.61
N THR M 181 12.54 31.61 29.41
CA THR M 181 12.76 32.99 28.99
C THR M 181 12.25 33.22 27.57
N ALA M 182 12.12 32.13 26.81
CA ALA M 182 11.47 32.16 25.52
C ALA M 182 11.08 30.73 25.12
N ASP M 183 10.38 30.59 24.00
CA ASP M 183 10.09 29.27 23.45
C ASP M 183 11.39 28.66 22.94
N PRO M 184 11.81 27.51 23.52
CA PRO M 184 13.10 26.92 23.12
C PRO M 184 13.18 26.50 21.65
N ARG M 185 12.04 26.21 21.04
CA ARG M 185 11.99 25.82 19.63
C ARG M 185 12.32 27.01 18.71
N ILE M 186 11.83 28.19 19.08
CA ILE M 186 12.09 29.41 18.32
C ILE M 186 13.48 29.96 18.63
N VAL M 187 13.75 30.14 19.92
CA VAL M 187 15.00 30.73 20.40
C VAL M 187 15.90 29.65 21.00
N PRO M 188 17.07 29.41 20.38
CA PRO M 188 17.94 28.32 20.81
C PRO M 188 18.51 28.52 22.21
N ASN M 189 18.98 29.74 22.50
CA ASN M 189 19.58 30.07 23.79
C ASN M 189 18.58 30.32 24.93
N ALA M 190 17.32 29.94 24.72
CA ALA M 190 16.28 30.08 25.74
C ALA M 190 16.64 29.36 27.04
N GLN M 191 16.22 29.94 28.16
CA GLN M 191 16.65 29.49 29.48
C GLN M 191 15.45 29.28 30.39
N LYS M 192 15.54 28.27 31.27
CA LYS M 192 14.49 28.00 32.23
C LYS M 192 14.64 28.92 33.44
N LEU M 193 13.55 29.59 33.81
CA LEU M 193 13.54 30.41 35.01
C LEU M 193 13.52 29.54 36.26
N GLU M 194 14.21 29.99 37.30
CA GLU M 194 14.17 29.33 38.61
C GLU M 194 13.06 29.93 39.46
N LYS M 195 12.86 31.24 39.34
CA LYS M 195 11.85 31.95 40.13
C LYS M 195 11.38 33.21 39.40
N LEU M 196 10.11 33.54 39.59
CA LEU M 196 9.55 34.82 39.15
C LEU M 196 8.39 35.21 40.05
N SER M 197 7.93 36.45 39.94
CA SER M 197 6.83 36.93 40.79
C SER M 197 5.47 36.55 40.21
N PHE M 198 4.43 36.61 41.05
CA PHE M 198 3.07 36.30 40.64
C PHE M 198 2.67 37.04 39.37
N GLU M 199 2.94 38.35 39.36
CA GLU M 199 2.51 39.20 38.25
C GLU M 199 3.40 39.06 37.01
N GLU M 200 4.70 38.85 37.19
CA GLU M 200 5.58 38.53 36.06
C GLU M 200 5.09 37.29 35.33
N MET M 201 4.55 36.32 36.08
CA MET M 201 3.96 35.11 35.51
C MET M 201 2.60 35.38 34.86
N LEU M 202 1.80 36.24 35.50
CA LEU M 202 0.52 36.67 34.93
C LEU M 202 0.70 37.37 33.59
N GLU M 203 1.62 38.34 33.54
CA GLU M 203 1.84 39.14 32.34
C GLU M 203 2.42 38.30 31.22
N LEU M 204 3.43 37.50 31.55
CA LEU M 204 4.09 36.64 30.56
C LEU M 204 3.10 35.62 29.97
N ALA M 205 2.19 35.11 30.81
CA ALA M 205 1.15 34.17 30.36
C ALA M 205 -0.03 34.87 29.69
N ALA M 206 -0.23 36.15 29.98
CA ALA M 206 -1.37 36.90 29.43
C ALA M 206 -1.24 37.23 27.95
N VAL M 207 -0.01 37.23 27.44
CA VAL M 207 0.28 37.59 26.05
C VAL M 207 1.14 36.55 25.33
N GLY M 208 1.12 35.31 25.83
CA GLY M 208 1.80 34.19 25.20
C GLY M 208 1.05 32.90 25.46
N SER M 209 1.68 31.77 25.19
CA SER M 209 1.06 30.47 25.46
C SER M 209 0.91 30.27 26.97
N LYS M 210 -0.23 29.72 27.38
CA LYS M 210 -0.54 29.56 28.80
C LYS M 210 0.06 28.26 29.32
N ILE M 211 1.11 28.37 30.13
CA ILE M 211 1.63 27.23 30.87
C ILE M 211 0.60 26.87 31.96
N LEU M 212 0.04 27.90 32.58
CA LEU M 212 -0.94 27.74 33.66
C LEU M 212 -2.26 28.42 33.32
N VAL M 213 -3.26 28.19 34.16
CA VAL M 213 -4.54 28.87 34.04
C VAL M 213 -4.41 30.22 34.76
N LEU M 214 -4.57 31.30 34.02
CA LEU M 214 -4.49 32.66 34.57
C LEU M 214 -5.24 32.83 35.89
N ARG M 215 -6.50 32.42 35.90
CA ARG M 215 -7.35 32.58 37.08
C ARG M 215 -6.76 31.96 38.34
N SER M 216 -6.22 30.75 38.20
CA SER M 216 -5.62 30.06 39.34
C SER M 216 -4.40 30.82 39.87
N VAL M 217 -3.62 31.39 38.97
CA VAL M 217 -2.43 32.15 39.35
C VAL M 217 -2.83 33.47 40.02
N GLU M 218 -3.94 34.05 39.58
CA GLU M 218 -4.49 35.24 40.22
C GLU M 218 -4.95 34.96 41.65
N TYR M 219 -5.46 33.74 41.90
CA TYR M 219 -5.78 33.32 43.27
C TYR M 219 -4.52 33.14 44.08
N ALA M 220 -3.49 32.55 43.47
CA ALA M 220 -2.20 32.36 44.13
C ALA M 220 -1.62 33.71 44.54
N ARG M 221 -1.75 34.70 43.66
CA ARG M 221 -1.37 36.08 43.97
C ARG M 221 -2.16 36.62 45.16
N ALA M 222 -3.49 36.43 45.14
CA ALA M 222 -4.37 36.97 46.16
C ALA M 222 -4.07 36.44 47.56
N PHE M 223 -3.82 35.13 47.66
CA PHE M 223 -3.52 34.49 48.94
C PHE M 223 -2.03 34.19 49.12
N ASN M 224 -1.20 34.68 48.21
CA ASN M 224 0.25 34.48 48.27
C ASN M 224 0.61 33.01 48.52
N VAL M 225 0.07 32.13 47.68
CA VAL M 225 0.43 30.70 47.73
C VAL M 225 1.52 30.42 46.70
N PRO M 226 2.70 29.93 47.16
CA PRO M 226 3.75 29.56 46.21
C PRO M 226 3.31 28.48 45.22
N LEU M 227 3.58 28.72 43.94
CA LEU M 227 3.28 27.74 42.89
C LEU M 227 4.58 27.21 42.33
N ARG M 228 4.58 25.95 41.92
CA ARG M 228 5.74 25.35 41.27
C ARG M 228 5.32 24.61 40.01
N VAL M 229 5.66 25.20 38.86
CA VAL M 229 5.42 24.57 37.57
C VAL M 229 6.54 23.58 37.31
N ARG M 230 6.23 22.28 37.34
CA ARG M 230 7.24 21.25 37.12
C ARG M 230 6.69 20.04 36.34
N SER M 231 7.58 19.19 35.87
CA SER M 231 7.18 18.02 35.09
C SER M 231 6.92 16.82 35.98
N SER M 232 6.01 15.95 35.53
CA SER M 232 5.75 14.67 36.20
C SER M 232 6.52 13.55 35.50
N TYR M 233 7.28 13.91 34.47
CA TYR M 233 8.07 12.96 33.70
C TYR M 233 9.57 13.05 34.03
N SER M 234 9.94 13.93 34.96
CA SER M 234 11.35 14.08 35.31
C SER M 234 11.59 14.52 36.75
N ASN M 235 12.88 14.48 37.12
CA ASN M 235 13.37 14.88 38.44
C ASN M 235 13.52 16.39 38.64
N ASP M 236 13.29 17.17 37.59
CA ASP M 236 13.54 18.61 37.62
C ASP M 236 12.55 19.35 38.53
N PRO M 237 13.07 20.22 39.42
CA PRO M 237 12.21 20.97 40.34
C PRO M 237 11.35 22.05 39.66
N GLY M 238 11.75 22.50 38.48
CA GLY M 238 10.97 23.43 37.69
C GLY M 238 11.08 24.86 38.19
N THR M 239 10.09 25.67 37.86
CA THR M 239 10.12 27.11 38.16
C THR M 239 9.16 27.42 39.31
N LEU M 240 9.66 28.16 40.31
CA LEU M 240 8.85 28.62 41.42
C LEU M 240 8.16 29.94 41.04
N ILE M 241 6.90 30.08 41.43
CA ILE M 241 6.17 31.34 41.26
C ILE M 241 5.77 31.83 42.64
N ALA M 242 6.55 32.77 43.17
CA ALA M 242 6.35 33.24 44.54
C ALA M 242 6.79 34.68 44.71
N GLY M 243 6.18 35.34 45.68
CA GLY M 243 6.54 36.71 46.02
C GLY M 243 5.85 37.73 45.14
N SER M 244 5.51 38.87 45.74
CA SER M 244 4.97 40.00 45.00
C SER M 244 6.10 40.78 44.32
N MET M 245 5.76 41.40 43.20
CA MET M 245 6.66 42.27 42.45
C MET M 245 7.01 43.52 43.25
N GLU M 246 6.05 44.01 44.05
CA GLU M 246 6.26 45.19 44.90
C GLU M 246 7.40 44.95 45.89
N ASP M 247 7.49 43.72 46.41
CA ASP M 247 8.48 43.37 47.42
C ASP M 247 9.86 43.03 46.84
N ILE M 248 10.03 43.14 45.53
CA ILE M 248 11.34 43.03 44.91
C ILE M 248 12.01 44.41 44.97
N PRO M 249 13.21 44.50 45.57
CA PRO M 249 13.95 45.76 45.56
C PRO M 249 14.29 46.21 44.14
N VAL M 250 14.13 47.51 43.87
CA VAL M 250 14.37 48.06 42.53
C VAL M 250 15.70 47.62 41.92
N GLU M 251 16.73 47.50 42.76
CA GLU M 251 18.04 47.02 42.32
C GLU M 251 18.02 45.56 41.90
N GLU M 252 17.23 44.74 42.61
CA GLU M 252 17.14 43.31 42.33
C GLU M 252 16.20 42.94 41.17
N ALA M 253 15.35 43.88 40.75
CA ALA M 253 14.35 43.62 39.71
C ALA M 253 15.00 43.21 38.39
N VAL M 254 14.40 42.25 37.70
CA VAL M 254 14.99 41.65 36.49
C VAL M 254 14.00 41.54 35.34
N LEU M 255 14.52 41.22 34.15
CA LEU M 255 13.70 40.90 32.98
C LEU M 255 13.41 39.40 32.96
N THR M 256 12.13 39.07 32.76
CA THR M 256 11.67 37.68 32.86
C THR M 256 11.86 36.91 31.56
N GLY M 257 11.20 37.37 30.49
CA GLY M 257 11.31 36.68 29.22
C GLY M 257 10.52 37.28 28.06
N VAL M 258 10.46 36.52 26.97
CA VAL M 258 9.79 36.94 25.74
C VAL M 258 8.66 35.96 25.41
N ALA M 259 7.50 36.50 25.07
CA ALA M 259 6.32 35.69 24.75
C ALA M 259 5.82 35.97 23.34
N THR M 260 5.36 34.92 22.66
CA THR M 260 4.92 35.01 21.27
C THR M 260 3.52 34.44 21.11
N ASP M 261 2.73 35.07 20.23
CA ASP M 261 1.35 34.68 19.99
C ASP M 261 1.00 34.82 18.50
N LYS M 262 0.89 33.69 17.81
CA LYS M 262 0.53 33.67 16.39
C LYS M 262 -0.93 33.25 16.18
N SER M 263 -1.67 33.02 17.26
CA SER M 263 -3.04 32.52 17.18
C SER M 263 -4.12 33.61 17.07
N GLU M 264 -3.70 34.87 16.93
CA GLU M 264 -4.63 36.00 16.96
C GLU M 264 -4.86 36.61 15.58
N ALA M 265 -5.98 37.31 15.46
CA ALA M 265 -6.26 38.16 14.30
C ALA M 265 -6.69 39.53 14.80
N LYS M 266 -6.15 40.59 14.20
CA LYS M 266 -6.53 41.95 14.60
C LYS M 266 -7.69 42.47 13.74
N VAL M 267 -8.67 43.08 14.39
CA VAL M 267 -9.79 43.75 13.71
C VAL M 267 -9.80 45.20 14.16
N THR M 268 -9.86 46.13 13.20
CA THR M 268 -9.88 47.55 13.52
C THR M 268 -11.16 48.21 13.03
N VAL M 269 -11.98 48.67 13.98
CA VAL M 269 -13.08 49.56 13.66
C VAL M 269 -12.48 50.96 13.60
N LEU M 270 -12.67 51.65 12.48
CA LEU M 270 -12.08 52.97 12.29
C LEU M 270 -13.16 54.02 12.01
N GLY M 271 -13.05 55.16 12.68
CA GLY M 271 -14.02 56.26 12.56
C GLY M 271 -15.11 56.20 13.61
N ILE M 272 -14.73 55.93 14.86
CA ILE M 272 -15.67 55.97 15.99
C ILE M 272 -15.77 57.41 16.47
N SER M 273 -16.98 57.86 16.78
CA SER M 273 -17.27 59.28 16.96
C SER M 273 -16.88 59.89 18.32
N ASP M 274 -16.05 59.20 19.10
CA ASP M 274 -15.45 59.74 20.32
C ASP M 274 -16.44 60.49 21.23
N LYS M 275 -17.59 59.85 21.48
CA LYS M 275 -18.51 60.27 22.52
C LYS M 275 -18.71 59.08 23.46
N PRO M 276 -19.26 59.30 24.67
CA PRO M 276 -19.50 58.16 25.56
C PRO M 276 -20.49 57.15 25.01
N GLY M 277 -20.19 55.86 25.18
CA GLY M 277 -21.07 54.78 24.73
C GLY M 277 -20.81 54.24 23.34
N GLU M 278 -19.92 54.88 22.59
CA GLU M 278 -19.57 54.43 21.24
C GLU M 278 -18.75 53.15 21.31
N ALA M 279 -17.84 53.08 22.27
CA ALA M 279 -17.08 51.85 22.55
C ALA M 279 -18.03 50.76 23.06
N ALA M 280 -19.08 51.17 23.77
CA ALA M 280 -20.07 50.24 24.30
C ALA M 280 -20.82 49.50 23.19
N LYS M 281 -21.18 50.21 22.13
CA LYS M 281 -21.88 49.61 20.99
C LYS M 281 -21.04 48.51 20.34
N VAL M 282 -19.76 48.78 20.15
CA VAL M 282 -18.83 47.84 19.51
C VAL M 282 -18.75 46.51 20.27
N PHE M 283 -18.40 46.57 21.55
CA PHE M 283 -18.06 45.36 22.31
C PHE M 283 -19.27 44.61 22.88
N ARG M 284 -20.36 45.32 23.11
CA ARG M 284 -21.65 44.68 23.41
C ARG M 284 -22.02 43.71 22.28
N ALA M 285 -21.94 44.20 21.05
CA ALA M 285 -22.26 43.42 19.87
C ALA M 285 -21.35 42.21 19.72
N LEU M 286 -20.08 42.38 20.08
CA LEU M 286 -19.11 41.29 20.03
C LEU M 286 -19.41 40.24 21.10
N ALA M 287 -19.68 40.70 22.32
CA ALA M 287 -19.91 39.79 23.45
C ALA M 287 -21.15 38.91 23.25
N ASP M 288 -22.18 39.46 22.61
CA ASP M 288 -23.41 38.70 22.30
C ASP M 288 -23.12 37.48 21.41
N ALA M 289 -22.12 37.60 20.54
CA ALA M 289 -21.72 36.50 19.65
C ALA M 289 -20.67 35.58 20.27
N GLU M 290 -20.40 35.76 21.57
CA GLU M 290 -19.35 35.02 22.27
C GLU M 290 -17.98 35.13 21.56
N ILE M 291 -17.69 36.32 21.04
CA ILE M 291 -16.40 36.60 20.42
C ILE M 291 -15.37 36.89 21.52
N ASN M 292 -14.49 35.92 21.77
CA ASN M 292 -13.41 36.11 22.75
C ASN M 292 -12.48 37.24 22.30
N ILE M 293 -12.12 38.12 23.23
CA ILE M 293 -11.32 39.31 22.91
C ILE M 293 -10.03 39.33 23.73
N ASP M 294 -8.90 39.43 23.03
CA ASP M 294 -7.58 39.24 23.63
C ASP M 294 -6.97 40.55 24.11
N MET M 295 -7.13 41.62 23.34
CA MET M 295 -6.43 42.87 23.60
C MET M 295 -7.12 44.02 22.87
N VAL M 296 -7.67 44.97 23.63
CA VAL M 296 -8.31 46.15 23.05
C VAL M 296 -7.31 47.30 23.02
N LEU M 297 -7.41 48.13 21.99
CA LEU M 297 -6.46 49.22 21.80
C LEU M 297 -7.14 50.40 21.10
N GLN M 298 -7.06 51.57 21.73
CA GLN M 298 -7.64 52.80 21.18
C GLN M 298 -6.74 53.98 21.55
N ASN M 299 -6.53 54.88 20.61
CA ASN M 299 -5.72 56.08 20.83
C ASN M 299 -6.57 57.34 20.69
N VAL M 300 -5.95 58.50 20.90
CA VAL M 300 -6.67 59.78 20.94
C VAL M 300 -7.06 60.30 19.57
N SER M 301 -8.02 61.24 19.55
CA SER M 301 -8.38 61.99 18.35
C SER M 301 -7.34 63.07 18.11
N SER M 302 -7.08 63.38 16.84
CA SER M 302 -6.01 64.29 16.45
C SER M 302 -6.46 65.75 16.44
N VAL M 303 -6.63 66.32 17.64
CA VAL M 303 -6.99 67.74 17.86
C VAL M 303 -8.07 68.28 16.89
N GLU M 304 -8.87 67.38 16.33
CA GLU M 304 -9.80 67.71 15.26
C GLU M 304 -10.61 66.46 14.88
N ASP M 305 -11.72 66.66 14.18
CA ASP M 305 -12.46 65.58 13.49
C ASP M 305 -13.36 64.78 14.44
N GLY M 306 -13.01 64.74 15.73
CA GLY M 306 -13.83 64.07 16.74
C GLY M 306 -13.90 62.56 16.58
N THR M 307 -12.92 61.96 15.91
CA THR M 307 -12.92 60.53 15.65
C THR M 307 -11.60 59.85 16.00
N THR M 308 -11.70 58.55 16.34
CA THR M 308 -10.54 57.68 16.53
C THR M 308 -10.91 56.28 16.05
N ASP M 309 -9.96 55.36 16.13
CA ASP M 309 -10.15 53.97 15.73
C ASP M 309 -9.99 53.04 16.93
N ILE M 310 -10.74 51.94 16.94
CA ILE M 310 -10.61 50.92 17.96
C ILE M 310 -10.14 49.60 17.33
N THR M 311 -8.98 49.13 17.77
CA THR M 311 -8.40 47.87 17.30
C THR M 311 -8.44 46.84 18.41
N PHE M 312 -8.86 45.62 18.08
CA PHE M 312 -8.78 44.50 19.01
C PHE M 312 -8.30 43.23 18.32
N THR M 313 -7.77 42.31 19.12
CA THR M 313 -7.34 41.00 18.62
C THR M 313 -8.25 39.92 19.18
N CYS M 314 -8.61 38.95 18.34
CA CYS M 314 -9.42 37.80 18.74
C CYS M 314 -8.83 36.54 18.15
N PRO M 315 -9.22 35.36 18.67
CA PRO M 315 -8.80 34.11 18.03
C PRO M 315 -9.14 34.11 16.55
N ARG M 316 -8.25 33.57 15.72
CA ARG M 316 -8.47 33.55 14.27
C ARG M 316 -9.76 32.82 13.88
N SER M 317 -10.18 31.85 14.69
CA SER M 317 -11.47 31.18 14.51
C SER M 317 -12.67 32.10 14.71
N ASP M 318 -12.50 33.16 15.50
CA ASP M 318 -13.57 34.13 15.79
C ASP M 318 -13.57 35.34 14.85
N GLY M 319 -12.53 35.48 14.04
CA GLY M 319 -12.42 36.63 13.14
C GLY M 319 -13.61 36.85 12.23
N ARG M 320 -14.16 35.76 11.70
CA ARG M 320 -15.26 35.83 10.75
C ARG M 320 -16.49 36.48 11.36
N ARG M 321 -17.12 35.80 12.33
CA ARG M 321 -18.32 36.33 12.98
C ARG M 321 -18.11 37.78 13.41
N ALA M 322 -16.93 38.05 13.97
CA ALA M 322 -16.55 39.39 14.41
C ALA M 322 -16.70 40.42 13.31
N MET M 323 -16.16 40.11 12.13
CA MET M 323 -16.25 41.02 10.99
C MET M 323 -17.67 41.20 10.46
N GLU M 324 -18.42 40.10 10.41
CA GLU M 324 -19.81 40.14 9.94
C GLU M 324 -20.67 41.03 10.84
N ILE M 325 -20.54 40.83 12.15
CA ILE M 325 -21.29 41.58 13.14
C ILE M 325 -21.01 43.08 13.03
N LEU M 326 -19.75 43.46 12.93
CA LEU M 326 -19.34 44.87 12.90
C LEU M 326 -19.57 45.53 11.54
N LYS M 327 -19.63 44.74 10.48
CA LYS M 327 -19.95 45.26 9.14
C LYS M 327 -21.44 45.62 9.04
N LYS M 328 -22.31 44.84 9.69
CA LYS M 328 -23.74 45.18 9.77
C LYS M 328 -23.95 46.50 10.50
N LEU M 329 -23.30 46.63 11.66
CA LEU M 329 -23.38 47.83 12.49
C LEU M 329 -22.64 49.02 11.88
N GLN M 330 -21.79 48.78 10.88
CA GLN M 330 -21.12 49.84 10.14
C GLN M 330 -22.16 50.79 9.51
N VAL M 331 -23.19 50.21 8.91
CA VAL M 331 -24.26 50.99 8.27
C VAL M 331 -25.28 51.45 9.31
N ASN M 334 -23.02 54.32 11.72
CA ASN M 334 -22.25 54.49 12.95
C ASN M 334 -20.81 54.89 12.65
N TRP M 335 -20.05 53.98 12.04
CA TRP M 335 -18.62 54.19 11.76
C TRP M 335 -18.23 53.93 10.29
N THR M 336 -16.99 54.29 9.94
CA THR M 336 -16.53 54.36 8.54
C THR M 336 -16.20 53.03 7.87
N ASN M 337 -15.44 52.17 8.55
CA ASN M 337 -14.85 50.99 7.93
C ASN M 337 -14.47 49.98 9.00
N VAL M 338 -14.39 48.70 8.61
CA VAL M 338 -13.95 47.64 9.52
C VAL M 338 -12.91 46.75 8.83
N LEU M 339 -11.66 46.86 9.29
CA LEU M 339 -10.53 46.15 8.69
C LEU M 339 -10.34 44.79 9.36
N TYR M 340 -9.64 43.89 8.66
CA TYR M 340 -9.39 42.54 9.15
C TYR M 340 -8.02 42.02 8.72
N ASP M 341 -7.34 41.32 9.63
CA ASP M 341 -5.99 40.82 9.41
C ASP M 341 -5.77 39.54 10.21
N ASP M 342 -5.47 38.45 9.50
CA ASP M 342 -5.24 37.13 10.12
C ASP M 342 -3.85 36.60 9.78
N GLN M 343 -2.89 37.50 9.61
CA GLN M 343 -1.48 37.15 9.48
C GLN M 343 -0.62 37.97 10.44
N VAL M 344 -1.25 38.53 11.47
CA VAL M 344 -0.55 39.31 12.48
C VAL M 344 0.01 38.41 13.58
N GLY M 345 1.19 38.77 14.07
CA GLY M 345 1.83 38.09 15.21
C GLY M 345 2.10 39.08 16.33
N LYS M 346 2.20 38.57 17.56
CA LYS M 346 2.42 39.42 18.73
C LYS M 346 3.69 39.00 19.45
N VAL M 347 4.55 39.98 19.76
CA VAL M 347 5.76 39.75 20.56
C VAL M 347 5.77 40.69 21.74
N SER M 348 6.07 40.17 22.92
CA SER M 348 6.05 40.94 24.14
C SER M 348 7.29 40.70 24.98
N LEU M 349 7.74 41.75 25.68
CA LEU M 349 8.81 41.64 26.66
C LEU M 349 8.21 41.85 28.03
N VAL M 350 8.61 41.04 29.00
CA VAL M 350 8.04 41.08 30.34
C VAL M 350 9.12 40.99 31.40
N GLY M 351 8.97 41.80 32.46
CA GLY M 351 9.89 41.79 33.59
C GLY M 351 9.71 42.99 34.49
N ALA M 352 9.80 42.77 35.80
CA ALA M 352 9.66 43.84 36.78
C ALA M 352 10.77 44.89 36.67
N GLY M 353 11.89 44.52 36.07
CA GLY M 353 13.01 45.42 35.84
C GLY M 353 12.66 46.69 35.09
N MET M 354 11.71 46.61 34.16
CA MET M 354 11.38 47.75 33.30
C MET M 354 10.51 48.82 33.98
N LYS M 355 9.88 48.50 35.10
CA LYS M 355 9.03 49.46 35.79
C LYS M 355 9.79 50.74 36.14
N SER M 356 11.06 50.60 36.54
CA SER M 356 11.87 51.72 37.01
C SER M 356 13.07 52.07 36.11
N HIS M 357 13.14 51.47 34.92
CA HIS M 357 14.27 51.69 34.01
C HIS M 357 13.80 52.24 32.65
N PRO M 358 14.44 53.33 32.17
CA PRO M 358 13.96 54.02 30.97
C PRO M 358 14.46 53.48 29.63
N GLY M 359 15.63 52.84 29.62
CA GLY M 359 16.21 52.34 28.39
C GLY M 359 15.52 51.13 27.76
N VAL M 360 14.70 50.43 28.54
CA VAL M 360 14.06 49.18 28.10
C VAL M 360 13.16 49.37 26.87
N THR M 361 12.22 50.32 26.94
CA THR M 361 11.29 50.56 25.84
C THR M 361 12.03 50.99 24.56
N ALA M 362 13.05 51.81 24.72
CA ALA M 362 13.87 52.28 23.60
C ALA M 362 14.70 51.14 23.01
N GLU M 363 15.36 50.37 23.88
CA GLU M 363 16.13 49.21 23.45
C GLU M 363 15.25 48.20 22.71
N PHE M 364 14.02 48.01 23.21
CA PHE M 364 13.03 47.17 22.56
C PHE M 364 12.87 47.59 21.12
N MET M 365 12.46 48.84 20.91
CA MET M 365 12.18 49.34 19.57
C MET M 365 13.42 49.21 18.67
N GLU M 366 14.59 49.48 19.25
CA GLU M 366 15.86 49.40 18.52
C GLU M 366 16.25 47.98 18.10
N ALA M 367 15.94 46.99 18.93
CA ALA M 367 16.21 45.59 18.60
C ALA M 367 15.46 45.17 17.34
N LEU M 368 14.19 45.56 17.27
CA LEU M 368 13.35 45.24 16.11
C LEU M 368 13.71 46.10 14.89
N ARG M 369 14.25 47.29 15.15
CA ARG M 369 14.79 48.14 14.07
C ARG M 369 16.00 47.47 13.41
N ASP M 370 16.89 46.90 14.22
CA ASP M 370 18.15 46.33 13.73
C ASP M 370 17.99 44.97 13.03
N VAL M 371 16.82 44.36 13.14
CA VAL M 371 16.49 43.16 12.36
C VAL M 371 15.41 43.47 11.33
N ASN M 372 15.23 44.76 11.04
CA ASN M 372 14.30 45.24 10.03
C ASN M 372 12.88 44.68 10.20
N VAL M 373 12.33 44.89 11.39
CA VAL M 373 10.94 44.55 11.67
C VAL M 373 10.15 45.82 11.97
N ASN M 374 9.05 46.02 11.25
CA ASN M 374 8.19 47.17 11.45
C ASN M 374 7.17 46.91 12.56
N ILE M 375 7.13 47.80 13.53
CA ILE M 375 6.18 47.70 14.64
C ILE M 375 4.88 48.37 14.22
N GLU M 376 3.86 47.56 13.98
CA GLU M 376 2.59 48.06 13.46
C GLU M 376 1.70 48.66 14.53
N LEU M 377 1.85 48.20 15.77
CA LEU M 377 0.96 48.60 16.86
C LEU M 377 1.62 48.25 18.20
N ILE M 378 1.32 49.06 19.23
CA ILE M 378 2.00 48.95 20.52
C ILE M 378 1.02 48.95 21.69
N SER M 379 1.20 48.01 22.62
CA SER M 379 0.46 47.98 23.88
C SER M 379 1.42 47.70 25.03
N THR M 380 1.14 48.27 26.19
CA THR M 380 2.02 48.14 27.34
C THR M 380 1.25 48.08 28.64
N SER M 381 1.80 47.35 29.61
CA SER M 381 1.39 47.45 31.01
C SER M 381 2.61 47.90 31.79
N GLU M 382 2.44 48.08 33.10
CA GLU M 382 3.52 48.58 33.97
C GLU M 382 4.83 47.80 33.78
N ILE M 383 4.73 46.49 33.58
CA ILE M 383 5.92 45.64 33.39
C ILE M 383 5.89 44.80 32.12
N ARG M 384 5.10 45.23 31.12
CA ARG M 384 5.00 44.52 29.86
C ARG M 384 5.03 45.48 28.66
N ILE M 385 5.78 45.10 27.63
CA ILE M 385 5.74 45.77 26.33
C ILE M 385 5.31 44.76 25.28
N SER M 386 4.21 45.04 24.58
CA SER M 386 3.72 44.18 23.51
C SER M 386 3.63 44.96 22.21
N VAL M 387 4.13 44.36 21.13
CA VAL M 387 3.95 44.93 19.80
C VAL M 387 3.28 43.90 18.90
N LEU M 388 2.45 44.37 17.98
CA LEU M 388 1.91 43.52 16.92
C LEU M 388 2.67 43.81 15.63
N ILE M 389 3.10 42.74 14.96
CA ILE M 389 3.86 42.81 13.72
C ILE M 389 3.46 41.65 12.80
N ARG M 390 4.10 41.55 11.63
CA ARG M 390 3.86 40.43 10.71
C ARG M 390 4.23 39.10 11.36
N GLU M 391 3.46 38.05 11.10
CA GLU M 391 3.74 36.74 11.69
C GLU M 391 5.03 36.13 11.14
N ASP M 392 5.35 36.40 9.88
CA ASP M 392 6.61 35.94 9.29
C ASP M 392 7.83 36.48 10.06
N ASP M 393 7.67 37.58 10.79
CA ASP M 393 8.73 38.16 11.62
C ASP M 393 8.73 37.73 13.09
N LEU M 394 7.75 36.92 13.51
CA LEU M 394 7.62 36.57 14.93
C LEU M 394 8.89 35.98 15.53
N ASP M 395 9.48 35.01 14.83
CA ASP M 395 10.65 34.29 15.33
C ASP M 395 11.88 35.20 15.34
N ALA M 396 12.07 35.94 14.25
CA ALA M 396 13.18 36.86 14.11
C ALA M 396 13.17 37.93 15.20
N ALA M 397 11.99 38.49 15.46
CA ALA M 397 11.84 39.51 16.50
C ALA M 397 12.01 38.92 17.90
N ALA M 398 11.50 37.71 18.10
CA ALA M 398 11.64 37.02 19.39
C ALA M 398 13.11 36.81 19.75
N ARG M 399 13.90 36.36 18.76
CA ARG M 399 15.33 36.10 18.95
C ARG M 399 16.11 37.40 19.13
N ALA M 400 15.75 38.42 18.35
CA ALA M 400 16.41 39.73 18.45
C ALA M 400 16.28 40.34 19.84
N LEU M 401 15.10 40.17 20.46
CA LEU M 401 14.86 40.65 21.82
C LEU M 401 15.56 39.79 22.86
N HIS M 402 15.72 38.49 22.57
CA HIS M 402 16.38 37.57 23.50
C HIS M 402 17.87 37.89 23.65
N GLU M 403 18.51 38.36 22.58
CA GLU M 403 19.91 38.81 22.63
C GLU M 403 20.02 40.19 23.27
N GLN M 404 19.23 41.12 22.76
CA GLN M 404 19.28 42.53 23.16
C GLN M 404 19.23 42.75 24.68
N PHE M 405 18.46 41.92 25.39
CA PHE M 405 18.35 42.01 26.84
C PHE M 405 19.09 40.88 27.56
N GLN M 406 19.98 40.21 26.85
CA GLN M 406 20.89 39.21 27.42
C GLN M 406 20.18 38.14 28.24
N LEU M 407 19.06 37.63 27.72
CA LEU M 407 18.33 36.56 28.39
C LEU M 407 18.97 35.19 28.13
N GLY M 408 19.86 35.12 27.13
CA GLY M 408 20.53 33.88 26.78
C GLY M 408 21.63 33.49 27.76
N GLU N 3 -16.55 31.47 34.23
CA GLU N 3 -16.54 32.77 34.97
C GLU N 3 -15.11 33.31 35.08
N ALA N 4 -14.99 34.63 35.06
CA ALA N 4 -13.69 35.29 35.19
C ALA N 4 -13.52 35.80 36.63
N VAL N 5 -12.27 35.91 37.06
CA VAL N 5 -11.94 36.43 38.39
C VAL N 5 -11.63 37.92 38.31
N LEU N 6 -12.34 38.72 39.10
CA LEU N 6 -12.17 40.18 39.11
C LEU N 6 -11.77 40.64 40.51
N THR N 7 -10.47 40.88 40.71
CA THR N 7 -9.94 41.20 42.04
C THR N 7 -10.27 42.62 42.50
N GLY N 8 -9.97 43.61 41.67
CA GLY N 8 -10.24 45.00 42.05
C GLY N 8 -10.11 46.05 40.96
N VAL N 9 -10.21 47.32 41.38
CA VAL N 9 -10.13 48.48 40.51
C VAL N 9 -9.08 49.46 41.05
N ALA N 10 -8.29 50.05 40.16
CA ALA N 10 -7.22 50.97 40.56
C ALA N 10 -7.24 52.26 39.75
N THR N 11 -7.13 53.39 40.45
CA THR N 11 -7.10 54.71 39.82
C THR N 11 -5.70 55.33 39.90
N ASP N 12 -5.49 56.42 39.16
CA ASP N 12 -4.19 57.10 39.14
C ASP N 12 -4.31 58.50 38.51
N LYS N 13 -4.08 59.53 39.33
CA LYS N 13 -4.12 60.92 38.88
C LYS N 13 -2.73 61.56 38.84
N SER N 14 -1.68 60.73 38.84
CA SER N 14 -0.30 61.21 38.95
C SER N 14 0.47 61.14 37.62
N GLU N 15 -0.21 60.78 36.54
CA GLU N 15 0.43 60.66 35.23
C GLU N 15 0.07 61.84 34.32
N ALA N 16 0.87 62.00 33.25
CA ALA N 16 0.59 62.98 32.20
C ALA N 16 0.85 62.33 30.84
N LYS N 17 -0.11 62.46 29.91
CA LYS N 17 -0.01 61.82 28.60
C LYS N 17 0.56 62.77 27.55
N VAL N 18 1.30 62.20 26.60
CA VAL N 18 1.94 62.95 25.52
C VAL N 18 1.81 62.17 24.21
N THR N 19 1.13 62.76 23.24
CA THR N 19 0.90 62.12 21.94
C THR N 19 1.80 62.74 20.87
N VAL N 20 2.52 61.88 20.14
CA VAL N 20 3.32 62.31 18.99
C VAL N 20 2.55 61.95 17.71
N LEU N 21 1.99 62.96 17.06
CA LEU N 21 1.13 62.77 15.89
C LEU N 21 1.94 62.73 14.58
N GLY N 22 1.59 61.79 13.70
CA GLY N 22 2.10 61.76 12.34
C GLY N 22 3.53 61.22 12.21
N ILE N 23 3.80 60.13 12.89
CA ILE N 23 5.10 59.47 12.78
C ILE N 23 5.03 58.40 11.68
N SER N 24 6.05 58.36 10.82
CA SER N 24 6.05 57.47 9.65
C SER N 24 6.11 56.01 10.07
N ASP N 25 5.21 55.20 9.51
CA ASP N 25 5.16 53.77 9.84
C ASP N 25 6.25 53.02 9.08
N LYS N 26 7.49 53.26 9.50
CA LYS N 26 8.68 52.71 8.87
C LYS N 26 9.58 52.20 10.00
N PRO N 27 10.28 51.07 9.78
CA PRO N 27 11.13 50.53 10.85
C PRO N 27 12.16 51.53 11.39
N GLY N 28 12.13 51.77 12.71
CA GLY N 28 13.10 52.61 13.41
C GLY N 28 12.57 53.91 14.00
N GLU N 29 11.39 54.33 13.56
CA GLU N 29 10.83 55.63 13.94
C GLU N 29 10.34 55.65 15.38
N ALA N 30 9.94 54.50 15.90
CA ALA N 30 9.56 54.38 17.32
C ALA N 30 10.79 54.58 18.22
N ALA N 31 11.92 54.02 17.80
CA ALA N 31 13.17 54.15 18.56
C ALA N 31 13.58 55.62 18.71
N LYS N 32 13.55 56.36 17.60
CA LYS N 32 13.85 57.79 17.60
C LYS N 32 13.13 58.55 18.72
N VAL N 33 11.88 58.17 18.98
CA VAL N 33 11.08 58.82 20.02
C VAL N 33 11.54 58.41 21.41
N PHE N 34 11.55 57.11 21.66
CA PHE N 34 11.79 56.59 23.01
C PHE N 34 13.27 56.53 23.40
N ARG N 35 14.17 56.76 22.45
CA ARG N 35 15.60 56.93 22.79
C ARG N 35 15.83 58.32 23.37
N ALA N 36 15.25 59.33 22.73
CA ALA N 36 15.30 60.71 23.24
C ALA N 36 14.75 60.81 24.66
N LEU N 37 13.65 60.11 24.92
CA LEU N 37 13.06 60.06 26.25
C LEU N 37 13.94 59.28 27.21
N ALA N 38 14.56 58.21 26.72
CA ALA N 38 15.46 57.38 27.51
C ALA N 38 16.73 58.13 27.89
N ASP N 39 17.28 58.89 26.93
CA ASP N 39 18.48 59.69 27.17
C ASP N 39 18.25 60.79 28.21
N ALA N 40 17.02 61.29 28.28
CA ALA N 40 16.64 62.30 29.27
C ALA N 40 16.40 61.70 30.66
N GLU N 41 16.44 60.37 30.75
CA GLU N 41 16.12 59.63 31.98
C GLU N 41 14.67 59.83 32.42
N ILE N 42 13.78 59.98 31.44
CA ILE N 42 12.34 60.08 31.69
C ILE N 42 11.76 58.67 31.61
N ASN N 43 11.28 58.16 32.74
CA ASN N 43 10.79 56.79 32.84
C ASN N 43 9.29 56.71 32.56
N ILE N 44 8.93 56.13 31.41
CA ILE N 44 7.53 56.10 30.95
C ILE N 44 6.82 54.83 31.40
N ASP N 45 5.48 54.91 31.44
CA ASP N 45 4.63 53.78 31.84
C ASP N 45 3.89 53.22 30.63
N MET N 46 2.77 53.85 30.27
CA MET N 46 1.95 53.38 29.15
C MET N 46 2.57 53.79 27.81
N VAL N 47 2.41 52.91 26.82
CA VAL N 47 2.69 53.25 25.43
C VAL N 47 1.56 52.69 24.58
N LEU N 48 1.06 53.52 23.66
CA LEU N 48 -0.07 53.16 22.82
C LEU N 48 0.17 53.60 21.38
N GLN N 49 0.08 52.66 20.44
CA GLN N 49 0.17 52.94 19.03
C GLN N 49 -0.83 52.05 18.30
N ASN N 50 -1.71 52.65 17.51
CA ASN N 50 -2.66 51.90 16.70
C ASN N 50 -2.12 51.78 15.28
N VAL N 51 -2.84 51.05 14.43
CA VAL N 51 -2.39 50.83 13.06
C VAL N 51 -2.45 52.12 12.24
N SER N 52 -1.54 52.23 11.28
CA SER N 52 -1.36 53.47 10.51
C SER N 52 -2.40 53.64 9.41
N SER N 53 -2.63 54.89 9.02
CA SER N 53 -3.53 55.23 7.92
C SER N 53 -2.97 54.78 6.58
N VAL N 54 -3.86 54.32 5.70
CA VAL N 54 -3.48 53.85 4.38
C VAL N 54 -3.07 55.00 3.45
N GLU N 55 -3.69 56.17 3.63
CA GLU N 55 -3.42 57.33 2.76
C GLU N 55 -2.10 58.02 3.08
N ASP N 56 -1.79 58.17 4.36
CA ASP N 56 -0.57 58.87 4.81
C ASP N 56 0.57 57.94 5.20
N GLY N 57 0.24 56.74 5.67
CA GLY N 57 1.25 55.81 6.17
C GLY N 57 1.88 56.28 7.47
N THR N 58 1.08 56.95 8.30
CA THR N 58 1.55 57.49 9.57
C THR N 58 0.58 57.15 10.69
N THR N 59 1.09 57.15 11.92
CA THR N 59 0.28 56.88 13.12
C THR N 59 0.53 57.93 14.19
N ASP N 60 -0.18 57.78 15.30
CA ASP N 60 0.08 58.55 16.51
C ASP N 60 0.68 57.60 17.56
N ILE N 61 1.73 58.06 18.25
CA ILE N 61 2.27 57.33 19.40
C ILE N 61 1.98 58.12 20.66
N THR N 62 1.29 57.49 21.61
CA THR N 62 0.97 58.09 22.89
C THR N 62 1.67 57.34 24.00
N PHE N 63 2.19 58.07 24.99
CA PHE N 63 2.78 57.47 26.19
C PHE N 63 2.49 58.32 27.42
N THR N 64 2.46 57.67 28.59
CA THR N 64 2.30 58.37 29.85
C THR N 64 3.60 58.33 30.65
N CYS N 65 3.78 59.31 31.51
CA CYS N 65 4.98 59.42 32.36
C CYS N 65 4.60 60.16 33.63
N PRO N 66 5.49 60.15 34.64
CA PRO N 66 5.22 60.96 35.82
C PRO N 66 4.90 62.39 35.46
N ARG N 67 3.86 62.95 36.07
CA ARG N 67 3.36 64.28 35.72
C ARG N 67 4.43 65.38 35.87
N SER N 68 5.37 65.18 36.80
CA SER N 68 6.49 66.12 36.99
C SER N 68 7.44 66.15 35.78
N ASP N 69 7.60 65.01 35.12
CA ASP N 69 8.44 64.91 33.92
C ASP N 69 7.67 65.20 32.63
N GLY N 70 6.36 65.42 32.74
CA GLY N 70 5.48 65.57 31.58
C GLY N 70 5.80 66.73 30.66
N ARG N 71 5.95 67.92 31.24
CA ARG N 71 6.23 69.14 30.46
C ARG N 71 7.52 68.99 29.66
N ARG N 72 8.55 68.44 30.31
CA ARG N 72 9.87 68.27 29.70
C ARG N 72 9.82 67.29 28.52
N ALA N 73 9.08 66.20 28.69
CA ALA N 73 8.97 65.17 27.64
C ALA N 73 8.51 65.77 26.33
N MET N 74 7.45 66.58 26.39
CA MET N 74 6.94 67.28 25.23
C MET N 74 8.01 68.12 24.55
N GLU N 75 8.77 68.86 25.34
CA GLU N 75 9.80 69.77 24.82
C GLU N 75 10.93 69.03 24.11
N ILE N 76 11.34 67.89 24.68
CA ILE N 76 12.37 67.06 24.06
C ILE N 76 11.93 66.64 22.66
N LEU N 77 10.69 66.16 22.56
CA LEU N 77 10.11 65.70 21.30
C LEU N 77 9.94 66.81 20.25
N LYS N 78 9.49 67.98 20.68
CA LYS N 78 9.30 69.11 19.75
C LYS N 78 10.60 69.57 19.08
N LYS N 79 11.73 69.34 19.74
CA LYS N 79 13.05 69.63 19.17
C LYS N 79 13.43 68.65 18.06
N LEU N 80 12.75 67.50 18.00
CA LEU N 80 12.95 66.50 16.95
C LEU N 80 12.06 66.73 15.73
N GLN N 81 10.83 67.22 15.93
CA GLN N 81 9.94 67.53 14.81
C GLN N 81 10.41 68.78 14.04
N VAL N 82 11.05 69.71 14.75
CA VAL N 82 11.67 70.88 14.09
C VAL N 82 12.91 70.46 13.29
N GLN N 83 13.55 69.36 13.72
CA GLN N 83 14.63 68.74 12.95
C GLN N 83 14.09 68.13 11.64
N GLY N 84 12.84 67.69 11.66
CA GLY N 84 12.13 67.24 10.46
C GLY N 84 11.73 65.79 10.51
N ASN N 85 10.98 65.42 11.56
CA ASN N 85 10.48 64.06 11.74
C ASN N 85 8.97 63.95 11.59
N TRP N 86 8.23 64.59 12.50
CA TRP N 86 6.77 64.43 12.60
C TRP N 86 6.03 65.75 12.41
N THR N 87 4.71 65.74 12.64
CA THR N 87 3.86 66.90 12.38
C THR N 87 3.62 67.74 13.62
N ASN N 88 3.23 67.10 14.72
CA ASN N 88 2.84 67.82 15.93
C ASN N 88 2.99 66.94 17.19
N VAL N 89 3.32 67.58 18.30
CA VAL N 89 3.49 66.88 19.58
C VAL N 89 2.57 67.49 20.64
N LEU N 90 1.49 66.78 20.96
CA LEU N 90 0.52 67.22 21.97
C LEU N 90 0.98 66.82 23.37
N TYR N 91 0.32 67.38 24.38
CA TYR N 91 0.70 67.18 25.78
C TYR N 91 -0.47 67.52 26.70
N ASP N 92 -0.67 66.69 27.72
CA ASP N 92 -1.81 66.80 28.62
C ASP N 92 -1.42 66.38 30.04
N ASP N 93 -1.54 67.31 30.99
CA ASP N 93 -1.16 67.08 32.38
C ASP N 93 -2.37 66.87 33.30
N GLN N 94 -3.57 66.87 32.73
CA GLN N 94 -4.80 66.69 33.50
C GLN N 94 -5.49 65.37 33.12
N VAL N 95 -4.72 64.30 33.06
CA VAL N 95 -5.21 63.01 32.60
C VAL N 95 -5.21 61.96 33.73
N GLY N 96 -6.35 61.31 33.91
CA GLY N 96 -6.53 60.28 34.94
C GLY N 96 -6.61 58.90 34.33
N LYS N 97 -6.43 57.89 35.17
CA LYS N 97 -6.39 56.49 34.72
C LYS N 97 -7.22 55.61 35.65
N VAL N 98 -7.97 54.69 35.06
CA VAL N 98 -8.74 53.70 35.82
C VAL N 98 -8.57 52.32 35.17
N SER N 99 -8.44 51.29 36.00
CA SER N 99 -8.17 49.93 35.53
C SER N 99 -9.03 48.89 36.24
N LEU N 100 -9.34 47.81 35.52
CA LEU N 100 -10.01 46.65 36.11
C LEU N 100 -9.05 45.45 36.10
N VAL N 101 -8.51 45.12 37.26
CA VAL N 101 -7.52 44.05 37.38
C VAL N 101 -8.22 42.70 37.56
N GLY N 102 -7.65 41.66 36.96
CA GLY N 102 -8.22 40.31 37.08
C GLY N 102 -7.47 39.25 36.29
N ALA N 103 -8.20 38.26 35.80
CA ALA N 103 -7.63 37.18 34.98
C ALA N 103 -8.74 36.39 34.28
N GLY N 104 -8.42 35.84 33.11
CA GLY N 104 -9.39 35.09 32.32
C GLY N 104 -10.45 35.96 31.65
N MET N 105 -10.06 37.19 31.27
CA MET N 105 -11.00 38.14 30.67
C MET N 105 -11.26 37.83 29.19
N LYS N 106 -10.37 37.07 28.57
CA LYS N 106 -10.51 36.69 27.16
C LYS N 106 -11.80 35.93 26.91
N SER N 107 -12.00 34.85 27.67
CA SER N 107 -13.18 33.98 27.52
C SER N 107 -14.50 34.69 27.82
N HIS N 108 -14.46 35.77 28.60
CA HIS N 108 -15.65 36.52 28.94
C HIS N 108 -15.63 37.91 28.29
N PRO N 109 -16.12 38.00 27.05
CA PRO N 109 -16.15 39.31 26.39
C PRO N 109 -17.20 40.24 27.01
N GLY N 110 -18.13 39.69 27.78
CA GLY N 110 -19.08 40.49 28.54
C GLY N 110 -18.43 41.47 29.48
N VAL N 111 -17.27 41.12 30.04
CA VAL N 111 -16.55 41.97 30.97
C VAL N 111 -16.09 43.28 30.32
N THR N 112 -15.49 43.19 29.14
CA THR N 112 -15.08 44.38 28.40
C THR N 112 -16.31 45.19 27.97
N ALA N 113 -17.40 44.49 27.67
CA ALA N 113 -18.66 45.14 27.30
C ALA N 113 -19.20 45.93 28.48
N GLU N 114 -19.39 45.25 29.61
CA GLU N 114 -19.88 45.89 30.83
C GLU N 114 -18.95 46.97 31.38
N PHE N 115 -17.67 46.93 31.01
CA PHE N 115 -16.73 47.98 31.36
C PHE N 115 -17.07 49.29 30.66
N MET N 116 -17.28 49.21 29.34
CA MET N 116 -17.54 50.40 28.52
C MET N 116 -18.94 50.94 28.78
N GLU N 117 -19.87 50.03 29.07
CA GLU N 117 -21.24 50.40 29.41
C GLU N 117 -21.30 51.12 30.75
N ALA N 118 -20.50 50.66 31.71
CA ALA N 118 -20.43 51.28 33.03
C ALA N 118 -20.07 52.76 32.94
N LEU N 119 -18.99 53.04 32.22
CA LEU N 119 -18.49 54.42 32.05
C LEU N 119 -19.46 55.25 31.20
N ARG N 120 -20.11 54.61 30.23
CA ARG N 120 -21.14 55.27 29.43
C ARG N 120 -22.28 55.77 30.34
N ASP N 121 -22.72 54.92 31.27
CA ASP N 121 -23.85 55.23 32.14
C ASP N 121 -23.54 56.23 33.27
N VAL N 122 -22.36 56.82 33.24
CA VAL N 122 -22.06 57.99 34.08
C VAL N 122 -21.41 59.12 33.28
N ASN N 123 -21.62 59.11 31.96
CA ASN N 123 -21.13 60.16 31.06
C ASN N 123 -19.60 60.33 31.13
N VAL N 124 -18.88 59.21 31.16
CA VAL N 124 -17.43 59.22 31.17
C VAL N 124 -16.89 58.85 29.78
N ASN N 125 -16.24 59.80 29.12
CA ASN N 125 -15.69 59.59 27.78
C ASN N 125 -14.38 58.81 27.86
N ILE N 126 -14.39 57.59 27.33
CA ILE N 126 -13.18 56.78 27.25
C ILE N 126 -12.35 57.31 26.08
N GLU N 127 -11.22 57.95 26.42
CA GLU N 127 -10.38 58.60 25.42
C GLU N 127 -9.31 57.67 24.87
N LEU N 128 -9.00 56.62 25.61
CA LEU N 128 -7.89 55.73 25.27
C LEU N 128 -8.05 54.40 26.01
N ILE N 129 -7.91 53.30 25.28
CA ILE N 129 -8.08 51.95 25.85
C ILE N 129 -6.83 51.10 25.58
N SER N 130 -6.45 50.30 26.57
CA SER N 130 -5.35 49.35 26.44
C SER N 130 -5.63 48.18 27.39
N THR N 131 -6.03 47.04 26.83
CA THR N 131 -6.49 45.93 27.65
C THR N 131 -5.72 44.64 27.39
N SER N 132 -6.00 43.63 28.21
CA SER N 132 -5.37 42.31 28.08
C SER N 132 -6.20 41.27 28.83
N GLU N 133 -5.75 40.02 28.82
CA GLU N 133 -6.43 38.94 29.55
C GLU N 133 -6.55 39.21 31.06
N ILE N 134 -5.65 40.04 31.61
CA ILE N 134 -5.63 40.31 33.05
C ILE N 134 -5.87 41.77 33.45
N ARG N 135 -6.13 42.65 32.48
CA ARG N 135 -6.32 44.08 32.77
C ARG N 135 -7.12 44.81 31.70
N ILE N 136 -7.97 45.73 32.13
CA ILE N 136 -8.67 46.65 31.23
C ILE N 136 -8.44 48.08 31.72
N SER N 137 -7.40 48.72 31.18
CA SER N 137 -7.07 50.10 31.52
C SER N 137 -7.69 51.06 30.52
N VAL N 138 -8.19 52.19 31.02
CA VAL N 138 -8.64 53.28 30.17
C VAL N 138 -8.20 54.63 30.73
N LEU N 139 -8.00 55.62 29.86
CA LEU N 139 -7.68 56.98 30.28
C LEU N 139 -8.85 57.91 29.99
N ILE N 140 -9.12 58.81 30.95
CA ILE N 140 -10.21 59.76 30.86
C ILE N 140 -9.76 61.11 31.43
N ARG N 141 -10.69 62.04 31.58
CA ARG N 141 -10.43 63.28 32.30
C ARG N 141 -10.32 62.97 33.79
N GLU N 142 -9.26 63.48 34.42
CA GLU N 142 -8.99 63.21 35.84
C GLU N 142 -10.16 63.50 36.79
N ASP N 143 -11.01 64.46 36.42
CA ASP N 143 -12.18 64.82 37.24
C ASP N 143 -13.27 63.75 37.24
N ASP N 144 -13.34 62.95 36.17
CA ASP N 144 -14.33 61.87 36.06
C ASP N 144 -13.86 60.54 36.67
N LEU N 145 -12.76 60.57 37.43
CA LEU N 145 -12.14 59.36 37.94
C LEU N 145 -13.00 58.72 39.04
N ASP N 146 -13.45 59.53 40.00
CA ASP N 146 -14.35 59.07 41.07
C ASP N 146 -15.71 58.62 40.52
N ALA N 147 -16.20 59.33 39.51
CA ALA N 147 -17.45 58.94 38.85
C ALA N 147 -17.29 57.59 38.15
N ALA N 148 -16.16 57.39 37.49
CA ALA N 148 -15.89 56.15 36.75
C ALA N 148 -15.66 54.96 37.68
N ALA N 149 -14.77 55.13 38.65
CA ALA N 149 -14.40 54.05 39.57
C ALA N 149 -15.62 53.45 40.29
N ARG N 150 -16.48 54.32 40.82
CA ARG N 150 -17.71 53.87 41.49
C ARG N 150 -18.64 53.13 40.51
N ALA N 151 -18.65 53.56 39.27
CA ALA N 151 -19.44 52.90 38.23
C ALA N 151 -18.98 51.46 38.04
N LEU N 152 -17.67 51.27 37.88
CA LEU N 152 -17.08 49.94 37.73
C LEU N 152 -17.28 49.09 38.98
N HIS N 153 -17.06 49.70 40.14
CA HIS N 153 -17.20 49.00 41.41
C HIS N 153 -18.64 48.53 41.62
N GLU N 154 -19.60 49.36 41.20
CA GLU N 154 -21.01 49.00 41.22
C GLU N 154 -21.32 47.88 40.22
N GLN N 155 -20.73 47.97 39.03
CA GLN N 155 -20.93 46.95 37.98
C GLN N 155 -20.40 45.57 38.38
N PHE N 156 -19.23 45.52 38.99
CA PHE N 156 -18.60 44.26 39.36
C PHE N 156 -18.49 44.10 40.88
N GLN N 157 -19.64 43.97 41.53
CA GLN N 157 -19.72 43.75 42.99
C GLN N 157 -18.74 44.62 43.78
N ALA O 2 -48.87 3.04 33.03
CA ALA O 2 -48.10 2.00 33.76
C ALA O 2 -46.76 2.52 34.25
N LEU O 3 -46.06 1.69 35.02
CA LEU O 3 -44.72 1.99 35.50
C LEU O 3 -43.75 1.14 34.68
N VAL O 4 -42.81 1.80 34.00
CA VAL O 4 -41.86 1.11 33.14
C VAL O 4 -40.43 1.41 33.54
N VAL O 5 -39.69 0.38 33.92
CA VAL O 5 -38.24 0.47 34.06
C VAL O 5 -37.62 0.16 32.71
N GLN O 6 -36.56 0.88 32.35
CA GLN O 6 -35.85 0.67 31.11
C GLN O 6 -34.34 0.67 31.33
N LYS O 7 -33.67 -0.42 30.97
CA LYS O 7 -32.21 -0.53 31.07
C LYS O 7 -31.61 -0.44 29.67
N TYR O 8 -30.67 0.47 29.49
CA TYR O 8 -30.05 0.72 28.19
C TYR O 8 -28.57 0.37 28.25
N GLY O 9 -28.19 -0.72 27.58
CA GLY O 9 -26.82 -1.22 27.58
C GLY O 9 -25.84 -0.29 26.89
N GLY O 10 -24.56 -0.57 27.06
CA GLY O 10 -23.50 0.30 26.52
C GLY O 10 -23.56 0.49 25.03
N SER O 11 -23.87 -0.57 24.29
CA SER O 11 -23.99 -0.49 22.83
C SER O 11 -25.10 0.48 22.42
N SER O 12 -26.20 0.50 23.18
CA SER O 12 -27.31 1.42 22.93
C SER O 12 -26.96 2.89 23.22
N LEU O 13 -25.83 3.12 23.88
CA LEU O 13 -25.40 4.46 24.25
C LEU O 13 -23.97 4.74 23.78
N GLU O 14 -23.63 4.30 22.57
CA GLU O 14 -22.26 4.42 22.05
C GLU O 14 -21.83 5.84 21.71
N SER O 15 -22.79 6.72 21.44
CA SER O 15 -22.49 8.03 20.86
C SER O 15 -23.56 9.07 21.13
N ALA O 16 -23.22 10.33 20.88
CA ALA O 16 -24.18 11.43 21.00
C ALA O 16 -25.51 11.08 20.34
N GLU O 17 -25.43 10.59 19.09
CA GLU O 17 -26.61 10.35 18.28
C GLU O 17 -27.51 9.29 18.92
N ARG O 18 -26.88 8.20 19.35
CA ARG O 18 -27.58 7.09 19.99
C ARG O 18 -28.21 7.51 21.31
N ILE O 19 -27.52 8.38 22.04
CA ILE O 19 -28.03 8.90 23.29
C ILE O 19 -29.31 9.70 23.04
N ARG O 20 -29.29 10.54 22.00
CA ARG O 20 -30.44 11.37 21.67
C ARG O 20 -31.59 10.54 21.12
N ASN O 21 -31.27 9.48 20.38
CA ASN O 21 -32.29 8.57 19.87
C ASN O 21 -33.00 7.84 21.00
N VAL O 22 -32.20 7.23 21.88
CA VAL O 22 -32.72 6.61 23.10
C VAL O 22 -33.50 7.63 23.93
N ALA O 23 -32.92 8.81 24.09
CA ALA O 23 -33.58 9.94 24.77
C ALA O 23 -35.00 10.15 24.26
N GLU O 24 -35.16 10.09 22.94
CA GLU O 24 -36.48 10.26 22.31
C GLU O 24 -37.37 9.06 22.63
N ARG O 25 -36.78 7.87 22.61
CA ARG O 25 -37.54 6.66 22.91
C ARG O 25 -38.08 6.71 24.34
N ILE O 26 -37.30 7.31 25.24
CA ILE O 26 -37.66 7.42 26.64
C ILE O 26 -38.83 8.39 26.83
N VAL O 27 -38.75 9.56 26.17
CA VAL O 27 -39.83 10.54 26.24
C VAL O 27 -41.11 10.01 25.58
N ALA O 28 -40.95 9.27 24.48
CA ALA O 28 -42.09 8.70 23.78
C ALA O 28 -42.89 7.77 24.67
N THR O 29 -42.19 6.90 25.41
CA THR O 29 -42.87 5.94 26.28
C THR O 29 -43.53 6.62 27.48
N LYS O 30 -42.97 7.74 27.93
CA LYS O 30 -43.64 8.56 28.95
C LYS O 30 -44.93 9.14 28.40
N LYS O 31 -44.86 9.70 27.18
CA LYS O 31 -46.04 10.24 26.50
C LYS O 31 -47.15 9.20 26.34
N ALA O 32 -46.78 7.91 26.28
CA ALA O 32 -47.75 6.83 26.27
C ALA O 32 -48.58 6.73 27.56
N GLY O 33 -48.29 7.58 28.55
CA GLY O 33 -49.00 7.60 29.82
C GLY O 33 -48.35 6.65 30.81
N ASN O 34 -47.02 6.69 30.85
CA ASN O 34 -46.24 5.82 31.72
C ASN O 34 -45.29 6.62 32.62
N ASP O 35 -45.11 6.12 33.84
CA ASP O 35 -44.00 6.55 34.69
C ASP O 35 -42.78 5.76 34.23
N VAL O 36 -41.65 6.45 34.09
CA VAL O 36 -40.46 5.86 33.48
C VAL O 36 -39.27 5.97 34.40
N VAL O 37 -38.65 4.82 34.67
CA VAL O 37 -37.35 4.78 35.33
C VAL O 37 -36.35 4.23 34.32
N VAL O 38 -35.26 4.97 34.10
CA VAL O 38 -34.19 4.54 33.19
C VAL O 38 -32.96 4.19 33.99
N VAL O 39 -32.36 3.05 33.70
CA VAL O 39 -31.05 2.68 34.27
C VAL O 39 -30.01 2.60 33.15
N CYS O 40 -28.82 3.15 33.40
CA CYS O 40 -27.78 3.30 32.38
C CYS O 40 -26.53 2.48 32.64
N SER O 41 -26.01 1.85 31.60
CA SER O 41 -24.63 1.36 31.58
C SER O 41 -23.74 2.48 31.07
N ALA O 42 -22.43 2.29 31.17
CA ALA O 42 -21.48 3.24 30.60
C ALA O 42 -21.55 3.17 29.08
N MET O 43 -20.95 4.15 28.39
CA MET O 43 -21.03 4.20 26.93
C MET O 43 -20.10 3.19 26.31
N GLY O 44 -20.60 2.45 25.32
CA GLY O 44 -19.78 1.50 24.58
C GLY O 44 -19.15 0.48 25.49
N ASP O 45 -17.83 0.32 25.39
CA ASP O 45 -17.10 -0.63 26.23
C ASP O 45 -16.36 0.06 27.37
N THR O 46 -16.90 1.17 27.85
CA THR O 46 -16.27 1.95 28.92
C THR O 46 -15.96 1.09 30.14
N THR O 47 -16.97 0.38 30.64
CA THR O 47 -16.81 -0.43 31.84
C THR O 47 -15.65 -1.43 31.72
N ASP O 48 -15.57 -2.14 30.60
CA ASP O 48 -14.44 -3.07 30.41
C ASP O 48 -13.11 -2.34 30.34
N GLU O 49 -13.09 -1.16 29.74
CA GLU O 49 -11.87 -0.34 29.67
C GLU O 49 -11.47 0.17 31.06
N LEU O 50 -12.46 0.66 31.81
CA LEU O 50 -12.21 1.09 33.19
C LEU O 50 -11.72 -0.07 34.06
N LEU O 51 -12.33 -1.24 33.89
CA LEU O 51 -11.89 -2.44 34.61
C LEU O 51 -10.45 -2.81 34.25
N GLU O 52 -10.09 -2.60 32.98
CA GLU O 52 -8.74 -2.90 32.51
C GLU O 52 -7.75 -1.90 33.10
N LEU O 53 -8.13 -0.64 33.13
CA LEU O 53 -7.30 0.41 33.74
C LEU O 53 -7.09 0.16 35.23
N ALA O 54 -8.18 -0.17 35.92
CA ALA O 54 -8.15 -0.42 37.36
C ALA O 54 -7.19 -1.55 37.72
N ALA O 55 -7.20 -2.62 36.94
CA ALA O 55 -6.35 -3.78 37.18
C ALA O 55 -4.88 -3.44 36.88
N ALA O 56 -4.65 -2.59 35.89
CA ALA O 56 -3.31 -2.16 35.54
C ALA O 56 -2.72 -1.27 36.63
N VAL O 57 -3.53 -0.38 37.18
CA VAL O 57 -3.06 0.56 38.20
C VAL O 57 -3.01 -0.09 39.60
N ASN O 58 -3.81 -1.14 39.77
CA ASN O 58 -3.77 -1.93 41.01
C ASN O 58 -4.34 -3.33 40.74
N PRO O 59 -3.48 -4.37 40.79
CA PRO O 59 -4.06 -5.70 40.80
C PRO O 59 -4.90 -5.82 42.08
N VAL O 60 -5.98 -6.59 42.05
CA VAL O 60 -6.94 -6.57 43.17
C VAL O 60 -7.25 -5.13 43.63
N PRO O 61 -8.00 -4.38 42.81
CA PRO O 61 -8.40 -3.02 43.19
C PRO O 61 -9.36 -3.02 44.38
N PRO O 62 -9.16 -2.09 45.33
CA PRO O 62 -10.11 -1.94 46.42
C PRO O 62 -11.53 -1.62 45.92
N ALA O 63 -12.52 -2.28 46.52
CA ALA O 63 -13.93 -2.12 46.13
C ALA O 63 -14.43 -0.68 46.21
N ARG O 64 -13.84 0.10 47.10
CA ARG O 64 -14.31 1.45 47.40
C ARG O 64 -13.97 2.43 46.26
N GLU O 65 -12.77 2.31 45.70
CA GLU O 65 -12.41 3.11 44.53
C GLU O 65 -12.94 2.46 43.25
N MET O 66 -13.06 1.13 43.24
CA MET O 66 -13.72 0.43 42.13
C MET O 66 -15.16 0.90 41.98
N ASP O 67 -15.87 0.97 43.10
CA ASP O 67 -17.19 1.58 43.13
C ASP O 67 -17.13 2.94 42.46
N MET O 68 -16.30 3.82 43.03
CA MET O 68 -16.11 5.18 42.53
C MET O 68 -15.81 5.21 41.02
N LEU O 69 -14.98 4.28 40.55
CA LEU O 69 -14.61 4.22 39.14
C LEU O 69 -15.80 3.83 38.25
N LEU O 70 -16.45 2.71 38.58
CA LEU O 70 -17.55 2.20 37.76
C LEU O 70 -18.78 3.12 37.77
N THR O 71 -19.11 3.71 38.92
CA THR O 71 -20.24 4.65 38.97
C THR O 71 -19.91 5.90 38.14
N ALA O 72 -18.66 6.34 38.19
CA ALA O 72 -18.20 7.49 37.40
C ALA O 72 -18.40 7.23 35.90
N GLY O 73 -18.06 6.02 35.45
CA GLY O 73 -18.30 5.63 34.07
C GLY O 73 -19.78 5.70 33.73
N GLU O 74 -20.61 5.07 34.55
CA GLU O 74 -22.06 5.01 34.30
C GLU O 74 -22.69 6.39 34.40
N ARG O 75 -22.16 7.25 35.27
CA ARG O 75 -22.70 8.61 35.42
C ARG O 75 -22.36 9.52 34.24
N ILE O 76 -21.40 9.13 33.41
CA ILE O 76 -21.15 9.83 32.15
C ILE O 76 -22.40 9.72 31.27
N SER O 77 -22.88 8.48 31.11
CA SER O 77 -24.12 8.20 30.37
C SER O 77 -25.33 8.89 30.99
N ASN O 78 -25.56 8.64 32.28
CA ASN O 78 -26.62 9.31 33.03
C ASN O 78 -26.67 10.79 32.72
N ALA O 79 -25.52 11.44 32.80
CA ALA O 79 -25.40 12.87 32.56
C ALA O 79 -25.87 13.22 31.16
N LEU O 80 -25.33 12.52 30.17
CA LEU O 80 -25.68 12.79 28.77
C LEU O 80 -27.16 12.51 28.46
N VAL O 81 -27.66 11.38 28.96
CA VAL O 81 -29.06 11.01 28.75
C VAL O 81 -30.02 12.03 29.37
N ALA O 82 -29.70 12.47 30.58
CA ALA O 82 -30.49 13.51 31.23
C ALA O 82 -30.49 14.80 30.40
N MET O 83 -29.32 15.18 29.88
CA MET O 83 -29.23 16.36 28.99
C MET O 83 -30.12 16.20 27.75
N ALA O 84 -30.13 14.98 27.19
CA ALA O 84 -30.90 14.68 25.99
C ALA O 84 -32.40 14.69 26.28
N ILE O 85 -32.81 13.98 27.33
CA ILE O 85 -34.21 13.95 27.75
C ILE O 85 -34.79 15.37 27.87
N GLU O 86 -34.04 16.26 28.50
CA GLU O 86 -34.53 17.61 28.78
C GLU O 86 -34.60 18.52 27.56
N SER O 87 -33.77 18.26 26.54
CA SER O 87 -33.88 18.99 25.28
C SER O 87 -35.18 18.65 24.55
N LEU O 88 -35.69 17.44 24.80
CA LEU O 88 -36.95 16.99 24.22
C LEU O 88 -38.16 17.33 25.12
N GLY O 89 -37.92 18.11 26.16
CA GLY O 89 -39.00 18.69 26.95
C GLY O 89 -39.39 17.96 28.24
N ALA O 90 -38.66 16.91 28.58
CA ALA O 90 -38.95 16.15 29.80
C ALA O 90 -38.17 16.70 30.99
N GLU O 91 -38.53 16.25 32.19
CA GLU O 91 -37.85 16.68 33.40
C GLU O 91 -37.12 15.48 33.99
N ALA O 92 -35.81 15.61 34.16
CA ALA O 92 -34.99 14.52 34.66
C ALA O 92 -34.57 14.73 36.10
N GLN O 93 -34.35 13.63 36.80
CA GLN O 93 -33.75 13.64 38.13
C GLN O 93 -32.89 12.39 38.26
N SER O 94 -31.64 12.57 38.67
CA SER O 94 -30.65 11.51 38.62
C SER O 94 -30.39 10.90 40.00
N PHE O 95 -30.08 9.61 40.02
CA PHE O 95 -29.79 8.89 41.25
C PHE O 95 -28.62 7.96 41.03
N THR O 96 -27.87 7.70 42.10
CA THR O 96 -26.97 6.55 42.13
C THR O 96 -27.77 5.39 42.68
N GLY O 97 -27.24 4.17 42.52
CA GLY O 97 -27.88 2.97 43.08
C GLY O 97 -28.24 3.12 44.55
N SER O 98 -27.33 3.69 45.33
CA SER O 98 -27.56 3.94 46.76
C SER O 98 -28.74 4.87 46.98
N GLN O 99 -28.69 6.03 46.32
CA GLN O 99 -29.75 7.03 46.41
C GLN O 99 -31.08 6.46 45.90
N ALA O 100 -31.00 5.60 44.90
CA ALA O 100 -32.19 4.98 44.30
C ALA O 100 -32.89 4.06 45.30
N GLY O 101 -32.12 3.31 46.08
CA GLY O 101 -32.68 2.47 47.15
C GLY O 101 -32.05 1.12 47.46
N VAL O 102 -30.91 0.80 46.86
CA VAL O 102 -30.25 -0.49 47.14
C VAL O 102 -29.63 -0.51 48.54
N LEU O 103 -29.96 -1.56 49.31
CA LEU O 103 -29.67 -1.61 50.75
C LEU O 103 -28.40 -2.41 51.10
N THR O 104 -28.10 -3.43 50.30
CA THR O 104 -26.92 -4.30 50.52
C THR O 104 -26.83 -4.87 51.94
N THR O 117 -35.35 0.62 49.44
CA THR O 117 -35.74 1.97 49.84
C THR O 117 -35.89 2.90 48.62
N PRO O 118 -36.92 2.66 47.79
CA PRO O 118 -37.12 3.43 46.55
C PRO O 118 -37.93 4.73 46.72
N GLY O 119 -38.33 5.06 47.95
CA GLY O 119 -39.19 6.22 48.22
C GLY O 119 -38.81 7.50 47.51
N ARG O 120 -37.51 7.79 47.46
CA ARG O 120 -37.02 9.00 46.79
C ARG O 120 -37.36 9.00 45.31
N VAL O 121 -37.26 7.83 44.67
CA VAL O 121 -37.64 7.68 43.27
C VAL O 121 -39.15 7.90 43.11
N ARG O 122 -39.92 7.36 44.05
CA ARG O 122 -41.38 7.48 44.02
C ARG O 122 -41.81 8.95 44.03
N GLU O 123 -41.18 9.74 44.89
CA GLU O 123 -41.45 11.19 44.97
C GLU O 123 -41.24 11.85 43.62
N ALA O 124 -40.05 11.66 43.06
CA ALA O 124 -39.71 12.24 41.76
C ALA O 124 -40.69 11.80 40.66
N LEU O 125 -41.06 10.54 40.68
CA LEU O 125 -42.03 10.01 39.71
C LEU O 125 -43.40 10.67 39.89
N ASP O 126 -43.80 10.90 41.14
CA ASP O 126 -45.06 11.60 41.42
C ASP O 126 -45.00 13.06 40.98
N GLU O 127 -43.82 13.65 41.01
CA GLU O 127 -43.62 15.00 40.49
C GLU O 127 -43.68 15.06 38.95
N GLY O 128 -43.73 13.90 38.30
CA GLY O 128 -43.83 13.79 36.84
C GLY O 128 -42.46 13.65 36.17
N LYS O 129 -41.41 13.55 36.98
CA LYS O 129 -40.05 13.49 36.46
C LYS O 129 -39.69 12.09 36.00
N ILE O 130 -38.85 12.01 34.98
CA ILE O 130 -38.27 10.74 34.54
C ILE O 130 -37.02 10.53 35.37
N CYS O 131 -36.92 9.35 35.99
CA CYS O 131 -35.81 9.05 36.89
C CYS O 131 -34.73 8.25 36.19
N ILE O 132 -33.51 8.75 36.23
CA ILE O 132 -32.36 8.11 35.63
C ILE O 132 -31.48 7.58 36.76
N VAL O 133 -31.02 6.34 36.63
CA VAL O 133 -30.26 5.70 37.71
C VAL O 133 -28.96 5.12 37.18
N ALA O 134 -27.88 5.88 37.32
CA ALA O 134 -26.54 5.41 36.99
C ALA O 134 -26.00 4.76 38.26
N GLY O 135 -25.97 3.44 38.26
CA GLY O 135 -25.76 2.66 39.48
C GLY O 135 -24.50 3.02 40.23
N PHE O 136 -24.50 2.70 41.53
CA PHE O 136 -23.33 2.88 42.37
C PHE O 136 -22.39 1.68 42.17
N GLN O 137 -22.84 0.70 41.39
CA GLN O 137 -22.00 -0.41 40.94
C GLN O 137 -20.98 0.10 39.93
N GLY O 150 -20.03 -5.90 41.52
CA GLY O 150 -19.84 -7.33 41.30
C GLY O 150 -21.13 -8.08 41.59
N ARG O 151 -22.21 -7.59 40.99
CA ARG O 151 -23.58 -7.90 41.44
C ARG O 151 -24.61 -8.11 40.32
N GLY O 152 -24.17 -7.95 39.06
CA GLY O 152 -25.09 -7.80 37.94
C GLY O 152 -25.06 -6.36 37.43
N GLY O 153 -24.76 -5.44 38.34
CA GLY O 153 -24.54 -4.03 38.00
C GLY O 153 -25.82 -3.29 37.70
N SER O 154 -25.85 -2.62 36.55
CA SER O 154 -27.01 -1.82 36.13
C SER O 154 -28.24 -2.70 35.88
N ASP O 155 -28.02 -3.90 35.37
CA ASP O 155 -29.12 -4.84 35.11
C ASP O 155 -29.87 -5.22 36.37
N THR O 156 -29.11 -5.62 37.39
CA THR O 156 -29.71 -5.96 38.69
C THR O 156 -30.39 -4.75 39.32
N THR O 157 -29.76 -3.59 39.20
CA THR O 157 -30.36 -2.34 39.69
C THR O 157 -31.75 -2.14 39.09
N ALA O 158 -31.87 -2.38 37.78
CA ALA O 158 -33.12 -2.19 37.06
C ALA O 158 -34.18 -3.17 37.56
N VAL O 159 -33.80 -4.44 37.71
CA VAL O 159 -34.74 -5.46 38.13
C VAL O 159 -35.14 -5.28 39.61
N ALA O 160 -34.17 -4.95 40.45
CA ALA O 160 -34.44 -4.67 41.86
C ALA O 160 -35.39 -3.47 41.99
N LEU O 161 -35.10 -2.40 41.24
CA LEU O 161 -35.98 -1.22 41.20
C LEU O 161 -37.40 -1.56 40.79
N ALA O 162 -37.53 -2.40 39.76
CA ALA O 162 -38.84 -2.84 39.28
C ALA O 162 -39.58 -3.63 40.35
N ALA O 163 -38.84 -4.45 41.10
CA ALA O 163 -39.40 -5.17 42.24
C ALA O 163 -39.89 -4.18 43.29
N ALA O 164 -39.00 -3.26 43.67
CA ALA O 164 -39.28 -2.30 44.72
C ALA O 164 -40.46 -1.40 44.36
N LEU O 165 -40.38 -0.76 43.20
CA LEU O 165 -41.41 0.20 42.75
C LEU O 165 -42.65 -0.48 42.21
N ASN O 166 -42.63 -1.81 42.10
CA ASN O 166 -43.78 -2.58 41.67
C ASN O 166 -44.14 -2.29 40.22
N ALA O 167 -43.12 -2.21 39.37
CA ALA O 167 -43.29 -1.81 37.97
C ALA O 167 -44.03 -2.86 37.15
N ASP O 168 -44.62 -2.43 36.04
CA ASP O 168 -45.35 -3.31 35.14
C ASP O 168 -44.41 -4.17 34.31
N VAL O 169 -43.27 -3.61 33.93
CA VAL O 169 -42.25 -4.33 33.19
C VAL O 169 -40.88 -3.71 33.42
N CYS O 170 -39.84 -4.54 33.30
CA CYS O 170 -38.47 -4.07 33.26
C CYS O 170 -37.88 -4.39 31.89
N GLU O 171 -37.73 -3.38 31.05
CA GLU O 171 -37.24 -3.57 29.69
C GLU O 171 -35.71 -3.51 29.62
N ILE O 172 -35.12 -4.46 28.90
CA ILE O 172 -33.67 -4.51 28.70
C ILE O 172 -33.37 -4.17 27.23
N TYR O 173 -32.79 -3.00 27.01
CA TYR O 173 -32.47 -2.53 25.67
C TYR O 173 -31.01 -2.82 25.29
N SER O 174 -30.82 -3.30 24.08
CA SER O 174 -29.48 -3.56 23.53
C SER O 174 -29.62 -3.61 22.00
N ASP O 175 -28.66 -4.24 21.32
CA ASP O 175 -28.81 -4.54 19.89
C ASP O 175 -29.51 -5.89 19.68
N VAL O 176 -29.61 -6.69 20.74
CA VAL O 176 -30.36 -7.94 20.71
C VAL O 176 -31.87 -7.65 20.76
N ASP O 177 -32.57 -7.97 19.67
CA ASP O 177 -33.98 -7.62 19.51
C ASP O 177 -34.96 -8.70 20.00
N GLY O 178 -34.45 -9.75 20.65
CA GLY O 178 -35.31 -10.78 21.23
C GLY O 178 -34.60 -12.10 21.49
N VAL O 179 -35.33 -13.05 22.07
CA VAL O 179 -34.82 -14.40 22.28
C VAL O 179 -35.36 -15.31 21.19
N TYR O 180 -34.49 -16.09 20.55
CA TYR O 180 -34.86 -16.90 19.39
C TYR O 180 -34.83 -18.41 19.67
N THR O 181 -35.58 -19.17 18.88
CA THR O 181 -35.63 -20.63 19.00
C THR O 181 -34.28 -21.29 18.73
N ALA O 182 -33.41 -20.59 18.00
CA ALA O 182 -32.02 -20.98 17.82
C ALA O 182 -31.28 -19.80 17.21
N ASP O 183 -29.97 -19.93 17.03
CA ASP O 183 -29.18 -18.88 16.38
C ASP O 183 -29.64 -18.75 14.93
N PRO O 184 -30.14 -17.56 14.53
CA PRO O 184 -30.69 -17.37 13.19
C PRO O 184 -29.72 -17.73 12.06
N ARG O 185 -28.43 -17.48 12.27
CA ARG O 185 -27.43 -17.73 11.24
C ARG O 185 -27.13 -19.23 11.10
N ILE O 186 -27.07 -19.96 12.20
CA ILE O 186 -26.85 -21.41 12.16
C ILE O 186 -28.10 -22.14 11.69
N VAL O 187 -29.25 -21.78 12.26
CA VAL O 187 -30.52 -22.42 11.94
C VAL O 187 -31.43 -21.43 11.19
N PRO O 188 -31.62 -21.65 9.89
CA PRO O 188 -32.35 -20.68 9.07
C PRO O 188 -33.83 -20.52 9.46
N ASN O 189 -34.44 -21.58 10.00
CA ASN O 189 -35.85 -21.55 10.40
C ASN O 189 -36.08 -20.98 11.81
N ALA O 190 -35.04 -20.41 12.42
CA ALA O 190 -35.15 -19.83 13.74
C ALA O 190 -36.18 -18.70 13.80
N GLN O 191 -37.08 -18.76 14.78
CA GLN O 191 -38.10 -17.73 15.00
C GLN O 191 -37.87 -17.05 16.33
N LYS O 192 -38.15 -15.74 16.39
CA LYS O 192 -38.14 -15.01 17.65
C LYS O 192 -39.32 -15.46 18.50
N LEU O 193 -39.09 -15.63 19.80
CA LEU O 193 -40.16 -15.98 20.74
C LEU O 193 -40.91 -14.74 21.19
N GLU O 194 -42.22 -14.86 21.34
CA GLU O 194 -43.06 -13.78 21.86
C GLU O 194 -43.02 -13.78 23.39
N LYS O 195 -43.19 -14.98 23.97
CA LYS O 195 -43.37 -15.16 25.41
C LYS O 195 -42.45 -16.27 25.90
N LEU O 196 -42.10 -16.22 27.18
CA LEU O 196 -41.14 -17.14 27.76
C LEU O 196 -41.23 -17.11 29.29
N SER O 197 -41.03 -18.26 29.93
CA SER O 197 -41.06 -18.31 31.39
C SER O 197 -39.70 -17.88 31.93
N PHE O 198 -39.64 -17.55 33.22
CA PHE O 198 -38.37 -17.17 33.85
C PHE O 198 -37.37 -18.32 33.83
N GLU O 199 -37.84 -19.52 34.12
CA GLU O 199 -36.98 -20.70 34.21
C GLU O 199 -36.43 -21.07 32.84
N GLU O 200 -37.27 -21.04 31.82
CA GLU O 200 -36.85 -21.37 30.46
C GLU O 200 -35.77 -20.40 29.98
N MET O 201 -35.93 -19.12 30.31
CA MET O 201 -34.93 -18.12 29.97
C MET O 201 -33.62 -18.41 30.67
N LEU O 202 -33.68 -18.62 31.98
CA LEU O 202 -32.49 -18.98 32.78
C LEU O 202 -31.75 -20.17 32.20
N GLU O 203 -32.49 -21.23 31.90
CA GLU O 203 -31.91 -22.46 31.37
C GLU O 203 -31.26 -22.25 29.99
N LEU O 204 -31.97 -21.58 29.08
CA LEU O 204 -31.40 -21.22 27.77
C LEU O 204 -30.12 -20.39 27.90
N ALA O 205 -30.18 -19.36 28.76
CA ALA O 205 -29.05 -18.47 28.99
C ALA O 205 -27.89 -19.20 29.64
N ALA O 206 -28.20 -20.11 30.56
CA ALA O 206 -27.19 -20.87 31.30
C ALA O 206 -26.27 -21.75 30.44
N VAL O 207 -26.79 -22.21 29.31
CA VAL O 207 -26.08 -23.18 28.47
C VAL O 207 -25.93 -22.72 27.02
N GLY O 208 -26.07 -21.41 26.79
CA GLY O 208 -25.90 -20.84 25.45
C GLY O 208 -25.36 -19.43 25.51
N SER O 209 -25.62 -18.65 24.47
CA SER O 209 -25.24 -17.23 24.47
C SER O 209 -26.08 -16.48 25.49
N LYS O 210 -25.46 -15.52 26.19
CA LYS O 210 -26.14 -14.77 27.25
C LYS O 210 -26.74 -13.47 26.72
N ILE O 211 -28.02 -13.50 26.39
CA ILE O 211 -28.75 -12.29 25.96
C ILE O 211 -28.81 -11.25 27.08
N LEU O 212 -28.68 -11.69 28.34
CA LEU O 212 -28.72 -10.79 29.48
C LEU O 212 -28.07 -11.42 30.73
N VAL O 213 -27.92 -10.61 31.78
CA VAL O 213 -27.30 -11.04 33.03
C VAL O 213 -28.23 -11.98 33.82
N LEU O 214 -27.79 -13.22 34.02
CA LEU O 214 -28.60 -14.25 34.68
C LEU O 214 -29.04 -13.83 36.07
N ARG O 215 -28.10 -13.31 36.85
CA ARG O 215 -28.36 -12.84 38.21
C ARG O 215 -29.59 -11.96 38.21
N SER O 216 -29.66 -11.02 37.27
CA SER O 216 -30.78 -10.10 37.17
C SER O 216 -32.08 -10.81 36.82
N VAL O 217 -31.99 -11.85 35.99
CA VAL O 217 -33.14 -12.65 35.63
C VAL O 217 -33.61 -13.46 36.84
N GLU O 218 -32.65 -13.95 37.62
CA GLU O 218 -32.98 -14.67 38.85
C GLU O 218 -33.62 -13.76 39.89
N TYR O 219 -33.14 -12.52 40.01
CA TYR O 219 -33.81 -11.50 40.83
C TYR O 219 -35.22 -11.28 40.29
N ALA O 220 -35.32 -11.17 38.98
CA ALA O 220 -36.59 -10.96 38.30
C ALA O 220 -37.58 -12.07 38.63
N ARG O 221 -37.10 -13.32 38.64
CA ARG O 221 -37.94 -14.49 38.91
C ARG O 221 -38.49 -14.50 40.32
N ALA O 222 -37.61 -14.26 41.29
CA ALA O 222 -37.97 -14.35 42.71
C ALA O 222 -38.92 -13.24 43.17
N PHE O 223 -38.96 -12.13 42.45
CA PHE O 223 -39.85 -11.02 42.80
C PHE O 223 -41.02 -10.88 41.82
N ASN O 224 -41.12 -11.78 40.85
CA ASN O 224 -42.20 -11.77 39.86
C ASN O 224 -42.29 -10.43 39.09
N VAL O 225 -41.15 -9.97 38.62
CA VAL O 225 -41.08 -8.79 37.75
C VAL O 225 -40.81 -9.26 36.32
N PRO O 226 -41.78 -9.05 35.41
CA PRO O 226 -41.59 -9.47 34.02
C PRO O 226 -40.59 -8.59 33.26
N LEU O 227 -39.70 -9.24 32.52
CA LEU O 227 -38.69 -8.55 31.73
C LEU O 227 -39.11 -8.55 30.27
N ARG O 228 -38.54 -7.63 29.50
CA ARG O 228 -38.74 -7.62 28.06
C ARG O 228 -37.39 -7.36 27.37
N VAL O 229 -36.94 -8.33 26.59
CA VAL O 229 -35.72 -8.20 25.82
C VAL O 229 -36.08 -7.61 24.47
N ARG O 230 -35.55 -6.43 24.17
CA ARG O 230 -35.84 -5.76 22.90
C ARG O 230 -34.67 -4.89 22.40
N SER O 231 -34.81 -4.37 21.19
CA SER O 231 -33.76 -3.58 20.55
C SER O 231 -34.05 -2.09 20.60
N SER O 232 -33.01 -1.32 20.88
CA SER O 232 -33.09 0.14 20.90
C SER O 232 -32.95 0.75 19.49
N TYR O 233 -32.81 -0.13 18.48
CA TYR O 233 -32.66 0.29 17.09
C TYR O 233 -33.95 0.14 16.28
N SER O 234 -34.70 -0.94 16.51
CA SER O 234 -36.00 -1.14 15.84
C SER O 234 -37.14 -0.84 16.79
N ASN O 235 -38.36 -0.88 16.26
CA ASN O 235 -39.57 -0.74 17.09
C ASN O 235 -40.19 -2.09 17.44
N ASP O 236 -39.47 -3.18 17.15
CA ASP O 236 -39.96 -4.51 17.46
C ASP O 236 -40.09 -4.66 18.96
N PRO O 237 -41.25 -5.17 19.44
CA PRO O 237 -41.47 -5.29 20.89
C PRO O 237 -40.62 -6.36 21.58
N GLY O 238 -40.02 -7.25 20.80
CA GLY O 238 -39.09 -8.23 21.35
C GLY O 238 -39.78 -9.39 22.05
N THR O 239 -39.11 -9.95 23.06
CA THR O 239 -39.55 -11.15 23.75
C THR O 239 -39.91 -10.86 25.19
N LEU O 240 -41.08 -11.34 25.62
CA LEU O 240 -41.50 -11.19 27.01
C LEU O 240 -40.99 -12.37 27.82
N ILE O 241 -40.42 -12.08 28.99
CA ILE O 241 -40.05 -13.10 29.96
C ILE O 241 -40.94 -12.87 31.18
N ALA O 242 -41.89 -13.79 31.40
CA ALA O 242 -42.92 -13.55 32.41
C ALA O 242 -43.57 -14.86 32.87
N GLY O 243 -43.95 -14.88 34.13
CA GLY O 243 -44.64 -16.01 34.71
C GLY O 243 -43.71 -17.15 35.04
N SER O 244 -44.04 -17.90 36.08
CA SER O 244 -43.29 -19.09 36.45
C SER O 244 -43.75 -20.27 35.61
N MET O 245 -42.81 -21.14 35.31
CA MET O 245 -43.06 -22.38 34.58
C MET O 245 -44.02 -23.28 35.38
N GLU O 246 -43.92 -23.21 36.70
CA GLU O 246 -44.76 -24.00 37.60
C GLU O 246 -46.24 -23.59 37.54
N ASP O 247 -46.51 -22.36 37.12
CA ASP O 247 -47.88 -21.83 37.05
C ASP O 247 -48.49 -21.83 35.64
N ILE O 248 -48.13 -22.81 34.83
CA ILE O 248 -48.79 -23.00 33.54
C ILE O 248 -49.11 -24.49 33.31
N PRO O 249 -50.37 -24.80 32.89
CA PRO O 249 -50.85 -26.17 32.65
C PRO O 249 -49.93 -27.04 31.81
N VAL O 250 -50.02 -28.37 31.99
CA VAL O 250 -49.09 -29.29 31.36
C VAL O 250 -49.38 -29.48 29.87
N GLU O 251 -50.65 -29.35 29.50
CA GLU O 251 -51.07 -29.45 28.09
C GLU O 251 -50.61 -28.25 27.27
N GLU O 252 -50.33 -27.13 27.95
CA GLU O 252 -49.88 -25.90 27.29
C GLU O 252 -48.37 -25.65 27.39
N ALA O 253 -47.64 -26.55 28.06
CA ALA O 253 -46.19 -26.43 28.15
C ALA O 253 -45.57 -26.86 26.83
N VAL O 254 -44.62 -26.07 26.34
CA VAL O 254 -44.01 -26.32 25.03
C VAL O 254 -42.51 -26.37 25.11
N LEU O 255 -41.88 -26.80 24.01
CA LEU O 255 -40.43 -26.67 23.85
C LEU O 255 -40.11 -25.27 23.37
N THR O 256 -39.07 -24.68 23.94
CA THR O 256 -38.81 -23.24 23.82
C THR O 256 -37.77 -22.90 22.78
N GLY O 257 -36.69 -23.68 22.72
CA GLY O 257 -35.63 -23.42 21.75
C GLY O 257 -34.37 -24.24 21.97
N VAL O 258 -33.41 -24.09 21.05
CA VAL O 258 -32.12 -24.75 21.13
C VAL O 258 -31.00 -23.74 21.36
N ALA O 259 -29.96 -24.16 22.08
CA ALA O 259 -28.83 -23.30 22.42
C ALA O 259 -27.52 -24.03 22.21
N THR O 260 -26.48 -23.27 21.88
CA THR O 260 -25.17 -23.82 21.52
C THR O 260 -24.06 -23.10 22.27
N ASP O 261 -22.94 -23.78 22.41
CA ASP O 261 -21.78 -23.22 23.10
C ASP O 261 -20.52 -23.94 22.59
N LYS O 262 -19.64 -23.16 21.97
CA LYS O 262 -18.39 -23.66 21.41
C LYS O 262 -17.20 -23.00 22.11
N SER O 263 -17.44 -22.47 23.32
CA SER O 263 -16.48 -21.60 23.98
C SER O 263 -15.70 -22.25 25.13
N GLU O 264 -15.86 -23.55 25.34
CA GLU O 264 -15.23 -24.18 26.49
C GLU O 264 -14.45 -25.43 26.20
N ALA O 265 -13.59 -25.77 27.16
CA ALA O 265 -12.85 -27.01 27.14
C ALA O 265 -13.49 -27.91 28.18
N LYS O 266 -13.20 -29.21 28.12
CA LYS O 266 -13.58 -30.09 29.20
C LYS O 266 -12.35 -30.86 29.71
N VAL O 267 -12.27 -30.95 31.03
CA VAL O 267 -11.22 -31.71 31.68
C VAL O 267 -11.89 -32.85 32.43
N THR O 268 -11.25 -34.01 32.42
CA THR O 268 -11.79 -35.19 33.08
C THR O 268 -10.74 -35.79 33.99
N VAL O 269 -11.04 -35.84 35.28
CA VAL O 269 -10.20 -36.49 36.26
C VAL O 269 -10.66 -37.95 36.36
N LEU O 270 -9.75 -38.88 36.07
CA LEU O 270 -10.09 -40.30 36.06
C LEU O 270 -9.64 -41.01 37.34
N GLY O 271 -10.53 -41.81 37.92
CA GLY O 271 -10.18 -42.67 39.05
C GLY O 271 -10.06 -41.94 40.38
N ILE O 272 -11.06 -41.12 40.70
CA ILE O 272 -11.12 -40.45 42.00
C ILE O 272 -11.78 -41.43 42.95
N SER O 273 -11.16 -41.68 44.10
CA SER O 273 -11.79 -42.55 45.08
C SER O 273 -13.12 -41.93 45.50
N ASP O 274 -14.15 -42.77 45.54
CA ASP O 274 -15.50 -42.32 45.88
C ASP O 274 -15.72 -42.32 47.40
N LYS O 275 -15.03 -41.42 48.08
CA LYS O 275 -15.22 -41.20 49.51
C LYS O 275 -15.29 -39.70 49.77
N PRO O 276 -15.86 -39.28 50.92
CA PRO O 276 -16.00 -37.85 51.23
C PRO O 276 -14.72 -37.02 51.11
N GLY O 277 -14.84 -35.81 50.59
CA GLY O 277 -13.72 -34.88 50.49
C GLY O 277 -12.89 -34.88 49.21
N GLU O 278 -13.15 -35.83 48.32
CA GLU O 278 -12.35 -35.98 47.12
C GLU O 278 -12.73 -34.94 46.05
N ALA O 279 -14.02 -34.75 45.81
CA ALA O 279 -14.48 -33.68 44.92
C ALA O 279 -13.98 -32.32 45.40
N ALA O 280 -13.93 -32.13 46.71
CA ALA O 280 -13.41 -30.89 47.30
C ALA O 280 -11.96 -30.61 46.89
N LYS O 281 -11.10 -31.63 46.93
CA LYS O 281 -9.70 -31.49 46.53
C LYS O 281 -9.57 -30.98 45.09
N VAL O 282 -10.40 -31.52 44.21
CA VAL O 282 -10.40 -31.11 42.81
C VAL O 282 -10.78 -29.63 42.70
N PHE O 283 -11.91 -29.26 43.29
CA PHE O 283 -12.49 -27.93 43.06
C PHE O 283 -11.97 -26.82 43.98
N ARG O 284 -11.37 -27.17 45.11
CA ARG O 284 -10.65 -26.19 45.90
C ARG O 284 -9.41 -25.73 45.11
N ALA O 285 -8.70 -26.69 44.52
CA ALA O 285 -7.51 -26.39 43.70
C ALA O 285 -7.82 -25.46 42.51
N LEU O 286 -8.99 -25.66 41.89
CA LEU O 286 -9.40 -24.85 40.75
C LEU O 286 -9.88 -23.46 41.16
N ALA O 287 -10.60 -23.38 42.26
CA ALA O 287 -11.13 -22.10 42.74
C ALA O 287 -10.01 -21.16 43.16
N ASP O 288 -9.01 -21.70 43.84
CA ASP O 288 -7.81 -20.93 44.18
C ASP O 288 -7.11 -20.42 42.93
N ALA O 289 -7.15 -21.23 41.86
CA ALA O 289 -6.61 -20.83 40.56
C ALA O 289 -7.55 -19.92 39.78
N GLU O 290 -8.74 -19.68 40.32
CA GLU O 290 -9.73 -18.75 39.75
C GLU O 290 -10.38 -19.30 38.47
N ILE O 291 -10.29 -20.60 38.24
CA ILE O 291 -10.83 -21.23 37.04
C ILE O 291 -12.36 -21.27 37.06
N ASN O 292 -12.97 -20.63 36.07
CA ASN O 292 -14.43 -20.59 35.94
C ASN O 292 -14.99 -21.94 35.52
N ILE O 293 -15.65 -22.64 36.43
CA ILE O 293 -16.27 -23.92 36.11
C ILE O 293 -17.70 -23.71 35.58
N ASP O 294 -18.01 -24.33 34.44
CA ASP O 294 -19.28 -24.13 33.74
C ASP O 294 -20.28 -25.22 34.12
N MET O 295 -19.90 -26.48 33.88
CA MET O 295 -20.69 -27.64 34.30
C MET O 295 -19.79 -28.62 35.00
N VAL O 296 -20.33 -29.37 35.94
CA VAL O 296 -19.64 -30.50 36.53
C VAL O 296 -20.51 -31.74 36.38
N LEU O 297 -19.89 -32.84 35.95
CA LEU O 297 -20.57 -34.12 35.79
C LEU O 297 -19.76 -35.24 36.42
N GLN O 298 -20.42 -35.99 37.30
CA GLN O 298 -19.86 -37.21 37.89
C GLN O 298 -20.96 -38.27 37.91
N ASN O 299 -20.65 -39.47 37.46
CA ASN O 299 -21.58 -40.59 37.50
C ASN O 299 -21.20 -41.50 38.67
N VAL O 300 -22.02 -42.51 38.94
CA VAL O 300 -21.77 -43.46 40.02
C VAL O 300 -20.41 -44.14 39.90
N SER O 301 -19.80 -44.42 41.06
CA SER O 301 -18.53 -45.13 41.09
C SER O 301 -18.72 -46.60 40.77
N SER O 302 -17.61 -47.28 40.51
CA SER O 302 -17.63 -48.71 40.26
C SER O 302 -17.71 -49.49 41.58
N VAL O 303 -18.42 -50.61 41.57
CA VAL O 303 -18.42 -51.52 42.72
C VAL O 303 -17.08 -52.26 42.78
N GLU O 304 -16.70 -52.67 43.98
CA GLU O 304 -15.32 -53.12 44.28
C GLU O 304 -14.29 -52.63 43.26
N ASP O 305 -14.01 -51.34 43.40
CA ASP O 305 -13.00 -50.61 42.64
C ASP O 305 -12.98 -49.23 43.30
N GLY O 306 -14.17 -48.74 43.62
CA GLY O 306 -14.34 -47.64 44.54
C GLY O 306 -14.06 -46.29 43.93
N THR O 307 -13.95 -46.25 42.60
CA THR O 307 -13.53 -45.04 41.92
C THR O 307 -14.55 -44.62 40.87
N THR O 308 -14.63 -43.31 40.66
CA THR O 308 -15.40 -42.74 39.55
C THR O 308 -14.55 -41.67 38.88
N ASP O 309 -15.13 -40.98 37.90
CA ASP O 309 -14.45 -39.89 37.21
C ASP O 309 -15.26 -38.60 37.39
N ILE O 310 -14.56 -37.47 37.43
CA ILE O 310 -15.22 -36.17 37.47
C ILE O 310 -14.84 -35.38 36.22
N THR O 311 -15.85 -34.96 35.46
CA THR O 311 -15.66 -34.10 34.29
C THR O 311 -16.29 -32.75 34.57
N PHE O 312 -15.58 -31.69 34.19
CA PHE O 312 -16.13 -30.35 34.23
C PHE O 312 -15.77 -29.64 32.93
N THR O 313 -16.51 -28.58 32.61
CA THR O 313 -16.16 -27.69 31.51
C THR O 313 -15.77 -26.33 32.06
N CYS O 314 -14.91 -25.64 31.32
CA CYS O 314 -14.43 -24.31 31.70
C CYS O 314 -14.17 -23.52 30.44
N PRO O 315 -14.04 -22.19 30.54
CA PRO O 315 -13.60 -21.47 29.34
C PRO O 315 -12.32 -22.04 28.77
N ARG O 316 -12.19 -22.04 27.44
CA ARG O 316 -10.99 -22.56 26.78
C ARG O 316 -9.73 -21.78 27.15
N SER O 317 -9.90 -20.53 27.58
CA SER O 317 -8.78 -19.73 28.08
C SER O 317 -8.35 -20.11 29.51
N ASP O 318 -9.20 -20.86 30.22
CA ASP O 318 -8.85 -21.39 31.56
C ASP O 318 -8.34 -22.84 31.50
N GLY O 319 -8.51 -23.51 30.36
CA GLY O 319 -8.23 -24.93 30.24
C GLY O 319 -6.78 -25.34 30.51
N ARG O 320 -5.83 -24.53 30.04
CA ARG O 320 -4.41 -24.81 30.19
C ARG O 320 -4.04 -24.87 31.67
N ARG O 321 -4.39 -23.82 32.41
CA ARG O 321 -4.05 -23.74 33.83
C ARG O 321 -4.76 -24.81 34.66
N ALA O 322 -5.97 -25.20 34.22
CA ALA O 322 -6.74 -26.22 34.91
C ALA O 322 -6.02 -27.55 34.92
N MET O 323 -5.68 -28.04 33.73
CA MET O 323 -5.01 -29.33 33.61
C MET O 323 -3.62 -29.29 34.28
N GLU O 324 -3.00 -28.10 34.32
CA GLU O 324 -1.74 -27.92 35.04
C GLU O 324 -1.91 -28.19 36.54
N ILE O 325 -2.93 -27.59 37.14
CA ILE O 325 -3.24 -27.80 38.56
C ILE O 325 -3.43 -29.28 38.89
N LEU O 326 -4.28 -29.95 38.11
CA LEU O 326 -4.75 -31.29 38.43
C LEU O 326 -3.72 -32.39 38.14
N LYS O 327 -2.88 -32.19 37.12
CA LYS O 327 -1.79 -33.13 36.83
C LYS O 327 -0.74 -33.09 37.93
N LYS O 328 -0.57 -31.90 38.53
CA LYS O 328 0.29 -31.74 39.69
C LYS O 328 -0.24 -32.59 40.84
N LEU O 329 -1.55 -32.53 41.06
CA LEU O 329 -2.21 -33.34 42.08
C LEU O 329 -2.23 -34.84 41.75
N GLN O 330 -2.31 -35.18 40.47
CA GLN O 330 -2.32 -36.60 40.05
C GLN O 330 -1.09 -37.34 40.56
N VAL O 331 0.09 -36.74 40.32
CA VAL O 331 1.38 -37.30 40.73
C VAL O 331 1.42 -37.64 42.23
N GLN O 332 0.57 -36.96 43.00
CA GLN O 332 0.43 -37.21 44.44
C GLN O 332 -0.71 -38.19 44.76
N GLY O 333 -0.97 -39.16 43.87
CA GLY O 333 -1.84 -40.30 44.16
C GLY O 333 -3.35 -40.06 44.15
N ASN O 334 -3.77 -38.79 44.18
CA ASN O 334 -5.19 -38.45 44.35
C ASN O 334 -6.11 -39.02 43.26
N TRP O 335 -5.55 -39.24 42.07
CA TRP O 335 -6.28 -39.85 40.95
C TRP O 335 -5.31 -40.51 39.95
N THR O 336 -5.83 -41.17 38.91
CA THR O 336 -4.98 -41.92 37.97
C THR O 336 -4.64 -41.17 36.67
N ASN O 337 -5.50 -40.25 36.24
CA ASN O 337 -5.25 -39.49 35.02
C ASN O 337 -6.09 -38.21 34.96
N VAL O 338 -5.58 -37.20 34.27
CA VAL O 338 -6.35 -36.00 33.95
C VAL O 338 -6.33 -35.84 32.43
N LEU O 339 -7.49 -35.58 31.84
CA LEU O 339 -7.62 -35.46 30.38
C LEU O 339 -8.07 -34.06 29.98
N TYR O 340 -7.68 -33.65 28.77
CA TYR O 340 -7.92 -32.31 28.25
C TYR O 340 -8.53 -32.35 26.85
N ASP O 341 -9.55 -31.53 26.63
CA ASP O 341 -10.27 -31.47 25.36
C ASP O 341 -10.78 -30.06 25.12
N ASP O 342 -10.19 -29.36 24.15
CA ASP O 342 -10.58 -27.99 23.81
C ASP O 342 -11.28 -27.88 22.45
N GLN O 343 -11.85 -28.98 21.98
CA GLN O 343 -12.65 -29.00 20.74
C GLN O 343 -14.02 -29.64 21.01
N VAL O 344 -14.61 -29.28 22.15
CA VAL O 344 -15.91 -29.83 22.53
C VAL O 344 -16.98 -28.79 22.28
N GLY O 345 -18.20 -29.26 22.02
CA GLY O 345 -19.34 -28.37 21.81
C GLY O 345 -20.48 -28.80 22.69
N LYS O 346 -21.38 -27.87 22.97
CA LYS O 346 -22.55 -28.16 23.80
C LYS O 346 -23.83 -27.73 23.11
N VAL O 347 -24.71 -28.70 22.87
CA VAL O 347 -26.04 -28.46 22.29
C VAL O 347 -27.10 -28.78 23.36
N SER O 348 -28.09 -27.91 23.50
CA SER O 348 -29.11 -28.10 24.51
C SER O 348 -30.53 -27.86 23.99
N LEU O 349 -31.48 -28.60 24.54
CA LEU O 349 -32.91 -28.37 24.28
C LEU O 349 -33.53 -27.87 25.57
N VAL O 350 -34.37 -26.84 25.47
CA VAL O 350 -34.98 -26.26 26.66
C VAL O 350 -36.48 -26.06 26.45
N GLY O 351 -37.26 -26.36 27.49
CA GLY O 351 -38.70 -26.19 27.44
C GLY O 351 -39.41 -26.83 28.61
N ALA O 352 -40.42 -26.13 29.13
CA ALA O 352 -41.27 -26.63 30.21
C ALA O 352 -41.95 -27.93 29.79
N GLY O 353 -42.29 -28.02 28.50
CA GLY O 353 -42.95 -29.21 27.95
C GLY O 353 -42.35 -30.55 28.34
N MET O 354 -41.02 -30.65 28.37
CA MET O 354 -40.37 -31.95 28.60
C MET O 354 -40.53 -32.44 30.04
N LYS O 355 -40.84 -31.53 30.98
CA LYS O 355 -40.95 -31.87 32.39
C LYS O 355 -41.97 -32.97 32.65
N SER O 356 -43.15 -32.85 32.05
CA SER O 356 -44.24 -33.81 32.28
C SER O 356 -44.48 -34.76 31.09
N HIS O 357 -43.52 -34.87 30.17
CA HIS O 357 -43.71 -35.67 28.96
C HIS O 357 -42.54 -36.62 28.69
N PRO O 358 -42.80 -37.94 28.75
CA PRO O 358 -41.76 -38.89 28.37
C PRO O 358 -41.52 -38.82 26.86
N GLY O 359 -40.38 -39.34 26.42
CA GLY O 359 -40.08 -39.43 25.00
C GLY O 359 -39.45 -38.20 24.37
N VAL O 360 -39.33 -37.12 25.13
CA VAL O 360 -38.60 -35.93 24.68
C VAL O 360 -37.12 -36.27 24.63
N THR O 361 -36.62 -36.86 25.72
CA THR O 361 -35.26 -37.40 25.75
C THR O 361 -35.05 -38.38 24.58
N ALA O 362 -36.01 -39.27 24.39
CA ALA O 362 -35.98 -40.24 23.31
C ALA O 362 -35.84 -39.57 21.94
N GLU O 363 -36.69 -38.59 21.69
CA GLU O 363 -36.66 -37.88 20.40
C GLU O 363 -35.39 -37.05 20.24
N PHE O 364 -34.74 -36.69 21.33
CA PHE O 364 -33.46 -35.98 21.30
C PHE O 364 -32.36 -36.94 20.82
N MET O 365 -32.16 -38.04 21.55
CA MET O 365 -31.13 -39.02 21.22
C MET O 365 -31.28 -39.55 19.79
N GLU O 366 -32.53 -39.71 19.36
CA GLU O 366 -32.83 -40.21 18.01
C GLU O 366 -32.55 -39.17 16.93
N ALA O 367 -32.76 -37.89 17.24
CA ALA O 367 -32.47 -36.83 16.27
C ALA O 367 -30.99 -36.81 15.94
N LEU O 368 -30.15 -36.90 16.96
CA LEU O 368 -28.70 -36.90 16.76
C LEU O 368 -28.17 -38.23 16.21
N ARG O 369 -28.95 -39.30 16.34
CA ARG O 369 -28.58 -40.58 15.73
C ARG O 369 -28.73 -40.49 14.21
N ASP O 370 -29.80 -39.86 13.77
CA ASP O 370 -30.16 -39.81 12.36
C ASP O 370 -29.25 -38.87 11.55
N VAL O 371 -28.53 -37.98 12.24
CA VAL O 371 -27.53 -37.13 11.59
C VAL O 371 -26.10 -37.61 11.90
N ASN O 372 -25.99 -38.78 12.52
CA ASN O 372 -24.72 -39.42 12.78
C ASN O 372 -23.82 -38.59 13.69
N VAL O 373 -24.43 -38.01 14.73
CA VAL O 373 -23.72 -37.23 15.71
C VAL O 373 -23.67 -38.02 17.01
N ASN O 374 -22.45 -38.27 17.49
CA ASN O 374 -22.23 -39.08 18.69
C ASN O 374 -22.34 -38.25 19.96
N ILE O 375 -23.15 -38.72 20.91
CA ILE O 375 -23.28 -38.07 22.21
C ILE O 375 -22.18 -38.58 23.11
N GLU O 376 -21.30 -37.68 23.55
CA GLU O 376 -20.14 -38.05 24.36
C GLU O 376 -20.42 -37.93 25.86
N LEU O 377 -21.28 -36.97 26.20
CA LEU O 377 -21.60 -36.68 27.60
C LEU O 377 -23.02 -36.10 27.67
N ILE O 378 -23.73 -36.37 28.76
CA ILE O 378 -25.11 -35.88 28.94
C ILE O 378 -25.29 -35.23 30.30
N SER O 379 -26.03 -34.13 30.34
CA SER O 379 -26.49 -33.54 31.61
C SER O 379 -27.89 -32.97 31.41
N THR O 380 -28.60 -32.76 32.51
CA THR O 380 -29.97 -32.24 32.44
C THR O 380 -30.33 -31.35 33.63
N SER O 381 -31.35 -30.54 33.42
CA SER O 381 -32.14 -29.99 34.52
C SER O 381 -33.54 -30.58 34.33
N GLU O 382 -34.52 -30.04 35.04
CA GLU O 382 -35.87 -30.60 34.98
C GLU O 382 -36.44 -30.34 33.57
N ILE O 383 -36.02 -29.23 32.97
CA ILE O 383 -36.56 -28.74 31.70
C ILE O 383 -35.46 -28.50 30.65
N ARG O 384 -34.28 -29.10 30.85
CA ARG O 384 -33.17 -28.95 29.91
C ARG O 384 -32.47 -30.28 29.66
N ILE O 385 -32.15 -30.55 28.40
CA ILE O 385 -31.22 -31.60 28.03
C ILE O 385 -30.01 -30.93 27.39
N SER O 386 -28.81 -31.36 27.76
CA SER O 386 -27.56 -30.83 27.22
C SER O 386 -26.59 -31.99 26.98
N VAL O 387 -26.03 -32.07 25.78
CA VAL O 387 -25.04 -33.09 25.47
C VAL O 387 -23.76 -32.46 24.93
N LEU O 388 -22.62 -33.08 25.22
CA LEU O 388 -21.35 -32.63 24.67
C LEU O 388 -20.96 -33.50 23.47
N ILE O 389 -20.52 -32.84 22.41
CA ILE O 389 -20.13 -33.52 21.17
C ILE O 389 -18.95 -32.78 20.54
N ARG O 390 -18.45 -33.29 19.42
CA ARG O 390 -17.44 -32.58 18.64
C ARG O 390 -18.04 -31.23 18.23
N GLU O 391 -17.26 -30.16 18.38
CA GLU O 391 -17.71 -28.83 17.96
C GLU O 391 -18.06 -28.75 16.47
N ASP O 392 -17.51 -29.65 15.66
CA ASP O 392 -17.78 -29.65 14.23
C ASP O 392 -19.16 -30.23 13.87
N ASP O 393 -19.78 -30.91 14.84
CA ASP O 393 -21.15 -31.40 14.68
C ASP O 393 -22.21 -30.45 15.27
N LEU O 394 -21.79 -29.28 15.77
CA LEU O 394 -22.73 -28.36 16.43
C LEU O 394 -23.84 -27.85 15.53
N ASP O 395 -23.46 -27.26 14.40
CA ASP O 395 -24.43 -26.75 13.42
C ASP O 395 -25.43 -27.83 13.04
N ALA O 396 -24.91 -29.01 12.67
CA ALA O 396 -25.76 -30.11 12.26
C ALA O 396 -26.74 -30.51 13.37
N ALA O 397 -26.22 -30.74 14.57
CA ALA O 397 -27.04 -31.15 15.71
C ALA O 397 -28.10 -30.11 16.08
N ALA O 398 -27.74 -28.84 16.00
CA ALA O 398 -28.67 -27.76 16.29
C ALA O 398 -29.86 -27.81 15.33
N ARG O 399 -29.55 -27.89 14.04
CA ARG O 399 -30.57 -27.96 12.99
C ARG O 399 -31.44 -29.20 13.14
N ALA O 400 -30.79 -30.34 13.42
CA ALA O 400 -31.51 -31.60 13.60
C ALA O 400 -32.57 -31.47 14.70
N LEU O 401 -32.15 -30.95 15.85
CA LEU O 401 -33.05 -30.78 17.00
C LEU O 401 -34.12 -29.71 16.74
N HIS O 402 -33.73 -28.64 16.06
CA HIS O 402 -34.68 -27.59 15.70
C HIS O 402 -35.75 -28.13 14.76
N GLU O 403 -35.35 -29.06 13.89
CA GLU O 403 -36.25 -29.69 12.95
C GLU O 403 -37.13 -30.71 13.66
N GLN O 404 -36.49 -31.59 14.44
CA GLN O 404 -37.20 -32.68 15.11
C GLN O 404 -38.34 -32.19 16.00
N PHE O 405 -38.13 -31.07 16.68
CA PHE O 405 -39.13 -30.54 17.59
C PHE O 405 -39.95 -29.39 17.00
N GLN O 406 -39.80 -29.17 15.70
CA GLN O 406 -40.66 -28.25 14.94
C GLN O 406 -40.76 -26.89 15.62
N LEU O 407 -39.61 -26.35 16.02
CA LEU O 407 -39.55 -25.07 16.72
C LEU O 407 -39.62 -23.87 15.77
N GLY O 408 -39.40 -24.12 14.48
CA GLY O 408 -39.40 -23.06 13.47
C GLY O 408 -40.73 -22.87 12.78
N GLY O 409 -40.79 -23.27 11.51
CA GLY O 409 -42.01 -23.17 10.71
C GLY O 409 -42.29 -24.44 9.91
N GLU O 410 -42.37 -25.57 10.61
CA GLU O 410 -42.67 -26.85 9.97
C GLU O 410 -44.00 -26.81 9.21
N ASP O 411 -45.01 -26.18 9.80
CA ASP O 411 -46.31 -25.96 9.17
C ASP O 411 -46.67 -24.48 9.16
N MET P 1 -15.39 -11.51 44.18
CA MET P 1 -15.37 -11.43 42.69
C MET P 1 -16.66 -10.77 42.16
N GLU P 2 -17.09 -11.16 40.97
CA GLU P 2 -18.43 -10.85 40.47
C GLU P 2 -19.49 -11.72 41.19
N GLU P 3 -19.80 -11.38 42.44
CA GLU P 3 -20.61 -12.23 43.34
C GLU P 3 -21.81 -12.93 42.69
N ALA P 4 -21.89 -14.24 42.87
CA ALA P 4 -23.06 -15.01 42.45
C ALA P 4 -24.24 -14.75 43.39
N VAL P 5 -25.44 -15.00 42.90
CA VAL P 5 -26.67 -14.92 43.70
C VAL P 5 -27.13 -16.34 44.02
N LEU P 6 -27.44 -16.60 45.28
CA LEU P 6 -27.82 -17.93 45.75
C LEU P 6 -29.20 -17.87 46.42
N THR P 7 -30.23 -18.28 45.69
CA THR P 7 -31.60 -18.15 46.17
C THR P 7 -31.97 -19.18 47.25
N GLY P 8 -31.52 -20.42 47.12
CA GLY P 8 -31.82 -21.41 48.15
C GLY P 8 -31.32 -22.84 47.91
N VAL P 9 -31.70 -23.72 48.83
CA VAL P 9 -31.33 -25.13 48.79
C VAL P 9 -32.59 -25.99 48.72
N ALA P 10 -32.64 -26.90 47.76
CA ALA P 10 -33.79 -27.78 47.57
C ALA P 10 -33.39 -29.21 47.87
N THR P 11 -34.34 -29.97 48.41
CA THR P 11 -34.16 -31.40 48.70
C THR P 11 -35.27 -32.20 48.03
N ASP P 12 -35.02 -33.49 47.77
CA ASP P 12 -36.02 -34.36 47.16
C ASP P 12 -35.79 -35.84 47.47
N LYS P 13 -36.86 -36.55 47.82
CA LYS P 13 -36.82 -37.98 48.16
C LYS P 13 -37.79 -38.78 47.29
N SER P 14 -38.27 -38.19 46.20
CA SER P 14 -39.36 -38.76 45.43
C SER P 14 -38.87 -39.73 44.34
N GLU P 15 -37.58 -39.67 44.03
CA GLU P 15 -37.05 -40.37 42.85
C GLU P 15 -36.35 -41.68 43.18
N ALA P 16 -36.26 -42.54 42.18
CA ALA P 16 -35.32 -43.66 42.17
C ALA P 16 -34.22 -43.34 41.15
N LYS P 17 -33.14 -44.12 41.16
CA LYS P 17 -31.99 -43.92 40.27
C LYS P 17 -31.63 -45.24 39.63
N VAL P 18 -31.56 -45.26 38.30
CA VAL P 18 -31.17 -46.45 37.55
C VAL P 18 -29.93 -46.14 36.73
N THR P 19 -29.03 -47.13 36.63
CA THR P 19 -27.77 -46.99 35.90
C THR P 19 -27.58 -48.18 34.95
N VAL P 20 -27.50 -47.88 33.65
CA VAL P 20 -27.17 -48.87 32.64
C VAL P 20 -25.65 -48.87 32.48
N LEU P 21 -25.02 -50.04 32.65
CA LEU P 21 -23.56 -50.14 32.68
C LEU P 21 -22.98 -50.72 31.39
N GLY P 22 -21.91 -50.11 30.90
CA GLY P 22 -21.14 -50.66 29.79
C GLY P 22 -21.80 -50.56 28.43
N ILE P 23 -22.58 -49.50 28.24
CA ILE P 23 -23.22 -49.19 26.96
C ILE P 23 -22.16 -48.64 26.01
N SER P 24 -22.24 -48.97 24.73
CA SER P 24 -21.21 -48.59 23.76
C SER P 24 -21.31 -47.11 23.34
N ASP P 25 -20.14 -46.48 23.20
CA ASP P 25 -20.07 -45.06 22.87
C ASP P 25 -20.11 -44.85 21.36
N LYS P 26 -21.23 -45.26 20.74
CA LYS P 26 -21.46 -45.06 19.31
C LYS P 26 -22.89 -44.55 19.10
N PRO P 27 -23.11 -43.78 18.03
CA PRO P 27 -24.43 -43.17 17.82
C PRO P 27 -25.58 -44.17 17.84
N GLY P 28 -26.72 -43.75 18.40
CA GLY P 28 -27.95 -44.56 18.42
C GLY P 28 -28.18 -45.36 19.69
N GLU P 29 -27.18 -45.43 20.57
CA GLU P 29 -27.26 -46.29 21.75
C GLU P 29 -28.06 -45.67 22.91
N ALA P 30 -27.90 -44.36 23.11
CA ALA P 30 -28.75 -43.64 24.06
C ALA P 30 -30.22 -43.69 23.63
N ALA P 31 -30.47 -43.69 22.32
CA ALA P 31 -31.81 -43.80 21.76
C ALA P 31 -32.50 -45.10 22.14
N LYS P 32 -31.76 -46.21 22.10
CA LYS P 32 -32.29 -47.51 22.51
C LYS P 32 -32.79 -47.50 23.96
N VAL P 33 -32.00 -46.93 24.86
CA VAL P 33 -32.36 -46.87 26.27
C VAL P 33 -33.64 -46.07 26.49
N PHE P 34 -33.62 -44.83 26.02
CA PHE P 34 -34.68 -43.88 26.35
C PHE P 34 -35.94 -44.04 25.50
N ARG P 35 -35.86 -44.85 24.43
CA ARG P 35 -37.05 -45.20 23.66
C ARG P 35 -37.79 -46.33 24.38
N ALA P 36 -37.02 -47.28 24.93
CA ALA P 36 -37.59 -48.33 25.76
C ALA P 36 -38.40 -47.72 26.90
N LEU P 37 -37.79 -46.75 27.59
CA LEU P 37 -38.44 -46.05 28.70
C LEU P 37 -39.61 -45.19 28.22
N ALA P 38 -39.46 -44.54 27.07
CA ALA P 38 -40.52 -43.70 26.50
C ALA P 38 -41.77 -44.52 26.15
N ASP P 39 -41.54 -45.74 25.65
CA ASP P 39 -42.64 -46.66 25.35
C ASP P 39 -43.33 -47.14 26.63
N ALA P 40 -42.57 -47.26 27.70
CA ALA P 40 -43.13 -47.67 28.99
C ALA P 40 -43.81 -46.52 29.75
N GLU P 41 -43.80 -45.31 29.18
CA GLU P 41 -44.39 -44.13 29.81
C GLU P 41 -43.70 -43.76 31.14
N ILE P 42 -42.41 -44.08 31.25
CA ILE P 42 -41.65 -43.67 32.43
C ILE P 42 -41.15 -42.26 32.18
N ASN P 43 -41.61 -41.33 33.02
CA ASN P 43 -41.20 -39.93 32.92
C ASN P 43 -39.90 -39.74 33.70
N ILE P 44 -38.80 -39.52 32.99
CA ILE P 44 -37.48 -39.41 33.63
C ILE P 44 -37.06 -37.95 33.81
N ASP P 45 -36.28 -37.69 34.86
CA ASP P 45 -35.81 -36.33 35.16
C ASP P 45 -34.32 -36.21 34.82
N MET P 46 -33.45 -36.57 35.76
CA MET P 46 -32.02 -36.41 35.55
C MET P 46 -31.51 -37.46 34.60
N VAL P 47 -30.58 -37.05 33.73
CA VAL P 47 -29.79 -37.98 32.94
C VAL P 47 -28.35 -37.54 33.07
N LEU P 48 -27.46 -38.47 33.40
CA LEU P 48 -26.03 -38.17 33.35
C LEU P 48 -25.20 -39.29 32.76
N GLN P 49 -24.30 -38.91 31.85
CA GLN P 49 -23.39 -39.80 31.16
C GLN P 49 -22.06 -39.08 31.06
N ASN P 50 -21.00 -39.69 31.57
CA ASN P 50 -19.66 -39.12 31.50
C ASN P 50 -18.89 -39.76 30.35
N VAL P 51 -17.68 -39.28 30.08
CA VAL P 51 -16.88 -39.76 28.95
C VAL P 51 -16.59 -41.27 29.01
N SER P 52 -16.64 -41.92 27.85
CA SER P 52 -16.38 -43.35 27.75
C SER P 52 -14.89 -43.65 27.94
N SER P 53 -14.58 -44.88 28.34
CA SER P 53 -13.20 -45.30 28.53
C SER P 53 -12.54 -45.52 27.17
N VAL P 54 -11.27 -45.16 27.08
CA VAL P 54 -10.45 -45.44 25.89
C VAL P 54 -10.21 -46.96 25.77
N GLU P 55 -10.13 -47.63 26.91
CA GLU P 55 -9.85 -49.06 26.98
C GLU P 55 -10.97 -49.96 26.42
N ASP P 56 -12.21 -49.73 26.85
CA ASP P 56 -13.38 -50.53 26.40
C ASP P 56 -14.18 -49.84 25.31
N GLY P 57 -14.14 -48.51 25.27
CA GLY P 57 -15.04 -47.74 24.42
C GLY P 57 -16.48 -47.70 24.93
N THR P 58 -16.68 -47.95 26.22
CA THR P 58 -18.04 -47.98 26.81
C THR P 58 -18.25 -46.93 27.90
N THR P 59 -19.50 -46.75 28.29
CA THR P 59 -19.87 -45.81 29.36
C THR P 59 -21.04 -46.35 30.19
N ASP P 60 -21.42 -45.55 31.18
CA ASP P 60 -22.62 -45.78 31.95
C ASP P 60 -23.57 -44.60 31.74
N ILE P 61 -24.86 -44.89 31.64
CA ILE P 61 -25.89 -43.86 31.63
C ILE P 61 -26.77 -44.05 32.86
N THR P 62 -26.91 -43.00 33.66
CA THR P 62 -27.75 -43.04 34.84
C THR P 62 -28.90 -42.04 34.66
N PHE P 63 -30.09 -42.44 35.07
CA PHE P 63 -31.22 -41.51 35.09
C PHE P 63 -32.02 -41.65 36.37
N THR P 64 -32.88 -40.66 36.62
CA THR P 64 -33.80 -40.70 37.74
C THR P 64 -35.23 -40.64 37.24
N CYS P 65 -36.12 -41.30 37.97
CA CYS P 65 -37.54 -41.31 37.69
C CYS P 65 -38.26 -41.43 39.02
N PRO P 66 -39.58 -41.20 39.05
CA PRO P 66 -40.34 -41.43 40.28
C PRO P 66 -40.15 -42.85 40.80
N ARG P 67 -40.10 -43.00 42.13
CA ARG P 67 -39.81 -44.30 42.75
C ARG P 67 -40.76 -45.42 42.33
N SER P 68 -42.02 -45.07 42.12
CA SER P 68 -43.02 -46.05 41.68
C SER P 68 -42.66 -46.67 40.32
N ASP P 69 -42.18 -45.83 39.41
CA ASP P 69 -41.76 -46.29 38.08
C ASP P 69 -40.36 -46.92 38.08
N GLY P 70 -39.66 -46.85 39.20
CA GLY P 70 -38.24 -47.22 39.28
C GLY P 70 -37.89 -48.66 38.97
N ARG P 71 -38.52 -49.60 39.67
CA ARG P 71 -38.24 -51.03 39.46
C ARG P 71 -38.68 -51.47 38.07
N ARG P 72 -39.79 -50.89 37.60
CA ARG P 72 -40.31 -51.19 36.28
C ARG P 72 -39.37 -50.66 35.18
N ALA P 73 -38.77 -49.50 35.41
CA ALA P 73 -37.81 -48.93 34.47
C ALA P 73 -36.55 -49.80 34.35
N MET P 74 -36.10 -50.35 35.48
CA MET P 74 -34.95 -51.24 35.50
C MET P 74 -35.27 -52.60 34.89
N GLU P 75 -36.47 -53.11 35.16
CA GLU P 75 -36.91 -54.40 34.63
C GLU P 75 -36.99 -54.36 33.10
N ILE P 76 -37.57 -53.29 32.56
CA ILE P 76 -37.65 -53.10 31.10
C ILE P 76 -36.28 -53.23 30.48
N LEU P 77 -35.33 -52.45 31.00
CA LEU P 77 -33.96 -52.43 30.49
C LEU P 77 -33.26 -53.79 30.66
N LYS P 78 -33.19 -54.31 31.88
CA LYS P 78 -32.64 -55.66 32.10
C LYS P 78 -33.13 -56.69 31.08
N LYS P 79 -34.41 -56.66 30.77
CA LYS P 79 -34.99 -57.57 29.77
C LYS P 79 -34.44 -57.32 28.36
N LEU P 80 -34.15 -56.07 28.02
CA LEU P 80 -33.54 -55.74 26.73
C LEU P 80 -32.00 -55.85 26.75
N GLN P 81 -31.44 -56.45 27.79
CA GLN P 81 -29.98 -56.61 27.88
C GLN P 81 -29.47 -57.58 26.83
N VAL P 82 -30.15 -58.70 26.67
CA VAL P 82 -29.80 -59.68 25.64
C VAL P 82 -29.62 -58.98 24.28
N GLN P 83 -28.36 -58.66 23.97
CA GLN P 83 -28.01 -57.99 22.71
C GLN P 83 -26.53 -57.62 22.56
N GLY P 84 -25.77 -57.64 23.65
CA GLY P 84 -24.45 -57.00 23.70
C GLY P 84 -24.62 -55.60 24.28
N ASN P 85 -25.75 -54.97 23.93
CA ASN P 85 -26.27 -53.78 24.58
C ASN P 85 -25.42 -53.21 25.71
N TRP P 86 -25.47 -53.85 26.88
CA TRP P 86 -24.78 -53.36 28.07
C TRP P 86 -24.46 -54.53 29.00
N THR P 87 -23.58 -54.30 29.97
CA THR P 87 -23.15 -55.36 30.89
C THR P 87 -24.16 -55.61 32.01
N ASN P 88 -24.84 -54.56 32.46
CA ASN P 88 -25.76 -54.69 33.59
C ASN P 88 -26.67 -53.46 33.71
N VAL P 89 -27.83 -53.65 34.35
CA VAL P 89 -28.66 -52.54 34.80
C VAL P 89 -28.85 -52.64 36.31
N LEU P 90 -28.68 -51.51 37.00
CA LEU P 90 -28.75 -51.46 38.45
C LEU P 90 -29.88 -50.54 38.90
N TYR P 91 -30.31 -50.74 40.14
CA TYR P 91 -31.49 -50.07 40.68
C TYR P 91 -31.23 -49.58 42.10
N ASP P 92 -31.75 -48.39 42.42
CA ASP P 92 -31.54 -47.78 43.74
C ASP P 92 -32.72 -46.88 44.07
N ASP P 93 -33.57 -47.33 45.00
CA ASP P 93 -34.75 -46.57 45.44
C ASP P 93 -34.55 -45.92 46.81
N GLN P 94 -33.30 -45.65 47.19
CA GLN P 94 -32.97 -45.01 48.46
C GLN P 94 -32.06 -43.81 48.23
N VAL P 95 -32.25 -43.17 47.08
CA VAL P 95 -31.42 -42.04 46.66
C VAL P 95 -32.11 -40.73 47.00
N GLY P 96 -31.31 -39.71 47.30
CA GLY P 96 -31.81 -38.36 47.56
C GLY P 96 -31.08 -37.34 46.70
N LYS P 97 -31.79 -36.28 46.32
CA LYS P 97 -31.21 -35.18 45.55
C LYS P 97 -31.17 -33.91 46.38
N VAL P 98 -29.99 -33.29 46.46
CA VAL P 98 -29.86 -31.97 47.07
C VAL P 98 -29.25 -31.01 46.06
N SER P 99 -29.82 -29.81 45.97
CA SER P 99 -29.43 -28.83 44.97
C SER P 99 -29.28 -27.44 45.58
N LEU P 100 -28.23 -26.73 45.16
CA LEU P 100 -28.09 -25.30 45.44
C LEU P 100 -28.57 -24.55 44.20
N VAL P 101 -29.49 -23.61 44.40
CA VAL P 101 -30.14 -22.90 43.29
C VAL P 101 -29.76 -21.43 43.33
N GLY P 102 -29.57 -20.84 42.14
CA GLY P 102 -29.16 -19.44 42.03
C GLY P 102 -28.78 -19.07 40.62
N ALA P 103 -27.81 -18.17 40.48
CA ALA P 103 -27.36 -17.70 39.17
C ALA P 103 -25.98 -17.06 39.25
N GLY P 104 -25.25 -17.12 38.15
CA GLY P 104 -23.90 -16.56 38.06
C GLY P 104 -22.83 -17.37 38.79
N MET P 105 -22.97 -18.70 38.76
CA MET P 105 -22.03 -19.58 39.48
C MET P 105 -20.77 -19.92 38.70
N LYS P 106 -20.76 -19.66 37.39
CA LYS P 106 -19.60 -20.01 36.55
C LYS P 106 -18.38 -19.15 36.88
N SER P 107 -18.61 -17.85 37.09
CA SER P 107 -17.55 -16.93 37.46
C SER P 107 -17.19 -16.98 38.95
N HIS P 108 -17.77 -17.94 39.68
CA HIS P 108 -17.47 -18.13 41.10
C HIS P 108 -17.21 -19.57 41.44
N PRO P 109 -15.99 -20.04 41.14
CA PRO P 109 -15.55 -21.41 41.39
C PRO P 109 -15.62 -21.77 42.88
N GLY P 110 -15.40 -20.78 43.74
CA GLY P 110 -15.57 -20.95 45.18
C GLY P 110 -16.90 -21.58 45.56
N VAL P 111 -17.96 -21.27 44.82
CA VAL P 111 -19.28 -21.81 45.11
C VAL P 111 -19.27 -23.32 45.01
N THR P 112 -18.76 -23.82 43.88
CA THR P 112 -18.62 -25.26 43.69
C THR P 112 -17.63 -25.85 44.71
N ALA P 113 -16.55 -25.15 44.97
CA ALA P 113 -15.57 -25.58 45.97
C ALA P 113 -16.23 -25.74 47.34
N GLU P 114 -16.93 -24.70 47.79
CA GLU P 114 -17.54 -24.68 49.12
C GLU P 114 -18.75 -25.61 49.28
N PHE P 115 -19.43 -25.90 48.18
CA PHE P 115 -20.52 -26.88 48.17
C PHE P 115 -19.94 -28.26 48.50
N MET P 116 -18.90 -28.66 47.76
CA MET P 116 -18.22 -29.94 48.00
C MET P 116 -17.61 -29.99 49.40
N GLU P 117 -17.14 -28.83 49.87
CA GLU P 117 -16.52 -28.72 51.18
C GLU P 117 -17.54 -28.86 52.32
N ALA P 118 -18.71 -28.22 52.16
CA ALA P 118 -19.75 -28.29 53.17
C ALA P 118 -20.15 -29.73 53.46
N LEU P 119 -20.39 -30.50 52.41
CA LEU P 119 -20.82 -31.90 52.52
C LEU P 119 -19.73 -32.81 53.08
N ARG P 120 -18.49 -32.55 52.70
CA ARG P 120 -17.35 -33.29 53.27
C ARG P 120 -17.27 -33.11 54.77
N ASP P 121 -17.49 -31.88 55.23
CA ASP P 121 -17.30 -31.53 56.63
C ASP P 121 -18.45 -31.98 57.53
N VAL P 122 -19.48 -32.59 56.95
CA VAL P 122 -20.49 -33.34 57.71
C VAL P 122 -20.50 -34.81 57.25
N ASN P 123 -19.35 -35.29 56.78
CA ASN P 123 -19.13 -36.67 56.37
C ASN P 123 -20.21 -37.26 55.45
N VAL P 124 -20.58 -36.50 54.42
CA VAL P 124 -21.57 -36.93 53.46
C VAL P 124 -20.88 -37.18 52.12
N ASN P 125 -21.08 -38.38 51.58
CA ASN P 125 -20.45 -38.76 50.34
C ASN P 125 -21.32 -38.38 49.17
N ILE P 126 -20.70 -37.73 48.17
CA ILE P 126 -21.39 -37.36 46.95
C ILE P 126 -21.23 -38.46 45.92
N GLU P 127 -22.35 -38.94 45.39
CA GLU P 127 -22.37 -40.10 44.50
C GLU P 127 -22.47 -39.71 43.03
N LEU P 128 -23.28 -38.70 42.74
CA LEU P 128 -23.38 -38.14 41.40
C LEU P 128 -23.44 -36.62 41.48
N ILE P 129 -22.86 -35.95 40.48
CA ILE P 129 -22.87 -34.50 40.37
C ILE P 129 -23.38 -34.12 38.98
N SER P 130 -24.14 -33.04 38.92
CA SER P 130 -24.66 -32.48 37.68
C SER P 130 -24.94 -31.00 37.92
N THR P 131 -24.14 -30.12 37.32
CA THR P 131 -24.23 -28.70 37.65
C THR P 131 -24.32 -27.81 36.42
N SER P 132 -24.58 -26.54 36.68
CA SER P 132 -24.65 -25.51 35.66
C SER P 132 -24.51 -24.15 36.33
N GLU P 133 -24.52 -23.09 35.54
CA GLU P 133 -24.46 -21.74 36.06
C GLU P 133 -25.55 -21.42 37.07
N ILE P 134 -26.67 -22.14 36.98
CA ILE P 134 -27.84 -21.83 37.81
C ILE P 134 -28.23 -22.90 38.83
N ARG P 135 -27.54 -24.04 38.86
CA ARG P 135 -27.81 -25.07 39.86
C ARG P 135 -26.65 -26.07 40.04
N ILE P 136 -26.38 -26.41 41.31
CA ILE P 136 -25.45 -27.49 41.66
C ILE P 136 -26.21 -28.64 42.33
N SER P 137 -26.62 -29.63 41.54
CA SER P 137 -27.30 -30.82 42.05
C SER P 137 -26.34 -31.97 42.30
N VAL P 138 -26.49 -32.61 43.46
CA VAL P 138 -25.82 -33.87 43.74
C VAL P 138 -26.86 -34.91 44.15
N LEU P 139 -26.58 -36.17 43.79
CA LEU P 139 -27.32 -37.28 44.37
C LEU P 139 -26.51 -37.82 45.55
N ILE P 140 -27.23 -38.19 46.62
CA ILE P 140 -26.62 -38.82 47.79
C ILE P 140 -27.61 -39.80 48.41
N ARG P 141 -27.17 -40.54 49.41
CA ARG P 141 -28.08 -41.33 50.26
C ARG P 141 -29.25 -40.48 50.73
N GLU P 142 -30.46 -41.05 50.66
CA GLU P 142 -31.66 -40.41 51.18
C GLU P 142 -31.47 -39.98 52.65
N ASP P 143 -30.70 -40.75 53.41
CA ASP P 143 -30.49 -40.46 54.84
C ASP P 143 -29.46 -39.37 55.16
N ASP P 144 -28.66 -38.96 54.18
CA ASP P 144 -27.72 -37.85 54.37
C ASP P 144 -28.37 -36.50 54.01
N LEU P 145 -29.61 -36.54 53.54
CA LEU P 145 -30.30 -35.38 52.97
C LEU P 145 -30.39 -34.21 53.94
N ASP P 146 -30.79 -34.49 55.18
CA ASP P 146 -30.88 -33.44 56.21
C ASP P 146 -29.54 -32.79 56.50
N ALA P 147 -28.50 -33.60 56.66
CA ALA P 147 -27.15 -33.11 56.94
C ALA P 147 -26.63 -32.24 55.77
N ALA P 148 -26.79 -32.73 54.55
CA ALA P 148 -26.39 -32.00 53.35
C ALA P 148 -27.05 -30.61 53.33
N ALA P 149 -28.38 -30.62 53.31
CA ALA P 149 -29.16 -29.39 53.35
C ALA P 149 -28.64 -28.42 54.42
N ARG P 150 -28.59 -28.89 55.67
CA ARG P 150 -28.19 -28.04 56.80
C ARG P 150 -26.76 -27.54 56.66
N ALA P 151 -25.85 -28.38 56.17
CA ALA P 151 -24.48 -27.95 55.91
C ALA P 151 -24.46 -26.85 54.86
N LEU P 152 -25.26 -27.03 53.81
CA LEU P 152 -25.36 -26.03 52.76
C LEU P 152 -26.02 -24.73 53.25
N HIS P 153 -26.97 -24.85 54.18
CA HIS P 153 -27.60 -23.67 54.78
C HIS P 153 -26.59 -22.84 55.58
N GLU P 154 -25.77 -23.53 56.37
CA GLU P 154 -24.72 -22.87 57.15
C GLU P 154 -23.66 -22.27 56.23
N GLN P 155 -23.12 -23.09 55.33
CA GLN P 155 -22.01 -22.68 54.47
C GLN P 155 -22.32 -21.44 53.62
N PHE P 156 -23.57 -21.31 53.16
CA PHE P 156 -23.95 -20.18 52.30
C PHE P 156 -24.85 -19.14 52.98
N GLN P 157 -25.10 -19.30 54.27
CA GLN P 157 -25.89 -18.32 55.05
C GLN P 157 -27.23 -17.99 54.38
N LEU P 158 -28.10 -18.99 54.20
CA LEU P 158 -29.39 -18.75 53.55
C LEU P 158 -30.46 -18.20 54.51
N GLY P 159 -31.32 -17.33 53.98
CA GLY P 159 -32.38 -16.68 54.76
C GLY P 159 -33.00 -15.50 54.04
#